data_8SSZ
#
_entry.id   8SSZ
#
_cell.length_a   1.00
_cell.length_b   1.00
_cell.length_c   1.00
_cell.angle_alpha   90.00
_cell.angle_beta   90.00
_cell.angle_gamma   90.00
#
_symmetry.space_group_name_H-M   'P 1'
#
loop_
_entity.id
_entity.type
_entity.pdbx_description
1 polymer 'Neuronal acetylcholine receptor subunit alpha-4'
2 polymer 'Neuronal acetylcholine receptor subunit beta-2'
3 polymer 'IgG1 Kappa Light Chain'
4 polymer 'IgG1 Heavy Chain'
5 branched alpha-D-mannopyranose-(1-3)-beta-D-mannopyranose-(1-4)-2-acetamido-2-deoxy-beta-D-glucopyranose-(1-4)-2-acetamido-2-deoxy-beta-D-glucopyranose
6 non-polymer 2-acetamido-2-deoxy-beta-D-glucopyranose
7 non-polymer ACETYLCHOLINE
8 non-polymer 'CALCIUM ION'
9 non-polymer 'SODIUM ION'
10 non-polymer N-OCTANE
11 water water
#
loop_
_entity_poly.entity_id
_entity_poly.type
_entity_poly.pdbx_seq_one_letter_code
_entity_poly.pdbx_strand_id
1 'polypeptide(L)'
;SSHVETRAHAEERLLKKLFSGYNKWSRPVANISDVVLVRFGLSIAQLIDVDEKNQMMTTNVWVKQEWHDYKLRWDPADYE
NVTSIRIPSELIWRPDIVLYNNADGDFAVTHLTKAHLFHDGRVQWTPPAIYKSSCSIDVTFFPFDQQNCTMKFGSWTYDK
AKIDLVNMHSRVDQLDFWESGEWVIVDAVGTYNTRKYECCAEIYPDITYAFVIRRLPLFYTINLIIPCLLISCLTVLVFY
LPSECGEKITLCISVLLSLTVFLLLITEIIPSTSLVIPLIGEYLLFTMIFVTLSIVITVFVLNVHHRSPRTHTMPTWVRR
VFLDIVPRLLLMKRPSVVKDNCRRLIESMHKMASAPRFWPEPEGEPPATSGTQSLHPPSPSFCVPLDVPAEPGPSCKSPS
DQLPPQQPLEAEKASPHPSPGPCRPPHGTQAPGLAKARSLSVQHMSSPGEAVEGGVRCRSRSIQYCVPRDDAAPEADGQA
AGALASRNTHSAELPPPDQPSPCKCTCKKEPSSVSPSATVKTRSTKAPPPHLPLSPALTRAVEGVQYIADHLKAEDTDFS
VKEDWKYVAMVIDRIFLWMFIIVCLLGTVGLFLPPWLAGMI
;
A,D
2 'polypeptide(L)'
;TDTEERLVEHLLDPSRYNKLIRPATNGSELVTVQLMVSLAQLISVHEREQIMTTNVWLTQEWEDYRLTWKPEEFDNMKKV
RLPSKHIWLPDVVLYNNADGMYEVSFYSNAVVSYDGSIFWLPPAIYKSACKIEVKHFPFDQQNCTMKFRSWTYDRTEIDL
VLKSEVASLDDFTPSGEWDIVALPGRRNENPDDSTYVDITYDFIIRRKPLFYTINLIIPCVLITSLAILVFYLPSDCGEK
MTLCISVLLALTVFLLLISKIVPPTSLDVPLVGKYLMFTMVLVTFSIVTSVCVLNVHHRSPTTHTMAPWVKVVFLEKLPA
LLFMQQPRHHCARQRLRLRRRQREREGAGALFFREAPGADSCTCFVNRASVQGLAGAFGAEPAPVAGPGRSGEPCGCGLR
EAVDGVRFIADHMRSEDDDQSVSEDWKYVAMVIDRLFLWIFVFVCVFGTIGMFLQPLFQNYTTTTFLHSDHSAPSSKSAW
SHPQFEK
;
B,C,E
3 'polypeptide(L)'
;MKLPVRLLVLMFWIPASSSDVLMTQTPLSLPVSLGDQASISCRSSQSIVHSNGNTYLEWYLQKPGQSPKLLIYKVSNRFS
GVPDRFSGSGSGTDFTLKISRVEAEDLGVYYCFQGSHVPWTFGGGTKLEIKRADAAPTVSIFPPSSEQLTSGGASVVCFL
NNFYPKDINVKWKIDGSERQNGVLNSWTDQDSKDSTYSMSSTLTLTKDEYERHNSYTCEATHKTSTSPIVKSFNRNEC
;
F,H,J
4 'polypeptide(L)'
;MEWTWVFLFLLSVTAGVHSQVQLQQSGAEVMKPGASVKISCKGTGYTFSSYWIEWVKQRPGHGLERIGEILPGSGSTNYN
EKFRGKATFTADKSSKTAYMQLSSLTSEDSAVYYCARYLPYYYAMDYWGQGTSVTVSSAKTTPPSVYPLAPGSAAQTNSM
VTLGCLVKGYFPEPVTVTWNSGSLSSGVHTFPAVLQSDLYTLSSSVTVPSSTWPSETVTCNVAHPASSTKVDKKIVPRDC
GCKPCICTVPEVSSVFIFPPKPKDVLTITLTPKVTCVVVDISKDDPEVQFSWFVDDVEVHTAQTQPREEQFNSTFRSVSE
LPIMHQDWLNGKEFKCRVNSAAFPAPIEKTISKTKGRPKAPQVYTIPPPKEQMAKDKVSLTCMITDFFPEDITVEWQWNG
QPAENYKNTQPIMDTDGSYFVYSKLNVQKSNWEAGNTFTCSVLHEGLHNHHTEKSLSHSPGK
;
G,I,K
#
loop_
_chem_comp.id
_chem_comp.type
_chem_comp.name
_chem_comp.formula
ACH non-polymer ACETYLCHOLINE 'C7 H16 N O2 1'
BMA D-saccharide, beta linking beta-D-mannopyranose 'C6 H12 O6'
CA non-polymer 'CALCIUM ION' 'Ca 2'
MAN D-saccharide, alpha linking alpha-D-mannopyranose 'C6 H12 O6'
NA non-polymer 'SODIUM ION' 'Na 1'
NAG D-saccharide, beta linking 2-acetamido-2-deoxy-beta-D-glucopyranose 'C8 H15 N O6'
OCT non-polymer N-OCTANE 'C8 H18'
#
# COMPACT_ATOMS: atom_id res chain seq x y z
N GLU A 5 28.02 3.86 59.78
CA GLU A 5 26.83 3.35 60.43
C GLU A 5 25.61 3.47 59.52
N THR A 6 25.60 4.51 58.69
CA THR A 6 24.46 4.74 57.81
C THR A 6 24.37 3.64 56.76
N ARG A 7 23.13 3.29 56.39
CA ARG A 7 22.91 2.19 55.47
C ARG A 7 23.59 2.41 54.13
N ALA A 8 23.69 3.66 53.68
CA ALA A 8 24.33 3.93 52.40
C ALA A 8 25.81 3.58 52.43
N HIS A 9 26.49 3.89 53.54
CA HIS A 9 27.90 3.56 53.66
C HIS A 9 28.11 2.05 53.70
N ALA A 10 27.25 1.33 54.42
CA ALA A 10 27.33 -0.12 54.44
C ALA A 10 27.08 -0.71 53.06
N GLU A 11 26.11 -0.17 52.33
CA GLU A 11 25.85 -0.65 50.97
C GLU A 11 27.04 -0.37 50.07
N GLU A 12 27.71 0.76 50.25
CA GLU A 12 28.91 1.04 49.46
C GLU A 12 30.02 0.04 49.77
N ARG A 13 30.20 -0.28 51.06
CA ARG A 13 31.18 -1.30 51.42
C ARG A 13 30.82 -2.65 50.80
N LEU A 14 29.54 -3.02 50.84
CA LEU A 14 29.11 -4.29 50.27
C LEU A 14 29.35 -4.32 48.77
N LEU A 15 29.04 -3.22 48.07
CA LEU A 15 29.28 -3.17 46.63
C LEU A 15 30.76 -3.30 46.33
N LYS A 16 31.62 -2.64 47.10
CA LYS A 16 33.05 -2.73 46.85
C LYS A 16 33.57 -4.15 47.10
N LYS A 17 33.01 -4.83 48.09
CA LYS A 17 33.47 -6.21 48.35
C LYS A 17 32.95 -7.16 47.28
N LEU A 18 31.72 -6.99 46.84
CA LEU A 18 31.08 -7.98 45.96
C LEU A 18 31.78 -8.06 44.62
N PHE A 19 32.15 -6.92 44.04
CA PHE A 19 32.71 -6.86 42.69
C PHE A 19 34.22 -6.67 42.70
N SER A 20 34.91 -7.12 43.74
CA SER A 20 36.36 -6.97 43.80
C SER A 20 37.03 -7.79 42.69
N GLY A 21 36.72 -9.09 42.63
CA GLY A 21 37.29 -9.94 41.62
C GLY A 21 36.21 -10.71 40.87
N TYR A 22 35.09 -10.05 40.64
CA TYR A 22 33.95 -10.67 39.98
C TYR A 22 34.15 -10.65 38.47
N ASN A 23 33.91 -11.79 37.83
CA ASN A 23 34.00 -11.93 36.39
C ASN A 23 32.61 -12.23 35.85
N LYS A 24 32.04 -11.30 35.09
CA LYS A 24 30.68 -11.45 34.58
C LYS A 24 30.60 -12.33 33.35
N TRP A 25 31.73 -12.81 32.83
CA TRP A 25 31.75 -13.68 31.66
C TRP A 25 31.81 -15.15 32.01
N SER A 26 31.84 -15.49 33.29
CA SER A 26 31.97 -16.87 33.74
C SER A 26 30.67 -17.35 34.34
N ARG A 27 30.27 -18.58 33.97
CA ARG A 27 29.08 -19.17 34.54
C ARG A 27 29.22 -19.25 36.06
N PRO A 28 28.23 -18.80 36.83
CA PRO A 28 28.38 -18.74 38.29
C PRO A 28 28.06 -20.04 39.05
N VAL A 29 28.93 -21.03 38.90
CA VAL A 29 28.82 -22.29 39.63
C VAL A 29 30.14 -22.55 40.34
N ALA A 30 30.06 -23.07 41.56
CA ALA A 30 31.26 -23.38 42.32
C ALA A 30 32.03 -24.54 41.67
N ASN A 31 31.32 -25.53 41.15
CA ASN A 31 31.91 -26.72 40.55
C ASN A 31 31.49 -26.80 39.09
N ILE A 32 32.44 -27.14 38.22
CA ILE A 32 32.20 -27.12 36.78
C ILE A 32 31.03 -28.01 36.40
N SER A 33 30.83 -29.10 37.13
CA SER A 33 29.75 -30.03 36.81
C SER A 33 28.39 -29.54 37.29
N ASP A 34 28.33 -28.44 38.02
CA ASP A 34 27.05 -27.93 38.50
C ASP A 34 26.28 -27.26 37.37
N VAL A 35 24.96 -27.29 37.49
CA VAL A 35 24.05 -26.73 36.51
C VAL A 35 23.37 -25.52 37.13
N VAL A 36 23.28 -24.43 36.38
CA VAL A 36 22.59 -23.23 36.84
C VAL A 36 21.10 -23.39 36.52
N LEU A 37 20.29 -23.58 37.55
CA LEU A 37 18.84 -23.69 37.38
C LEU A 37 18.26 -22.29 37.25
N VAL A 38 17.58 -22.03 36.13
CA VAL A 38 16.97 -20.73 35.87
C VAL A 38 15.47 -20.91 35.92
N ARG A 39 14.84 -20.31 36.91
CA ARG A 39 13.39 -20.32 37.01
C ARG A 39 12.83 -19.27 36.05
N PHE A 40 12.07 -19.72 35.05
CA PHE A 40 11.63 -18.86 33.97
C PHE A 40 10.11 -18.72 34.00
N GLY A 41 9.64 -17.50 33.80
CA GLY A 41 8.22 -17.24 33.75
C GLY A 41 7.92 -16.07 32.84
N LEU A 42 6.69 -16.01 32.38
CA LEU A 42 6.18 -14.91 31.59
C LEU A 42 5.04 -14.25 32.34
N SER A 43 4.91 -12.95 32.14
CA SER A 43 3.79 -12.18 32.69
C SER A 43 3.39 -11.18 31.63
N ILE A 44 2.21 -11.37 31.04
CA ILE A 44 1.81 -10.59 29.87
C ILE A 44 1.18 -9.29 30.32
N ALA A 45 1.69 -8.17 29.80
CA ALA A 45 1.16 -6.85 30.09
C ALA A 45 -0.01 -6.50 29.18
N GLN A 46 0.14 -6.67 27.87
CA GLN A 46 -1.00 -6.51 26.99
C GLN A 46 -0.72 -7.17 25.65
N LEU A 47 -1.80 -7.57 24.97
CA LEU A 47 -1.73 -8.17 23.65
C LEU A 47 -1.85 -7.05 22.63
N ILE A 48 -0.71 -6.57 22.17
CA ILE A 48 -0.68 -5.34 21.38
C ILE A 48 -1.40 -5.54 20.06
N ASP A 49 -1.10 -6.63 19.35
CA ASP A 49 -1.61 -6.80 18.01
C ASP A 49 -1.54 -8.26 17.60
N VAL A 50 -2.52 -8.69 16.82
CA VAL A 50 -2.49 -9.95 16.11
C VAL A 50 -2.66 -9.60 14.64
N ASP A 51 -1.56 -9.57 13.90
CA ASP A 51 -1.57 -9.24 12.47
C ASP A 51 -1.85 -10.53 11.69
N GLU A 52 -3.11 -10.73 11.32
CA GLU A 52 -3.46 -11.95 10.59
C GLU A 52 -2.84 -11.95 9.20
N LYS A 53 -2.78 -10.77 8.56
CA LYS A 53 -2.23 -10.70 7.22
C LYS A 53 -0.77 -11.13 7.20
N ASN A 54 0.04 -10.63 8.13
CA ASN A 54 1.46 -10.94 8.17
C ASN A 54 1.78 -12.08 9.14
N GLN A 55 0.78 -12.65 9.79
CA GLN A 55 0.98 -13.80 10.67
C GLN A 55 2.04 -13.51 11.73
N MET A 56 1.88 -12.39 12.41
CA MET A 56 2.75 -11.99 13.51
C MET A 56 1.89 -11.64 14.72
N MET A 57 2.45 -11.88 15.90
CA MET A 57 1.79 -11.52 17.16
C MET A 57 2.72 -10.62 17.95
N THR A 58 2.21 -9.45 18.35
CA THR A 58 2.96 -8.49 19.15
C THR A 58 2.43 -8.52 20.57
N THR A 59 3.33 -8.71 21.52
CA THR A 59 2.97 -8.79 22.93
C THR A 59 3.91 -7.95 23.77
N ASN A 60 3.39 -7.51 24.91
CA ASN A 60 4.15 -6.79 25.91
C ASN A 60 4.19 -7.67 27.16
N VAL A 61 5.35 -8.23 27.47
CA VAL A 61 5.48 -9.21 28.54
C VAL A 61 6.58 -8.79 29.50
N TRP A 62 6.54 -9.36 30.70
CA TRP A 62 7.62 -9.25 31.66
C TRP A 62 8.30 -10.61 31.77
N VAL A 63 9.60 -10.65 31.48
CA VAL A 63 10.35 -11.89 31.37
C VAL A 63 11.00 -12.13 32.73
N LYS A 64 10.30 -12.85 33.60
CA LYS A 64 10.77 -13.08 34.96
C LYS A 64 11.82 -14.18 34.98
N GLN A 65 13.00 -13.87 35.52
CA GLN A 65 14.10 -14.81 35.60
C GLN A 65 14.67 -14.82 37.00
N GLU A 66 15.20 -15.97 37.41
CA GLU A 66 15.67 -16.14 38.78
C GLU A 66 16.69 -17.28 38.80
N TRP A 67 17.88 -16.99 39.31
CA TRP A 67 18.95 -17.98 39.38
C TRP A 67 19.80 -17.69 40.60
N HIS A 68 20.80 -18.54 40.83
CA HIS A 68 21.70 -18.41 41.97
C HIS A 68 23.12 -18.12 41.48
N ASP A 69 23.81 -17.22 42.18
CA ASP A 69 25.20 -16.87 41.91
C ASP A 69 26.01 -17.10 43.17
N TYR A 70 27.08 -17.91 43.09
CA TYR A 70 27.71 -18.32 44.34
C TYR A 70 28.65 -17.24 44.86
N LYS A 71 29.06 -16.31 44.01
CA LYS A 71 29.99 -15.25 44.38
C LYS A 71 29.30 -14.04 44.98
N LEU A 72 28.01 -13.86 44.72
CA LEU A 72 27.28 -12.69 45.20
C LEU A 72 26.52 -13.05 46.47
N ARG A 73 27.28 -13.42 47.50
CA ARG A 73 26.75 -13.81 48.79
C ARG A 73 27.42 -12.97 49.88
N TRP A 74 26.68 -12.66 50.93
CA TRP A 74 27.23 -11.92 52.05
C TRP A 74 26.43 -12.25 53.30
N ASP A 75 27.03 -11.96 54.45
CA ASP A 75 26.36 -12.11 55.73
C ASP A 75 25.76 -10.78 56.12
N PRO A 76 24.42 -10.66 56.21
CA PRO A 76 23.84 -9.33 56.53
C PRO A 76 24.28 -8.78 57.86
N ALA A 77 24.80 -9.62 58.76
CA ALA A 77 25.27 -9.12 60.04
C ALA A 77 26.51 -8.25 59.91
N ASP A 78 27.27 -8.40 58.83
CA ASP A 78 28.48 -7.62 58.62
C ASP A 78 28.23 -6.31 57.88
N TYR A 79 27.01 -6.06 57.43
CA TYR A 79 26.68 -4.88 56.63
C TYR A 79 25.40 -4.23 57.11
N GLU A 80 25.30 -4.03 58.42
CA GLU A 80 24.19 -3.29 59.01
C GLU A 80 22.84 -3.91 58.68
N ASN A 81 22.80 -5.25 58.63
CA ASN A 81 21.57 -5.97 58.34
C ASN A 81 21.01 -5.57 56.97
N VAL A 82 21.89 -5.35 56.00
CA VAL A 82 21.47 -5.16 54.62
C VAL A 82 21.22 -6.53 54.02
N THR A 83 19.98 -6.79 53.60
CA THR A 83 19.59 -8.12 53.18
C THR A 83 19.44 -8.28 51.66
N SER A 84 19.29 -7.18 50.91
CA SER A 84 19.23 -7.28 49.46
C SER A 84 19.47 -5.90 48.87
N ILE A 85 20.03 -5.88 47.66
CA ILE A 85 20.37 -4.65 46.95
C ILE A 85 19.84 -4.71 45.54
N ARG A 86 19.82 -3.55 44.88
CA ARG A 86 19.48 -3.43 43.47
C ARG A 86 20.71 -2.94 42.73
N ILE A 87 21.13 -3.69 41.72
CA ILE A 87 22.33 -3.34 40.97
C ILE A 87 22.03 -3.38 39.48
N PRO A 88 22.76 -2.65 38.64
CA PRO A 88 22.56 -2.76 37.20
C PRO A 88 22.76 -4.18 36.73
N SER A 89 21.87 -4.64 35.85
CA SER A 89 21.91 -6.01 35.37
C SER A 89 23.09 -6.28 34.45
N GLU A 90 23.76 -5.24 33.95
CA GLU A 90 24.88 -5.43 33.05
C GLU A 90 26.21 -5.56 33.77
N LEU A 91 26.21 -5.57 35.11
CA LEU A 91 27.43 -5.79 35.88
C LEU A 91 27.61 -7.25 36.28
N ILE A 92 26.63 -8.11 36.00
CA ILE A 92 26.66 -9.49 36.48
C ILE A 92 26.41 -10.41 35.31
N TRP A 93 26.67 -11.69 35.53
CA TRP A 93 26.34 -12.73 34.56
C TRP A 93 24.83 -12.89 34.48
N ARG A 94 24.32 -13.08 33.27
CA ARG A 94 22.92 -13.36 33.05
C ARG A 94 22.76 -14.48 32.03
N PRO A 95 21.70 -15.27 32.13
CA PRO A 95 21.42 -16.25 31.06
C PRO A 95 21.02 -15.56 29.77
N ASP A 96 21.35 -16.21 28.65
CA ASP A 96 21.08 -15.68 27.32
C ASP A 96 19.82 -16.32 26.74
N ILE A 97 18.68 -16.01 27.36
CA ILE A 97 17.41 -16.54 26.88
C ILE A 97 16.95 -15.71 25.70
N VAL A 98 16.64 -16.37 24.59
CA VAL A 98 16.22 -15.71 23.37
C VAL A 98 14.93 -16.32 22.87
N LEU A 99 14.15 -15.52 22.16
CA LEU A 99 12.93 -15.99 21.50
C LEU A 99 13.33 -16.63 20.17
N TYR A 100 13.03 -17.92 20.02
CA TYR A 100 13.46 -18.64 18.83
C TYR A 100 12.70 -18.16 17.59
N ASN A 101 11.37 -18.09 17.68
CA ASN A 101 10.55 -17.76 16.51
C ASN A 101 10.33 -16.25 16.39
N ASN A 102 11.42 -15.49 16.48
CA ASN A 102 11.34 -14.05 16.30
C ASN A 102 10.99 -13.73 14.85
N ALA A 103 10.28 -12.62 14.66
CA ALA A 103 9.92 -12.18 13.32
C ALA A 103 9.77 -10.67 13.35
N ASP A 104 10.80 -9.96 12.90
CA ASP A 104 10.77 -8.51 12.85
C ASP A 104 10.76 -7.89 14.24
N GLY A 105 11.45 -8.53 15.17
CA GLY A 105 11.61 -7.98 16.50
C GLY A 105 13.03 -8.17 17.00
N ASP A 106 13.21 -8.21 18.31
CA ASP A 106 14.51 -8.47 18.92
C ASP A 106 14.56 -9.91 19.42
N PHE A 107 15.73 -10.54 19.25
CA PHE A 107 15.89 -11.91 19.70
C PHE A 107 16.01 -12.02 21.22
N ALA A 108 16.51 -10.97 21.87
CA ALA A 108 16.81 -11.01 23.30
C ALA A 108 16.25 -9.76 23.99
N VAL A 109 16.35 -9.77 25.31
CA VAL A 109 15.95 -8.60 26.11
C VAL A 109 16.96 -7.49 25.93
N THR A 110 16.45 -6.26 25.76
CA THR A 110 17.30 -5.11 25.50
C THR A 110 17.19 -4.01 26.53
N HIS A 111 16.18 -4.01 27.39
CA HIS A 111 16.00 -2.91 28.32
C HIS A 111 17.06 -2.91 29.41
N LEU A 112 17.36 -4.07 29.97
CA LEU A 112 18.40 -4.20 31.00
C LEU A 112 18.08 -3.35 32.22
N THR A 113 16.96 -3.66 32.85
CA THR A 113 16.64 -3.04 34.12
C THR A 113 17.54 -3.62 35.20
N LYS A 114 17.38 -3.13 36.43
CA LYS A 114 18.23 -3.56 37.52
C LYS A 114 17.75 -4.88 38.08
N ALA A 115 18.67 -5.68 38.60
CA ALA A 115 18.36 -6.96 39.19
C ALA A 115 18.31 -6.85 40.71
N HIS A 116 17.43 -7.63 41.32
CA HIS A 116 17.35 -7.72 42.76
C HIS A 116 18.25 -8.86 43.23
N LEU A 117 19.25 -8.55 44.04
CA LEU A 117 20.24 -9.51 44.51
C LEU A 117 20.07 -9.70 46.02
N PHE A 118 19.87 -10.94 46.43
CA PHE A 118 19.67 -11.28 47.83
C PHE A 118 20.95 -11.82 48.45
N HIS A 119 21.02 -11.75 49.79
CA HIS A 119 22.27 -12.05 50.48
C HIS A 119 22.67 -13.51 50.37
N ASP A 120 21.72 -14.42 50.12
CA ASP A 120 22.02 -15.82 49.96
C ASP A 120 22.38 -16.19 48.53
N GLY A 121 22.67 -15.22 47.67
CA GLY A 121 23.09 -15.47 46.32
C GLY A 121 22.00 -15.41 45.26
N ARG A 122 20.73 -15.40 45.66
CA ARG A 122 19.64 -15.37 44.70
C ARG A 122 19.62 -14.06 43.93
N VAL A 123 19.32 -14.16 42.62
CA VAL A 123 19.21 -13.00 41.75
C VAL A 123 17.84 -13.05 41.08
N GLN A 124 17.08 -11.97 41.20
CA GLN A 124 15.79 -11.85 40.53
C GLN A 124 15.87 -10.75 39.49
N TRP A 125 15.51 -11.07 38.26
CA TRP A 125 15.57 -10.12 37.15
C TRP A 125 14.25 -10.19 36.39
N THR A 126 13.56 -9.06 36.28
CA THR A 126 12.25 -9.00 35.64
C THR A 126 12.22 -7.81 34.68
N PRO A 127 12.88 -7.92 33.53
CA PRO A 127 12.86 -6.83 32.56
C PRO A 127 11.64 -6.92 31.65
N PRO A 128 11.22 -5.80 31.06
CA PRO A 128 10.16 -5.84 30.05
C PRO A 128 10.70 -6.09 28.65
N ALA A 129 9.83 -6.61 27.79
CA ALA A 129 10.17 -6.83 26.40
C ALA A 129 8.92 -6.74 25.55
N ILE A 130 9.10 -6.23 24.33
CA ILE A 130 8.08 -6.29 23.28
C ILE A 130 8.57 -7.33 22.27
N TYR A 131 7.76 -8.35 22.04
CA TYR A 131 8.13 -9.46 21.18
C TYR A 131 7.19 -9.55 19.98
N LYS A 132 7.75 -9.80 18.81
CA LYS A 132 6.98 -10.02 17.58
C LYS A 132 7.31 -11.41 17.08
N SER A 133 6.51 -12.40 17.50
CA SER A 133 6.75 -13.77 17.12
C SER A 133 5.93 -14.15 15.89
N SER A 134 6.35 -15.22 15.23
CA SER A 134 5.62 -15.79 14.11
C SER A 134 4.62 -16.81 14.64
N CYS A 135 3.40 -16.76 14.12
CA CYS A 135 2.43 -17.80 14.40
C CYS A 135 1.53 -17.99 13.20
N SER A 136 1.30 -19.24 12.82
CA SER A 136 0.41 -19.54 11.71
C SER A 136 -1.03 -19.24 12.10
N ILE A 137 -1.70 -18.48 11.24
CA ILE A 137 -3.07 -18.03 11.48
C ILE A 137 -4.02 -18.94 10.72
N ASP A 138 -5.08 -19.38 11.39
CA ASP A 138 -6.13 -20.19 10.78
C ASP A 138 -7.41 -19.37 10.76
N VAL A 139 -7.96 -19.16 9.56
CA VAL A 139 -9.11 -18.28 9.38
C VAL A 139 -10.28 -19.03 8.75
N THR A 140 -10.41 -20.32 9.04
CA THR A 140 -11.53 -21.08 8.50
C THR A 140 -12.86 -20.53 9.00
N PHE A 141 -12.93 -20.19 10.30
CA PHE A 141 -14.17 -19.74 10.92
C PHE A 141 -14.17 -18.25 11.22
N PHE A 142 -13.29 -17.49 10.58
CA PHE A 142 -13.27 -16.05 10.79
C PHE A 142 -14.63 -15.45 10.43
N PRO A 143 -15.16 -14.52 11.25
CA PRO A 143 -14.63 -13.85 12.44
C PRO A 143 -14.91 -14.56 13.76
N PHE A 144 -15.37 -15.81 13.69
CA PHE A 144 -15.58 -16.63 14.88
C PHE A 144 -14.40 -17.57 15.13
N ASP A 145 -13.20 -17.13 14.77
CA ASP A 145 -12.03 -17.99 14.79
C ASP A 145 -11.30 -17.92 16.13
N GLN A 146 -10.54 -18.97 16.40
CA GLN A 146 -9.72 -19.10 17.60
C GLN A 146 -8.30 -19.40 17.16
N GLN A 147 -7.35 -18.58 17.59
CA GLN A 147 -5.97 -18.71 17.17
C GLN A 147 -5.12 -19.34 18.27
N ASN A 148 -3.97 -19.87 17.87
CA ASN A 148 -3.04 -20.57 18.76
C ASN A 148 -1.63 -20.12 18.37
N CYS A 149 -1.14 -19.06 19.02
CA CYS A 149 0.15 -18.46 18.71
C CYS A 149 1.15 -18.81 19.80
N THR A 150 2.29 -19.36 19.41
CA THR A 150 3.26 -19.89 20.35
C THR A 150 4.50 -19.01 20.46
N MET A 151 5.17 -19.09 21.60
CA MET A 151 6.41 -18.39 21.85
C MET A 151 7.40 -19.37 22.47
N LYS A 152 8.54 -19.54 21.82
CA LYS A 152 9.55 -20.52 22.22
C LYS A 152 10.76 -19.77 22.76
N PHE A 153 11.12 -20.05 24.02
CA PHE A 153 12.22 -19.40 24.70
C PHE A 153 13.25 -20.43 25.14
N GLY A 154 14.51 -20.12 24.92
CA GLY A 154 15.57 -21.01 25.38
C GLY A 154 16.90 -20.31 25.38
N SER A 155 17.85 -20.91 26.08
CA SER A 155 19.22 -20.43 26.05
C SER A 155 19.83 -20.73 24.69
N TRP A 156 20.65 -19.80 24.20
CA TRP A 156 21.18 -19.93 22.85
C TRP A 156 22.50 -20.68 22.81
N THR A 157 23.36 -20.54 23.83
CA THR A 157 24.71 -21.08 23.76
C THR A 157 25.07 -22.01 24.90
N TYR A 158 24.14 -22.31 25.80
CA TYR A 158 24.37 -23.25 26.89
C TYR A 158 23.42 -24.43 26.75
N ASP A 159 23.95 -25.64 26.88
CA ASP A 159 23.15 -26.84 26.78
C ASP A 159 22.62 -27.24 28.16
N LYS A 160 21.82 -28.31 28.19
CA LYS A 160 21.12 -28.70 29.41
C LYS A 160 22.09 -29.03 30.54
N ALA A 161 23.31 -29.45 30.22
CA ALA A 161 24.28 -29.77 31.26
C ALA A 161 24.82 -28.54 31.96
N LYS A 162 24.65 -27.35 31.38
CA LYS A 162 25.16 -26.12 31.93
C LYS A 162 24.08 -25.18 32.42
N ILE A 163 22.98 -25.03 31.68
CA ILE A 163 21.84 -24.24 32.11
C ILE A 163 20.57 -25.06 31.88
N ASP A 164 19.72 -25.13 32.88
CA ASP A 164 18.45 -25.82 32.78
C ASP A 164 17.34 -24.89 33.23
N LEU A 165 16.20 -24.96 32.55
CA LEU A 165 15.07 -24.09 32.84
C LEU A 165 14.07 -24.77 33.76
N VAL A 166 13.38 -23.97 34.56
CA VAL A 166 12.32 -24.45 35.45
C VAL A 166 11.10 -23.58 35.23
N ASN A 167 9.95 -24.22 35.02
CA ASN A 167 8.69 -23.47 34.95
C ASN A 167 8.44 -22.78 36.28
N MET A 168 8.57 -21.45 36.29
CA MET A 168 8.20 -20.68 37.46
C MET A 168 6.74 -20.90 37.82
N HIS A 169 5.90 -21.18 36.82
CA HIS A 169 4.52 -21.57 37.00
C HIS A 169 3.96 -22.00 35.66
N SER A 170 3.05 -22.99 35.68
CA SER A 170 2.53 -23.53 34.43
C SER A 170 1.76 -22.47 33.64
N ARG A 171 1.06 -21.57 34.33
CA ARG A 171 0.17 -20.62 33.69
C ARG A 171 0.85 -19.26 33.55
N VAL A 172 0.74 -18.65 32.37
CA VAL A 172 1.23 -17.30 32.18
C VAL A 172 0.49 -16.36 33.12
N ASP A 173 1.22 -15.46 33.77
CA ASP A 173 0.62 -14.56 34.75
C ASP A 173 -0.12 -13.43 34.06
N GLN A 174 -1.37 -13.20 34.49
CA GLN A 174 -2.23 -12.17 33.91
C GLN A 174 -2.80 -11.27 34.99
N LEU A 175 -2.08 -11.09 36.09
CA LEU A 175 -2.60 -10.26 37.17
C LEU A 175 -2.58 -8.79 36.79
N ASP A 176 -1.66 -8.39 35.91
CA ASP A 176 -1.55 -7.01 35.44
C ASP A 176 -1.89 -6.86 33.97
N PHE A 177 -2.73 -7.76 33.45
CA PHE A 177 -3.09 -7.72 32.03
C PHE A 177 -3.97 -6.52 31.73
N TRP A 178 -3.75 -5.92 30.56
CA TRP A 178 -4.53 -4.78 30.07
C TRP A 178 -5.41 -5.30 28.94
N GLU A 179 -6.72 -5.36 29.19
CA GLU A 179 -7.66 -5.91 28.21
C GLU A 179 -7.67 -5.07 26.94
N SER A 180 -7.70 -5.75 25.80
CA SER A 180 -7.66 -5.08 24.50
C SER A 180 -9.04 -4.75 23.95
N GLY A 181 -10.04 -5.61 24.18
CA GLY A 181 -11.33 -5.44 23.57
C GLY A 181 -11.51 -6.12 22.23
N GLU A 182 -10.46 -6.75 21.69
CA GLU A 182 -10.56 -7.50 20.45
C GLU A 182 -10.38 -9.00 20.62
N TRP A 183 -9.53 -9.44 21.55
CA TRP A 183 -9.29 -10.85 21.80
C TRP A 183 -9.45 -11.14 23.28
N VAL A 184 -9.65 -12.42 23.59
CA VAL A 184 -9.65 -12.90 24.96
C VAL A 184 -8.68 -14.07 25.04
N ILE A 185 -7.86 -14.10 26.09
CA ILE A 185 -6.88 -15.17 26.28
C ILE A 185 -7.62 -16.36 26.86
N VAL A 186 -7.93 -17.34 26.01
CA VAL A 186 -8.60 -18.54 26.49
C VAL A 186 -7.69 -19.31 27.44
N ASP A 187 -6.42 -19.45 27.09
CA ASP A 187 -5.51 -20.31 27.82
C ASP A 187 -4.09 -20.00 27.38
N ALA A 188 -3.18 -19.94 28.35
CA ALA A 188 -1.77 -19.64 28.05
C ALA A 188 -0.91 -20.48 28.98
N VAL A 189 -0.34 -21.57 28.46
CA VAL A 189 0.42 -22.53 29.25
C VAL A 189 1.80 -22.69 28.64
N GLY A 190 2.82 -22.76 29.50
CA GLY A 190 4.18 -22.99 29.07
C GLY A 190 4.55 -24.45 29.23
N THR A 191 5.06 -25.03 28.14
CA THR A 191 5.51 -26.42 28.11
C THR A 191 7.03 -26.46 28.01
N TYR A 192 7.64 -27.35 28.79
CA TYR A 192 9.07 -27.52 28.82
C TYR A 192 9.47 -28.65 27.87
N ASN A 193 10.35 -28.34 26.92
CA ASN A 193 10.82 -29.32 25.95
C ASN A 193 12.34 -29.35 25.95
N THR A 194 12.88 -30.50 25.56
CA THR A 194 14.30 -30.65 25.28
C THR A 194 14.42 -31.28 23.90
N ARG A 195 15.34 -30.79 23.08
CA ARG A 195 15.56 -31.40 21.78
C ARG A 195 17.00 -31.14 21.33
N LYS A 196 17.43 -31.94 20.37
CA LYS A 196 18.78 -31.90 19.85
C LYS A 196 18.78 -31.29 18.45
N TYR A 197 19.78 -30.46 18.19
CA TYR A 197 19.92 -29.77 16.91
C TYR A 197 21.15 -30.29 16.18
N GLU A 198 21.11 -30.21 14.86
CA GLU A 198 22.20 -30.70 14.04
C GLU A 198 23.48 -29.90 14.21
N CYS A 199 23.38 -28.66 14.70
CA CYS A 199 24.58 -27.89 15.01
C CYS A 199 25.40 -28.57 16.09
N CYS A 200 24.74 -29.17 17.07
CA CYS A 200 25.31 -29.29 18.39
C CYS A 200 25.04 -30.70 18.92
N ALA A 201 26.01 -31.24 19.64
CA ALA A 201 25.93 -32.61 20.11
C ALA A 201 25.19 -32.74 21.44
N GLU A 202 24.91 -31.64 22.12
CA GLU A 202 24.26 -31.67 23.42
C GLU A 202 22.79 -31.29 23.27
N ILE A 203 22.01 -31.60 24.30
CA ILE A 203 20.60 -31.28 24.32
C ILE A 203 20.42 -29.85 24.79
N TYR A 204 19.46 -29.14 24.21
CA TYR A 204 19.15 -27.76 24.56
C TYR A 204 17.71 -27.66 25.02
N PRO A 205 17.42 -27.32 26.27
CA PRO A 205 16.03 -27.22 26.72
C PRO A 205 15.39 -25.91 26.32
N ASP A 206 14.06 -25.92 26.27
CA ASP A 206 13.31 -24.71 25.95
C ASP A 206 11.94 -24.82 26.58
N ILE A 207 11.34 -23.66 26.87
CA ILE A 207 9.96 -23.57 27.33
C ILE A 207 9.17 -22.88 26.23
N THR A 208 8.11 -23.53 25.78
CA THR A 208 7.26 -23.01 24.70
C THR A 208 5.91 -22.65 25.29
N TYR A 209 5.47 -21.42 25.03
CA TYR A 209 4.20 -20.92 25.53
C TYR A 209 3.18 -20.92 24.41
N ALA A 210 2.03 -21.54 24.67
CA ALA A 210 0.95 -21.65 23.69
C ALA A 210 -0.17 -20.70 24.14
N PHE A 211 -0.35 -19.62 23.40
CA PHE A 211 -1.40 -18.65 23.68
C PHE A 211 -2.62 -19.00 22.84
N VAL A 212 -3.70 -19.42 23.49
CA VAL A 212 -4.97 -19.69 22.81
C VAL A 212 -5.84 -18.47 23.01
N ILE A 213 -6.06 -17.71 21.94
CA ILE A 213 -6.80 -16.46 21.98
C ILE A 213 -8.01 -16.57 21.09
N ARG A 214 -9.16 -16.11 21.58
CA ARG A 214 -10.43 -16.18 20.87
C ARG A 214 -10.85 -14.77 20.47
N ARG A 215 -11.19 -14.59 19.20
CA ARG A 215 -11.64 -13.30 18.73
C ARG A 215 -13.05 -13.01 19.22
N LEU A 216 -13.32 -11.74 19.51
CA LEU A 216 -14.66 -11.30 19.81
C LEU A 216 -15.34 -10.87 18.51
N PRO A 217 -16.40 -11.53 18.07
CA PRO A 217 -16.87 -11.38 16.69
C PRO A 217 -17.76 -10.18 16.39
N LEU A 218 -18.19 -9.40 17.38
CA LEU A 218 -19.19 -8.37 17.12
C LEU A 218 -18.74 -7.39 16.05
N PHE A 219 -17.51 -6.87 16.15
CA PHE A 219 -17.06 -5.84 15.23
C PHE A 219 -17.13 -6.31 13.79
N TYR A 220 -16.49 -7.43 13.48
CA TYR A 220 -16.48 -7.91 12.11
C TYR A 220 -17.84 -8.47 11.73
N THR A 221 -18.59 -9.03 12.67
CA THR A 221 -19.97 -9.38 12.39
C THR A 221 -20.70 -8.20 11.77
N ILE A 222 -20.81 -7.10 12.52
CA ILE A 222 -21.58 -5.95 12.05
C ILE A 222 -20.98 -5.39 10.77
N ASN A 223 -19.66 -5.29 10.69
CA ASN A 223 -19.07 -4.54 9.58
C ASN A 223 -18.89 -5.35 8.31
N LEU A 224 -18.91 -6.69 8.36
CA LEU A 224 -18.79 -7.51 7.17
C LEU A 224 -19.91 -8.51 7.00
N ILE A 225 -20.24 -9.28 8.05
CA ILE A 225 -21.08 -10.45 7.86
C ILE A 225 -22.49 -10.03 7.44
N ILE A 226 -23.08 -9.07 8.13
CA ILE A 226 -24.48 -8.76 7.93
C ILE A 226 -24.69 -7.98 6.63
N PRO A 227 -23.80 -7.05 6.27
CA PRO A 227 -23.93 -6.45 4.92
C PRO A 227 -23.89 -7.48 3.82
N CYS A 228 -23.03 -8.48 3.94
CA CYS A 228 -22.96 -9.54 2.93
C CYS A 228 -24.25 -10.33 2.88
N LEU A 229 -24.84 -10.65 4.03
CA LEU A 229 -26.12 -11.35 4.04
C LEU A 229 -27.23 -10.50 3.41
N LEU A 230 -27.23 -9.21 3.69
CA LEU A 230 -28.23 -8.33 3.09
C LEU A 230 -28.11 -8.33 1.57
N ILE A 231 -26.88 -8.27 1.07
CA ILE A 231 -26.67 -8.33 -0.38
C ILE A 231 -27.11 -9.67 -0.94
N SER A 232 -26.76 -10.76 -0.25
CA SER A 232 -27.15 -12.09 -0.71
C SER A 232 -28.67 -12.26 -0.73
N CYS A 233 -29.38 -11.54 0.12
CA CYS A 233 -30.83 -11.59 0.09
C CYS A 233 -31.41 -11.14 -1.24
N LEU A 234 -30.66 -10.36 -2.01
CA LEU A 234 -31.14 -9.77 -3.26
C LEU A 234 -30.75 -10.57 -4.49
N THR A 235 -30.01 -11.67 -4.33
CA THR A 235 -29.47 -12.36 -5.50
C THR A 235 -30.57 -13.04 -6.31
N VAL A 236 -31.68 -13.41 -5.67
CA VAL A 236 -32.77 -14.11 -6.36
C VAL A 236 -33.88 -13.17 -6.81
N LEU A 237 -33.88 -11.92 -6.39
CA LEU A 237 -34.97 -11.02 -6.73
C LEU A 237 -35.08 -10.78 -8.22
N VAL A 238 -33.97 -10.92 -8.96
CA VAL A 238 -33.99 -10.57 -10.37
C VAL A 238 -34.98 -11.45 -11.14
N PHE A 239 -35.27 -12.65 -10.64
CA PHE A 239 -36.18 -13.55 -11.32
C PHE A 239 -37.65 -13.26 -11.03
N TYR A 240 -37.96 -12.50 -10.01
CA TYR A 240 -39.32 -12.06 -9.75
C TYR A 240 -39.61 -10.69 -10.34
N LEU A 241 -38.62 -10.01 -10.85
CA LEU A 241 -38.79 -8.70 -11.46
C LEU A 241 -39.39 -8.85 -12.85
N PRO A 242 -40.42 -8.08 -13.19
CA PRO A 242 -41.01 -8.19 -14.53
C PRO A 242 -40.03 -7.73 -15.59
N SER A 243 -40.19 -8.29 -16.80
CA SER A 243 -39.31 -7.93 -17.91
C SER A 243 -39.61 -6.56 -18.48
N GLU A 244 -40.79 -6.00 -18.19
CA GLU A 244 -41.17 -4.69 -18.71
C GLU A 244 -40.65 -3.54 -17.85
N CYS A 245 -40.15 -3.82 -16.65
CA CYS A 245 -39.66 -2.73 -15.80
C CYS A 245 -38.40 -2.09 -16.37
N GLY A 246 -37.62 -2.84 -17.15
CA GLY A 246 -36.36 -2.33 -17.66
C GLY A 246 -35.32 -2.07 -16.59
N GLU A 247 -35.29 -2.90 -15.54
CA GLU A 247 -34.33 -2.70 -14.46
C GLU A 247 -33.71 -3.99 -13.96
N LYS A 248 -33.90 -5.11 -14.64
CA LYS A 248 -33.31 -6.37 -14.19
C LYS A 248 -31.78 -6.30 -14.22
N ILE A 249 -31.23 -5.77 -15.32
CA ILE A 249 -29.78 -5.71 -15.47
C ILE A 249 -29.16 -4.87 -14.37
N THR A 250 -29.77 -3.71 -14.08
CA THR A 250 -29.27 -2.87 -12.99
C THR A 250 -29.15 -3.67 -11.70
N LEU A 251 -30.21 -4.38 -11.32
CA LEU A 251 -30.21 -5.10 -10.06
C LEU A 251 -29.14 -6.18 -10.02
N CYS A 252 -29.11 -7.06 -11.02
CA CYS A 252 -28.16 -8.18 -10.94
C CYS A 252 -26.72 -7.68 -11.04
N ILE A 253 -26.45 -6.67 -11.87
CA ILE A 253 -25.10 -6.14 -11.98
C ILE A 253 -24.67 -5.50 -10.65
N SER A 254 -25.56 -4.73 -10.01
CA SER A 254 -25.21 -4.13 -8.74
C SER A 254 -24.91 -5.19 -7.70
N VAL A 255 -25.70 -6.26 -7.65
CA VAL A 255 -25.45 -7.33 -6.70
C VAL A 255 -24.08 -7.94 -6.94
N LEU A 256 -23.76 -8.24 -8.20
CA LEU A 256 -22.47 -8.85 -8.51
C LEU A 256 -21.31 -7.96 -8.08
N LEU A 257 -21.39 -6.67 -8.43
CA LEU A 257 -20.28 -5.77 -8.11
C LEU A 257 -20.11 -5.62 -6.60
N SER A 258 -21.20 -5.53 -5.86
CA SER A 258 -21.09 -5.40 -4.41
C SER A 258 -20.46 -6.65 -3.79
N LEU A 259 -20.88 -7.83 -4.27
CA LEU A 259 -20.25 -9.06 -3.75
C LEU A 259 -18.76 -9.07 -4.05
N THR A 260 -18.37 -8.64 -5.25
CA THR A 260 -16.94 -8.62 -5.58
C THR A 260 -16.18 -7.66 -4.68
N VAL A 261 -16.76 -6.49 -4.40
CA VAL A 261 -16.10 -5.53 -3.53
C VAL A 261 -15.91 -6.12 -2.13
N PHE A 262 -16.93 -6.82 -1.63
CA PHE A 262 -16.79 -7.39 -0.30
C PHE A 262 -15.77 -8.52 -0.27
N LEU A 263 -15.68 -9.31 -1.34
CA LEU A 263 -14.63 -10.31 -1.41
C LEU A 263 -13.25 -9.65 -1.34
N LEU A 264 -13.06 -8.58 -2.11
CA LEU A 264 -11.78 -7.89 -2.09
C LEU A 264 -11.48 -7.29 -0.72
N LEU A 265 -12.49 -6.75 -0.05
CA LEU A 265 -12.30 -6.23 1.29
C LEU A 265 -11.87 -7.33 2.24
N ILE A 266 -12.50 -8.51 2.13
CA ILE A 266 -12.12 -9.64 2.97
C ILE A 266 -10.68 -10.04 2.72
N THR A 267 -10.23 -9.95 1.47
CA THR A 267 -8.89 -10.41 1.13
C THR A 267 -7.80 -9.54 1.75
N GLU A 268 -8.11 -8.31 2.15
CA GLU A 268 -7.12 -7.44 2.77
C GLU A 268 -6.88 -7.77 4.24
N ILE A 269 -7.63 -8.69 4.80
CA ILE A 269 -7.50 -9.07 6.21
C ILE A 269 -6.77 -10.39 6.37
N ILE A 270 -7.26 -11.43 5.71
CA ILE A 270 -6.81 -12.80 5.95
C ILE A 270 -5.44 -13.02 5.33
N PRO A 271 -4.63 -13.95 5.85
CA PRO A 271 -3.34 -14.25 5.23
C PRO A 271 -3.51 -14.88 3.86
N SER A 272 -2.54 -14.62 3.00
CA SER A 272 -2.53 -15.15 1.63
C SER A 272 -2.01 -16.59 1.58
N THR A 273 -2.55 -17.45 2.41
CA THR A 273 -2.10 -18.84 2.51
C THR A 273 -3.04 -19.76 1.77
N SER A 274 -2.47 -20.82 1.20
CA SER A 274 -3.21 -21.78 0.40
C SER A 274 -3.61 -23.03 1.19
N LEU A 275 -3.33 -23.07 2.48
CA LEU A 275 -3.62 -24.27 3.26
C LEU A 275 -5.12 -24.44 3.49
N VAL A 276 -5.81 -23.37 3.89
CA VAL A 276 -7.24 -23.42 4.17
C VAL A 276 -7.92 -22.22 3.52
N ILE A 277 -9.21 -22.36 3.27
CA ILE A 277 -10.03 -21.32 2.66
C ILE A 277 -11.06 -20.87 3.70
N PRO A 278 -11.21 -19.58 3.96
CA PRO A 278 -12.26 -19.13 4.88
C PRO A 278 -13.64 -19.53 4.37
N LEU A 279 -14.54 -19.84 5.31
CA LEU A 279 -15.90 -20.18 4.93
C LEU A 279 -16.60 -18.97 4.33
N ILE A 280 -16.36 -17.78 4.87
CA ILE A 280 -16.96 -16.57 4.30
C ILE A 280 -16.47 -16.35 2.87
N GLY A 281 -15.18 -16.59 2.63
CA GLY A 281 -14.66 -16.44 1.27
C GLY A 281 -15.29 -17.42 0.31
N GLU A 282 -15.45 -18.68 0.73
CA GLU A 282 -16.10 -19.67 -0.13
C GLU A 282 -17.54 -19.30 -0.42
N TYR A 283 -18.26 -18.85 0.61
CA TYR A 283 -19.65 -18.44 0.42
C TYR A 283 -19.74 -17.29 -0.56
N LEU A 284 -18.86 -16.30 -0.41
CA LEU A 284 -18.86 -15.17 -1.33
C LEU A 284 -18.55 -15.60 -2.75
N LEU A 285 -17.56 -16.48 -2.93
CA LEU A 285 -17.20 -16.89 -4.28
C LEU A 285 -18.33 -17.66 -4.95
N PHE A 286 -18.98 -18.56 -4.22
CA PHE A 286 -20.07 -19.32 -4.82
C PHE A 286 -21.28 -18.42 -5.10
N THR A 287 -21.55 -17.47 -4.22
CA THR A 287 -22.60 -16.50 -4.49
C THR A 287 -22.28 -15.70 -5.74
N MET A 288 -21.02 -15.31 -5.91
CA MET A 288 -20.61 -14.57 -7.11
C MET A 288 -20.82 -15.41 -8.37
N ILE A 289 -20.46 -16.69 -8.30
CA ILE A 289 -20.65 -17.56 -9.46
C ILE A 289 -22.13 -17.64 -9.82
N PHE A 290 -22.99 -17.85 -8.83
CA PHE A 290 -24.41 -17.99 -9.12
C PHE A 290 -25.04 -16.67 -9.57
N VAL A 291 -24.51 -15.54 -9.10
CA VAL A 291 -25.03 -14.26 -9.59
C VAL A 291 -24.62 -14.02 -11.04
N THR A 292 -23.40 -14.39 -11.40
CA THR A 292 -23.00 -14.30 -12.81
C THR A 292 -23.88 -15.19 -13.67
N LEU A 293 -24.18 -16.39 -13.19
CA LEU A 293 -25.09 -17.27 -13.91
C LEU A 293 -26.46 -16.62 -14.06
N SER A 294 -26.94 -15.97 -13.00
CA SER A 294 -28.25 -15.31 -13.08
C SER A 294 -28.22 -14.16 -14.08
N ILE A 295 -27.09 -13.48 -14.22
CA ILE A 295 -26.98 -12.44 -15.23
C ILE A 295 -27.09 -13.02 -16.63
N VAL A 296 -26.41 -14.14 -16.87
CA VAL A 296 -26.53 -14.80 -18.17
C VAL A 296 -27.98 -15.19 -18.44
N ILE A 297 -28.63 -15.80 -17.45
CA ILE A 297 -30.01 -16.23 -17.62
C ILE A 297 -30.91 -15.03 -17.86
N THR A 298 -30.65 -13.92 -17.18
CA THR A 298 -31.47 -12.72 -17.33
C THR A 298 -31.35 -12.14 -18.73
N VAL A 299 -30.14 -12.12 -19.28
CA VAL A 299 -29.97 -11.66 -20.65
C VAL A 299 -30.77 -12.56 -21.59
N PHE A 300 -30.69 -13.87 -21.39
CA PHE A 300 -31.44 -14.79 -22.25
C PHE A 300 -32.94 -14.56 -22.15
N VAL A 301 -33.45 -14.37 -20.92
CA VAL A 301 -34.88 -14.16 -20.73
C VAL A 301 -35.32 -12.86 -21.36
N LEU A 302 -34.54 -11.79 -21.21
CA LEU A 302 -34.87 -10.53 -21.85
C LEU A 302 -34.90 -10.67 -23.36
N ASN A 303 -33.98 -11.46 -23.91
CA ASN A 303 -34.01 -11.70 -25.35
C ASN A 303 -35.28 -12.42 -25.77
N VAL A 304 -35.67 -13.44 -25.01
CA VAL A 304 -36.89 -14.18 -25.33
C VAL A 304 -38.11 -13.28 -25.23
N HIS A 305 -38.12 -12.36 -24.27
CA HIS A 305 -39.31 -11.57 -23.99
C HIS A 305 -39.64 -10.61 -25.12
N HIS A 306 -38.63 -10.07 -25.82
CA HIS A 306 -38.84 -9.06 -26.84
C HIS A 306 -38.95 -9.68 -28.24
N ARG A 307 -39.46 -10.89 -28.34
CA ARG A 307 -39.57 -11.58 -29.63
C ARG A 307 -40.95 -11.38 -30.22
N SER A 308 -41.00 -11.21 -31.54
CA SER A 308 -42.22 -10.92 -32.27
C SER A 308 -42.24 -11.75 -33.54
N PRO A 309 -43.43 -11.95 -34.14
CA PRO A 309 -43.47 -12.67 -35.43
C PRO A 309 -42.69 -11.99 -36.53
N ARG A 310 -42.37 -10.71 -36.38
CA ARG A 310 -41.60 -10.01 -37.40
C ARG A 310 -40.13 -10.38 -37.39
N THR A 311 -39.67 -11.16 -36.41
CA THR A 311 -38.27 -11.54 -36.32
C THR A 311 -38.03 -13.00 -35.96
N HIS A 312 -39.00 -13.70 -35.36
CA HIS A 312 -38.77 -15.05 -34.87
C HIS A 312 -40.01 -15.90 -35.10
N THR A 313 -39.79 -17.22 -35.14
CA THR A 313 -40.85 -18.21 -35.21
C THR A 313 -40.77 -19.10 -33.99
N MET A 314 -41.90 -19.35 -33.35
CA MET A 314 -41.91 -20.17 -32.15
C MET A 314 -41.99 -21.64 -32.50
N PRO A 315 -40.98 -22.45 -32.17
CA PRO A 315 -41.08 -23.88 -32.47
C PRO A 315 -42.25 -24.51 -31.74
N THR A 316 -42.79 -25.57 -32.36
CA THR A 316 -43.94 -26.24 -31.75
C THR A 316 -43.58 -26.84 -30.40
N TRP A 317 -42.38 -27.42 -30.29
CA TRP A 317 -42.01 -28.04 -29.02
C TRP A 317 -41.87 -26.99 -27.93
N VAL A 318 -41.34 -25.81 -28.26
CA VAL A 318 -41.29 -24.72 -27.29
C VAL A 318 -42.69 -24.39 -26.81
N ARG A 319 -43.62 -24.20 -27.76
CA ARG A 319 -44.99 -23.86 -27.39
C ARG A 319 -45.57 -24.92 -26.46
N ARG A 320 -45.49 -26.19 -26.87
CA ARG A 320 -46.08 -27.25 -26.08
C ARG A 320 -45.48 -27.30 -24.69
N VAL A 321 -44.15 -27.39 -24.59
CA VAL A 321 -43.50 -27.46 -23.29
C VAL A 321 -43.91 -26.28 -22.42
N PHE A 322 -43.56 -25.07 -22.85
CA PHE A 322 -43.60 -23.90 -21.99
C PHE A 322 -44.99 -23.28 -21.87
N LEU A 323 -45.99 -23.77 -22.59
CA LEU A 323 -47.35 -23.32 -22.38
C LEU A 323 -48.26 -24.40 -21.81
N ASP A 324 -47.83 -25.67 -21.75
CA ASP A 324 -48.64 -26.70 -21.16
C ASP A 324 -48.00 -27.30 -19.90
N ILE A 325 -46.78 -27.81 -20.00
CA ILE A 325 -46.26 -28.66 -18.93
C ILE A 325 -45.60 -27.83 -17.84
N VAL A 326 -44.54 -27.10 -18.17
CA VAL A 326 -43.81 -26.35 -17.16
C VAL A 326 -44.72 -25.38 -16.42
N PRO A 327 -45.60 -24.62 -17.08
CA PRO A 327 -46.53 -23.77 -16.31
C PRO A 327 -47.35 -24.56 -15.32
N ARG A 328 -47.79 -25.77 -15.69
CA ARG A 328 -48.58 -26.58 -14.79
C ARG A 328 -47.73 -27.15 -13.66
N LEU A 329 -46.51 -27.58 -13.96
CA LEU A 329 -45.64 -28.12 -12.93
C LEU A 329 -45.31 -27.08 -11.87
N LEU A 330 -45.31 -25.80 -12.24
CA LEU A 330 -44.98 -24.73 -11.32
C LEU A 330 -46.19 -24.18 -10.58
N LEU A 331 -47.39 -24.73 -10.85
CA LEU A 331 -48.60 -24.30 -10.16
C LEU A 331 -48.99 -22.88 -10.57
N MET A 332 -48.71 -22.51 -11.82
CA MET A 332 -49.07 -21.22 -12.37
C MET A 332 -49.92 -21.46 -13.62
N LYS A 333 -51.17 -21.01 -13.58
CA LYS A 333 -52.16 -21.34 -14.59
C LYS A 333 -52.49 -20.10 -15.40
N ARG A 334 -52.48 -20.22 -16.72
CA ARG A 334 -52.82 -19.11 -17.58
C ARG A 334 -54.30 -18.75 -17.42
N PRO A 335 -54.65 -17.46 -17.56
CA PRO A 335 -56.07 -17.10 -17.64
C PRO A 335 -56.81 -17.89 -18.71
N LEU A 538 -70.91 2.27 -51.55
CA LEU A 538 -70.05 2.40 -52.73
C LEU A 538 -68.83 1.50 -52.58
N THR A 539 -68.25 1.07 -53.71
CA THR A 539 -67.17 0.10 -53.66
C THR A 539 -66.02 0.59 -52.78
N ARG A 540 -65.71 1.88 -52.85
CA ARG A 540 -64.58 2.41 -52.09
C ARG A 540 -64.82 2.27 -50.59
N ALA A 541 -66.04 2.57 -50.13
CA ALA A 541 -66.32 2.51 -48.70
C ALA A 541 -66.21 1.07 -48.18
N VAL A 542 -66.81 0.13 -48.88
CA VAL A 542 -66.76 -1.26 -48.44
C VAL A 542 -65.33 -1.79 -48.52
N GLU A 543 -64.58 -1.37 -49.54
CA GLU A 543 -63.18 -1.78 -49.64
C GLU A 543 -62.39 -1.26 -48.45
N GLY A 544 -62.61 0.00 -48.07
CA GLY A 544 -61.95 0.54 -46.89
C GLY A 544 -62.32 -0.22 -45.63
N VAL A 545 -63.60 -0.54 -45.47
CA VAL A 545 -64.04 -1.25 -44.27
C VAL A 545 -63.40 -2.64 -44.22
N GLN A 546 -63.36 -3.34 -45.35
CA GLN A 546 -62.73 -4.65 -45.36
C GLN A 546 -61.24 -4.56 -45.05
N TYR A 547 -60.56 -3.56 -45.62
CA TYR A 547 -59.14 -3.40 -45.32
C TYR A 547 -58.92 -3.14 -43.84
N ILE A 548 -59.79 -2.32 -43.23
CA ILE A 548 -59.64 -2.03 -41.81
C ILE A 548 -59.84 -3.29 -40.98
N ALA A 549 -60.88 -4.07 -41.30
CA ALA A 549 -61.12 -5.30 -40.56
C ALA A 549 -59.94 -6.26 -40.67
N ASP A 550 -59.43 -6.44 -41.89
CA ASP A 550 -58.31 -7.35 -42.07
C ASP A 550 -57.06 -6.86 -41.35
N HIS A 551 -56.83 -5.54 -41.37
CA HIS A 551 -55.69 -4.97 -40.66
C HIS A 551 -55.80 -5.25 -39.17
N LEU A 552 -56.97 -5.00 -38.58
CA LEU A 552 -57.13 -5.25 -37.14
C LEU A 552 -56.94 -6.73 -36.82
N LYS A 553 -57.44 -7.62 -37.68
CA LYS A 553 -57.30 -9.04 -37.42
C LYS A 553 -55.83 -9.46 -37.44
N ALA A 554 -55.07 -8.96 -38.42
CA ALA A 554 -53.64 -9.28 -38.47
C ALA A 554 -52.91 -8.74 -37.25
N GLU A 555 -53.27 -7.52 -36.82
CA GLU A 555 -52.66 -6.97 -35.62
C GLU A 555 -52.98 -7.83 -34.41
N ASP A 556 -54.21 -8.33 -34.30
CA ASP A 556 -54.57 -9.20 -33.20
C ASP A 556 -53.72 -10.46 -33.20
N THR A 557 -53.50 -11.05 -34.37
CA THR A 557 -52.68 -12.27 -34.45
C THR A 557 -51.25 -11.98 -33.98
N ASP A 558 -50.66 -10.89 -34.49
CA ASP A 558 -49.29 -10.56 -34.10
C ASP A 558 -49.20 -10.33 -32.59
N PHE A 559 -50.17 -9.61 -32.03
CA PHE A 559 -50.16 -9.36 -30.59
C PHE A 559 -50.29 -10.66 -29.81
N SER A 560 -51.12 -11.58 -30.29
CA SER A 560 -51.25 -12.87 -29.61
C SER A 560 -49.90 -13.59 -29.56
N VAL A 561 -49.17 -13.61 -30.67
CA VAL A 561 -47.88 -14.30 -30.66
C VAL A 561 -46.88 -13.59 -29.75
N LYS A 562 -46.92 -12.25 -29.73
CA LYS A 562 -46.05 -11.51 -28.83
C LYS A 562 -46.35 -11.87 -27.37
N GLU A 563 -47.64 -11.98 -27.03
CA GLU A 563 -48.01 -12.34 -25.67
C GLU A 563 -47.57 -13.74 -25.32
N ASP A 564 -47.62 -14.66 -26.29
CA ASP A 564 -47.09 -15.99 -26.05
C ASP A 564 -45.60 -15.94 -25.71
N TRP A 565 -44.83 -15.16 -26.47
CA TRP A 565 -43.40 -15.03 -26.18
C TRP A 565 -43.18 -14.45 -24.79
N LYS A 566 -43.95 -13.43 -24.41
CA LYS A 566 -43.81 -12.85 -23.08
C LYS A 566 -44.12 -13.88 -22.00
N TYR A 567 -45.13 -14.71 -22.20
CA TYR A 567 -45.47 -15.70 -21.20
C TYR A 567 -44.36 -16.75 -21.09
N VAL A 568 -43.75 -17.12 -22.20
CA VAL A 568 -42.62 -18.06 -22.13
C VAL A 568 -41.49 -17.47 -21.31
N ALA A 569 -41.18 -16.19 -21.55
CA ALA A 569 -40.14 -15.53 -20.76
C ALA A 569 -40.49 -15.56 -19.28
N MET A 570 -41.75 -15.28 -18.95
CA MET A 570 -42.17 -15.31 -17.55
C MET A 570 -42.00 -16.70 -16.95
N VAL A 571 -42.33 -17.75 -17.71
CA VAL A 571 -42.22 -19.11 -17.20
C VAL A 571 -40.76 -19.46 -16.92
N ILE A 572 -39.85 -19.09 -17.82
CA ILE A 572 -38.44 -19.35 -17.57
C ILE A 572 -37.97 -18.62 -16.32
N ASP A 573 -38.37 -17.35 -16.18
CA ASP A 573 -38.06 -16.61 -14.95
C ASP A 573 -38.53 -17.36 -13.73
N ARG A 574 -39.76 -17.89 -13.76
CA ARG A 574 -40.32 -18.55 -12.59
C ARG A 574 -39.57 -19.84 -12.24
N ILE A 575 -39.27 -20.67 -13.24
CA ILE A 575 -38.55 -21.90 -12.93
C ILE A 575 -37.19 -21.59 -12.34
N PHE A 576 -36.50 -20.58 -12.89
CA PHE A 576 -35.18 -20.28 -12.35
C PHE A 576 -35.28 -19.61 -10.99
N LEU A 577 -36.37 -18.90 -10.71
CA LEU A 577 -36.59 -18.41 -9.35
C LEU A 577 -36.68 -19.58 -8.39
N TRP A 578 -37.46 -20.60 -8.74
CA TRP A 578 -37.56 -21.78 -7.88
C TRP A 578 -36.19 -22.40 -7.64
N MET A 579 -35.45 -22.67 -8.71
CA MET A 579 -34.17 -23.34 -8.57
C MET A 579 -33.20 -22.52 -7.75
N PHE A 580 -33.16 -21.21 -7.97
CA PHE A 580 -32.18 -20.37 -7.27
C PHE A 580 -32.53 -20.23 -5.81
N ILE A 581 -33.82 -20.15 -5.46
CA ILE A 581 -34.20 -20.17 -4.05
C ILE A 581 -33.72 -21.46 -3.39
N ILE A 582 -34.01 -22.61 -4.03
CA ILE A 582 -33.65 -23.89 -3.41
C ILE A 582 -32.15 -23.98 -3.23
N VAL A 583 -31.39 -23.63 -4.28
CA VAL A 583 -29.95 -23.75 -4.24
C VAL A 583 -29.36 -22.78 -3.22
N CYS A 584 -29.88 -21.55 -3.17
CA CYS A 584 -29.41 -20.58 -2.19
C CYS A 584 -29.59 -21.10 -0.78
N LEU A 585 -30.78 -21.63 -0.46
CA LEU A 585 -31.03 -22.10 0.90
C LEU A 585 -30.12 -23.28 1.24
N LEU A 586 -30.06 -24.28 0.35
CA LEU A 586 -29.21 -25.43 0.64
C LEU A 586 -27.75 -25.01 0.80
N GLY A 587 -27.27 -24.12 -0.07
CA GLY A 587 -25.89 -23.69 0.02
C GLY A 587 -25.61 -22.89 1.28
N THR A 588 -26.54 -22.03 1.68
CA THR A 588 -26.35 -21.26 2.89
C THR A 588 -26.29 -22.17 4.11
N VAL A 589 -27.16 -23.18 4.17
CA VAL A 589 -27.09 -24.10 5.30
C VAL A 589 -25.81 -24.93 5.24
N GLY A 590 -25.36 -25.28 4.04
CA GLY A 590 -24.15 -26.07 3.92
C GLY A 590 -22.89 -25.32 4.29
N LEU A 591 -22.81 -24.03 3.93
CA LEU A 591 -21.59 -23.25 4.11
C LEU A 591 -21.62 -22.33 5.32
N PHE A 592 -22.76 -22.16 5.98
CA PHE A 592 -22.88 -21.26 7.12
C PHE A 592 -23.41 -21.91 8.38
N LEU A 593 -23.85 -23.16 8.32
CA LEU A 593 -24.05 -23.92 9.56
C LEU A 593 -22.76 -24.06 10.34
N PRO A 594 -21.63 -24.41 9.73
CA PRO A 594 -20.39 -24.63 10.49
C PRO A 594 -20.00 -23.42 11.32
N PRO A 595 -20.08 -22.20 10.78
CA PRO A 595 -19.69 -21.03 11.57
C PRO A 595 -20.44 -20.92 12.89
N TRP A 596 -21.75 -21.25 12.88
CA TRP A 596 -22.49 -21.30 14.13
C TRP A 596 -22.03 -22.46 15.01
N LEU A 597 -21.69 -23.59 14.40
CA LEU A 597 -21.25 -24.74 15.19
C LEU A 597 -19.99 -24.43 15.99
N ALA A 598 -19.01 -23.76 15.35
CA ALA A 598 -17.76 -23.47 16.04
C ALA A 598 -17.92 -22.35 17.06
N GLY A 599 -18.64 -21.30 16.71
CA GLY A 599 -18.82 -20.17 17.60
C GLY A 599 -20.02 -20.29 18.52
N THR B 1 33.02 -20.94 38.44
CA THR B 1 34.20 -21.58 39.09
C THR B 1 35.40 -20.65 39.06
N ASP B 2 36.32 -20.83 40.00
CA ASP B 2 37.52 -20.01 40.03
C ASP B 2 38.40 -20.27 38.82
N THR B 3 38.54 -21.54 38.43
CA THR B 3 39.38 -21.88 37.29
C THR B 3 38.80 -21.30 35.99
N GLU B 4 37.48 -21.37 35.82
CA GLU B 4 36.88 -20.84 34.60
C GLU B 4 37.10 -19.34 34.48
N GLU B 5 36.92 -18.60 35.57
CA GLU B 5 37.11 -17.16 35.49
C GLU B 5 38.59 -16.80 35.35
N ARG B 6 39.48 -17.60 35.94
CA ARG B 6 40.90 -17.40 35.68
C ARG B 6 41.21 -17.58 34.20
N LEU B 7 40.67 -18.64 33.59
CA LEU B 7 40.93 -18.89 32.17
C LEU B 7 40.34 -17.77 31.32
N VAL B 8 39.13 -17.32 31.62
CA VAL B 8 38.51 -16.26 30.83
C VAL B 8 39.33 -14.98 30.94
N GLU B 9 39.80 -14.65 32.14
CA GLU B 9 40.65 -13.48 32.30
C GLU B 9 41.94 -13.64 31.50
N HIS B 10 42.54 -14.82 31.54
CA HIS B 10 43.81 -15.03 30.85
C HIS B 10 43.67 -14.94 29.34
N LEU B 11 42.57 -15.48 28.80
CA LEU B 11 42.39 -15.51 27.35
C LEU B 11 42.12 -14.13 26.78
N LEU B 12 41.29 -13.34 27.45
CA LEU B 12 40.85 -12.05 26.95
C LEU B 12 41.69 -10.89 27.48
N ASP B 13 42.73 -11.18 28.25
CA ASP B 13 43.59 -10.14 28.80
C ASP B 13 44.00 -9.17 27.71
N PRO B 14 43.50 -7.93 27.71
CA PRO B 14 43.76 -7.03 26.58
C PRO B 14 45.22 -6.72 26.37
N SER B 15 46.08 -6.91 27.37
CA SER B 15 47.50 -6.72 27.18
C SER B 15 48.04 -7.69 26.13
N ARG B 16 47.63 -8.95 26.19
CA ARG B 16 48.16 -9.99 25.31
C ARG B 16 47.16 -10.45 24.25
N TYR B 17 46.00 -9.82 24.12
CA TYR B 17 45.03 -10.15 23.08
C TYR B 17 44.44 -8.88 22.52
N ASN B 18 44.68 -8.62 21.24
CA ASN B 18 44.11 -7.49 20.54
C ASN B 18 43.07 -8.00 19.56
N LYS B 19 41.80 -7.69 19.80
CA LYS B 19 40.71 -8.24 19.02
C LYS B 19 40.58 -7.60 17.64
N LEU B 20 41.38 -6.58 17.34
CA LEU B 20 41.33 -5.94 16.03
C LEU B 20 42.38 -6.47 15.06
N ILE B 21 43.19 -7.45 15.48
CA ILE B 21 44.24 -8.00 14.64
C ILE B 21 43.82 -9.39 14.18
N ARG B 22 43.98 -9.66 12.90
CA ARG B 22 43.69 -10.98 12.35
C ARG B 22 44.58 -12.03 13.01
N PRO B 23 44.04 -13.21 13.34
CA PRO B 23 44.88 -14.29 13.91
C PRO B 23 45.63 -15.09 12.84
N ALA B 24 46.53 -14.41 12.13
CA ALA B 24 47.36 -15.04 11.12
C ALA B 24 48.79 -15.10 11.62
N THR B 25 49.41 -16.27 11.50
CA THR B 25 50.78 -16.49 11.90
C THR B 25 51.68 -16.46 10.67
N ASN B 26 52.96 -16.79 10.86
CA ASN B 26 53.89 -17.03 9.76
C ASN B 26 53.94 -15.88 8.76
N GLY B 27 53.45 -14.70 9.16
CA GLY B 27 53.43 -13.55 8.30
C GLY B 27 52.10 -13.30 7.62
N SER B 28 52.02 -13.66 6.33
CA SER B 28 50.87 -13.33 5.49
C SER B 28 50.08 -14.58 5.07
N GLU B 29 49.85 -15.50 6.01
CA GLU B 29 48.95 -16.62 5.74
C GLU B 29 47.49 -16.18 5.87
N LEU B 30 46.60 -16.94 5.27
CA LEU B 30 45.19 -16.59 5.29
C LEU B 30 44.44 -17.38 6.36
N VAL B 31 43.36 -16.79 6.84
CA VAL B 31 42.47 -17.41 7.83
C VAL B 31 41.27 -17.96 7.09
N THR B 32 41.07 -19.27 7.19
CA THR B 32 39.95 -19.94 6.52
C THR B 32 38.72 -19.90 7.43
N VAL B 33 37.61 -19.42 6.89
CA VAL B 33 36.35 -19.35 7.61
C VAL B 33 35.36 -20.29 6.93
N GLN B 34 34.83 -21.25 7.69
CA GLN B 34 33.77 -22.12 7.20
C GLN B 34 32.42 -21.47 7.45
N LEU B 35 31.53 -21.57 6.47
CA LEU B 35 30.25 -20.88 6.49
C LEU B 35 29.15 -21.88 6.20
N MET B 36 28.00 -21.70 6.83
CA MET B 36 26.87 -22.60 6.59
C MET B 36 25.60 -21.88 7.03
N VAL B 37 24.64 -21.77 6.12
CA VAL B 37 23.37 -21.09 6.40
C VAL B 37 22.33 -22.13 6.78
N SER B 38 21.62 -21.90 7.87
CA SER B 38 20.50 -22.71 8.30
C SER B 38 19.25 -21.85 8.30
N LEU B 39 18.21 -22.31 7.62
CA LEU B 39 16.98 -21.54 7.47
C LEU B 39 15.98 -21.97 8.52
N ALA B 40 15.45 -21.01 9.27
CA ALA B 40 14.42 -21.28 10.27
C ALA B 40 13.03 -20.89 9.80
N GLN B 41 12.87 -19.73 9.16
CA GLN B 41 11.59 -19.42 8.57
C GLN B 41 11.78 -18.45 7.42
N LEU B 42 10.94 -18.66 6.41
CA LEU B 42 10.82 -17.74 5.29
C LEU B 42 9.68 -16.79 5.66
N ILE B 43 10.04 -15.69 6.31
CA ILE B 43 9.04 -14.84 6.94
C ILE B 43 8.10 -14.25 5.90
N SER B 44 8.65 -13.72 4.82
CA SER B 44 7.79 -13.09 3.82
C SER B 44 8.59 -12.77 2.57
N VAL B 45 7.90 -12.84 1.43
CA VAL B 45 8.39 -12.30 0.16
C VAL B 45 7.44 -11.17 -0.21
N HIS B 46 7.98 -9.97 -0.34
CA HIS B 46 7.18 -8.79 -0.65
C HIS B 46 7.49 -8.40 -2.10
N GLU B 47 6.61 -8.84 -3.00
CA GLU B 47 6.86 -8.66 -4.43
C GLU B 47 6.89 -7.19 -4.83
N ARG B 48 6.18 -6.34 -4.11
CA ARG B 48 6.02 -4.95 -4.53
C ARG B 48 7.37 -4.23 -4.56
N GLU B 49 8.13 -4.32 -3.47
CA GLU B 49 9.45 -3.71 -3.40
C GLU B 49 10.59 -4.71 -3.55
N GLN B 50 10.28 -5.98 -3.82
CA GLN B 50 11.29 -6.97 -4.18
C GLN B 50 12.27 -7.21 -3.02
N ILE B 51 11.73 -7.71 -1.91
CA ILE B 51 12.50 -7.99 -0.71
C ILE B 51 12.07 -9.33 -0.14
N MET B 52 13.03 -10.17 0.23
CA MET B 52 12.79 -11.43 0.92
C MET B 52 13.25 -11.30 2.35
N THR B 53 12.45 -11.80 3.28
CA THR B 53 12.76 -11.75 4.71
C THR B 53 12.87 -13.17 5.25
N THR B 54 13.99 -13.46 5.91
CA THR B 54 14.27 -14.79 6.40
C THR B 54 14.81 -14.73 7.82
N ASN B 55 14.60 -15.80 8.56
CA ASN B 55 15.19 -16.00 9.87
C ASN B 55 16.20 -17.13 9.75
N VAL B 56 17.48 -16.79 9.76
CA VAL B 56 18.54 -17.75 9.48
C VAL B 56 19.55 -17.79 10.62
N TRP B 57 20.19 -18.93 10.79
CA TRP B 57 21.28 -19.10 11.74
C TRP B 57 22.56 -19.26 10.91
N LEU B 58 23.50 -18.34 11.09
CA LEU B 58 24.68 -18.24 10.23
C LEU B 58 25.86 -18.85 10.98
N THR B 59 26.16 -20.12 10.70
CA THR B 59 27.27 -20.80 11.36
C THR B 59 28.59 -20.32 10.78
N GLN B 60 29.50 -19.93 11.66
CA GLN B 60 30.84 -19.51 11.27
C GLN B 60 31.86 -20.25 12.11
N GLU B 61 32.90 -20.77 11.46
CA GLU B 61 33.96 -21.49 12.15
C GLU B 61 35.30 -21.07 11.59
N TRP B 62 36.25 -20.80 12.48
CA TRP B 62 37.60 -20.41 12.10
C TRP B 62 38.52 -20.82 13.25
N GLU B 63 39.82 -20.58 13.06
CA GLU B 63 40.83 -20.90 14.05
C GLU B 63 41.52 -19.63 14.52
N ASP B 64 41.67 -19.49 15.83
CA ASP B 64 42.36 -18.37 16.47
C ASP B 64 43.46 -18.94 17.35
N TYR B 65 44.70 -18.87 16.90
CA TYR B 65 45.80 -19.45 17.65
C TYR B 65 46.06 -18.74 18.97
N ARG B 66 45.49 -17.55 19.17
CA ARG B 66 45.67 -16.82 20.42
C ARG B 66 44.71 -17.24 21.52
N LEU B 67 43.73 -18.10 21.20
CA LEU B 67 42.73 -18.55 22.17
C LEU B 67 42.92 -20.02 22.49
N THR B 68 44.18 -20.42 22.67
CA THR B 68 44.55 -21.79 23.00
C THR B 68 44.93 -21.88 24.47
N TRP B 69 44.73 -23.06 25.05
CA TRP B 69 45.15 -23.33 26.41
C TRP B 69 45.31 -24.84 26.58
N LYS B 70 45.99 -25.22 27.66
CA LYS B 70 46.30 -26.61 27.92
C LYS B 70 45.34 -27.15 28.97
N PRO B 71 44.46 -28.11 28.63
CA PRO B 71 43.42 -28.50 29.59
C PRO B 71 43.96 -28.94 30.94
N GLU B 72 45.11 -29.62 30.97
CA GLU B 72 45.64 -30.10 32.25
C GLU B 72 45.95 -28.96 33.19
N GLU B 73 46.25 -27.77 32.67
CA GLU B 73 46.57 -26.62 33.50
C GLU B 73 45.35 -25.85 33.97
N PHE B 74 44.15 -26.22 33.51
CA PHE B 74 42.92 -25.51 33.83
C PHE B 74 41.82 -26.49 34.21
N ASP B 75 42.15 -27.43 35.09
CA ASP B 75 41.19 -28.39 35.63
C ASP B 75 40.59 -29.26 34.53
N ASN B 76 41.30 -29.41 33.41
CA ASN B 76 40.87 -30.30 32.33
C ASN B 76 39.63 -29.77 31.63
N MET B 77 39.58 -28.46 31.44
CA MET B 77 38.50 -27.81 30.70
C MET B 77 38.80 -27.89 29.21
N LYS B 78 37.80 -28.30 28.44
CA LYS B 78 37.99 -28.52 27.01
C LYS B 78 37.46 -27.39 26.14
N LYS B 79 36.43 -26.67 26.59
CA LYS B 79 35.93 -25.53 25.84
C LYS B 79 35.29 -24.54 26.81
N VAL B 80 35.16 -23.30 26.35
CA VAL B 80 34.64 -22.21 27.15
C VAL B 80 33.81 -21.30 26.25
N ARG B 81 32.89 -20.57 26.86
CA ARG B 81 32.03 -19.63 26.17
C ARG B 81 32.59 -18.22 26.33
N LEU B 82 33.03 -17.62 25.23
CA LEU B 82 33.54 -16.26 25.25
C LEU B 82 32.57 -15.32 24.55
N PRO B 83 32.36 -14.11 25.06
CA PRO B 83 31.50 -13.16 24.35
C PRO B 83 32.10 -12.77 23.01
N SER B 84 31.28 -12.84 21.97
CA SER B 84 31.80 -12.62 20.62
C SER B 84 32.14 -11.16 20.36
N LYS B 85 31.75 -10.25 21.24
CA LYS B 85 32.11 -8.85 21.11
C LYS B 85 33.55 -8.56 21.55
N HIS B 86 34.21 -9.49 22.24
CA HIS B 86 35.55 -9.26 22.76
C HIS B 86 36.59 -10.19 22.16
N ILE B 87 36.27 -10.83 21.03
CA ILE B 87 37.25 -11.61 20.27
C ILE B 87 37.24 -11.10 18.85
N TRP B 88 38.26 -11.50 18.09
CA TRP B 88 38.30 -11.15 16.68
C TRP B 88 37.24 -11.93 15.92
N LEU B 89 36.51 -11.21 15.07
CA LEU B 89 35.49 -11.82 14.24
C LEU B 89 35.79 -11.54 12.78
N PRO B 90 35.49 -12.48 11.88
CA PRO B 90 35.47 -12.15 10.45
C PRO B 90 34.23 -11.33 10.14
N ASP B 91 34.42 -10.21 9.46
CA ASP B 91 33.30 -9.33 9.21
C ASP B 91 32.44 -9.84 8.06
N VAL B 92 31.86 -11.03 8.23
CA VAL B 92 31.03 -11.64 7.21
C VAL B 92 29.63 -11.05 7.32
N VAL B 93 29.14 -10.47 6.21
CA VAL B 93 27.86 -9.78 6.20
C VAL B 93 27.04 -10.23 5.00
N LEU B 94 25.74 -9.99 5.08
CA LEU B 94 24.85 -10.15 3.93
C LEU B 94 25.08 -8.97 3.01
N TYR B 95 25.73 -9.21 1.87
CA TYR B 95 26.20 -8.11 1.06
C TYR B 95 25.10 -7.50 0.20
N ASN B 96 24.12 -8.30 -0.23
CA ASN B 96 23.03 -7.84 -1.07
C ASN B 96 21.79 -7.52 -0.26
N ASN B 97 21.97 -6.97 0.93
CA ASN B 97 20.83 -6.69 1.79
C ASN B 97 20.06 -5.48 1.28
N ALA B 98 18.84 -5.35 1.78
CA ALA B 98 17.98 -4.20 1.53
C ALA B 98 17.65 -3.58 2.88
N ASP B 99 17.63 -2.25 2.93
CA ASP B 99 17.50 -1.39 4.11
C ASP B 99 18.84 -1.18 4.82
N GLY B 100 19.93 -1.79 4.35
CA GLY B 100 21.24 -1.48 4.89
C GLY B 100 21.57 -2.13 6.22
N MET B 101 20.93 -3.26 6.54
CA MET B 101 21.28 -4.02 7.74
C MET B 101 22.23 -5.15 7.35
N TYR B 102 23.53 -4.85 7.47
CA TYR B 102 24.56 -5.80 7.04
C TYR B 102 24.76 -6.92 8.05
N GLU B 103 24.61 -6.62 9.33
CA GLU B 103 25.14 -7.49 10.38
C GLU B 103 24.07 -8.44 10.92
N VAL B 104 24.48 -9.27 11.88
CA VAL B 104 23.58 -10.20 12.55
C VAL B 104 22.81 -9.47 13.64
N SER B 105 21.78 -10.14 14.17
CA SER B 105 20.85 -9.49 15.08
C SER B 105 21.29 -9.56 16.54
N PHE B 106 21.84 -10.70 16.98
CA PHE B 106 21.98 -10.96 18.41
C PHE B 106 23.41 -10.85 18.94
N TYR B 107 24.42 -11.42 18.27
CA TYR B 107 25.78 -11.49 18.81
C TYR B 107 25.83 -12.36 20.07
N SER B 108 25.53 -13.64 19.87
CA SER B 108 25.58 -14.63 20.94
C SER B 108 27.03 -14.88 21.35
N ASN B 109 27.22 -15.78 22.31
CA ASN B 109 28.57 -16.19 22.70
C ASN B 109 29.19 -17.05 21.61
N ALA B 110 30.51 -17.18 21.68
CA ALA B 110 31.26 -18.10 20.84
C ALA B 110 31.73 -19.25 21.71
N VAL B 111 31.68 -20.47 21.17
CA VAL B 111 32.19 -21.65 21.86
C VAL B 111 33.62 -21.87 21.38
N VAL B 112 34.57 -21.80 22.30
CA VAL B 112 35.99 -21.86 21.98
C VAL B 112 36.54 -23.18 22.49
N SER B 113 37.12 -23.96 21.58
CA SER B 113 37.81 -25.19 21.96
C SER B 113 39.24 -24.87 22.39
N TYR B 114 39.81 -25.77 23.20
CA TYR B 114 41.14 -25.54 23.73
C TYR B 114 42.20 -25.50 22.64
N ASP B 115 41.95 -26.13 21.50
CA ASP B 115 42.89 -26.14 20.39
C ASP B 115 42.84 -24.87 19.56
N GLY B 116 41.94 -23.93 19.90
CA GLY B 116 41.82 -22.69 19.19
C GLY B 116 40.64 -22.58 18.25
N SER B 117 39.84 -23.62 18.11
CA SER B 117 38.72 -23.60 17.17
C SER B 117 37.56 -22.78 17.73
N ILE B 118 37.07 -21.83 16.94
CA ILE B 118 35.95 -20.97 17.31
C ILE B 118 34.71 -21.47 16.59
N PHE B 119 33.60 -21.54 17.32
CA PHE B 119 32.31 -21.89 16.75
C PHE B 119 31.32 -20.78 17.12
N TRP B 120 30.73 -20.16 16.10
CA TRP B 120 29.82 -19.04 16.29
C TRP B 120 28.55 -19.29 15.48
N LEU B 121 27.39 -19.16 16.13
CA LEU B 121 26.10 -19.44 15.49
C LEU B 121 25.08 -18.39 15.92
N PRO B 122 25.23 -17.15 15.44
CA PRO B 122 24.31 -16.08 15.84
C PRO B 122 23.06 -16.06 14.97
N PRO B 123 21.89 -15.82 15.55
CA PRO B 123 20.67 -15.69 14.74
C PRO B 123 20.60 -14.32 14.07
N ALA B 124 19.83 -14.26 12.99
CA ALA B 124 19.68 -13.00 12.28
C ALA B 124 18.36 -12.99 11.53
N ILE B 125 17.75 -11.81 11.50
CA ILE B 125 16.64 -11.51 10.62
C ILE B 125 17.21 -10.70 9.46
N TYR B 126 17.17 -11.26 8.26
CA TYR B 126 17.78 -10.66 7.09
C TYR B 126 16.72 -10.18 6.11
N LYS B 127 17.05 -9.12 5.39
CA LYS B 127 16.23 -8.62 4.28
C LYS B 127 17.16 -8.51 3.08
N SER B 128 16.88 -9.29 2.04
CA SER B 128 17.73 -9.36 0.86
C SER B 128 16.94 -8.97 -0.37
N ALA B 129 17.54 -8.14 -1.22
CA ALA B 129 16.91 -7.70 -2.45
C ALA B 129 17.00 -8.82 -3.48
N CYS B 130 15.87 -9.19 -4.06
CA CYS B 130 15.86 -10.18 -5.13
C CYS B 130 14.89 -9.76 -6.23
N LYS B 131 15.31 -9.96 -7.48
CA LYS B 131 14.46 -9.64 -8.61
C LYS B 131 13.25 -10.59 -8.65
N ILE B 132 12.08 -10.00 -8.88
CA ILE B 132 10.82 -10.74 -8.90
C ILE B 132 10.41 -10.93 -10.35
N GLU B 133 9.97 -12.15 -10.67
CA GLU B 133 9.46 -12.48 -11.99
C GLU B 133 7.95 -12.62 -11.91
N VAL B 134 7.23 -11.68 -12.50
CA VAL B 134 5.78 -11.61 -12.39
C VAL B 134 5.07 -12.25 -13.57
N LYS B 135 5.80 -12.74 -14.56
CA LYS B 135 5.16 -13.14 -15.81
C LYS B 135 4.09 -14.20 -15.58
N HIS B 136 4.37 -15.21 -14.76
CA HIS B 136 3.47 -16.35 -14.58
C HIS B 136 2.72 -16.30 -13.26
N PHE B 137 2.61 -15.14 -12.64
CA PHE B 137 1.81 -15.02 -11.44
C PHE B 137 0.38 -15.47 -11.73
N PRO B 138 -0.27 -16.21 -10.81
CA PRO B 138 0.15 -16.68 -9.47
C PRO B 138 0.82 -18.04 -9.45
N PHE B 139 1.23 -18.56 -10.62
CA PHE B 139 1.98 -19.79 -10.71
C PHE B 139 3.47 -19.55 -10.88
N ASP B 140 3.98 -18.49 -10.25
CA ASP B 140 5.36 -18.07 -10.44
C ASP B 140 6.30 -18.85 -9.53
N GLN B 141 7.57 -18.87 -9.93
CA GLN B 141 8.64 -19.47 -9.14
C GLN B 141 9.76 -18.44 -9.06
N GLN B 142 10.13 -18.05 -7.85
CA GLN B 142 11.13 -17.02 -7.66
C GLN B 142 12.50 -17.63 -7.37
N ASN B 143 13.55 -16.84 -7.63
CA ASN B 143 14.94 -17.24 -7.46
C ASN B 143 15.62 -16.07 -6.76
N CYS B 144 15.58 -16.07 -5.43
CA CYS B 144 16.11 -14.98 -4.62
C CYS B 144 17.40 -15.44 -3.95
N THR B 145 18.47 -14.67 -4.12
CA THR B 145 19.79 -15.06 -3.66
C THR B 145 20.21 -14.29 -2.43
N MET B 146 21.06 -14.91 -1.62
CA MET B 146 21.72 -14.27 -0.50
C MET B 146 23.23 -14.35 -0.75
N LYS B 147 23.90 -13.20 -0.72
CA LYS B 147 25.32 -13.10 -0.98
C LYS B 147 26.05 -12.73 0.31
N PHE B 148 27.07 -13.51 0.67
CA PHE B 148 27.80 -13.32 1.91
C PHE B 148 29.25 -12.99 1.61
N ARG B 149 29.79 -11.93 2.21
CA ARG B 149 31.16 -11.42 1.94
C ARG B 149 31.77 -10.86 3.22
N SER B 150 33.09 -10.84 3.30
CA SER B 150 33.81 -10.12 4.37
C SER B 150 34.03 -8.74 3.76
N TRP B 151 33.47 -7.66 4.33
CA TRP B 151 33.60 -6.30 3.74
C TRP B 151 34.89 -5.62 4.25
N THR B 152 35.63 -6.26 5.16
CA THR B 152 36.94 -5.77 5.65
C THR B 152 38.09 -6.53 5.00
N TYR B 153 38.10 -7.88 5.01
CA TYR B 153 39.27 -8.59 4.53
C TYR B 153 39.00 -9.18 3.15
N ASP B 154 39.93 -8.96 2.22
CA ASP B 154 39.79 -9.48 0.88
C ASP B 154 40.26 -10.94 0.83
N ARG B 155 40.30 -11.50 -0.37
CA ARG B 155 40.62 -12.92 -0.51
C ARG B 155 42.04 -13.25 -0.09
N THR B 156 42.91 -12.24 0.04
CA THR B 156 44.30 -12.49 0.41
C THR B 156 44.46 -12.70 1.91
N GLU B 157 43.45 -12.35 2.71
CA GLU B 157 43.56 -12.39 4.16
C GLU B 157 42.65 -13.46 4.78
N ILE B 158 41.42 -13.59 4.31
CA ILE B 158 40.54 -14.67 4.74
C ILE B 158 39.91 -15.30 3.51
N ASP B 159 39.84 -16.62 3.50
CA ASP B 159 39.19 -17.37 2.44
C ASP B 159 37.92 -18.00 2.99
N LEU B 160 36.78 -17.70 2.35
CA LEU B 160 35.52 -18.29 2.76
C LEU B 160 35.35 -19.67 2.13
N VAL B 161 34.75 -20.59 2.90
CA VAL B 161 34.60 -21.98 2.50
C VAL B 161 33.22 -22.45 2.92
N LEU B 162 32.61 -23.30 2.11
CA LEU B 162 31.28 -23.83 2.38
C LEU B 162 31.39 -25.10 3.20
N LYS B 163 30.70 -25.14 4.34
CA LYS B 163 30.66 -26.36 5.13
C LYS B 163 29.83 -27.43 4.44
N SER B 164 28.83 -27.03 3.67
CA SER B 164 27.97 -27.97 2.96
C SER B 164 27.56 -27.34 1.64
N GLU B 165 27.17 -28.19 0.69
CA GLU B 165 26.77 -27.71 -0.63
C GLU B 165 25.37 -27.14 -0.66
N VAL B 166 24.57 -27.34 0.39
CA VAL B 166 23.22 -26.80 0.48
C VAL B 166 23.03 -26.12 1.82
N ALA B 167 22.03 -25.25 1.88
CA ALA B 167 21.59 -24.71 3.16
C ALA B 167 20.76 -25.75 3.91
N SER B 168 20.85 -25.72 5.23
CA SER B 168 20.20 -26.72 6.06
C SER B 168 18.74 -26.38 6.27
N LEU B 169 17.90 -27.41 6.38
CA LEU B 169 16.49 -27.27 6.74
C LEU B 169 16.16 -28.10 7.98
N ASP B 170 17.14 -28.34 8.83
CA ASP B 170 16.94 -29.22 9.98
C ASP B 170 15.98 -28.63 11.00
N ASP B 171 15.78 -27.32 11.01
CA ASP B 171 14.94 -26.63 11.98
C ASP B 171 14.05 -25.61 11.29
N PHE B 172 13.37 -26.06 10.23
CA PHE B 172 12.55 -25.19 9.39
C PHE B 172 11.09 -25.28 9.80
N THR B 173 10.40 -24.14 9.70
CA THR B 173 8.94 -24.08 9.87
C THR B 173 8.32 -23.77 8.51
N PRO B 174 7.47 -24.64 7.96
CA PRO B 174 6.97 -24.41 6.59
C PRO B 174 6.21 -23.09 6.48
N SER B 175 6.32 -22.46 5.31
CA SER B 175 5.79 -21.12 5.12
C SER B 175 4.27 -21.10 5.15
N GLY B 176 3.62 -21.84 4.25
CA GLY B 176 2.19 -21.76 4.07
C GLY B 176 1.75 -20.99 2.85
N GLU B 177 2.63 -20.15 2.29
CA GLU B 177 2.40 -19.50 1.01
C GLU B 177 3.46 -19.83 -0.03
N TRP B 178 4.68 -20.11 0.37
CA TRP B 178 5.78 -20.40 -0.54
C TRP B 178 6.33 -21.78 -0.23
N ASP B 179 6.51 -22.58 -1.27
CA ASP B 179 7.10 -23.90 -1.14
C ASP B 179 8.60 -23.81 -1.43
N ILE B 180 9.39 -24.45 -0.60
CA ILE B 180 10.83 -24.50 -0.80
C ILE B 180 11.15 -25.59 -1.81
N VAL B 181 11.99 -25.26 -2.78
CA VAL B 181 12.40 -26.19 -3.83
C VAL B 181 13.86 -26.60 -3.67
N ALA B 182 14.77 -25.63 -3.65
CA ALA B 182 16.19 -25.92 -3.59
C ALA B 182 16.91 -24.75 -2.92
N LEU B 183 17.94 -25.09 -2.13
CA LEU B 183 18.78 -24.09 -1.46
C LEU B 183 20.25 -24.43 -1.63
N PRO B 184 20.77 -24.37 -2.85
CA PRO B 184 22.19 -24.65 -3.06
C PRO B 184 23.08 -23.44 -2.81
N GLY B 185 24.24 -23.69 -2.23
CA GLY B 185 25.25 -22.69 -2.00
C GLY B 185 26.41 -22.85 -2.95
N ARG B 186 27.10 -21.76 -3.24
CA ARG B 186 28.22 -21.78 -4.16
C ARG B 186 29.26 -20.76 -3.72
N ARG B 187 30.53 -21.09 -3.94
CA ARG B 187 31.65 -20.21 -3.65
C ARG B 187 32.16 -19.63 -4.96
N ASN B 188 32.17 -18.30 -5.04
CA ASN B 188 32.49 -17.61 -6.29
C ASN B 188 33.79 -16.84 -6.15
N GLU B 189 34.57 -16.80 -7.22
CA GLU B 189 35.75 -15.95 -7.33
C GLU B 189 35.67 -15.18 -8.63
N ASN B 190 36.39 -14.06 -8.70
CA ASN B 190 36.44 -13.27 -9.91
C ASN B 190 37.77 -13.51 -10.61
N PRO B 191 37.78 -14.08 -11.82
CA PRO B 191 39.07 -14.34 -12.48
C PRO B 191 39.84 -13.09 -12.88
N ASP B 192 39.21 -11.92 -12.89
CA ASP B 192 39.87 -10.68 -13.25
C ASP B 192 40.18 -9.79 -12.04
N ASP B 193 39.87 -10.24 -10.83
CA ASP B 193 40.10 -9.44 -9.62
C ASP B 193 41.18 -10.00 -8.73
N SER B 194 41.06 -11.25 -8.29
CA SER B 194 41.99 -11.97 -7.44
C SER B 194 41.85 -11.58 -5.96
N THR B 195 41.08 -10.54 -5.62
CA THR B 195 40.83 -10.18 -4.23
C THR B 195 39.37 -10.37 -3.84
N TYR B 196 38.55 -10.92 -4.73
CA TYR B 196 37.12 -11.05 -4.51
C TYR B 196 36.79 -12.50 -4.19
N VAL B 197 35.94 -12.70 -3.18
CA VAL B 197 35.40 -14.02 -2.87
C VAL B 197 34.10 -13.83 -2.10
N ASP B 198 33.09 -14.63 -2.44
CA ASP B 198 31.83 -14.58 -1.73
C ASP B 198 31.18 -15.96 -1.81
N ILE B 199 30.23 -16.18 -0.92
CA ILE B 199 29.41 -17.38 -0.91
C ILE B 199 27.96 -16.96 -1.12
N THR B 200 27.30 -17.56 -2.10
CA THR B 200 25.96 -17.18 -2.47
C THR B 200 25.03 -18.39 -2.37
N TYR B 201 23.83 -18.15 -1.87
CA TYR B 201 22.79 -19.16 -1.75
C TYR B 201 21.63 -18.76 -2.64
N ASP B 202 21.16 -19.69 -3.47
CA ASP B 202 19.96 -19.49 -4.28
C ASP B 202 18.79 -20.11 -3.54
N PHE B 203 17.74 -19.32 -3.30
CA PHE B 203 16.49 -19.85 -2.78
C PHE B 203 15.52 -19.93 -3.94
N ILE B 204 15.33 -21.13 -4.47
CA ILE B 204 14.29 -21.40 -5.45
C ILE B 204 13.02 -21.70 -4.65
N ILE B 205 12.00 -20.88 -4.82
CA ILE B 205 10.75 -21.02 -4.09
C ILE B 205 9.60 -21.04 -5.07
N ARG B 206 8.58 -21.83 -4.75
CA ARG B 206 7.44 -22.05 -5.62
C ARG B 206 6.19 -21.58 -4.88
N ARG B 207 5.41 -20.72 -5.51
CA ARG B 207 4.21 -20.19 -4.88
C ARG B 207 3.09 -21.21 -4.92
N LYS B 208 2.38 -21.36 -3.81
CA LYS B 208 1.18 -22.17 -3.75
C LYS B 208 0.02 -21.33 -4.27
N PRO B 209 -0.56 -21.65 -5.42
CA PRO B 209 -1.44 -20.69 -6.10
C PRO B 209 -2.91 -20.69 -5.69
N LEU B 210 -3.35 -21.59 -4.82
CA LEU B 210 -4.79 -21.72 -4.56
C LEU B 210 -5.39 -20.40 -4.09
N PHE B 211 -4.70 -19.70 -3.19
CA PHE B 211 -5.28 -18.47 -2.65
C PHE B 211 -5.56 -17.46 -3.75
N TYR B 212 -4.55 -17.14 -4.56
CA TYR B 212 -4.74 -16.11 -5.57
C TYR B 212 -5.60 -16.63 -6.71
N THR B 213 -5.58 -17.92 -6.99
CA THR B 213 -6.55 -18.48 -7.93
C THR B 213 -7.96 -18.14 -7.46
N ILE B 214 -8.35 -18.62 -6.29
CA ILE B 214 -9.70 -18.43 -5.77
C ILE B 214 -10.06 -16.96 -5.71
N ASN B 215 -9.13 -16.12 -5.25
CA ASN B 215 -9.47 -14.75 -4.92
C ASN B 215 -9.28 -13.75 -6.05
N LEU B 216 -8.54 -14.09 -7.11
CA LEU B 216 -8.32 -13.20 -8.24
C LEU B 216 -8.73 -13.80 -9.57
N ILE B 217 -8.28 -15.02 -9.87
CA ILE B 217 -8.41 -15.52 -11.24
C ILE B 217 -9.86 -15.84 -11.57
N ILE B 218 -10.54 -16.54 -10.67
CA ILE B 218 -11.93 -16.92 -10.93
C ILE B 218 -12.82 -15.70 -11.08
N PRO B 219 -12.78 -14.71 -10.19
CA PRO B 219 -13.55 -13.48 -10.44
C PRO B 219 -13.20 -12.79 -11.76
N CYS B 220 -11.92 -12.78 -12.14
CA CYS B 220 -11.54 -12.18 -13.41
C CYS B 220 -12.20 -12.90 -14.58
N VAL B 221 -12.19 -14.23 -14.56
CA VAL B 221 -12.82 -14.99 -15.64
C VAL B 221 -14.33 -14.75 -15.64
N LEU B 222 -14.95 -14.71 -14.46
CA LEU B 222 -16.39 -14.46 -14.39
C LEU B 222 -16.73 -13.12 -15.02
N ILE B 223 -15.95 -12.07 -14.72
CA ILE B 223 -16.24 -10.77 -15.28
C ILE B 223 -15.97 -10.75 -16.78
N THR B 224 -14.92 -11.42 -17.23
CA THR B 224 -14.62 -11.47 -18.65
C THR B 224 -15.73 -12.18 -19.42
N SER B 225 -16.33 -13.21 -18.82
CA SER B 225 -17.37 -13.96 -19.51
C SER B 225 -18.59 -13.12 -19.82
N LEU B 226 -18.80 -12.01 -19.11
CA LEU B 226 -19.92 -11.12 -19.38
C LEU B 226 -19.65 -10.14 -20.50
N ALA B 227 -18.43 -10.12 -21.03
CA ALA B 227 -18.08 -9.15 -22.06
C ALA B 227 -18.90 -9.36 -23.33
N ILE B 228 -19.33 -10.59 -23.60
CA ILE B 228 -20.01 -10.89 -24.85
C ILE B 228 -21.52 -10.70 -24.78
N LEU B 229 -22.11 -10.75 -23.58
CA LEU B 229 -23.55 -10.80 -23.46
C LEU B 229 -24.23 -9.59 -24.09
N VAL B 230 -23.51 -8.47 -24.21
CA VAL B 230 -24.14 -7.25 -24.68
C VAL B 230 -24.72 -7.42 -26.08
N PHE B 231 -24.17 -8.33 -26.87
CA PHE B 231 -24.62 -8.49 -28.25
C PHE B 231 -25.82 -9.41 -28.38
N TYR B 232 -26.15 -10.17 -27.34
CA TYR B 232 -27.39 -10.94 -27.30
C TYR B 232 -28.51 -10.23 -26.58
N LEU B 233 -28.27 -9.00 -26.13
CA LEU B 233 -29.26 -8.24 -25.38
C LEU B 233 -30.09 -7.41 -26.34
N PRO B 234 -31.42 -7.53 -26.36
CA PRO B 234 -32.22 -6.77 -27.33
C PRO B 234 -32.09 -5.27 -27.10
N SER B 235 -32.21 -4.51 -28.19
CA SER B 235 -32.11 -3.06 -28.11
C SER B 235 -33.32 -2.42 -27.46
N ASP B 236 -34.42 -3.15 -27.31
CA ASP B 236 -35.63 -2.58 -26.72
C ASP B 236 -35.58 -2.55 -25.20
N CYS B 237 -34.79 -3.43 -24.58
CA CYS B 237 -34.76 -3.47 -23.12
C CYS B 237 -34.15 -2.20 -22.53
N GLY B 238 -33.34 -1.49 -23.30
CA GLY B 238 -32.71 -0.27 -22.82
C GLY B 238 -31.71 -0.48 -21.70
N GLU B 239 -30.87 -1.51 -21.82
CA GLU B 239 -29.87 -1.82 -20.80
C GLU B 239 -28.52 -2.20 -21.36
N LYS B 240 -28.25 -2.00 -22.66
CA LYS B 240 -26.95 -2.36 -23.21
C LYS B 240 -25.85 -1.52 -22.60
N MET B 241 -26.08 -0.21 -22.47
CA MET B 241 -25.05 0.68 -21.95
C MET B 241 -24.69 0.32 -20.51
N THR B 242 -25.69 0.06 -19.69
CA THR B 242 -25.43 -0.33 -18.30
C THR B 242 -24.50 -1.53 -18.25
N LEU B 243 -24.81 -2.57 -19.02
CA LEU B 243 -24.03 -3.80 -18.97
C LEU B 243 -22.60 -3.55 -19.41
N CYS B 244 -22.40 -2.93 -20.59
CA CYS B 244 -21.04 -2.80 -21.10
C CYS B 244 -20.21 -1.85 -20.23
N ILE B 245 -20.80 -0.75 -19.75
CA ILE B 245 -20.03 0.17 -18.91
C ILE B 245 -19.67 -0.48 -17.59
N SER B 246 -20.58 -1.25 -16.99
CA SER B 246 -20.27 -1.93 -15.74
C SER B 246 -19.14 -2.94 -15.93
N VAL B 247 -19.16 -3.68 -17.04
CA VAL B 247 -18.08 -4.63 -17.28
C VAL B 247 -16.74 -3.88 -17.42
N LEU B 248 -16.73 -2.77 -18.15
CA LEU B 248 -15.48 -2.02 -18.31
C LEU B 248 -14.98 -1.51 -16.96
N LEU B 249 -15.89 -0.99 -16.12
CA LEU B 249 -15.51 -0.56 -14.77
C LEU B 249 -14.86 -1.68 -13.99
N ALA B 250 -15.51 -2.85 -13.94
CA ALA B 250 -14.97 -3.95 -13.16
C ALA B 250 -13.58 -4.37 -13.67
N LEU B 251 -13.42 -4.42 -14.99
CA LEU B 251 -12.12 -4.79 -15.55
C LEU B 251 -11.04 -3.79 -15.17
N THR B 252 -11.34 -2.49 -15.24
CA THR B 252 -10.37 -1.49 -14.86
C THR B 252 -9.97 -1.63 -13.39
N VAL B 253 -10.96 -1.87 -12.53
CA VAL B 253 -10.67 -2.03 -11.10
C VAL B 253 -9.76 -3.23 -10.87
N PHE B 254 -10.06 -4.36 -11.51
CA PHE B 254 -9.23 -5.54 -11.30
C PHE B 254 -7.82 -5.34 -11.83
N LEU B 255 -7.67 -4.65 -12.96
CA LEU B 255 -6.34 -4.34 -13.45
C LEU B 255 -5.57 -3.53 -12.42
N LEU B 256 -6.19 -2.49 -11.87
CA LEU B 256 -5.47 -1.64 -10.93
C LEU B 256 -5.08 -2.42 -9.67
N LEU B 257 -5.98 -3.26 -9.17
CA LEU B 257 -5.64 -4.05 -7.97
C LEU B 257 -4.48 -4.99 -8.25
N ILE B 258 -4.55 -5.73 -9.36
CA ILE B 258 -3.48 -6.68 -9.68
C ILE B 258 -2.15 -5.94 -9.84
N SER B 259 -2.16 -4.78 -10.50
CA SER B 259 -0.94 -4.00 -10.62
C SER B 259 -0.43 -3.57 -9.26
N LYS B 260 -1.28 -3.18 -8.29
CA LYS B 260 -0.83 -2.88 -6.92
C LYS B 260 -0.15 -4.10 -6.31
N ILE B 261 -0.70 -5.28 -6.52
CA ILE B 261 -0.13 -6.49 -5.92
C ILE B 261 1.19 -6.84 -6.59
N VAL B 262 1.15 -7.12 -7.89
CA VAL B 262 2.30 -7.65 -8.62
C VAL B 262 2.65 -6.69 -9.76
N PRO B 263 3.55 -5.73 -9.53
CA PRO B 263 3.74 -4.64 -10.51
C PRO B 263 4.27 -5.17 -11.85
N PRO B 264 3.70 -4.71 -12.97
CA PRO B 264 4.29 -4.98 -14.28
C PRO B 264 5.45 -4.04 -14.56
N THR B 265 6.66 -4.57 -14.52
CA THR B 265 7.86 -3.80 -14.84
C THR B 265 8.17 -3.96 -16.32
N SER B 266 9.25 -3.30 -16.75
CA SER B 266 9.57 -3.26 -18.18
C SER B 266 9.83 -4.66 -18.72
N LEU B 267 10.61 -5.48 -18.01
CA LEU B 267 11.07 -6.73 -18.59
C LEU B 267 9.91 -7.68 -18.87
N ASP B 268 8.94 -7.76 -17.97
CA ASP B 268 7.83 -8.69 -18.16
C ASP B 268 6.55 -8.12 -17.56
N VAL B 269 5.44 -8.41 -18.24
CA VAL B 269 4.12 -8.02 -17.79
C VAL B 269 3.37 -9.28 -17.38
N PRO B 270 2.66 -9.30 -16.23
CA PRO B 270 1.89 -10.50 -15.87
C PRO B 270 0.88 -10.83 -16.95
N LEU B 271 0.72 -12.13 -17.21
CA LEU B 271 -0.20 -12.56 -18.26
C LEU B 271 -1.65 -12.27 -17.87
N VAL B 272 -1.96 -12.30 -16.57
CA VAL B 272 -3.30 -11.95 -16.12
C VAL B 272 -3.59 -10.48 -16.43
N GLY B 273 -2.62 -9.61 -16.18
CA GLY B 273 -2.79 -8.21 -16.55
C GLY B 273 -2.92 -8.03 -18.06
N LYS B 274 -2.16 -8.80 -18.83
CA LYS B 274 -2.26 -8.73 -20.28
C LYS B 274 -3.65 -9.12 -20.76
N TYR B 275 -4.19 -10.20 -20.20
CA TYR B 275 -5.55 -10.61 -20.50
C TYR B 275 -6.55 -9.52 -20.15
N LEU B 276 -6.38 -8.89 -18.99
CA LEU B 276 -7.30 -7.85 -18.57
C LEU B 276 -7.26 -6.66 -19.52
N MET B 277 -6.06 -6.25 -19.95
CA MET B 277 -5.91 -5.17 -20.93
C MET B 277 -6.63 -5.50 -22.23
N PHE B 278 -6.36 -6.72 -22.74
CA PHE B 278 -6.97 -7.12 -24.00
C PHE B 278 -8.48 -7.07 -23.91
N THR B 279 -9.04 -7.58 -22.80
CA THR B 279 -10.49 -7.58 -22.63
C THR B 279 -11.04 -6.16 -22.48
N MET B 280 -10.31 -5.26 -21.82
CA MET B 280 -10.81 -3.89 -21.74
C MET B 280 -10.85 -3.24 -23.12
N VAL B 281 -9.84 -3.49 -23.95
CA VAL B 281 -9.89 -2.97 -25.32
C VAL B 281 -11.11 -3.52 -26.05
N LEU B 282 -11.34 -4.83 -25.92
CA LEU B 282 -12.51 -5.42 -26.57
C LEU B 282 -13.81 -4.80 -26.08
N VAL B 283 -13.92 -4.57 -24.78
CA VAL B 283 -15.16 -4.05 -24.22
C VAL B 283 -15.39 -2.62 -24.65
N THR B 284 -14.31 -1.83 -24.76
CA THR B 284 -14.45 -0.47 -25.30
C THR B 284 -14.98 -0.52 -26.72
N PHE B 285 -14.42 -1.42 -27.54
CA PHE B 285 -14.93 -1.60 -28.90
C PHE B 285 -16.41 -1.99 -28.87
N SER B 286 -16.80 -2.85 -27.93
CA SER B 286 -18.18 -3.27 -27.85
C SER B 286 -19.10 -2.11 -27.48
N ILE B 287 -18.63 -1.21 -26.62
CA ILE B 287 -19.43 -0.03 -26.27
C ILE B 287 -19.65 0.83 -27.50
N VAL B 288 -18.59 1.04 -28.28
CA VAL B 288 -18.73 1.82 -29.51
C VAL B 288 -19.72 1.15 -30.46
N THR B 289 -19.59 -0.16 -30.63
CA THR B 289 -20.47 -0.89 -31.52
C THR B 289 -21.91 -0.87 -31.02
N SER B 290 -22.11 -0.88 -29.71
CA SER B 290 -23.46 -0.86 -29.16
C SER B 290 -24.11 0.49 -29.36
N VAL B 291 -23.32 1.57 -29.25
CA VAL B 291 -23.86 2.89 -29.60
C VAL B 291 -24.31 2.89 -31.05
N CYS B 292 -23.49 2.35 -31.95
CA CYS B 292 -23.88 2.32 -33.36
C CYS B 292 -25.12 1.47 -33.60
N VAL B 293 -25.20 0.32 -32.95
CA VAL B 293 -26.35 -0.58 -33.10
C VAL B 293 -27.62 0.08 -32.58
N LEU B 294 -27.54 0.75 -31.44
CA LEU B 294 -28.71 1.46 -30.91
C LEU B 294 -29.13 2.56 -31.86
N ASN B 295 -28.17 3.30 -32.42
CA ASN B 295 -28.52 4.33 -33.38
C ASN B 295 -29.27 3.75 -34.57
N VAL B 296 -28.80 2.61 -35.08
CA VAL B 296 -29.47 1.97 -36.21
C VAL B 296 -30.86 1.50 -35.82
N HIS B 297 -31.03 1.01 -34.58
CA HIS B 297 -32.30 0.43 -34.17
C HIS B 297 -33.42 1.47 -34.17
N HIS B 298 -33.12 2.70 -33.78
CA HIS B 298 -34.15 3.74 -33.59
C HIS B 298 -34.24 4.63 -34.83
N ARG B 299 -34.49 4.01 -35.97
CA ARG B 299 -34.59 4.72 -37.24
C ARG B 299 -35.97 4.50 -37.83
N SER B 300 -36.56 5.54 -38.37
CA SER B 300 -37.90 5.51 -38.94
C SER B 300 -37.90 6.27 -40.24
N PRO B 301 -38.91 6.05 -41.10
CA PRO B 301 -38.96 6.80 -42.37
C PRO B 301 -39.01 8.30 -42.17
N THR B 302 -39.61 8.76 -41.07
CA THR B 302 -39.73 10.19 -40.85
C THR B 302 -38.39 10.89 -40.76
N THR B 303 -37.31 10.16 -40.50
CA THR B 303 -36.00 10.76 -40.33
C THR B 303 -34.90 10.11 -41.17
N HIS B 304 -35.07 8.86 -41.61
CA HIS B 304 -34.04 8.16 -42.37
C HIS B 304 -34.67 7.45 -43.55
N THR B 305 -33.87 7.24 -44.59
CA THR B 305 -34.27 6.44 -45.73
C THR B 305 -33.25 5.32 -45.91
N MET B 306 -33.74 4.09 -46.07
CA MET B 306 -32.86 2.93 -46.16
C MET B 306 -32.32 2.82 -47.57
N ALA B 307 -31.00 2.84 -47.71
CA ALA B 307 -30.40 2.72 -49.02
C ALA B 307 -30.60 1.32 -49.58
N PRO B 308 -30.73 1.17 -50.90
CA PRO B 308 -30.93 -0.18 -51.45
C PRO B 308 -29.85 -1.17 -51.09
N TRP B 309 -28.59 -0.73 -51.03
CA TRP B 309 -27.51 -1.64 -50.67
C TRP B 309 -27.70 -2.17 -49.26
N VAL B 310 -28.19 -1.32 -48.35
CA VAL B 310 -28.48 -1.76 -46.99
C VAL B 310 -29.47 -2.92 -47.03
N LYS B 311 -30.54 -2.77 -47.81
CA LYS B 311 -31.50 -3.86 -47.96
C LYS B 311 -30.81 -5.12 -48.46
N VAL B 312 -30.24 -5.06 -49.66
CA VAL B 312 -29.74 -6.27 -50.30
C VAL B 312 -28.72 -6.98 -49.42
N VAL B 313 -27.92 -6.21 -48.67
CA VAL B 313 -26.94 -6.83 -47.81
C VAL B 313 -27.61 -7.38 -46.55
N PHE B 314 -28.14 -6.47 -45.72
CA PHE B 314 -28.48 -6.79 -44.34
C PHE B 314 -29.79 -7.55 -44.19
N LEU B 315 -30.65 -7.59 -45.20
CA LEU B 315 -31.89 -8.35 -45.09
C LEU B 315 -31.91 -9.61 -45.94
N GLU B 316 -30.96 -9.77 -46.86
CA GLU B 316 -30.88 -10.98 -47.69
C GLU B 316 -29.59 -11.76 -47.45
N LYS B 317 -28.42 -11.16 -47.65
CA LYS B 317 -27.20 -11.96 -47.71
C LYS B 317 -26.69 -12.32 -46.32
N LEU B 318 -26.32 -11.30 -45.55
CA LEU B 318 -25.70 -11.56 -44.25
C LEU B 318 -26.60 -12.39 -43.33
N PRO B 319 -27.91 -12.15 -43.26
CA PRO B 319 -28.75 -13.01 -42.41
C PRO B 319 -28.62 -14.48 -42.75
N ALA B 320 -28.54 -14.83 -44.03
CA ALA B 320 -28.41 -16.23 -44.41
C ALA B 320 -27.08 -16.80 -43.95
N LEU B 321 -26.00 -16.04 -44.09
CA LEU B 321 -24.70 -16.51 -43.61
C LEU B 321 -24.74 -16.82 -42.12
N LEU B 322 -25.59 -16.11 -41.37
CA LEU B 322 -25.64 -16.24 -39.92
C LEU B 322 -26.75 -17.16 -39.45
N PHE B 323 -27.45 -17.82 -40.37
CA PHE B 323 -28.51 -18.77 -40.00
C PHE B 323 -29.62 -18.08 -39.21
N MET B 324 -30.06 -16.91 -39.68
CA MET B 324 -31.10 -16.18 -38.99
C MET B 324 -32.48 -16.41 -39.61
N GLN B 325 -32.57 -16.48 -40.94
CA GLN B 325 -33.78 -16.93 -41.62
C GLN B 325 -34.99 -16.08 -41.20
N GLN B 326 -34.97 -14.83 -41.67
CA GLN B 326 -36.04 -13.90 -41.35
C GLN B 326 -37.39 -14.52 -41.69
N PRO B 327 -38.37 -14.48 -40.78
CA PRO B 327 -39.69 -15.05 -41.12
C PRO B 327 -40.32 -14.40 -42.33
N ARG B 328 -40.19 -13.09 -42.47
CA ARG B 328 -40.71 -12.36 -43.63
C ARG B 328 -42.15 -12.77 -43.91
N HIS B 329 -42.96 -12.85 -42.86
CA HIS B 329 -44.36 -13.23 -43.04
C HIS B 329 -45.10 -12.19 -43.87
N HIS B 330 -44.83 -10.90 -43.65
CA HIS B 330 -45.24 -9.87 -44.59
C HIS B 330 -44.02 -9.40 -45.37
N GLY B 396 -77.47 12.21 -49.64
CA GLY B 396 -76.82 13.14 -50.54
C GLY B 396 -75.40 13.50 -50.12
N CYS B 397 -75.25 14.72 -49.59
CA CYS B 397 -73.93 15.16 -49.14
C CYS B 397 -73.44 14.28 -47.98
N GLY B 398 -74.34 13.82 -47.14
CA GLY B 398 -73.93 12.95 -46.04
C GLY B 398 -73.25 11.69 -46.53
N LEU B 399 -73.80 11.06 -47.58
CA LEU B 399 -73.19 9.85 -48.10
C LEU B 399 -71.79 10.12 -48.65
N ARG B 400 -71.64 11.22 -49.40
CA ARG B 400 -70.34 11.54 -49.97
C ARG B 400 -69.32 11.83 -48.88
N GLU B 401 -69.75 12.54 -47.84
CA GLU B 401 -68.85 12.79 -46.71
C GLU B 401 -68.46 11.50 -46.01
N ALA B 402 -69.42 10.59 -45.80
CA ALA B 402 -69.10 9.34 -45.13
C ALA B 402 -68.12 8.51 -45.95
N VAL B 403 -68.34 8.44 -47.26
CA VAL B 403 -67.42 7.68 -48.12
C VAL B 403 -66.04 8.30 -48.10
N ASP B 404 -65.95 9.63 -48.19
CA ASP B 404 -64.65 10.27 -48.18
C ASP B 404 -63.94 10.03 -46.85
N GLY B 405 -64.66 10.10 -45.74
CA GLY B 405 -64.05 9.84 -44.46
C GLY B 405 -63.55 8.40 -44.33
N VAL B 406 -64.35 7.44 -44.79
CA VAL B 406 -63.91 6.05 -44.77
C VAL B 406 -62.66 5.87 -45.61
N ARG B 407 -62.63 6.49 -46.78
CA ARG B 407 -61.44 6.40 -47.63
C ARG B 407 -60.22 7.00 -46.95
N PHE B 408 -60.39 8.15 -46.28
CA PHE B 408 -59.26 8.78 -45.60
C PHE B 408 -58.75 7.91 -44.47
N ILE B 409 -59.66 7.28 -43.73
CA ILE B 409 -59.26 6.36 -42.66
C ILE B 409 -58.47 5.20 -43.24
N ALA B 410 -58.92 4.66 -44.37
CA ALA B 410 -58.19 3.56 -45.00
C ALA B 410 -56.79 4.00 -45.41
N ASP B 411 -56.67 5.18 -46.00
CA ASP B 411 -55.35 5.67 -46.44
C ASP B 411 -54.43 5.88 -45.24
N HIS B 412 -54.96 6.45 -44.16
CA HIS B 412 -54.18 6.61 -42.94
C HIS B 412 -53.67 5.27 -42.44
N MET B 413 -54.52 4.25 -42.44
CA MET B 413 -54.10 2.95 -41.92
C MET B 413 -53.02 2.33 -42.81
N ARG B 414 -53.15 2.48 -44.13
CA ARG B 414 -52.11 1.96 -45.03
C ARG B 414 -50.78 2.67 -44.79
N SER B 415 -50.82 4.00 -44.63
CA SER B 415 -49.59 4.73 -44.36
C SER B 415 -48.95 4.26 -43.05
N GLU B 416 -49.78 4.05 -42.04
CA GLU B 416 -49.28 3.56 -40.76
C GLU B 416 -48.61 2.21 -40.92
N ASP B 417 -49.22 1.31 -41.68
CA ASP B 417 -48.60 0.01 -41.92
C ASP B 417 -47.25 0.16 -42.61
N ASP B 418 -47.17 1.04 -43.62
CA ASP B 418 -45.92 1.21 -44.33
C ASP B 418 -44.82 1.70 -43.40
N ASP B 419 -45.13 2.71 -42.59
CA ASP B 419 -44.14 3.24 -41.66
C ASP B 419 -43.71 2.18 -40.64
N GLN B 420 -44.66 1.42 -40.11
CA GLN B 420 -44.31 0.37 -39.16
C GLN B 420 -43.42 -0.68 -39.82
N SER B 421 -43.68 -1.01 -41.07
CA SER B 421 -42.86 -1.99 -41.78
C SER B 421 -41.43 -1.49 -41.93
N VAL B 422 -41.25 -0.22 -42.25
CA VAL B 422 -39.89 0.29 -42.41
C VAL B 422 -39.16 0.33 -41.06
N SER B 423 -39.86 0.75 -40.01
CA SER B 423 -39.25 0.72 -38.67
C SER B 423 -38.80 -0.69 -38.31
N GLU B 424 -39.63 -1.69 -38.62
CA GLU B 424 -39.28 -3.06 -38.28
C GLU B 424 -38.12 -3.56 -39.13
N ASP B 425 -38.00 -3.08 -40.37
CA ASP B 425 -36.81 -3.39 -41.16
C ASP B 425 -35.55 -2.85 -40.47
N TRP B 426 -35.61 -1.63 -39.96
CA TRP B 426 -34.44 -1.07 -39.29
C TRP B 426 -34.09 -1.89 -38.05
N LYS B 427 -35.12 -2.28 -37.29
CA LYS B 427 -34.88 -3.14 -36.13
C LYS B 427 -34.19 -4.44 -36.53
N TYR B 428 -34.64 -5.04 -37.64
CA TYR B 428 -34.03 -6.28 -38.08
C TYR B 428 -32.58 -6.07 -38.50
N VAL B 429 -32.28 -4.93 -39.13
CA VAL B 429 -30.90 -4.63 -39.51
C VAL B 429 -30.02 -4.56 -38.27
N ALA B 430 -30.50 -3.87 -37.23
CA ALA B 430 -29.72 -3.78 -35.99
C ALA B 430 -29.50 -5.16 -35.39
N MET B 431 -30.54 -6.01 -35.41
CA MET B 431 -30.39 -7.37 -34.90
C MET B 431 -29.33 -8.15 -35.68
N VAL B 432 -29.32 -7.99 -37.00
CA VAL B 432 -28.32 -8.70 -37.80
C VAL B 432 -26.91 -8.22 -37.44
N ILE B 433 -26.74 -6.91 -37.29
CA ILE B 433 -25.40 -6.38 -37.01
C ILE B 433 -24.89 -6.90 -35.67
N ASP B 434 -25.72 -6.83 -34.62
CA ASP B 434 -25.21 -7.28 -33.34
C ASP B 434 -25.08 -8.80 -33.27
N ARG B 435 -25.82 -9.56 -34.09
CA ARG B 435 -25.57 -10.99 -34.18
C ARG B 435 -24.20 -11.26 -34.80
N LEU B 436 -23.86 -10.55 -35.87
CA LEU B 436 -22.54 -10.72 -36.47
C LEU B 436 -21.44 -10.45 -35.44
N PHE B 437 -21.58 -9.35 -34.70
CA PHE B 437 -20.56 -9.05 -33.70
C PHE B 437 -20.57 -10.05 -32.54
N LEU B 438 -21.73 -10.63 -32.23
CA LEU B 438 -21.76 -11.69 -31.23
C LEU B 438 -20.92 -12.88 -31.68
N TRP B 439 -21.06 -13.27 -32.95
CA TRP B 439 -20.21 -14.33 -33.49
C TRP B 439 -18.74 -13.99 -33.34
N ILE B 440 -18.36 -12.79 -33.77
CA ILE B 440 -16.95 -12.39 -33.75
C ILE B 440 -16.41 -12.42 -32.32
N PHE B 441 -17.17 -11.86 -31.39
CA PHE B 441 -16.69 -11.76 -30.01
C PHE B 441 -16.63 -13.12 -29.33
N VAL B 442 -17.57 -14.02 -29.64
CA VAL B 442 -17.47 -15.37 -29.09
C VAL B 442 -16.21 -16.03 -29.61
N PHE B 443 -15.90 -15.85 -30.89
CA PHE B 443 -14.66 -16.42 -31.42
C PHE B 443 -13.45 -15.88 -30.68
N VAL B 444 -13.38 -14.56 -30.50
CA VAL B 444 -12.20 -13.97 -29.88
C VAL B 444 -12.10 -14.36 -28.41
N CYS B 445 -13.23 -14.45 -27.71
CA CYS B 445 -13.23 -14.90 -26.33
C CYS B 445 -12.78 -16.36 -26.21
N VAL B 446 -13.19 -17.21 -27.16
CA VAL B 446 -12.72 -18.59 -27.16
C VAL B 446 -11.21 -18.62 -27.36
N PHE B 447 -10.70 -17.85 -28.32
CA PHE B 447 -9.26 -17.79 -28.53
C PHE B 447 -8.54 -17.24 -27.31
N GLY B 448 -9.22 -16.41 -26.52
CA GLY B 448 -8.62 -15.88 -25.31
C GLY B 448 -8.15 -16.97 -24.37
N THR B 449 -8.78 -18.14 -24.43
CA THR B 449 -8.29 -19.28 -23.66
C THR B 449 -6.86 -19.63 -24.05
N THR C 1 49.26 -11.03 13.86
CA THR C 1 50.70 -11.22 14.10
C THR C 1 51.21 -10.37 15.25
N ASP C 2 52.36 -10.76 15.80
CA ASP C 2 53.03 -9.89 16.77
C ASP C 2 53.49 -8.60 16.11
N THR C 3 53.98 -8.69 14.87
CA THR C 3 54.49 -7.50 14.19
C THR C 3 53.38 -6.53 13.85
N GLU C 4 52.25 -7.02 13.34
CA GLU C 4 51.14 -6.12 13.03
C GLU C 4 50.61 -5.45 14.29
N GLU C 5 50.51 -6.21 15.38
CA GLU C 5 50.04 -5.63 16.63
C GLU C 5 51.02 -4.58 17.14
N ARG C 6 52.32 -4.84 17.03
CA ARG C 6 53.31 -3.86 17.44
C ARG C 6 53.21 -2.60 16.60
N LEU C 7 53.03 -2.76 15.29
CA LEU C 7 52.91 -1.60 14.42
C LEU C 7 51.67 -0.77 14.76
N VAL C 8 50.54 -1.44 15.01
CA VAL C 8 49.32 -0.71 15.34
C VAL C 8 49.47 0.00 16.68
N GLU C 9 50.07 -0.67 17.66
CA GLU C 9 50.26 -0.03 18.96
C GLU C 9 51.31 1.08 18.90
N HIS C 10 52.15 1.07 17.87
CA HIS C 10 53.12 2.16 17.71
C HIS C 10 52.49 3.36 16.99
N LEU C 11 51.65 3.11 15.98
CA LEU C 11 51.07 4.21 15.22
C LEU C 11 50.11 5.03 16.07
N LEU C 12 49.23 4.37 16.80
CA LEU C 12 48.16 5.02 17.54
C LEU C 12 48.55 5.36 18.97
N ASP C 13 49.83 5.26 19.31
CA ASP C 13 50.28 5.60 20.65
C ASP C 13 49.69 6.95 21.05
N PRO C 14 48.75 7.00 21.98
CA PRO C 14 48.13 8.30 22.30
C PRO C 14 49.13 9.31 22.82
N SER C 15 50.28 8.86 23.30
CA SER C 15 51.31 9.75 23.79
C SER C 15 51.94 10.59 22.67
N ARG C 16 51.79 10.19 21.40
CA ARG C 16 52.34 10.99 20.31
C ARG C 16 51.42 11.08 19.10
N TYR C 17 50.14 10.76 19.25
CA TYR C 17 49.18 10.95 18.16
C TYR C 17 47.80 11.15 18.76
N ASN C 18 47.20 12.31 18.54
CA ASN C 18 45.81 12.53 18.91
C ASN C 18 45.01 12.91 17.67
N LYS C 19 43.79 12.39 17.59
CA LYS C 19 42.94 12.54 16.43
C LYS C 19 42.21 13.86 16.37
N LEU C 20 42.36 14.72 17.38
CA LEU C 20 41.70 16.02 17.36
C LEU C 20 42.49 17.09 16.61
N ILE C 21 43.68 16.77 16.13
CA ILE C 21 44.56 17.73 15.48
C ILE C 21 44.61 17.41 14.00
N ARG C 22 44.39 18.42 13.17
CA ARG C 22 44.48 18.26 11.73
C ARG C 22 45.91 17.94 11.32
N PRO C 23 46.13 16.99 10.40
CA PRO C 23 47.52 16.72 9.96
C PRO C 23 48.03 17.78 8.99
N ALA C 24 48.39 18.94 9.53
CA ALA C 24 48.90 20.07 8.75
C ALA C 24 50.26 20.48 9.30
N THR C 25 51.23 20.61 8.40
CA THR C 25 52.55 21.12 8.73
C THR C 25 52.76 22.46 8.03
N ASN C 26 53.98 22.98 8.10
CA ASN C 26 54.39 24.14 7.31
C ASN C 26 53.46 25.33 7.55
N GLY C 27 53.05 25.49 8.81
CA GLY C 27 52.21 26.63 9.16
C GLY C 27 50.74 26.39 8.87
N SER C 28 50.25 26.97 7.77
CA SER C 28 48.84 26.93 7.41
C SER C 28 48.60 26.17 6.11
N GLU C 29 49.27 25.03 5.93
CA GLU C 29 48.92 24.16 4.82
C GLU C 29 47.57 23.51 5.08
N LEU C 30 46.91 23.09 4.01
CA LEU C 30 45.60 22.49 4.10
C LEU C 30 45.65 21.03 3.65
N VAL C 31 44.89 20.19 4.35
CA VAL C 31 44.78 18.78 4.02
C VAL C 31 43.89 18.64 2.79
N THR C 32 44.40 17.97 1.77
CA THR C 32 43.64 17.70 0.56
C THR C 32 42.94 16.36 0.70
N VAL C 33 41.64 16.35 0.44
CA VAL C 33 40.82 15.14 0.52
C VAL C 33 40.28 14.83 -0.87
N GLN C 34 40.48 13.58 -1.30
CA GLN C 34 39.98 13.13 -2.60
C GLN C 34 38.69 12.36 -2.38
N LEU C 35 37.62 12.80 -3.02
CA LEU C 35 36.30 12.22 -2.84
C LEU C 35 35.86 11.51 -4.12
N MET C 36 35.23 10.35 -3.96
CA MET C 36 34.71 9.62 -5.10
C MET C 36 33.53 8.78 -4.62
N VAL C 37 32.35 9.08 -5.13
CA VAL C 37 31.13 8.36 -4.78
C VAL C 37 30.96 7.22 -5.76
N SER C 38 30.69 6.03 -5.24
CA SER C 38 30.39 4.86 -6.06
C SER C 38 29.04 4.32 -5.63
N LEU C 39 28.10 4.28 -6.57
CA LEU C 39 26.72 3.96 -6.29
C LEU C 39 26.54 2.45 -6.23
N ALA C 40 26.00 1.95 -5.12
CA ALA C 40 25.74 0.53 -4.98
C ALA C 40 24.38 0.16 -5.56
N GLN C 41 23.33 0.90 -5.20
CA GLN C 41 22.05 0.74 -5.86
C GLN C 41 21.15 1.93 -5.55
N LEU C 42 20.33 2.28 -6.53
CA LEU C 42 19.27 3.29 -6.35
C LEU C 42 18.09 2.58 -5.72
N ILE C 43 17.92 2.75 -4.40
CA ILE C 43 16.88 2.00 -3.70
C ILE C 43 15.50 2.42 -4.16
N SER C 44 15.23 3.72 -4.19
CA SER C 44 13.90 4.20 -4.54
C SER C 44 13.94 5.69 -4.83
N VAL C 45 12.96 6.13 -5.61
CA VAL C 45 12.66 7.54 -5.77
C VAL C 45 11.20 7.72 -5.38
N HIS C 46 10.97 8.41 -4.28
CA HIS C 46 9.63 8.65 -3.76
C HIS C 46 9.16 10.00 -4.27
N GLU C 47 8.42 10.00 -5.37
CA GLU C 47 8.01 11.26 -6.00
C GLU C 47 7.12 12.08 -5.09
N ARG C 48 6.31 11.43 -4.27
CA ARG C 48 5.32 12.15 -3.47
C ARG C 48 5.97 13.18 -2.54
N GLU C 49 7.00 12.78 -1.81
CA GLU C 49 7.69 13.71 -0.92
C GLU C 49 9.08 14.10 -1.40
N GLN C 50 9.45 13.72 -2.62
CA GLN C 50 10.65 14.25 -3.27
C GLN C 50 11.92 13.88 -2.53
N ILE C 51 12.12 12.57 -2.35
CA ILE C 51 13.27 12.02 -1.66
C ILE C 51 13.84 10.88 -2.51
N MET C 52 15.16 10.88 -2.69
CA MET C 52 15.87 9.80 -3.35
C MET C 52 16.67 9.04 -2.31
N THR C 53 16.53 7.71 -2.31
CA THR C 53 17.26 6.83 -1.41
C THR C 53 18.31 6.06 -2.21
N THR C 54 19.57 6.16 -1.79
CA THR C 54 20.66 5.50 -2.47
C THR C 54 21.52 4.75 -1.47
N ASN C 55 22.19 3.71 -1.95
CA ASN C 55 23.23 3.03 -1.21
C ASN C 55 24.55 3.33 -1.91
N VAL C 56 25.47 3.99 -1.20
CA VAL C 56 26.72 4.44 -1.79
C VAL C 56 27.88 4.02 -0.91
N TRP C 57 29.08 4.08 -1.49
CA TRP C 57 30.34 4.02 -0.76
C TRP C 57 31.02 5.37 -0.94
N LEU C 58 31.30 6.06 0.16
CA LEU C 58 31.92 7.38 0.09
C LEU C 58 33.43 7.19 0.21
N THR C 59 34.07 6.99 -0.93
CA THR C 59 35.51 6.81 -0.96
C THR C 59 36.21 8.12 -0.61
N GLN C 60 37.13 8.06 0.34
CA GLN C 60 37.84 9.23 0.83
C GLN C 60 39.32 8.92 0.95
N GLU C 61 40.17 9.88 0.58
CA GLU C 61 41.61 9.67 0.59
C GLU C 61 42.33 10.95 0.98
N TRP C 62 43.31 10.83 1.85
CA TRP C 62 44.11 11.97 2.28
C TRP C 62 45.42 11.45 2.84
N GLU C 63 46.31 12.40 3.18
CA GLU C 63 47.62 12.08 3.72
C GLU C 63 47.68 12.52 5.18
N ASP C 64 48.12 11.62 6.05
CA ASP C 64 48.39 11.92 7.45
C ASP C 64 49.86 11.62 7.71
N TYR C 65 50.69 12.66 7.69
CA TYR C 65 52.14 12.47 7.81
C TYR C 65 52.54 11.82 9.14
N ARG C 66 51.66 11.86 10.14
CA ARG C 66 51.98 11.30 11.45
C ARG C 66 51.79 9.79 11.50
N LEU C 67 51.31 9.17 10.43
CA LEU C 67 51.03 7.74 10.40
C LEU C 67 51.96 7.02 9.41
N THR C 68 53.24 7.35 9.45
CA THR C 68 54.24 6.75 8.59
C THR C 68 55.07 5.73 9.37
N TRP C 69 55.72 4.83 8.64
CA TRP C 69 56.64 3.87 9.25
C TRP C 69 57.57 3.33 8.17
N LYS C 70 58.72 2.83 8.63
CA LYS C 70 59.68 2.18 7.74
C LYS C 70 59.33 0.70 7.62
N PRO C 71 59.00 0.19 6.43
CA PRO C 71 58.55 -1.20 6.34
C PRO C 71 59.56 -2.21 6.84
N GLU C 72 60.87 -1.97 6.64
CA GLU C 72 61.85 -2.96 7.01
C GLU C 72 61.90 -3.18 8.52
N GLU C 73 61.62 -2.14 9.31
CA GLU C 73 61.58 -2.28 10.75
C GLU C 73 60.34 -3.03 11.23
N PHE C 74 59.34 -3.22 10.37
CA PHE C 74 58.11 -3.90 10.74
C PHE C 74 57.84 -5.07 9.80
N ASP C 75 58.89 -5.81 9.46
CA ASP C 75 58.77 -7.08 8.74
C ASP C 75 58.18 -6.84 7.35
N ASN C 76 58.56 -5.73 6.73
CA ASN C 76 58.19 -5.39 5.36
C ASN C 76 56.68 -5.29 5.18
N MET C 77 55.98 -4.81 6.22
CA MET C 77 54.56 -4.50 6.07
C MET C 77 54.38 -3.20 5.31
N LYS C 78 53.49 -3.22 4.31
CA LYS C 78 53.26 -2.08 3.46
C LYS C 78 52.00 -1.31 3.80
N LYS C 79 51.05 -1.92 4.49
CA LYS C 79 49.84 -1.23 4.92
C LYS C 79 49.16 -2.02 6.02
N VAL C 80 48.45 -1.30 6.87
CA VAL C 80 47.67 -1.88 7.97
C VAL C 80 46.29 -1.25 7.97
N ARG C 81 45.37 -1.90 8.68
CA ARG C 81 44.02 -1.38 8.88
C ARG C 81 43.94 -0.78 10.28
N LEU C 82 43.53 0.48 10.37
CA LEU C 82 43.30 1.13 11.64
C LEU C 82 41.85 1.52 11.78
N PRO C 83 41.27 1.43 12.98
CA PRO C 83 39.87 1.84 13.14
C PRO C 83 39.70 3.32 12.87
N SER C 84 38.74 3.65 11.99
CA SER C 84 38.55 5.05 11.61
C SER C 84 38.18 5.91 12.82
N LYS C 85 37.62 5.30 13.86
CA LYS C 85 37.24 6.07 15.04
C LYS C 85 38.48 6.57 15.80
N HIS C 86 39.63 5.98 15.56
CA HIS C 86 40.84 6.30 16.30
C HIS C 86 41.81 7.20 15.55
N ILE C 87 41.48 7.64 14.33
CA ILE C 87 42.35 8.53 13.57
C ILE C 87 41.57 9.78 13.20
N TRP C 88 42.31 10.82 12.83
CA TRP C 88 41.68 12.04 12.38
C TRP C 88 40.94 11.80 11.08
N LEU C 89 39.67 12.20 11.02
CA LEU C 89 38.86 12.04 9.84
C LEU C 89 38.41 13.40 9.35
N PRO C 90 38.27 13.57 8.03
CA PRO C 90 37.59 14.76 7.50
C PRO C 90 36.09 14.55 7.57
N ASP C 91 35.38 15.40 8.26
CA ASP C 91 33.96 15.14 8.50
C ASP C 91 33.16 15.59 7.28
N VAL C 92 33.18 14.75 6.25
CA VAL C 92 32.48 15.00 4.99
C VAL C 92 31.13 14.30 5.05
N VAL C 93 30.06 15.03 4.75
CA VAL C 93 28.70 14.53 4.88
C VAL C 93 27.85 15.12 3.75
N LEU C 94 26.60 14.67 3.68
CA LEU C 94 25.65 15.12 2.68
C LEU C 94 24.75 16.19 3.28
N TYR C 95 24.86 17.42 2.76
CA TYR C 95 24.07 18.50 3.34
C TYR C 95 22.62 18.49 2.89
N ASN C 96 22.33 18.10 1.66
CA ASN C 96 20.95 18.18 1.17
C ASN C 96 20.15 16.95 1.51
N ASN C 97 20.54 16.24 2.57
CA ASN C 97 19.77 15.10 3.03
C ASN C 97 18.41 15.53 3.55
N ALA C 98 17.44 14.64 3.37
CA ALA C 98 16.15 14.71 4.04
C ALA C 98 16.08 13.56 5.02
N ASP C 99 15.41 13.79 6.15
CA ASP C 99 15.37 12.95 7.35
C ASP C 99 16.54 13.23 8.28
N GLY C 100 17.43 14.16 7.97
CA GLY C 100 18.42 14.61 8.93
C GLY C 100 19.54 13.64 9.22
N MET C 101 19.77 12.67 8.34
CA MET C 101 20.90 11.75 8.48
C MET C 101 22.06 12.31 7.68
N TYR C 102 23.17 12.58 8.37
CA TYR C 102 24.36 13.13 7.74
C TYR C 102 25.46 12.10 7.56
N GLU C 103 25.82 11.36 8.62
CA GLU C 103 27.04 10.59 8.57
C GLU C 103 26.86 9.30 7.79
N VAL C 104 27.98 8.58 7.65
CA VAL C 104 28.01 7.27 7.03
C VAL C 104 27.39 6.24 7.96
N SER C 105 27.13 5.04 7.46
CA SER C 105 26.36 4.07 8.22
C SER C 105 27.20 3.37 9.28
N PHE C 106 28.40 2.89 8.93
CA PHE C 106 29.11 1.97 9.81
C PHE C 106 30.41 2.49 10.41
N TYR C 107 31.09 3.44 9.77
CA TYR C 107 32.43 3.83 10.23
C TYR C 107 33.38 2.64 10.20
N SER C 108 33.66 2.21 8.96
CA SER C 108 34.51 1.06 8.70
C SER C 108 35.96 1.36 9.06
N ASN C 109 36.81 0.35 8.85
CA ASN C 109 38.25 0.50 9.03
C ASN C 109 38.84 1.33 7.90
N ALA C 110 40.00 1.92 8.19
CA ALA C 110 40.76 2.68 7.20
C ALA C 110 42.05 1.94 6.90
N VAL C 111 42.42 1.90 5.63
CA VAL C 111 43.67 1.29 5.20
C VAL C 111 44.73 2.39 5.14
N VAL C 112 45.80 2.20 5.89
CA VAL C 112 46.91 3.16 5.97
C VAL C 112 48.11 2.54 5.28
N SER C 113 48.77 3.33 4.43
CA SER C 113 49.98 2.90 3.76
C SER C 113 51.21 3.39 4.51
N TYR C 114 52.33 2.72 4.27
CA TYR C 114 53.56 3.04 4.99
C TYR C 114 54.05 4.45 4.72
N ASP C 115 53.59 5.08 3.65
CA ASP C 115 54.00 6.43 3.30
C ASP C 115 53.07 7.50 3.86
N GLY C 116 52.05 7.12 4.62
CA GLY C 116 51.15 8.06 5.24
C GLY C 116 49.85 8.29 4.53
N SER C 117 49.53 7.50 3.51
CA SER C 117 48.31 7.69 2.74
C SER C 117 47.16 6.92 3.36
N ILE C 118 45.99 7.56 3.43
CA ILE C 118 44.80 6.98 4.05
C ILE C 118 43.78 6.71 2.96
N PHE C 119 43.20 5.51 2.99
CA PHE C 119 42.11 5.13 2.10
C PHE C 119 40.96 4.62 2.97
N TRP C 120 39.83 5.31 2.91
CA TRP C 120 38.66 4.98 3.71
C TRP C 120 37.46 4.78 2.79
N LEU C 121 36.74 3.68 2.98
CA LEU C 121 35.62 3.30 2.11
C LEU C 121 34.43 2.83 2.94
N PRO C 122 33.74 3.74 3.61
CA PRO C 122 32.59 3.35 4.44
C PRO C 122 31.30 3.31 3.63
N PRO C 123 30.36 2.45 4.01
CA PRO C 123 29.05 2.47 3.36
C PRO C 123 28.13 3.52 3.97
N ALA C 124 27.08 3.84 3.23
CA ALA C 124 26.14 4.87 3.68
C ALA C 124 24.80 4.68 2.98
N ILE C 125 23.71 4.87 3.73
CA ILE C 125 22.37 4.96 3.20
C ILE C 125 21.95 6.41 3.28
N TYR C 126 21.71 7.04 2.14
CA TYR C 126 21.41 8.47 2.09
C TYR C 126 20.00 8.69 1.55
N LYS C 127 19.30 9.63 2.16
CA LYS C 127 17.97 10.06 1.73
C LYS C 127 18.08 11.53 1.36
N SER C 128 18.42 11.82 0.12
CA SER C 128 18.56 13.18 -0.35
C SER C 128 17.26 13.68 -0.98
N ALA C 129 17.06 14.99 -0.93
CA ALA C 129 15.89 15.64 -1.48
C ALA C 129 16.23 16.22 -2.85
N CYS C 130 15.31 16.10 -3.80
CA CYS C 130 15.51 16.68 -5.12
C CYS C 130 14.21 17.23 -5.66
N LYS C 131 14.33 18.25 -6.52
CA LYS C 131 13.19 18.78 -7.24
C LYS C 131 12.67 17.75 -8.23
N ILE C 132 11.39 17.43 -8.16
CA ILE C 132 10.76 16.48 -9.06
C ILE C 132 9.99 17.27 -10.12
N GLU C 133 10.27 17.01 -11.38
CA GLU C 133 9.57 17.62 -12.49
C GLU C 133 8.51 16.65 -12.97
N VAL C 134 7.26 17.10 -12.95
CA VAL C 134 6.12 16.25 -13.25
C VAL C 134 5.55 16.53 -14.63
N LYS C 135 6.17 17.46 -15.39
CA LYS C 135 5.56 17.90 -16.64
C LYS C 135 5.30 16.74 -17.59
N HIS C 136 6.26 15.83 -17.71
CA HIS C 136 6.18 14.75 -18.70
C HIS C 136 5.96 13.39 -18.06
N PHE C 137 5.44 13.36 -16.84
CA PHE C 137 5.13 12.09 -16.19
C PHE C 137 4.11 11.33 -17.04
N PRO C 138 4.28 10.00 -17.22
CA PRO C 138 5.28 9.07 -16.71
C PRO C 138 6.47 8.86 -17.65
N PHE C 139 6.71 9.81 -18.55
CA PHE C 139 7.87 9.76 -19.44
C PHE C 139 8.91 10.80 -19.04
N ASP C 140 9.06 11.00 -17.74
CA ASP C 140 9.89 12.06 -17.18
C ASP C 140 11.27 11.52 -16.80
N GLN C 141 12.27 12.40 -16.86
CA GLN C 141 13.60 12.12 -16.34
C GLN C 141 13.90 13.12 -15.24
N GLN C 142 14.45 12.63 -14.13
CA GLN C 142 14.70 13.46 -12.97
C GLN C 142 16.18 13.78 -12.85
N ASN C 143 16.47 14.90 -12.19
CA ASN C 143 17.82 15.42 -12.00
C ASN C 143 17.98 15.67 -10.50
N CYS C 144 18.40 14.64 -9.78
CA CYS C 144 18.52 14.69 -8.33
C CYS C 144 19.99 14.80 -7.94
N THR C 145 20.33 15.85 -7.19
CA THR C 145 21.72 16.11 -6.85
C THR C 145 22.03 15.65 -5.43
N MET C 146 23.33 15.50 -5.16
CA MET C 146 23.81 15.11 -3.83
C MET C 146 25.01 16.00 -3.53
N LYS C 147 24.92 16.80 -2.47
CA LYS C 147 25.94 17.77 -2.15
C LYS C 147 26.72 17.30 -0.92
N PHE C 148 28.04 17.23 -1.05
CA PHE C 148 28.90 16.72 0.01
C PHE C 148 29.80 17.84 0.50
N ARG C 149 29.88 18.06 1.82
CA ARG C 149 30.60 19.22 2.43
C ARG C 149 31.29 18.75 3.71
N SER C 150 32.20 19.56 4.24
CA SER C 150 32.85 19.33 5.55
C SER C 150 32.08 20.19 6.56
N TRP C 151 31.41 19.61 7.56
CA TRP C 151 30.63 20.40 8.55
C TRP C 151 31.53 20.90 9.69
N THR C 152 32.78 20.45 9.76
CA THR C 152 33.78 20.87 10.78
C THR C 152 34.80 21.87 10.22
N TYR C 153 35.31 21.64 9.00
CA TYR C 153 36.42 22.43 8.39
C TYR C 153 35.98 23.19 7.14
N ASP C 154 36.46 24.44 6.94
CA ASP C 154 36.17 25.23 5.75
C ASP C 154 37.33 25.12 4.78
N ARG C 155 37.23 25.88 3.69
CA ARG C 155 38.22 25.80 2.62
C ARG C 155 39.62 26.19 3.10
N THR C 156 39.73 26.92 4.20
CA THR C 156 41.04 27.30 4.70
C THR C 156 41.79 26.15 5.36
N GLU C 157 41.08 25.12 5.81
CA GLU C 157 41.69 24.02 6.54
C GLU C 157 41.78 22.73 5.73
N ILE C 158 40.79 22.43 4.90
CA ILE C 158 40.83 21.26 4.04
C ILE C 158 40.30 21.67 2.66
N ASP C 159 40.82 21.04 1.62
CA ASP C 159 40.32 21.21 0.26
C ASP C 159 39.70 19.91 -0.21
N LEU C 160 38.54 20.00 -0.84
CA LEU C 160 37.88 18.84 -1.42
C LEU C 160 38.20 18.76 -2.91
N VAL C 161 38.55 17.58 -3.37
CA VAL C 161 38.95 17.35 -4.75
C VAL C 161 38.28 16.09 -5.25
N LEU C 162 37.84 16.11 -6.50
CA LEU C 162 37.21 14.96 -7.14
C LEU C 162 38.29 14.01 -7.62
N LYS C 163 38.21 12.74 -7.20
CA LYS C 163 39.12 11.75 -7.75
C LYS C 163 38.80 11.46 -9.21
N SER C 164 37.51 11.39 -9.54
CA SER C 164 37.06 11.17 -10.91
C SER C 164 35.95 12.15 -11.22
N GLU C 165 35.80 12.47 -12.50
CA GLU C 165 34.78 13.41 -12.94
C GLU C 165 33.38 12.83 -12.92
N VAL C 166 33.24 11.52 -12.75
CA VAL C 166 31.94 10.86 -12.67
C VAL C 166 31.94 9.91 -11.48
N ALA C 167 30.74 9.61 -10.98
CA ALA C 167 30.60 8.59 -9.97
C ALA C 167 30.81 7.21 -10.57
N SER C 168 31.27 6.28 -9.76
CA SER C 168 31.57 4.94 -10.20
C SER C 168 30.31 4.08 -10.19
N LEU C 169 30.19 3.20 -11.18
CA LEU C 169 29.14 2.19 -11.22
C LEU C 169 29.72 0.78 -11.18
N ASP C 170 30.90 0.61 -10.60
CA ASP C 170 31.60 -0.67 -10.69
C ASP C 170 30.88 -1.78 -9.93
N ASP C 171 30.04 -1.44 -8.96
CA ASP C 171 29.36 -2.42 -8.12
C ASP C 171 27.89 -2.07 -8.02
N PHE C 172 27.30 -1.71 -9.15
CA PHE C 172 25.92 -1.25 -9.23
C PHE C 172 25.00 -2.38 -9.65
N THR C 173 23.86 -2.50 -8.96
CA THR C 173 22.83 -3.45 -9.32
C THR C 173 21.67 -2.71 -9.96
N PRO C 174 21.24 -3.08 -11.17
CA PRO C 174 20.21 -2.27 -11.85
C PRO C 174 18.91 -2.19 -11.06
N SER C 175 18.19 -1.09 -11.27
CA SER C 175 17.02 -0.77 -10.46
C SER C 175 15.79 -1.53 -10.94
N GLY C 176 15.42 -1.36 -12.21
CA GLY C 176 14.25 -1.99 -12.78
C GLY C 176 13.06 -1.06 -12.93
N GLU C 177 13.03 0.06 -12.19
CA GLU C 177 12.04 1.10 -12.39
C GLU C 177 12.64 2.47 -12.69
N TRP C 178 13.96 2.64 -12.53
CA TRP C 178 14.64 3.86 -12.92
C TRP C 178 15.91 3.49 -13.66
N ASP C 179 16.23 4.27 -14.69
CA ASP C 179 17.38 4.02 -15.54
C ASP C 179 18.44 5.09 -15.33
N ILE C 180 19.67 4.67 -15.09
CA ILE C 180 20.77 5.62 -14.91
C ILE C 180 21.18 6.17 -16.28
N VAL C 181 21.33 7.48 -16.37
CA VAL C 181 21.75 8.13 -17.60
C VAL C 181 23.14 8.68 -17.43
N ALA C 182 23.33 9.57 -16.46
CA ALA C 182 24.63 10.18 -16.21
C ALA C 182 24.78 10.45 -14.72
N LEU C 183 26.01 10.32 -14.22
CA LEU C 183 26.33 10.64 -12.83
C LEU C 183 27.59 11.50 -12.77
N PRO C 184 27.54 12.71 -13.30
CA PRO C 184 28.71 13.59 -13.22
C PRO C 184 28.84 14.26 -11.86
N GLY C 185 30.09 14.57 -11.51
CA GLY C 185 30.40 15.28 -10.29
C GLY C 185 31.16 16.54 -10.58
N ARG C 186 30.97 17.55 -9.74
CA ARG C 186 31.58 18.85 -9.92
C ARG C 186 31.96 19.45 -8.58
N ARG C 187 33.09 20.15 -8.56
CA ARG C 187 33.57 20.83 -7.37
C ARG C 187 33.27 22.31 -7.52
N ASN C 188 32.53 22.86 -6.56
CA ASN C 188 32.06 24.23 -6.61
C ASN C 188 32.69 25.06 -5.49
N GLU C 189 33.02 26.29 -5.81
CA GLU C 189 33.57 27.29 -4.91
C GLU C 189 32.77 28.57 -5.05
N ASN C 190 32.66 29.34 -3.97
CA ASN C 190 31.95 30.62 -4.03
C ASN C 190 32.95 31.74 -4.13
N PRO C 191 32.98 32.52 -5.22
CA PRO C 191 33.97 33.60 -5.33
C PRO C 191 33.81 34.69 -4.29
N ASP C 192 32.63 34.84 -3.70
CA ASP C 192 32.36 35.91 -2.74
C ASP C 192 32.56 35.48 -1.30
N ASP C 193 32.88 34.21 -1.03
CA ASP C 193 32.99 33.70 0.33
C ASP C 193 34.40 33.27 0.68
N SER C 194 35.01 32.42 -0.15
CA SER C 194 36.39 31.97 -0.05
C SER C 194 36.60 30.94 1.06
N THR C 195 35.60 30.67 1.90
CA THR C 195 35.66 29.58 2.86
C THR C 195 34.70 28.45 2.49
N TYR C 196 34.09 28.51 1.33
CA TYR C 196 33.07 27.55 0.92
C TYR C 196 33.65 26.62 -0.14
N VAL C 197 33.35 25.33 -0.01
CA VAL C 197 33.71 24.35 -1.02
C VAL C 197 32.81 23.14 -0.84
N ASP C 198 32.44 22.50 -1.95
CA ASP C 198 31.65 21.29 -1.90
C ASP C 198 31.86 20.50 -3.19
N ILE C 199 31.37 19.28 -3.20
CA ILE C 199 31.33 18.44 -4.38
C ILE C 199 29.89 17.99 -4.56
N THR C 200 29.31 18.28 -5.71
CA THR C 200 27.93 17.96 -6.01
C THR C 200 27.87 16.97 -7.17
N TYR C 201 27.06 15.93 -7.01
CA TYR C 201 26.84 14.92 -8.02
C TYR C 201 25.43 15.07 -8.57
N ASP C 202 25.31 15.16 -9.89
CA ASP C 202 24.02 15.14 -10.56
C ASP C 202 23.68 13.71 -10.92
N PHE C 203 22.54 13.23 -10.45
CA PHE C 203 22.05 11.89 -10.80
C PHE C 203 20.95 12.08 -11.83
N ILE C 204 21.27 11.86 -13.10
CA ILE C 204 20.29 11.94 -14.17
C ILE C 204 19.71 10.55 -14.36
N ILE C 205 18.43 10.40 -14.04
CA ILE C 205 17.76 9.11 -14.05
C ILE C 205 16.53 9.18 -14.93
N ARG C 206 16.28 8.11 -15.67
CA ARG C 206 15.20 8.05 -16.64
C ARG C 206 14.21 6.97 -16.24
N ARG C 207 12.94 7.33 -16.13
CA ARG C 207 11.93 6.38 -15.71
C ARG C 207 11.61 5.37 -16.82
N LYS C 208 11.38 4.13 -16.42
CA LYS C 208 10.89 3.11 -17.34
C LYS C 208 9.37 3.17 -17.33
N PRO C 209 8.73 3.58 -18.43
CA PRO C 209 7.32 3.99 -18.36
C PRO C 209 6.29 2.90 -18.57
N LEU C 210 6.70 1.63 -18.73
CA LEU C 210 5.74 0.59 -19.05
C LEU C 210 4.68 0.44 -17.97
N PHE C 211 5.09 0.45 -16.70
CA PHE C 211 4.13 0.22 -15.63
C PHE C 211 3.05 1.29 -15.63
N TYR C 212 3.45 2.57 -15.63
CA TYR C 212 2.46 3.63 -15.59
C TYR C 212 1.77 3.81 -16.92
N THR C 213 2.47 3.54 -18.04
CA THR C 213 1.78 3.46 -19.32
C THR C 213 0.57 2.55 -19.20
N ILE C 214 0.80 1.28 -18.88
CA ILE C 214 -0.25 0.28 -18.81
C ILE C 214 -1.33 0.67 -17.80
N ASN C 215 -0.93 1.16 -16.63
CA ASN C 215 -1.88 1.37 -15.55
C ASN C 215 -2.68 2.66 -15.68
N LEU C 216 -2.16 3.68 -16.35
CA LEU C 216 -2.84 4.97 -16.41
C LEU C 216 -3.16 5.42 -17.82
N ILE C 217 -2.19 5.36 -18.74
CA ILE C 217 -2.39 6.00 -20.03
C ILE C 217 -3.44 5.25 -20.85
N ILE C 218 -3.28 3.94 -20.99
CA ILE C 218 -4.23 3.17 -21.79
C ILE C 218 -5.65 3.28 -21.24
N PRO C 219 -5.89 3.10 -19.95
CA PRO C 219 -7.26 3.34 -19.45
C PRO C 219 -7.77 4.73 -19.73
N CYS C 220 -6.92 5.75 -19.59
CA CYS C 220 -7.35 7.12 -19.85
C CYS C 220 -7.70 7.30 -21.33
N VAL C 221 -6.88 6.75 -22.22
CA VAL C 221 -7.16 6.86 -23.66
C VAL C 221 -8.47 6.15 -23.99
N LEU C 222 -8.68 4.97 -23.44
CA LEU C 222 -9.91 4.24 -23.72
C LEU C 222 -11.13 5.00 -23.23
N ILE C 223 -11.05 5.59 -22.03
CA ILE C 223 -12.18 6.38 -21.53
C ILE C 223 -12.40 7.60 -22.40
N THR C 224 -11.31 8.29 -22.76
CA THR C 224 -11.45 9.53 -23.53
C THR C 224 -11.98 9.26 -24.94
N SER C 225 -11.78 8.05 -25.46
CA SER C 225 -12.32 7.74 -26.78
C SER C 225 -13.85 7.65 -26.77
N LEU C 226 -14.47 7.49 -25.59
CA LEU C 226 -15.91 7.40 -25.48
C LEU C 226 -16.58 8.75 -25.21
N ALA C 227 -15.81 9.84 -25.20
CA ALA C 227 -16.38 11.14 -24.86
C ALA C 227 -17.37 11.62 -25.90
N ILE C 228 -17.12 11.31 -27.18
CA ILE C 228 -17.97 11.81 -28.26
C ILE C 228 -19.15 10.90 -28.56
N LEU C 229 -19.22 9.71 -27.96
CA LEU C 229 -20.27 8.77 -28.30
C LEU C 229 -21.66 9.27 -27.92
N VAL C 230 -21.74 10.18 -26.96
CA VAL C 230 -23.06 10.60 -26.49
C VAL C 230 -23.82 11.32 -27.58
N PHE C 231 -23.12 11.95 -28.52
CA PHE C 231 -23.77 12.73 -29.56
C PHE C 231 -24.26 11.90 -30.72
N TYR C 232 -23.94 10.60 -30.76
CA TYR C 232 -24.48 9.69 -31.75
C TYR C 232 -25.55 8.78 -31.17
N LEU C 233 -25.86 8.93 -29.91
CA LEU C 233 -26.80 8.06 -29.23
C LEU C 233 -28.21 8.63 -29.36
N PRO C 234 -29.17 7.89 -29.89
CA PRO C 234 -30.50 8.47 -30.09
C PRO C 234 -31.16 8.84 -28.77
N SER C 235 -31.98 9.88 -28.80
CA SER C 235 -32.69 10.32 -27.61
C SER C 235 -33.73 9.29 -27.16
N ASP C 236 -34.13 8.37 -28.04
CA ASP C 236 -35.17 7.41 -27.68
C ASP C 236 -34.64 6.28 -26.80
N CYS C 237 -33.38 5.91 -26.94
CA CYS C 237 -32.86 4.79 -26.17
C CYS C 237 -32.89 5.06 -24.68
N GLY C 238 -32.96 6.32 -24.27
CA GLY C 238 -33.01 6.64 -22.86
C GLY C 238 -31.76 6.29 -22.10
N GLU C 239 -30.59 6.47 -22.71
CA GLU C 239 -29.34 6.13 -22.04
C GLU C 239 -28.20 7.13 -22.31
N LYS C 240 -28.51 8.36 -22.72
CA LYS C 240 -27.45 9.35 -22.90
C LYS C 240 -26.82 9.73 -21.57
N MET C 241 -27.65 9.97 -20.55
CA MET C 241 -27.13 10.40 -19.25
C MET C 241 -26.19 9.35 -18.68
N THR C 242 -26.57 8.08 -18.77
CA THR C 242 -25.72 7.03 -18.23
C THR C 242 -24.31 7.12 -18.80
N LEU C 243 -24.20 7.18 -20.13
CA LEU C 243 -22.90 7.20 -20.77
C LEU C 243 -22.10 8.45 -20.40
N CYS C 244 -22.71 9.63 -20.51
CA CYS C 244 -21.92 10.84 -20.31
C CYS C 244 -21.51 10.99 -18.85
N ILE C 245 -22.41 10.66 -17.92
CA ILE C 245 -22.07 10.73 -16.49
C ILE C 245 -20.96 9.74 -16.17
N SER C 246 -21.04 8.52 -16.72
CA SER C 246 -20.00 7.53 -16.45
C SER C 246 -18.64 8.01 -16.95
N VAL C 247 -18.61 8.61 -18.14
CA VAL C 247 -17.34 9.10 -18.68
C VAL C 247 -16.77 10.18 -17.76
N LEU C 248 -17.62 11.13 -17.35
CA LEU C 248 -17.13 12.20 -16.48
C LEU C 248 -16.57 11.65 -15.19
N LEU C 249 -17.29 10.72 -14.55
CA LEU C 249 -16.85 10.20 -13.26
C LEU C 249 -15.56 9.41 -13.39
N ALA C 250 -15.42 8.61 -14.45
CA ALA C 250 -14.18 7.85 -14.65
C ALA C 250 -12.99 8.78 -14.84
N LEU C 251 -13.16 9.84 -15.63
CA LEU C 251 -12.07 10.80 -15.81
C LEU C 251 -11.70 11.46 -14.49
N THR C 252 -12.70 11.81 -13.68
CA THR C 252 -12.41 12.41 -12.38
C THR C 252 -11.62 11.46 -11.50
N VAL C 253 -12.00 10.17 -11.49
CA VAL C 253 -11.30 9.20 -10.66
C VAL C 253 -9.84 9.10 -11.09
N PHE C 254 -9.58 9.03 -12.40
CA PHE C 254 -8.20 8.93 -12.84
C PHE C 254 -7.41 10.18 -12.51
N LEU C 255 -8.03 11.35 -12.61
CA LEU C 255 -7.35 12.57 -12.21
C LEU C 255 -6.97 12.51 -10.74
N LEU C 256 -7.87 12.02 -9.89
CA LEU C 256 -7.57 11.92 -8.46
C LEU C 256 -6.44 10.93 -8.20
N LEU C 257 -6.45 9.79 -8.88
CA LEU C 257 -5.36 8.83 -8.73
C LEU C 257 -4.02 9.47 -9.08
N ILE C 258 -3.97 10.15 -10.22
CA ILE C 258 -2.72 10.79 -10.63
C ILE C 258 -2.30 11.83 -9.60
N SER C 259 -3.24 12.60 -9.08
CA SER C 259 -2.90 13.57 -8.04
C SER C 259 -2.27 12.87 -6.85
N LYS C 260 -2.76 11.68 -6.51
CA LYS C 260 -2.17 10.93 -5.41
C LYS C 260 -0.73 10.52 -5.74
N ILE C 261 -0.44 10.26 -7.01
CA ILE C 261 0.90 9.78 -7.36
C ILE C 261 1.93 10.90 -7.28
N VAL C 262 1.67 12.03 -7.92
CA VAL C 262 2.68 13.07 -8.10
C VAL C 262 2.83 13.90 -6.83
N PRO C 263 3.93 14.62 -6.65
CA PRO C 263 4.05 15.50 -5.48
C PRO C 263 3.04 16.63 -5.56
N PRO C 264 2.57 17.15 -4.41
CA PRO C 264 1.58 18.24 -4.39
C PRO C 264 2.18 19.63 -4.55
N THR C 265 3.06 19.79 -5.53
CA THR C 265 3.72 21.06 -5.78
C THR C 265 3.00 21.82 -6.89
N SER C 266 3.26 23.13 -6.96
CA SER C 266 2.53 24.03 -7.84
C SER C 266 3.43 24.70 -8.87
N LEU C 267 4.65 24.18 -9.08
CA LEU C 267 5.54 24.80 -10.06
C LEU C 267 5.09 24.51 -11.48
N ASP C 268 4.49 23.34 -11.72
CA ASP C 268 3.97 23.04 -13.05
C ASP C 268 2.94 21.93 -12.93
N VAL C 269 2.11 21.82 -13.96
CA VAL C 269 1.06 20.81 -14.02
C VAL C 269 1.49 19.69 -14.95
N PRO C 270 1.28 18.43 -14.59
CA PRO C 270 1.58 17.35 -15.52
C PRO C 270 0.75 17.49 -16.79
N LEU C 271 1.36 17.16 -17.93
CA LEU C 271 0.65 17.23 -19.19
C LEU C 271 -0.55 16.28 -19.20
N VAL C 272 -0.37 15.08 -18.66
CA VAL C 272 -1.47 14.13 -18.58
C VAL C 272 -2.62 14.71 -17.76
N GLY C 273 -2.32 15.36 -16.66
CA GLY C 273 -3.37 15.96 -15.85
C GLY C 273 -4.06 17.11 -16.57
N LYS C 274 -3.30 17.91 -17.30
CA LYS C 274 -3.88 18.96 -18.12
C LYS C 274 -4.85 18.38 -19.14
N TYR C 275 -4.45 17.29 -19.80
CA TYR C 275 -5.32 16.64 -20.77
C TYR C 275 -6.58 16.09 -20.12
N LEU C 276 -6.44 15.42 -18.98
CA LEU C 276 -7.62 14.89 -18.31
C LEU C 276 -8.57 16.01 -17.90
N MET C 277 -8.02 17.12 -17.42
CA MET C 277 -8.85 18.24 -17.00
C MET C 277 -9.58 18.86 -18.19
N PHE C 278 -8.88 19.02 -19.31
CA PHE C 278 -9.53 19.53 -20.52
C PHE C 278 -10.66 18.62 -20.97
N THR C 279 -10.42 17.31 -20.95
CA THR C 279 -11.48 16.37 -21.33
C THR C 279 -12.65 16.43 -20.36
N MET C 280 -12.38 16.63 -19.07
CA MET C 280 -13.47 16.73 -18.10
C MET C 280 -14.32 17.95 -18.37
N VAL C 281 -13.70 19.08 -18.71
CA VAL C 281 -14.48 20.26 -19.07
C VAL C 281 -15.34 19.97 -20.30
N LEU C 282 -14.75 19.32 -21.31
CA LEU C 282 -15.51 18.99 -22.50
C LEU C 282 -16.69 18.08 -22.19
N VAL C 283 -16.49 17.10 -21.31
CA VAL C 283 -17.56 16.16 -20.99
C VAL C 283 -18.66 16.83 -20.17
N THR C 284 -18.30 17.78 -19.32
CA THR C 284 -19.34 18.56 -18.62
C THR C 284 -20.18 19.35 -19.62
N PHE C 285 -19.51 19.98 -20.59
CA PHE C 285 -20.24 20.66 -21.67
C PHE C 285 -21.15 19.68 -22.41
N SER C 286 -20.66 18.46 -22.65
CA SER C 286 -21.46 17.47 -23.36
C SER C 286 -22.68 17.05 -22.53
N ILE C 287 -22.54 16.96 -21.21
CA ILE C 287 -23.68 16.63 -20.37
C ILE C 287 -24.74 17.72 -20.46
N VAL C 288 -24.31 18.98 -20.39
CA VAL C 288 -25.27 20.09 -20.50
C VAL C 288 -25.97 20.05 -21.85
N THR C 289 -25.21 19.83 -22.92
CA THR C 289 -25.80 19.78 -24.26
C THR C 289 -26.74 18.59 -24.41
N SER C 290 -26.40 17.45 -23.81
CA SER C 290 -27.28 16.29 -23.89
C SER C 290 -28.59 16.56 -23.17
N VAL C 291 -28.54 17.23 -22.02
CA VAL C 291 -29.78 17.59 -21.34
C VAL C 291 -30.63 18.48 -22.23
N CYS C 292 -30.01 19.47 -22.87
CA CYS C 292 -30.79 20.35 -23.75
C CYS C 292 -31.36 19.58 -24.94
N VAL C 293 -30.59 18.67 -25.53
CA VAL C 293 -31.06 17.89 -26.67
C VAL C 293 -32.23 17.03 -26.26
N LEU C 294 -32.15 16.41 -25.08
CA LEU C 294 -33.27 15.61 -24.58
C LEU C 294 -34.50 16.45 -24.38
N ASN C 295 -34.34 17.65 -23.80
CA ASN C 295 -35.49 18.52 -23.59
C ASN C 295 -36.14 18.89 -24.91
N VAL C 296 -35.33 19.18 -25.94
CA VAL C 296 -35.87 19.51 -27.25
C VAL C 296 -36.59 18.30 -27.85
N HIS C 297 -36.03 17.11 -27.65
CA HIS C 297 -36.57 15.92 -28.32
C HIS C 297 -37.96 15.57 -27.81
N HIS C 298 -38.23 15.84 -26.52
CA HIS C 298 -39.51 15.48 -25.91
C HIS C 298 -40.43 16.70 -25.85
N ARG C 299 -40.78 17.21 -27.03
CA ARG C 299 -41.67 18.36 -27.14
C ARG C 299 -42.85 18.00 -28.03
N SER C 300 -44.00 18.57 -27.71
CA SER C 300 -45.25 18.26 -28.40
C SER C 300 -46.03 19.54 -28.61
N PRO C 301 -47.01 19.53 -29.52
CA PRO C 301 -47.84 20.72 -29.73
C PRO C 301 -48.62 21.14 -28.51
N THR C 302 -48.87 20.22 -27.58
CA THR C 302 -49.66 20.53 -26.40
C THR C 302 -48.88 21.24 -25.32
N THR C 303 -47.56 21.37 -25.45
CA THR C 303 -46.75 22.01 -24.41
C THR C 303 -45.85 23.10 -24.98
N HIS C 304 -45.41 22.95 -26.24
CA HIS C 304 -44.49 23.91 -26.85
C HIS C 304 -44.97 24.26 -28.25
N THR C 305 -44.48 25.40 -28.73
CA THR C 305 -44.74 25.87 -30.08
C THR C 305 -43.42 26.06 -30.80
N MET C 306 -43.35 25.65 -32.06
CA MET C 306 -42.16 25.84 -32.88
C MET C 306 -42.23 27.20 -33.55
N ALA C 307 -41.25 28.06 -33.28
CA ALA C 307 -41.18 29.34 -33.95
C ALA C 307 -40.78 29.14 -35.41
N PRO C 308 -41.20 30.05 -36.30
CA PRO C 308 -40.84 29.88 -37.73
C PRO C 308 -39.34 29.88 -37.98
N TRP C 309 -38.58 30.66 -37.22
CA TRP C 309 -37.14 30.67 -37.41
C TRP C 309 -36.54 29.31 -37.10
N VAL C 310 -37.08 28.63 -36.09
CA VAL C 310 -36.58 27.30 -35.76
C VAL C 310 -36.74 26.38 -36.95
N LYS C 311 -37.90 26.42 -37.60
CA LYS C 311 -38.08 25.66 -38.82
C LYS C 311 -37.04 26.06 -39.86
N VAL C 312 -37.07 27.32 -40.30
CA VAL C 312 -36.26 27.71 -41.45
C VAL C 312 -34.80 27.39 -41.21
N VAL C 313 -34.36 27.41 -39.95
CA VAL C 313 -32.96 27.13 -39.65
C VAL C 313 -32.73 25.62 -39.58
N PHE C 314 -33.33 24.98 -38.57
CA PHE C 314 -32.95 23.62 -38.22
C PHE C 314 -33.49 22.58 -39.19
N LEU C 315 -34.58 22.87 -39.89
CA LEU C 315 -35.16 21.89 -40.79
C LEU C 315 -34.77 22.13 -42.25
N GLU C 316 -34.23 23.31 -42.59
CA GLU C 316 -33.84 23.60 -43.95
C GLU C 316 -32.35 23.86 -44.11
N LYS C 317 -31.78 24.82 -43.38
CA LYS C 317 -30.42 25.24 -43.68
C LYS C 317 -29.39 24.32 -43.04
N LEU C 318 -29.39 24.26 -41.72
CA LEU C 318 -28.35 23.52 -41.01
C LEU C 318 -28.29 22.05 -41.42
N PRO C 319 -29.41 21.35 -41.66
CA PRO C 319 -29.29 19.99 -42.19
C PRO C 319 -28.55 19.92 -43.51
N ALA C 320 -28.71 20.93 -44.37
CA ALA C 320 -28.02 20.93 -45.66
C ALA C 320 -26.52 21.06 -45.47
N LEU C 321 -26.09 21.92 -44.54
CA LEU C 321 -24.67 22.09 -44.28
C LEU C 321 -24.03 20.80 -43.78
N LEU C 322 -24.77 20.01 -43.02
CA LEU C 322 -24.25 18.81 -42.40
C LEU C 322 -24.47 17.55 -43.23
N PHE C 323 -25.07 17.68 -44.41
CA PHE C 323 -25.35 16.52 -45.28
C PHE C 323 -26.31 15.55 -44.59
N MET C 324 -27.43 16.09 -44.12
CA MET C 324 -28.46 15.32 -43.43
C MET C 324 -29.62 14.93 -44.34
N GLN C 325 -30.18 15.89 -45.07
CA GLN C 325 -31.19 15.60 -46.09
C GLN C 325 -32.43 14.96 -45.47
N GLN C 326 -33.15 15.76 -44.69
CA GLN C 326 -34.41 15.31 -44.11
C GLN C 326 -35.27 14.60 -45.16
N PRO C 327 -35.97 13.51 -44.79
CA PRO C 327 -36.81 12.82 -45.77
C PRO C 327 -38.10 13.57 -46.09
N ARG C 328 -38.82 14.01 -45.06
CA ARG C 328 -40.08 14.74 -45.26
C ARG C 328 -41.05 13.93 -46.10
N HIS C 329 -41.12 12.63 -45.82
CA HIS C 329 -41.98 11.75 -46.61
C HIS C 329 -43.45 12.17 -46.49
N HIS C 330 -43.88 12.54 -45.29
CA HIS C 330 -45.16 13.23 -45.11
C HIS C 330 -44.93 14.67 -44.66
N GLY C 396 -84.41 6.48 -39.33
CA GLY C 396 -84.10 7.68 -40.10
C GLY C 396 -82.94 8.45 -39.50
N CYS C 397 -83.07 8.83 -38.23
CA CYS C 397 -82.01 9.57 -37.57
C CYS C 397 -80.74 8.73 -37.45
N GLY C 398 -80.86 7.41 -37.48
CA GLY C 398 -79.69 6.55 -37.31
C GLY C 398 -78.64 6.79 -38.38
N LEU C 399 -79.07 6.93 -39.64
CA LEU C 399 -78.12 7.18 -40.72
C LEU C 399 -77.39 8.50 -40.51
N ARG C 400 -78.11 9.52 -40.06
CA ARG C 400 -77.48 10.82 -39.80
C ARG C 400 -76.48 10.71 -38.66
N GLU C 401 -76.83 9.97 -37.60
CA GLU C 401 -75.91 9.79 -36.49
C GLU C 401 -74.65 9.06 -36.94
N ALA C 402 -74.81 8.03 -37.78
CA ALA C 402 -73.65 7.31 -38.30
C ALA C 402 -72.77 8.21 -39.15
N VAL C 403 -73.37 9.05 -39.98
CA VAL C 403 -72.57 9.98 -40.79
C VAL C 403 -71.81 10.93 -39.90
N ASP C 404 -72.45 11.46 -38.86
CA ASP C 404 -71.76 12.35 -37.94
C ASP C 404 -70.61 11.63 -37.25
N GLY C 405 -70.83 10.38 -36.82
CA GLY C 405 -69.77 9.63 -36.17
C GLY C 405 -68.59 9.39 -37.09
N VAL C 406 -68.85 9.06 -38.35
CA VAL C 406 -67.77 8.84 -39.30
C VAL C 406 -66.98 10.12 -39.52
N ARG C 407 -67.68 11.24 -39.67
CA ARG C 407 -66.98 12.51 -39.84
C ARG C 407 -66.12 12.82 -38.62
N PHE C 408 -66.66 12.58 -37.43
CA PHE C 408 -65.89 12.84 -36.21
C PHE C 408 -64.64 11.97 -36.15
N ILE C 409 -64.77 10.69 -36.51
CA ILE C 409 -63.62 9.80 -36.48
C ILE C 409 -62.55 10.28 -37.45
N ALA C 410 -62.95 10.67 -38.66
CA ALA C 410 -61.98 11.15 -39.64
C ALA C 410 -61.28 12.40 -39.15
N ASP C 411 -62.03 13.35 -38.57
CA ASP C 411 -61.42 14.57 -38.07
C ASP C 411 -60.44 14.26 -36.93
N HIS C 412 -60.83 13.34 -36.04
CA HIS C 412 -59.96 12.99 -34.91
C HIS C 412 -58.65 12.41 -35.40
N MET C 413 -58.70 11.52 -36.40
CA MET C 413 -57.46 10.96 -36.92
C MET C 413 -56.63 12.00 -37.66
N ARG C 414 -57.28 12.95 -38.33
CA ARG C 414 -56.51 14.06 -38.91
C ARG C 414 -55.75 14.81 -37.84
N SER C 415 -56.41 15.09 -36.72
CA SER C 415 -55.75 15.80 -35.62
C SER C 415 -54.57 15.00 -35.09
N GLU C 416 -54.76 13.70 -34.90
CA GLU C 416 -53.66 12.85 -34.42
C GLU C 416 -52.49 12.89 -35.39
N ASP C 417 -52.79 12.86 -36.70
CA ASP C 417 -51.72 12.91 -37.69
C ASP C 417 -50.95 14.21 -37.60
N ASP C 418 -51.66 15.34 -37.44
CA ASP C 418 -50.98 16.62 -37.33
C ASP C 418 -50.07 16.66 -36.11
N ASP C 419 -50.56 16.17 -34.97
CA ASP C 419 -49.74 16.17 -33.76
C ASP C 419 -48.50 15.29 -33.94
N GLN C 420 -48.67 14.12 -34.54
CA GLN C 420 -47.53 13.24 -34.74
C GLN C 420 -46.51 13.88 -35.66
N SER C 421 -46.97 14.60 -36.67
CA SER C 421 -46.06 15.32 -37.55
C SER C 421 -45.24 16.36 -36.78
N VAL C 422 -45.88 17.14 -35.92
CA VAL C 422 -45.14 18.16 -35.18
C VAL C 422 -44.13 17.52 -34.22
N SER C 423 -44.54 16.45 -33.54
CA SER C 423 -43.61 15.77 -32.65
C SER C 423 -42.40 15.26 -33.42
N GLU C 424 -42.62 14.71 -34.62
CA GLU C 424 -41.50 14.22 -35.41
C GLU C 424 -40.59 15.37 -35.86
N ASP C 425 -41.17 16.54 -36.14
CA ASP C 425 -40.35 17.70 -36.45
C ASP C 425 -39.43 18.05 -35.28
N TRP C 426 -39.97 18.03 -34.07
CA TRP C 426 -39.13 18.32 -32.90
C TRP C 426 -38.02 17.28 -32.74
N LYS C 427 -38.33 16.01 -33.01
CA LYS C 427 -37.30 14.98 -32.95
C LYS C 427 -36.20 15.24 -33.97
N TYR C 428 -36.58 15.65 -35.18
CA TYR C 428 -35.57 15.97 -36.19
C TYR C 428 -34.71 17.14 -35.75
N VAL C 429 -35.31 18.15 -35.11
CA VAL C 429 -34.52 19.28 -34.62
C VAL C 429 -33.48 18.81 -33.62
N ALA C 430 -33.89 17.95 -32.68
CA ALA C 430 -32.94 17.46 -31.68
C ALA C 430 -31.80 16.70 -32.35
N MET C 431 -32.11 15.87 -33.34
CA MET C 431 -31.07 15.11 -34.01
C MET C 431 -30.11 16.01 -34.78
N VAL C 432 -30.63 17.07 -35.39
CA VAL C 432 -29.75 18.03 -36.07
C VAL C 432 -28.79 18.66 -35.08
N ILE C 433 -29.31 19.07 -33.92
CA ILE C 433 -28.47 19.73 -32.92
C ILE C 433 -27.33 18.80 -32.49
N ASP C 434 -27.66 17.56 -32.12
CA ASP C 434 -26.59 16.72 -31.58
C ASP C 434 -25.64 16.29 -32.69
N ARG C 435 -26.08 16.24 -33.95
CA ARG C 435 -25.14 16.00 -35.04
C ARG C 435 -24.14 17.14 -35.16
N LEU C 436 -24.63 18.38 -35.08
CA LEU C 436 -23.72 19.53 -35.12
C LEU C 436 -22.67 19.43 -34.02
N PHE C 437 -23.13 19.12 -32.80
CA PHE C 437 -22.18 19.05 -31.68
C PHE C 437 -21.24 17.86 -31.82
N LEU C 438 -21.68 16.78 -32.46
CA LEU C 438 -20.79 15.67 -32.75
C LEU C 438 -19.65 16.12 -33.66
N TRP C 439 -19.98 16.90 -34.69
CA TRP C 439 -18.94 17.43 -35.56
C TRP C 439 -17.96 18.30 -34.77
N ILE C 440 -18.49 19.23 -33.98
CA ILE C 440 -17.63 20.12 -33.20
C ILE C 440 -16.70 19.32 -32.31
N PHE C 441 -17.25 18.33 -31.60
CA PHE C 441 -16.44 17.60 -30.63
C PHE C 441 -15.41 16.73 -31.31
N VAL C 442 -15.74 16.08 -32.43
CA VAL C 442 -14.74 15.28 -33.11
C VAL C 442 -13.61 16.16 -33.60
N PHE C 443 -13.93 17.35 -34.12
CA PHE C 443 -12.88 18.27 -34.54
C PHE C 443 -11.99 18.68 -33.36
N VAL C 444 -12.60 19.06 -32.24
CA VAL C 444 -11.82 19.53 -31.11
C VAL C 444 -10.97 18.42 -30.54
N CYS C 445 -11.48 17.19 -30.55
CA CYS C 445 -10.66 16.06 -30.12
C CYS C 445 -9.48 15.85 -31.06
N VAL C 446 -9.73 15.86 -32.37
CA VAL C 446 -8.63 15.69 -33.32
C VAL C 446 -7.55 16.73 -33.05
N PHE C 447 -7.97 17.96 -32.74
CA PHE C 447 -7.01 18.93 -32.22
C PHE C 447 -6.41 18.46 -30.90
N GLY C 448 -7.15 17.66 -30.14
CA GLY C 448 -6.69 17.23 -28.83
C GLY C 448 -5.50 16.31 -28.88
N THR C 449 -5.19 15.75 -30.06
CA THR C 449 -3.95 14.99 -30.20
C THR C 449 -2.74 15.88 -29.96
N GLU D 5 58.20 22.76 16.20
CA GLU D 5 57.78 24.10 15.78
C GLU D 5 56.54 24.05 14.89
N THR D 6 56.28 22.88 14.31
CA THR D 6 55.12 22.72 13.44
C THR D 6 53.84 22.98 14.21
N ARG D 7 52.81 23.44 13.50
CA ARG D 7 51.56 23.83 14.14
C ARG D 7 50.97 22.68 14.97
N ALA D 8 51.28 21.44 14.60
CA ALA D 8 50.66 20.29 15.27
C ALA D 8 51.10 20.18 16.73
N HIS D 9 52.41 20.30 16.99
CA HIS D 9 52.88 20.32 18.37
C HIS D 9 52.30 21.49 19.15
N ALA D 10 52.24 22.67 18.54
CA ALA D 10 51.70 23.82 19.24
C ALA D 10 50.25 23.60 19.63
N GLU D 11 49.46 23.03 18.72
CA GLU D 11 48.06 22.76 19.01
C GLU D 11 47.93 21.70 20.10
N GLU D 12 48.80 20.68 20.08
CA GLU D 12 48.74 19.67 21.13
C GLU D 12 49.08 20.28 22.49
N ARG D 13 50.08 21.16 22.53
CA ARG D 13 50.41 21.85 23.77
C ARG D 13 49.24 22.69 24.26
N LEU D 14 48.61 23.43 23.34
CA LEU D 14 47.46 24.26 23.70
C LEU D 14 46.33 23.40 24.25
N LEU D 15 46.05 22.27 23.61
CA LEU D 15 44.98 21.40 24.09
C LEU D 15 45.29 20.86 25.49
N LYS D 16 46.53 20.43 25.71
CA LYS D 16 46.90 19.94 27.03
C LYS D 16 46.80 21.03 28.08
N LYS D 17 47.05 22.28 27.69
CA LYS D 17 46.94 23.38 28.65
C LYS D 17 45.48 23.72 28.96
N LEU D 18 44.62 23.71 27.94
CA LEU D 18 43.25 24.18 28.13
C LEU D 18 42.45 23.26 29.03
N PHE D 19 42.59 21.95 28.84
CA PHE D 19 41.76 20.97 29.53
C PHE D 19 42.48 20.31 30.70
N SER D 20 43.52 20.96 31.24
CA SER D 20 44.16 20.43 32.43
C SER D 20 43.22 20.48 33.63
N GLY D 21 42.62 21.65 33.88
CA GLY D 21 41.74 21.83 35.00
C GLY D 21 40.38 22.34 34.58
N TYR D 22 39.85 21.78 33.49
CA TYR D 22 38.56 22.22 32.95
C TYR D 22 37.45 21.31 33.47
N ASN D 23 36.41 21.92 34.01
CA ASN D 23 35.21 21.22 34.45
C ASN D 23 34.06 21.64 33.54
N LYS D 24 33.48 20.68 32.84
CA LYS D 24 32.43 20.97 31.87
C LYS D 24 31.04 21.03 32.49
N TRP D 25 30.91 20.78 33.79
CA TRP D 25 29.63 20.88 34.48
C TRP D 25 29.43 22.24 35.13
N SER D 26 30.36 23.17 34.92
CA SER D 26 30.38 24.44 35.63
C SER D 26 30.09 25.57 34.66
N ARG D 27 29.15 26.43 35.03
CA ARG D 27 28.85 27.58 34.20
C ARG D 27 30.10 28.44 34.05
N PRO D 28 30.52 28.77 32.82
CA PRO D 28 31.86 29.38 32.63
C PRO D 28 31.89 30.89 32.84
N VAL D 29 31.74 31.31 34.10
CA VAL D 29 31.75 32.72 34.47
C VAL D 29 32.76 32.92 35.58
N ALA D 30 33.58 33.97 35.45
CA ALA D 30 34.56 34.27 36.48
C ALA D 30 33.87 34.66 37.79
N ASN D 31 32.83 35.47 37.71
CA ASN D 31 32.10 35.96 38.87
C ASN D 31 30.73 35.31 38.91
N ILE D 32 30.29 34.92 40.11
CA ILE D 32 29.01 34.22 40.24
C ILE D 32 27.87 35.08 39.71
N SER D 33 27.92 36.39 39.96
CA SER D 33 26.84 37.27 39.54
C SER D 33 26.80 37.48 38.04
N ASP D 34 27.85 37.08 37.31
CA ASP D 34 27.97 37.29 35.85
C ASP D 34 26.95 36.39 35.15
N VAL D 35 26.43 36.85 34.01
CA VAL D 35 25.40 36.14 33.20
C VAL D 35 26.07 35.67 31.91
N VAL D 36 25.87 34.42 31.49
CA VAL D 36 26.45 33.91 30.23
C VAL D 36 25.57 34.47 29.11
N LEU D 37 26.09 35.31 28.21
CA LEU D 37 25.30 35.90 27.10
C LEU D 37 25.39 34.94 25.92
N VAL D 38 24.28 34.33 25.49
CA VAL D 38 24.30 33.37 24.39
C VAL D 38 23.61 34.03 23.20
N ARG D 39 24.37 34.28 22.15
CA ARG D 39 23.80 34.79 20.91
C ARG D 39 23.16 33.62 20.16
N PHE D 40 21.86 33.67 19.96
CA PHE D 40 21.10 32.58 19.40
C PHE D 40 20.51 32.99 18.06
N GLY D 41 20.67 32.12 17.06
CA GLY D 41 20.10 32.38 15.76
C GLY D 41 19.76 31.08 15.07
N LEU D 42 18.79 31.15 14.17
CA LEU D 42 18.36 30.00 13.39
C LEU D 42 18.72 30.20 11.93
N SER D 43 18.85 29.09 11.21
CA SER D 43 19.07 29.10 9.78
C SER D 43 18.32 27.90 9.21
N ILE D 44 17.26 28.15 8.46
CA ILE D 44 16.43 27.06 7.95
C ILE D 44 17.08 26.48 6.71
N ALA D 45 17.34 25.17 6.75
CA ALA D 45 17.93 24.45 5.63
C ALA D 45 16.87 24.00 4.64
N GLN D 46 15.77 23.43 5.15
CA GLN D 46 14.62 23.18 4.31
C GLN D 46 13.39 22.95 5.20
N LEU D 47 12.23 23.15 4.60
CA LEU D 47 10.94 22.92 5.26
C LEU D 47 10.47 21.53 4.84
N ILE D 48 10.84 20.53 5.63
CA ILE D 48 10.69 19.14 5.21
C ILE D 48 9.21 18.81 4.99
N ASP D 49 8.35 19.24 5.90
CA ASP D 49 6.96 18.86 5.82
C ASP D 49 6.10 19.82 6.64
N VAL D 50 4.89 20.06 6.15
CA VAL D 50 3.82 20.68 6.92
C VAL D 50 2.68 19.67 6.94
N ASP D 51 2.38 19.14 8.10
CA ASP D 51 1.37 18.08 8.26
C ASP D 51 0.10 18.73 8.79
N GLU D 52 -0.81 19.09 7.87
CA GLU D 52 -2.04 19.76 8.28
C GLU D 52 -2.90 18.84 9.15
N LYS D 53 -3.00 17.57 8.78
CA LYS D 53 -3.85 16.64 9.51
C LYS D 53 -3.37 16.46 10.94
N ASN D 54 -2.08 16.21 11.11
CA ASN D 54 -1.49 16.00 12.43
C ASN D 54 -1.05 17.29 13.08
N GLN D 55 -1.21 18.43 12.42
CA GLN D 55 -0.85 19.73 12.96
C GLN D 55 0.58 19.75 13.49
N MET D 56 1.50 19.30 12.64
CA MET D 56 2.91 19.20 12.98
C MET D 56 3.73 19.74 11.84
N MET D 57 4.90 20.30 12.17
CA MET D 57 5.79 20.92 11.19
C MET D 57 7.19 20.37 11.37
N THR D 58 7.75 19.78 10.32
CA THR D 58 9.10 19.25 10.33
C THR D 58 10.03 20.19 9.56
N THR D 59 11.08 20.64 10.22
CA THR D 59 12.06 21.54 9.63
C THR D 59 13.45 20.97 9.81
N ASN D 60 14.36 21.41 8.95
CA ASN D 60 15.78 21.15 9.05
C ASN D 60 16.47 22.50 9.25
N VAL D 61 17.13 22.67 10.39
CA VAL D 61 17.70 23.96 10.78
C VAL D 61 19.12 23.78 11.29
N TRP D 62 19.86 24.87 11.25
CA TRP D 62 21.15 24.98 11.93
C TRP D 62 20.95 25.92 13.12
N VAL D 63 21.34 25.45 14.31
CA VAL D 63 21.14 26.21 15.53
C VAL D 63 22.46 26.89 15.85
N LYS D 64 22.55 28.17 15.51
CA LYS D 64 23.76 28.94 15.74
C LYS D 64 23.75 29.46 17.17
N GLN D 65 24.80 29.13 17.92
CA GLN D 65 24.94 29.57 19.30
C GLN D 65 26.35 30.09 19.52
N GLU D 66 26.46 31.12 20.35
CA GLU D 66 27.75 31.75 20.59
C GLU D 66 27.77 32.32 22.00
N TRP D 67 28.81 31.98 22.75
CA TRP D 67 28.97 32.46 24.12
C TRP D 67 30.46 32.56 24.41
N HIS D 68 30.79 32.99 25.62
CA HIS D 68 32.17 33.19 26.05
C HIS D 68 32.48 32.26 27.20
N ASP D 69 33.67 31.66 27.17
CA ASP D 69 34.16 30.79 28.23
C ASP D 69 35.44 31.39 28.77
N TYR D 70 35.47 31.70 30.06
CA TYR D 70 36.60 32.44 30.62
C TYR D 70 37.79 31.54 30.89
N LYS D 71 37.63 30.23 30.75
CA LYS D 71 38.72 29.28 30.96
C LYS D 71 39.39 28.86 29.66
N LEU D 72 38.71 29.02 28.53
CA LEU D 72 39.26 28.63 27.23
C LEU D 72 39.82 29.87 26.52
N ARG D 73 40.85 30.45 27.13
CA ARG D 73 41.56 31.60 26.58
C ARG D 73 43.05 31.33 26.56
N TRP D 74 43.75 31.97 25.62
CA TRP D 74 45.19 31.82 25.51
C TRP D 74 45.72 32.99 24.70
N ASP D 75 47.05 33.14 24.73
CA ASP D 75 47.72 34.15 23.92
C ASP D 75 48.30 33.48 22.69
N PRO D 76 47.89 33.86 21.48
CA PRO D 76 48.40 33.15 20.30
C PRO D 76 49.90 33.23 20.13
N ALA D 77 50.54 34.26 20.69
CA ALA D 77 51.98 34.42 20.52
C ALA D 77 52.75 33.27 21.13
N ASP D 78 52.21 32.63 22.17
CA ASP D 78 52.89 31.55 22.86
C ASP D 78 52.59 30.19 22.26
N TYR D 79 51.75 30.10 21.23
CA TYR D 79 51.39 28.85 20.60
C TYR D 79 51.48 28.96 19.08
N GLU D 80 52.58 29.54 18.61
CA GLU D 80 52.87 29.64 17.17
C GLU D 80 51.75 30.34 16.43
N ASN D 81 51.18 31.36 17.04
CA ASN D 81 50.16 32.19 16.41
C ASN D 81 48.94 31.37 16.01
N VAL D 82 48.60 30.38 16.84
CA VAL D 82 47.34 29.67 16.69
C VAL D 82 46.25 30.55 17.30
N THR D 83 45.28 30.95 16.48
CA THR D 83 44.24 31.86 16.92
C THR D 83 42.91 31.18 17.20
N SER D 84 42.72 29.94 16.76
CA SER D 84 41.46 29.26 16.94
C SER D 84 41.64 27.77 16.66
N ILE D 85 40.78 26.96 17.28
CA ILE D 85 40.84 25.50 17.15
C ILE D 85 39.43 24.95 17.07
N ARG D 86 39.32 23.72 16.59
CA ARG D 86 38.08 22.97 16.59
C ARG D 86 38.18 21.85 17.60
N ILE D 87 37.20 21.75 18.48
CA ILE D 87 37.20 20.72 19.51
C ILE D 87 35.84 20.04 19.55
N PRO D 88 35.77 18.78 19.96
CA PRO D 88 34.45 18.16 20.15
C PRO D 88 33.63 18.93 21.18
N SER D 89 32.36 19.14 20.86
CA SER D 89 31.48 19.90 21.72
C SER D 89 31.14 19.18 23.02
N GLU D 90 31.39 17.87 23.10
CA GLU D 90 31.10 17.12 24.31
C GLU D 90 32.19 17.27 25.35
N LEU D 91 33.26 18.02 25.08
CA LEU D 91 34.32 18.26 26.03
C LEU D 91 34.16 19.55 26.79
N ILE D 92 33.22 20.42 26.41
CA ILE D 92 33.07 21.73 27.01
C ILE D 92 31.65 21.89 27.53
N TRP D 93 31.47 22.91 28.36
CA TRP D 93 30.13 23.29 28.80
C TRP D 93 29.34 23.86 27.64
N ARG D 94 28.07 23.50 27.55
CA ARG D 94 27.18 24.03 26.54
C ARG D 94 25.89 24.49 27.18
N PRO D 95 25.22 25.49 26.60
CA PRO D 95 23.87 25.84 27.06
C PRO D 95 22.86 24.76 26.70
N ASP D 96 21.85 24.63 27.54
CA ASP D 96 20.83 23.60 27.38
C ASP D 96 19.57 24.19 26.73
N ILE D 97 19.69 24.55 25.46
CA ILE D 97 18.55 25.10 24.73
C ILE D 97 17.67 23.95 24.25
N VAL D 98 16.39 23.99 24.61
CA VAL D 98 15.43 22.98 24.19
C VAL D 98 14.24 23.68 23.55
N LEU D 99 13.60 22.95 22.64
CA LEU D 99 12.39 23.41 21.96
C LEU D 99 11.17 23.04 22.81
N TYR D 100 10.47 24.05 23.32
CA TYR D 100 9.37 23.80 24.23
C TYR D 100 8.25 23.01 23.56
N ASN D 101 7.80 23.48 22.40
CA ASN D 101 6.65 22.88 21.71
C ASN D 101 7.09 21.75 20.78
N ASN D 102 7.87 20.84 21.32
CA ASN D 102 8.25 19.64 20.61
C ASN D 102 7.07 18.70 20.49
N ALA D 103 7.04 17.95 19.40
CA ALA D 103 5.98 16.97 19.17
C ALA D 103 6.57 15.91 18.26
N ASP D 104 6.74 14.69 18.76
CA ASP D 104 7.16 13.56 17.95
C ASP D 104 8.61 13.78 17.51
N GLY D 105 9.45 14.23 18.41
CA GLY D 105 10.84 14.45 18.11
C GLY D 105 11.69 14.61 19.34
N ASP D 106 12.84 15.26 19.18
CA ASP D 106 13.77 15.53 20.25
C ASP D 106 13.56 16.94 20.80
N PHE D 107 13.83 17.11 22.09
CA PHE D 107 13.80 18.44 22.69
C PHE D 107 15.11 19.18 22.44
N ALA D 108 16.23 18.48 22.49
CA ALA D 108 17.56 19.08 22.50
C ALA D 108 18.33 18.65 21.25
N VAL D 109 19.43 19.36 21.01
CA VAL D 109 20.33 19.00 19.92
C VAL D 109 20.98 17.66 20.22
N THR D 110 20.97 16.76 19.25
CA THR D 110 21.52 15.42 19.45
C THR D 110 22.77 15.13 18.62
N HIS D 111 23.12 15.99 17.66
CA HIS D 111 24.23 15.64 16.77
C HIS D 111 25.58 15.88 17.40
N LEU D 112 25.79 17.02 18.05
CA LEU D 112 27.02 17.30 18.78
C LEU D 112 28.23 17.30 17.86
N THR D 113 28.24 18.26 16.93
CA THR D 113 29.39 18.46 16.05
C THR D 113 30.51 19.15 16.83
N LYS D 114 31.54 19.57 16.10
CA LYS D 114 32.68 20.23 16.72
C LYS D 114 32.40 21.72 16.88
N ALA D 115 33.00 22.31 17.91
CA ALA D 115 32.84 23.71 18.23
C ALA D 115 34.10 24.48 17.85
N HIS D 116 33.91 25.69 17.34
CA HIS D 116 35.02 26.56 16.96
C HIS D 116 35.35 27.47 18.13
N LEU D 117 36.58 27.38 18.64
CA LEU D 117 37.01 28.11 19.81
C LEU D 117 38.09 29.11 19.42
N PHE D 118 37.88 30.37 19.79
CA PHE D 118 38.82 31.45 19.50
C PHE D 118 39.63 31.80 20.74
N HIS D 119 40.73 32.52 20.53
CA HIS D 119 41.70 32.73 21.60
C HIS D 119 41.23 33.74 22.64
N ASP D 120 40.17 34.49 22.38
CA ASP D 120 39.63 35.42 23.35
C ASP D 120 38.53 34.80 24.21
N GLY D 121 38.28 33.49 24.04
CA GLY D 121 37.28 32.79 24.81
C GLY D 121 36.00 32.50 24.07
N ARG D 122 35.79 33.13 22.92
CA ARG D 122 34.55 32.96 22.17
C ARG D 122 34.39 31.52 21.67
N VAL D 123 33.20 30.98 21.84
CA VAL D 123 32.86 29.64 21.39
C VAL D 123 31.73 29.76 20.38
N GLN D 124 31.95 29.25 19.18
CA GLN D 124 30.95 29.21 18.13
C GLN D 124 30.56 27.76 17.87
N TRP D 125 29.27 27.45 18.01
CA TRP D 125 28.77 26.10 17.86
C TRP D 125 27.51 26.15 17.02
N THR D 126 27.51 25.40 15.91
CA THR D 126 26.39 25.40 14.95
C THR D 126 26.04 23.97 14.57
N PRO D 127 25.44 23.22 15.48
CA PRO D 127 25.00 21.87 15.13
C PRO D 127 23.77 21.91 14.24
N PRO D 128 23.56 20.89 13.42
CA PRO D 128 22.27 20.78 12.71
C PRO D 128 21.23 20.12 13.60
N ALA D 129 19.97 20.28 13.21
CA ALA D 129 18.88 19.66 13.94
C ALA D 129 17.66 19.56 13.05
N ILE D 130 16.93 18.45 13.19
CA ILE D 130 15.62 18.27 12.58
C ILE D 130 14.59 18.30 13.69
N TYR D 131 13.67 19.24 13.61
CA TYR D 131 12.67 19.45 14.66
C TYR D 131 11.28 19.17 14.11
N LYS D 132 10.45 18.57 14.94
CA LYS D 132 9.02 18.40 14.65
C LYS D 132 8.26 19.13 15.75
N SER D 133 7.62 20.23 15.39
CA SER D 133 6.96 21.08 16.36
C SER D 133 5.46 21.15 16.11
N SER D 134 4.74 21.60 17.12
CA SER D 134 3.29 21.73 17.06
C SER D 134 2.91 23.12 16.57
N CYS D 135 1.87 23.18 15.73
CA CYS D 135 1.32 24.48 15.35
C CYS D 135 -0.13 24.30 14.92
N SER D 136 -1.03 25.03 15.56
CA SER D 136 -2.43 25.00 15.19
C SER D 136 -2.59 25.47 13.74
N ILE D 137 -3.38 24.71 12.99
CA ILE D 137 -3.55 24.91 11.56
C ILE D 137 -4.94 25.49 11.32
N ASP D 138 -4.99 26.60 10.59
CA ASP D 138 -6.23 27.27 10.23
C ASP D 138 -6.51 27.03 8.75
N VAL D 139 -7.62 26.36 8.45
CA VAL D 139 -7.94 25.99 7.07
C VAL D 139 -9.23 26.68 6.62
N THR D 140 -9.49 27.87 7.17
CA THR D 140 -10.67 28.63 6.74
C THR D 140 -10.65 28.85 5.22
N PHE D 141 -9.51 29.24 4.67
CA PHE D 141 -9.40 29.62 3.27
C PHE D 141 -8.60 28.60 2.46
N PHE D 142 -8.57 27.36 2.91
CA PHE D 142 -7.90 26.32 2.14
C PHE D 142 -8.53 26.24 0.76
N PRO D 143 -7.73 26.12 -0.31
CA PRO D 143 -6.27 26.00 -0.40
C PRO D 143 -5.53 27.33 -0.58
N PHE D 144 -6.17 28.45 -0.24
CA PHE D 144 -5.53 29.76 -0.25
C PHE D 144 -5.11 30.19 1.14
N ASP D 145 -4.75 29.23 1.99
CA ASP D 145 -4.50 29.52 3.39
C ASP D 145 -3.06 30.00 3.61
N GLN D 146 -2.90 30.77 4.68
CA GLN D 146 -1.59 31.20 5.16
C GLN D 146 -1.47 30.71 6.60
N GLN D 147 -0.49 29.83 6.85
CA GLN D 147 -0.29 29.27 8.17
C GLN D 147 0.81 30.01 8.92
N ASN D 148 0.77 29.89 10.26
CA ASN D 148 1.68 30.61 11.14
C ASN D 148 2.11 29.64 12.22
N CYS D 149 3.21 28.93 11.95
CA CYS D 149 3.75 27.92 12.85
C CYS D 149 4.94 28.48 13.59
N THR D 150 4.97 28.28 14.91
CA THR D 150 5.99 28.89 15.77
C THR D 150 6.97 27.85 16.28
N MET D 151 8.09 28.34 16.80
CA MET D 151 9.10 27.51 17.45
C MET D 151 9.65 28.27 18.65
N LYS D 152 9.52 27.69 19.83
CA LYS D 152 9.93 28.32 21.08
C LYS D 152 11.20 27.66 21.58
N PHE D 153 12.25 28.44 21.75
CA PHE D 153 13.55 27.96 22.20
C PHE D 153 13.93 28.64 23.50
N GLY D 154 14.49 27.88 24.43
CA GLY D 154 14.92 28.46 25.68
C GLY D 154 15.74 27.50 26.51
N SER D 155 16.47 28.06 27.46
CA SER D 155 17.20 27.26 28.41
C SER D 155 16.23 26.54 29.35
N TRP D 156 16.58 25.32 29.73
CA TRP D 156 15.68 24.52 30.55
C TRP D 156 15.94 24.68 32.04
N THR D 157 17.19 24.78 32.48
CA THR D 157 17.50 24.80 33.90
C THR D 157 18.22 26.05 34.38
N TYR D 158 18.39 27.07 33.53
CA TYR D 158 19.09 28.29 33.90
C TYR D 158 18.16 29.48 33.68
N ASP D 159 17.93 30.25 34.74
CA ASP D 159 17.05 31.40 34.66
C ASP D 159 17.79 32.60 34.09
N LYS D 160 17.07 33.70 33.90
CA LYS D 160 17.62 34.87 33.21
C LYS D 160 18.85 35.41 33.90
N ALA D 161 18.95 35.24 35.22
CA ALA D 161 20.10 35.74 35.96
C ALA D 161 21.36 34.93 35.72
N LYS D 162 21.27 33.78 35.06
CA LYS D 162 22.41 32.92 34.80
C LYS D 162 22.74 32.78 33.33
N ILE D 163 21.74 32.60 32.48
CA ILE D 163 21.92 32.56 31.04
C ILE D 163 20.88 33.48 30.42
N ASP D 164 21.31 34.35 29.51
CA ASP D 164 20.42 35.27 28.83
C ASP D 164 20.61 35.14 27.34
N LEU D 165 19.51 35.17 26.61
CA LEU D 165 19.52 35.00 25.16
C LEU D 165 19.60 36.35 24.47
N VAL D 166 20.31 36.37 23.35
CA VAL D 166 20.46 37.56 22.53
C VAL D 166 20.14 37.18 21.09
N ASN D 167 19.27 37.94 20.44
CA ASN D 167 18.94 37.70 19.05
C ASN D 167 20.17 37.96 18.19
N MET D 168 20.76 36.88 17.66
CA MET D 168 21.89 37.03 16.76
C MET D 168 21.54 37.92 15.58
N HIS D 169 20.30 37.83 15.10
CA HIS D 169 19.72 38.73 14.13
C HIS D 169 18.25 38.37 13.97
N SER D 170 17.41 39.39 13.74
CA SER D 170 15.96 39.20 13.88
C SER D 170 15.44 38.13 12.92
N ARG D 171 15.72 38.26 11.63
CA ARG D 171 15.18 37.38 10.62
C ARG D 171 15.87 36.02 10.66
N VAL D 172 15.10 34.96 10.42
CA VAL D 172 15.70 33.64 10.23
C VAL D 172 16.49 33.64 8.93
N ASP D 173 17.69 33.08 8.97
CA ASP D 173 18.56 33.04 7.80
C ASP D 173 18.02 32.06 6.76
N GLN D 174 17.94 32.49 5.51
CA GLN D 174 17.47 31.66 4.41
C GLN D 174 18.46 31.66 3.26
N LEU D 175 19.73 31.94 3.54
CA LEU D 175 20.71 32.03 2.46
C LEU D 175 20.90 30.69 1.76
N ASP D 176 20.91 29.60 2.52
CA ASP D 176 21.12 28.28 1.96
C ASP D 176 19.84 27.44 1.98
N PHE D 177 18.71 28.11 1.81
CA PHE D 177 17.41 27.46 1.90
C PHE D 177 17.12 26.64 0.65
N TRP D 178 16.35 25.57 0.84
CA TRP D 178 15.96 24.65 -0.22
C TRP D 178 14.46 24.84 -0.49
N GLU D 179 14.16 25.61 -1.54
CA GLU D 179 12.76 25.91 -1.87
C GLU D 179 11.99 24.62 -2.09
N SER D 180 10.75 24.59 -1.59
CA SER D 180 9.97 23.36 -1.55
C SER D 180 9.05 23.18 -2.77
N GLY D 181 8.45 24.25 -3.26
CA GLY D 181 7.48 24.17 -4.34
C GLY D 181 6.04 24.09 -3.89
N GLU D 182 5.77 23.90 -2.60
CA GLU D 182 4.41 23.92 -2.07
C GLU D 182 4.14 25.10 -1.16
N TRP D 183 5.12 25.52 -0.37
CA TRP D 183 4.99 26.66 0.52
C TRP D 183 6.06 27.69 0.23
N VAL D 184 5.77 28.94 0.57
CA VAL D 184 6.75 30.02 0.52
C VAL D 184 6.77 30.70 1.87
N ILE D 185 7.97 31.02 2.36
CA ILE D 185 8.12 31.69 3.66
C ILE D 185 7.86 33.16 3.43
N VAL D 186 6.72 33.65 3.91
CA VAL D 186 6.41 35.07 3.81
C VAL D 186 7.25 35.87 4.79
N ASP D 187 7.34 35.41 6.03
CA ASP D 187 8.09 36.09 7.06
C ASP D 187 8.55 35.06 8.09
N ALA D 188 9.73 35.26 8.65
CA ALA D 188 10.28 34.36 9.66
C ALA D 188 11.09 35.20 10.65
N VAL D 189 10.50 35.46 11.81
CA VAL D 189 11.04 36.44 12.75
C VAL D 189 11.12 35.80 14.14
N GLY D 190 12.23 36.05 14.83
CA GLY D 190 12.39 35.60 16.20
C GLY D 190 12.13 36.75 17.16
N THR D 191 11.36 36.45 18.19
CA THR D 191 10.99 37.42 19.21
C THR D 191 11.53 36.98 20.56
N TYR D 192 12.12 37.92 21.29
CA TYR D 192 12.64 37.66 22.62
C TYR D 192 11.54 37.88 23.65
N ASN D 193 11.39 36.94 24.57
CA ASN D 193 10.39 37.03 25.63
C ASN D 193 10.98 36.53 26.94
N THR D 194 10.41 37.02 28.03
CA THR D 194 10.67 36.50 29.36
C THR D 194 9.33 36.19 30.00
N ARG D 195 9.27 35.14 30.81
CA ARG D 195 8.06 34.87 31.56
C ARG D 195 8.37 34.01 32.76
N LYS D 196 7.51 34.09 33.76
CA LYS D 196 7.65 33.33 34.99
C LYS D 196 6.76 32.09 34.92
N TYR D 197 7.22 31.02 35.54
CA TYR D 197 6.54 29.74 35.52
C TYR D 197 6.19 29.34 36.94
N GLU D 198 5.09 28.60 37.08
CA GLU D 198 4.70 28.14 38.41
C GLU D 198 5.67 27.13 38.99
N CYS D 199 6.52 26.53 38.14
CA CYS D 199 7.56 25.65 38.64
C CYS D 199 8.53 26.39 39.54
N CYS D 200 8.95 27.57 39.11
CA CYS D 200 10.20 28.15 39.56
C CYS D 200 10.02 29.64 39.84
N ALA D 201 10.76 30.13 40.83
CA ALA D 201 10.56 31.48 41.33
C ALA D 201 11.25 32.55 40.48
N GLU D 202 12.07 32.15 39.50
CA GLU D 202 12.85 33.08 38.71
C GLU D 202 12.25 33.22 37.31
N ILE D 203 12.80 34.16 36.56
CA ILE D 203 12.32 34.49 35.22
C ILE D 203 13.15 33.71 34.20
N TYR D 204 12.48 33.08 33.25
CA TYR D 204 13.14 32.28 32.23
C TYR D 204 12.94 32.93 30.86
N PRO D 205 13.99 33.38 30.19
CA PRO D 205 13.83 33.98 28.86
C PRO D 205 13.73 32.90 27.79
N ASP D 206 13.26 33.32 26.63
CA ASP D 206 13.14 32.46 25.46
C ASP D 206 13.06 33.32 24.22
N ILE D 207 13.38 32.72 23.08
CA ILE D 207 13.17 33.33 21.78
C ILE D 207 12.16 32.46 21.03
N THR D 208 11.13 33.10 20.50
CA THR D 208 10.10 32.42 19.74
C THR D 208 10.15 32.85 18.29
N TYR D 209 10.22 31.89 17.39
CA TYR D 209 10.22 32.14 15.95
C TYR D 209 8.85 31.82 15.40
N ALA D 210 8.31 32.73 14.60
CA ALA D 210 7.03 32.55 13.93
C ALA D 210 7.29 32.46 12.43
N PHE D 211 6.99 31.32 11.84
CA PHE D 211 7.14 31.09 10.41
C PHE D 211 5.79 31.30 9.76
N VAL D 212 5.64 32.38 9.00
CA VAL D 212 4.41 32.68 8.29
C VAL D 212 4.61 32.18 6.86
N ILE D 213 3.97 31.06 6.54
CA ILE D 213 4.16 30.38 5.27
C ILE D 213 2.86 30.42 4.48
N ARG D 214 2.97 30.72 3.20
CA ARG D 214 1.84 30.80 2.29
C ARG D 214 1.82 29.58 1.39
N ARG D 215 0.64 29.03 1.16
CA ARG D 215 0.49 27.87 0.28
C ARG D 215 0.31 28.33 -1.16
N LEU D 216 1.01 27.65 -2.07
CA LEU D 216 0.83 27.88 -3.50
C LEU D 216 -0.39 27.08 -3.96
N PRO D 217 -1.44 27.73 -4.45
CA PRO D 217 -2.74 27.05 -4.58
C PRO D 217 -3.00 26.30 -5.88
N LEU D 218 -2.08 26.30 -6.85
CA LEU D 218 -2.41 25.72 -8.16
C LEU D 218 -2.77 24.25 -8.04
N PHE D 219 -1.98 23.48 -7.28
CA PHE D 219 -2.18 22.04 -7.25
C PHE D 219 -3.58 21.68 -6.77
N TYR D 220 -3.98 22.19 -5.59
CA TYR D 220 -5.27 21.82 -5.06
C TYR D 220 -6.39 22.50 -5.80
N THR D 221 -6.17 23.70 -6.34
CA THR D 221 -7.14 24.25 -7.27
C THR D 221 -7.48 23.23 -8.34
N ILE D 222 -6.48 22.83 -9.13
CA ILE D 222 -6.72 21.94 -10.25
C ILE D 222 -7.35 20.63 -9.79
N ASN D 223 -6.89 20.08 -8.67
CA ASN D 223 -7.25 18.71 -8.34
C ASN D 223 -8.47 18.58 -7.44
N LEU D 224 -8.91 19.63 -6.77
CA LEU D 224 -10.13 19.60 -5.98
C LEU D 224 -11.15 20.63 -6.43
N ILE D 225 -10.75 21.90 -6.57
CA ILE D 225 -11.73 22.98 -6.65
C ILE D 225 -12.50 22.91 -7.96
N ILE D 226 -11.80 22.72 -9.08
CA ILE D 226 -12.46 22.79 -10.38
C ILE D 226 -13.29 21.54 -10.64
N PRO D 227 -12.84 20.33 -10.29
CA PRO D 227 -13.79 19.20 -10.33
C PRO D 227 -15.03 19.44 -9.48
N CYS D 228 -14.88 20.07 -8.32
CA CYS D 228 -16.04 20.37 -7.49
C CYS D 228 -16.99 21.33 -8.19
N LEU D 229 -16.45 22.36 -8.84
CA LEU D 229 -17.29 23.31 -9.55
C LEU D 229 -17.98 22.66 -10.74
N LEU D 230 -17.27 21.80 -11.48
CA LEU D 230 -17.87 21.14 -12.62
C LEU D 230 -19.01 20.22 -12.17
N ILE D 231 -18.83 19.51 -11.06
CA ILE D 231 -19.91 18.68 -10.55
C ILE D 231 -21.07 19.53 -10.04
N SER D 232 -20.75 20.68 -9.43
CA SER D 232 -21.79 21.53 -8.86
C SER D 232 -22.60 22.25 -9.94
N CYS D 233 -22.02 22.45 -11.12
CA CYS D 233 -22.75 23.06 -12.23
C CYS D 233 -23.92 22.21 -12.68
N LEU D 234 -23.88 20.90 -12.42
CA LEU D 234 -24.91 19.97 -12.88
C LEU D 234 -26.08 19.84 -11.90
N THR D 235 -26.02 20.52 -10.76
CA THR D 235 -27.05 20.35 -9.74
C THR D 235 -28.42 20.83 -10.22
N VAL D 236 -28.45 21.85 -11.06
CA VAL D 236 -29.72 22.43 -11.50
C VAL D 236 -30.27 21.80 -12.79
N LEU D 237 -29.45 21.04 -13.52
CA LEU D 237 -29.87 20.52 -14.82
C LEU D 237 -31.03 19.55 -14.70
N VAL D 238 -31.18 18.88 -13.55
CA VAL D 238 -32.25 17.90 -13.41
C VAL D 238 -33.61 18.56 -13.61
N PHE D 239 -33.74 19.84 -13.28
CA PHE D 239 -35.00 20.54 -13.41
C PHE D 239 -35.32 20.93 -14.85
N TYR D 240 -34.37 20.82 -15.76
CA TYR D 240 -34.61 21.07 -17.18
C TYR D 240 -34.74 19.79 -17.98
N LEU D 241 -34.61 18.65 -17.35
CA LEU D 241 -34.70 17.35 -17.99
C LEU D 241 -36.16 16.91 -18.06
N PRO D 242 -36.67 16.54 -19.24
CA PRO D 242 -38.08 16.14 -19.32
C PRO D 242 -38.35 14.86 -18.54
N SER D 243 -39.57 14.74 -18.02
CA SER D 243 -39.92 13.58 -17.21
C SER D 243 -40.03 12.30 -18.02
N GLU D 244 -40.22 12.40 -19.34
CA GLU D 244 -40.35 11.20 -20.16
C GLU D 244 -39.02 10.49 -20.37
N CYS D 245 -37.90 11.23 -20.37
CA CYS D 245 -36.63 10.63 -20.76
C CYS D 245 -36.18 9.55 -19.79
N GLY D 246 -36.76 9.51 -18.60
CA GLY D 246 -36.44 8.47 -17.63
C GLY D 246 -35.01 8.45 -17.15
N GLU D 247 -34.42 9.63 -16.90
CA GLU D 247 -33.04 9.69 -16.46
C GLU D 247 -32.79 10.75 -15.39
N LYS D 248 -33.83 11.33 -14.80
CA LYS D 248 -33.62 12.40 -13.82
C LYS D 248 -32.99 11.88 -12.54
N ILE D 249 -33.54 10.79 -12.00
CA ILE D 249 -33.02 10.22 -10.77
C ILE D 249 -31.55 9.87 -10.92
N THR D 250 -31.19 9.31 -12.08
CA THR D 250 -29.80 8.97 -12.33
C THR D 250 -28.90 10.19 -12.19
N LEU D 251 -29.27 11.29 -12.85
CA LEU D 251 -28.44 12.49 -12.82
C LEU D 251 -28.28 13.01 -11.40
N CYS D 252 -29.40 13.21 -10.69
CA CYS D 252 -29.30 13.86 -9.39
C CYS D 252 -28.61 12.95 -8.37
N ILE D 253 -28.83 11.64 -8.46
CA ILE D 253 -28.17 10.72 -7.53
C ILE D 253 -26.67 10.70 -7.78
N SER D 254 -26.25 10.67 -9.05
CA SER D 254 -24.83 10.70 -9.34
C SER D 254 -24.19 11.98 -8.81
N VAL D 255 -24.88 13.11 -8.95
CA VAL D 255 -24.36 14.37 -8.43
C VAL D 255 -24.16 14.26 -6.92
N LEU D 256 -25.16 13.72 -6.22
CA LEU D 256 -25.07 13.63 -4.76
C LEU D 256 -23.90 12.74 -4.34
N LEU D 257 -23.75 11.58 -4.97
CA LEU D 257 -22.67 10.68 -4.60
C LEU D 257 -21.31 11.29 -4.86
N SER D 258 -21.15 11.98 -5.99
CA SER D 258 -19.87 12.63 -6.29
C SER D 258 -19.54 13.70 -5.25
N LEU D 259 -20.52 14.51 -4.88
CA LEU D 259 -20.29 15.52 -3.85
C LEU D 259 -19.87 14.87 -2.54
N THR D 260 -20.52 13.76 -2.17
CA THR D 260 -20.15 13.08 -0.93
C THR D 260 -18.72 12.56 -0.97
N VAL D 261 -18.33 11.95 -2.08
CA VAL D 261 -16.96 11.44 -2.20
C VAL D 261 -15.96 12.59 -2.06
N PHE D 262 -16.25 13.73 -2.68
CA PHE D 262 -15.34 14.86 -2.59
C PHE D 262 -15.25 15.40 -1.17
N LEU D 263 -16.39 15.45 -0.45
CA LEU D 263 -16.34 15.88 0.93
C LEU D 263 -15.47 14.95 1.77
N LEU D 264 -15.59 13.64 1.54
CA LEU D 264 -14.76 12.70 2.29
C LEU D 264 -13.26 12.89 1.99
N LEU D 265 -12.92 13.04 0.70
CA LEU D 265 -11.53 13.29 0.34
C LEU D 265 -11.02 14.57 1.01
N ILE D 266 -11.87 15.59 1.10
CA ILE D 266 -11.48 16.83 1.78
C ILE D 266 -11.18 16.55 3.24
N THR D 267 -12.06 15.78 3.90
CA THR D 267 -11.81 15.46 5.30
C THR D 267 -10.50 14.72 5.49
N GLU D 268 -10.04 14.00 4.47
CA GLU D 268 -8.76 13.33 4.61
C GLU D 268 -7.58 14.29 4.77
N ILE D 269 -7.71 15.55 4.33
CA ILE D 269 -6.59 16.47 4.26
C ILE D 269 -6.52 17.39 5.47
N ILE D 270 -7.66 17.95 5.87
CA ILE D 270 -7.72 18.99 6.88
C ILE D 270 -7.73 18.37 8.28
N PRO D 271 -7.35 19.11 9.32
CA PRO D 271 -7.40 18.56 10.67
C PRO D 271 -8.80 18.50 11.23
N SER D 272 -8.99 17.60 12.19
CA SER D 272 -10.30 17.36 12.81
C SER D 272 -10.55 18.33 13.97
N THR D 273 -10.41 19.62 13.69
CA THR D 273 -10.61 20.64 14.70
C THR D 273 -12.00 21.25 14.55
N SER D 274 -12.58 21.68 15.67
CA SER D 274 -13.92 22.24 15.71
C SER D 274 -13.91 23.75 15.89
N LEU D 275 -12.75 24.40 15.82
CA LEU D 275 -12.71 25.85 16.01
C LEU D 275 -13.26 26.58 14.80
N VAL D 276 -12.93 26.12 13.59
CA VAL D 276 -13.39 26.74 12.35
C VAL D 276 -13.80 25.65 11.37
N ILE D 277 -14.59 26.04 10.38
CA ILE D 277 -15.02 25.16 9.31
C ILE D 277 -14.42 25.71 8.02
N PRO D 278 -13.75 24.89 7.20
CA PRO D 278 -13.27 25.40 5.91
C PRO D 278 -14.43 25.89 5.06
N LEU D 279 -14.18 26.95 4.30
CA LEU D 279 -15.18 27.43 3.35
C LEU D 279 -15.50 26.37 2.31
N ILE D 280 -14.50 25.61 1.88
CA ILE D 280 -14.74 24.54 0.92
C ILE D 280 -15.69 23.49 1.49
N GLY D 281 -15.48 23.12 2.76
CA GLY D 281 -16.38 22.17 3.40
C GLY D 281 -17.79 22.70 3.51
N GLU D 282 -17.95 23.97 3.89
CA GLU D 282 -19.27 24.56 3.98
C GLU D 282 -19.97 24.56 2.62
N TYR D 283 -19.25 24.95 1.58
CA TYR D 283 -19.83 24.97 0.24
C TYR D 283 -20.28 23.56 -0.17
N LEU D 284 -19.42 22.57 0.04
CA LEU D 284 -19.79 21.21 -0.34
C LEU D 284 -21.01 20.72 0.44
N LEU D 285 -21.06 21.00 1.74
CA LEU D 285 -22.18 20.55 2.54
C LEU D 285 -23.48 21.19 2.10
N PHE D 286 -23.48 22.49 1.84
CA PHE D 286 -24.72 23.15 1.43
C PHE D 286 -25.15 22.69 0.04
N THR D 287 -24.19 22.45 -0.85
CA THR D 287 -24.55 21.85 -2.14
C THR D 287 -25.18 20.48 -1.95
N MET D 288 -24.69 19.70 -0.99
CA MET D 288 -25.29 18.40 -0.72
C MET D 288 -26.73 18.56 -0.25
N ILE D 289 -26.99 19.49 0.66
CA ILE D 289 -28.34 19.68 1.16
C ILE D 289 -29.27 20.06 0.01
N PHE D 290 -28.83 20.96 -0.87
CA PHE D 290 -29.68 21.37 -1.97
C PHE D 290 -29.87 20.25 -2.99
N VAL D 291 -28.88 19.39 -3.18
CA VAL D 291 -29.06 18.25 -4.08
C VAL D 291 -30.04 17.25 -3.49
N THR D 292 -30.02 17.06 -2.17
CA THR D 292 -31.02 16.20 -1.52
C THR D 292 -32.42 16.77 -1.69
N LEU D 293 -32.57 18.08 -1.51
CA LEU D 293 -33.86 18.71 -1.74
C LEU D 293 -34.29 18.56 -3.20
N SER D 294 -33.34 18.66 -4.13
CA SER D 294 -33.66 18.48 -5.53
C SER D 294 -34.12 17.05 -5.81
N ILE D 295 -33.52 16.06 -5.16
CA ILE D 295 -33.98 14.68 -5.33
C ILE D 295 -35.41 14.53 -4.83
N VAL D 296 -35.70 15.12 -3.67
CA VAL D 296 -37.05 15.03 -3.13
C VAL D 296 -38.06 15.67 -4.08
N ILE D 297 -37.74 16.86 -4.58
CA ILE D 297 -38.62 17.56 -5.51
C ILE D 297 -38.77 16.75 -6.80
N THR D 298 -37.71 16.10 -7.24
CA THR D 298 -37.77 15.31 -8.46
C THR D 298 -38.72 14.13 -8.30
N VAL D 299 -38.67 13.46 -7.15
CA VAL D 299 -39.61 12.39 -6.90
C VAL D 299 -41.04 12.90 -6.92
N PHE D 300 -41.26 14.06 -6.29
CA PHE D 300 -42.61 14.64 -6.29
C PHE D 300 -43.07 14.97 -7.70
N VAL D 301 -42.20 15.55 -8.51
CA VAL D 301 -42.56 15.93 -9.88
C VAL D 301 -42.85 14.69 -10.72
N LEU D 302 -42.04 13.64 -10.56
CA LEU D 302 -42.29 12.41 -11.30
C LEU D 302 -43.63 11.80 -10.89
N ASN D 303 -43.98 11.88 -9.61
CA ASN D 303 -45.29 11.41 -9.17
C ASN D 303 -46.41 12.22 -9.82
N VAL D 304 -46.24 13.54 -9.89
CA VAL D 304 -47.27 14.40 -10.47
C VAL D 304 -47.41 14.15 -11.97
N HIS D 305 -46.30 13.85 -12.64
CA HIS D 305 -46.31 13.71 -14.09
C HIS D 305 -47.08 12.48 -14.55
N HIS D 306 -47.01 11.38 -13.79
CA HIS D 306 -47.59 10.11 -14.19
C HIS D 306 -49.00 9.92 -13.64
N ARG D 307 -49.76 10.99 -13.48
CA ARG D 307 -51.13 10.92 -12.99
C ARG D 307 -52.10 10.81 -14.16
N SER D 308 -53.19 10.09 -13.94
CA SER D 308 -54.20 9.84 -14.95
C SER D 308 -55.57 9.99 -14.30
N PRO D 309 -56.61 10.27 -15.10
CA PRO D 309 -57.96 10.35 -14.53
C PRO D 309 -58.39 9.06 -13.85
N ARG D 310 -57.84 7.92 -14.26
CA ARG D 310 -58.17 6.65 -13.64
C ARG D 310 -57.63 6.53 -12.23
N THR D 311 -56.71 7.39 -11.81
CA THR D 311 -56.09 7.26 -10.50
C THR D 311 -56.24 8.51 -9.65
N HIS D 312 -56.41 9.68 -10.27
CA HIS D 312 -56.44 10.94 -9.55
C HIS D 312 -57.48 11.87 -10.15
N THR D 313 -57.82 12.89 -9.37
CA THR D 313 -58.67 13.98 -9.84
C THR D 313 -57.99 15.31 -9.54
N MET D 314 -57.89 16.16 -10.54
CA MET D 314 -57.17 17.43 -10.40
C MET D 314 -58.05 18.46 -9.70
N PRO D 315 -57.63 19.03 -8.57
CA PRO D 315 -58.44 20.08 -7.93
C PRO D 315 -58.58 21.29 -8.82
N THR D 316 -59.68 22.03 -8.62
CA THR D 316 -59.92 23.22 -9.42
C THR D 316 -58.86 24.28 -9.16
N TRP D 317 -58.43 24.43 -7.90
CA TRP D 317 -57.46 25.47 -7.59
C TRP D 317 -56.10 25.15 -8.19
N VAL D 318 -55.72 23.87 -8.23
CA VAL D 318 -54.46 23.50 -8.90
C VAL D 318 -54.54 23.86 -10.37
N ARG D 319 -55.65 23.50 -11.02
CA ARG D 319 -55.82 23.86 -12.42
C ARG D 319 -55.68 25.37 -12.60
N ARG D 320 -56.42 26.14 -11.81
CA ARG D 320 -56.36 27.59 -11.94
C ARG D 320 -54.93 28.09 -11.77
N VAL D 321 -54.31 27.82 -10.62
CA VAL D 321 -52.98 28.34 -10.35
C VAL D 321 -51.99 27.90 -11.43
N PHE D 322 -51.74 26.60 -11.53
CA PHE D 322 -50.68 26.07 -12.37
C PHE D 322 -51.09 25.89 -13.83
N LEU D 323 -52.16 26.54 -14.27
CA LEU D 323 -52.36 26.73 -15.70
C LEU D 323 -52.60 28.19 -16.08
N ASP D 324 -52.80 29.09 -15.11
CA ASP D 324 -53.05 30.49 -15.39
C ASP D 324 -51.97 31.40 -14.82
N ILE D 325 -51.67 31.28 -13.53
CA ILE D 325 -50.92 32.31 -12.82
C ILE D 325 -49.42 32.06 -12.93
N VAL D 326 -48.96 30.92 -12.41
CA VAL D 326 -47.52 30.66 -12.38
C VAL D 326 -46.93 30.59 -13.78
N PRO D 327 -47.54 29.92 -14.75
CA PRO D 327 -46.93 29.91 -16.10
C PRO D 327 -46.69 31.30 -16.66
N ARG D 328 -47.65 32.23 -16.49
CA ARG D 328 -47.41 33.59 -16.96
C ARG D 328 -46.29 34.26 -16.18
N LEU D 329 -46.29 34.08 -14.86
CA LEU D 329 -45.26 34.70 -14.04
C LEU D 329 -43.86 34.22 -14.41
N LEU D 330 -43.75 33.04 -15.02
CA LEU D 330 -42.47 32.47 -15.41
C LEU D 330 -42.16 32.67 -16.88
N LEU D 331 -42.93 33.49 -17.59
CA LEU D 331 -42.68 33.80 -19.00
C LEU D 331 -42.80 32.57 -19.90
N MET D 332 -43.74 31.69 -19.58
CA MET D 332 -44.07 30.55 -20.42
C MET D 332 -45.57 30.54 -20.66
N LYS D 333 -45.95 30.36 -21.92
CA LYS D 333 -47.36 30.37 -22.32
C LYS D 333 -47.69 29.09 -23.07
N ARG D 334 -48.87 28.55 -22.79
CA ARG D 334 -49.31 27.36 -23.50
C ARG D 334 -49.70 27.71 -24.93
N PRO D 335 -49.63 26.74 -25.86
CA PRO D 335 -50.05 26.94 -27.25
C PRO D 335 -51.43 27.57 -27.36
N LEU D 538 -77.57 -0.82 -41.35
CA LEU D 538 -78.35 -1.63 -40.42
C LEU D 538 -78.16 -1.14 -38.99
N THR D 539 -79.01 -1.63 -38.09
CA THR D 539 -78.92 -1.20 -36.69
C THR D 539 -77.57 -1.54 -36.09
N ARG D 540 -77.04 -2.72 -36.42
CA ARG D 540 -75.74 -3.11 -35.87
C ARG D 540 -74.65 -2.16 -36.34
N ALA D 541 -74.65 -1.79 -37.61
CA ALA D 541 -73.61 -0.89 -38.13
C ALA D 541 -73.65 0.46 -37.43
N VAL D 542 -74.84 1.04 -37.28
CA VAL D 542 -74.92 2.36 -36.66
C VAL D 542 -74.56 2.28 -35.18
N GLU D 543 -75.00 1.21 -34.51
CA GLU D 543 -74.63 1.02 -33.11
C GLU D 543 -73.12 0.93 -32.96
N GLY D 544 -72.46 0.16 -33.84
CA GLY D 544 -71.01 0.05 -33.78
C GLY D 544 -70.32 1.37 -34.03
N VAL D 545 -70.79 2.12 -35.03
CA VAL D 545 -70.16 3.40 -35.33
C VAL D 545 -70.31 4.36 -34.15
N GLN D 546 -71.50 4.40 -33.54
CA GLN D 546 -71.70 5.25 -32.38
C GLN D 546 -70.79 4.83 -31.24
N TYR D 547 -70.64 3.52 -31.01
CA TYR D 547 -69.74 3.06 -29.96
C TYR D 547 -68.31 3.51 -30.24
N ILE D 548 -67.87 3.39 -31.49
CA ILE D 548 -66.50 3.77 -31.82
C ILE D 548 -66.28 5.26 -31.57
N ALA D 549 -67.26 6.08 -31.98
CA ALA D 549 -67.14 7.52 -31.79
C ALA D 549 -67.09 7.88 -30.31
N ASP D 550 -67.95 7.26 -29.49
CA ASP D 550 -67.95 7.56 -28.06
C ASP D 550 -66.64 7.10 -27.41
N HIS D 551 -66.13 5.94 -27.84
CA HIS D 551 -64.86 5.45 -27.31
C HIS D 551 -63.73 6.43 -27.62
N LEU D 552 -63.68 6.93 -28.85
CA LEU D 552 -62.64 7.92 -29.18
C LEU D 552 -62.83 9.21 -28.41
N LYS D 553 -64.08 9.64 -28.20
CA LYS D 553 -64.30 10.86 -27.41
C LYS D 553 -63.80 10.71 -25.99
N ALA D 554 -64.11 9.58 -25.35
CA ALA D 554 -63.62 9.34 -24.00
C ALA D 554 -62.09 9.31 -23.96
N GLU D 555 -61.47 8.66 -24.95
CA GLU D 555 -60.02 8.63 -25.00
C GLU D 555 -59.45 10.04 -25.12
N ASP D 556 -60.05 10.88 -25.96
CA ASP D 556 -59.54 12.24 -26.11
C ASP D 556 -59.64 13.00 -24.79
N THR D 557 -60.76 12.86 -24.09
CA THR D 557 -60.91 13.57 -22.81
C THR D 557 -59.84 13.13 -21.81
N ASP D 558 -59.63 11.82 -21.70
CA ASP D 558 -58.63 11.32 -20.77
C ASP D 558 -57.24 11.79 -21.14
N PHE D 559 -56.91 11.77 -22.43
CA PHE D 559 -55.61 12.24 -22.88
C PHE D 559 -55.43 13.71 -22.54
N SER D 560 -56.50 14.50 -22.68
CA SER D 560 -56.42 15.92 -22.34
C SER D 560 -56.09 16.10 -20.86
N VAL D 561 -56.73 15.32 -19.99
CA VAL D 561 -56.44 15.47 -18.56
C VAL D 561 -55.01 15.05 -18.24
N LYS D 562 -54.54 13.95 -18.85
CA LYS D 562 -53.13 13.57 -18.66
C LYS D 562 -52.19 14.67 -19.14
N GLU D 563 -52.51 15.31 -20.25
CA GLU D 563 -51.67 16.42 -20.72
C GLU D 563 -51.65 17.56 -19.72
N ASP D 564 -52.78 17.83 -19.08
CA ASP D 564 -52.79 18.87 -18.05
C ASP D 564 -51.88 18.51 -16.89
N TRP D 565 -51.92 17.24 -16.45
CA TRP D 565 -51.01 16.83 -15.38
C TRP D 565 -49.55 16.99 -15.79
N LYS D 566 -49.23 16.61 -17.03
CA LYS D 566 -47.86 16.75 -17.52
C LYS D 566 -47.43 18.21 -17.54
N TYR D 567 -48.31 19.11 -17.97
CA TYR D 567 -47.95 20.52 -18.00
C TYR D 567 -47.74 21.06 -16.59
N VAL D 568 -48.56 20.61 -15.63
CA VAL D 568 -48.35 21.03 -14.24
C VAL D 568 -46.97 20.60 -13.76
N ALA D 569 -46.58 19.36 -14.05
CA ALA D 569 -45.26 18.90 -13.66
C ALA D 569 -44.16 19.74 -14.30
N MET D 570 -44.33 20.08 -15.58
CA MET D 570 -43.36 20.94 -16.25
C MET D 570 -43.25 22.30 -15.58
N VAL D 571 -44.36 22.86 -15.14
CA VAL D 571 -44.35 24.18 -14.52
C VAL D 571 -43.64 24.13 -13.16
N ILE D 572 -43.87 23.04 -12.41
CA ILE D 572 -43.16 22.88 -11.14
C ILE D 572 -41.65 22.77 -11.38
N ASP D 573 -41.25 22.00 -12.39
CA ASP D 573 -39.84 21.94 -12.74
C ASP D 573 -39.28 23.32 -13.08
N ARG D 574 -40.02 24.11 -13.86
CA ARG D 574 -39.51 25.41 -14.28
C ARG D 574 -39.33 26.35 -13.09
N ILE D 575 -40.34 26.41 -12.19
CA ILE D 575 -40.22 27.30 -11.04
C ILE D 575 -39.04 26.89 -10.18
N PHE D 576 -38.87 25.58 -9.94
CA PHE D 576 -37.77 25.18 -9.08
C PHE D 576 -36.42 25.34 -9.78
N LEU D 577 -36.38 25.23 -11.11
CA LEU D 577 -35.16 25.55 -11.83
C LEU D 577 -34.77 27.01 -11.62
N TRP D 578 -35.75 27.92 -11.72
CA TRP D 578 -35.46 29.32 -11.43
C TRP D 578 -34.87 29.49 -10.04
N MET D 579 -35.54 28.90 -9.05
CA MET D 579 -35.10 29.06 -7.66
C MET D 579 -33.70 28.48 -7.45
N PHE D 580 -33.42 27.33 -8.06
CA PHE D 580 -32.12 26.69 -7.84
C PHE D 580 -31.01 27.43 -8.57
N ILE D 581 -31.28 27.99 -9.76
CA ILE D 581 -30.27 28.84 -10.39
C ILE D 581 -29.96 30.04 -9.51
N ILE D 582 -31.00 30.71 -9.00
CA ILE D 582 -30.75 31.89 -8.17
C ILE D 582 -29.95 31.50 -6.93
N VAL D 583 -30.37 30.44 -6.25
CA VAL D 583 -29.68 30.01 -5.04
C VAL D 583 -28.24 29.59 -5.36
N CYS D 584 -28.03 28.89 -6.46
CA CYS D 584 -26.69 28.41 -6.79
C CYS D 584 -25.75 29.57 -7.05
N LEU D 585 -26.17 30.54 -7.88
CA LEU D 585 -25.33 31.70 -8.14
C LEU D 585 -25.08 32.50 -6.87
N LEU D 586 -26.15 32.79 -6.12
CA LEU D 586 -25.99 33.57 -4.90
C LEU D 586 -25.03 32.88 -3.94
N GLY D 587 -25.20 31.58 -3.74
CA GLY D 587 -24.36 30.86 -2.80
C GLY D 587 -22.93 30.75 -3.26
N THR D 588 -22.70 30.52 -4.55
CA THR D 588 -21.33 30.45 -5.04
C THR D 588 -20.64 31.80 -4.85
N VAL D 589 -21.35 32.90 -5.12
CA VAL D 589 -20.75 34.21 -4.88
C VAL D 589 -20.51 34.44 -3.39
N GLY D 590 -21.46 34.05 -2.54
CA GLY D 590 -21.32 34.32 -1.13
C GLY D 590 -20.21 33.52 -0.45
N LEU D 591 -20.07 32.24 -0.81
CA LEU D 591 -19.13 31.35 -0.15
C LEU D 591 -17.83 31.17 -0.91
N PHE D 592 -17.72 31.66 -2.15
CA PHE D 592 -16.50 31.55 -2.91
C PHE D 592 -15.93 32.90 -3.32
N LEU D 593 -16.65 33.98 -3.05
CA LEU D 593 -16.04 35.31 -3.08
C LEU D 593 -14.98 35.47 -2.00
N PRO D 594 -15.23 35.14 -0.74
CA PRO D 594 -14.24 35.37 0.31
C PRO D 594 -12.92 34.69 0.01
N PRO D 595 -12.92 33.46 -0.53
CA PRO D 595 -11.64 32.84 -0.87
C PRO D 595 -10.79 33.66 -1.83
N TRP D 596 -11.40 34.29 -2.83
CA TRP D 596 -10.63 35.17 -3.70
C TRP D 596 -10.06 36.35 -2.94
N LEU D 597 -10.79 36.86 -1.94
CA LEU D 597 -10.32 38.01 -1.19
C LEU D 597 -8.99 37.72 -0.50
N ALA D 598 -8.88 36.57 0.15
CA ALA D 598 -7.67 36.28 0.91
C ALA D 598 -6.51 35.90 -0.01
N GLY D 599 -6.78 35.13 -1.07
CA GLY D 599 -5.75 34.67 -1.97
C GLY D 599 -5.42 35.65 -3.08
N THR E 1 32.87 29.25 37.63
CA THR E 1 33.63 29.91 38.71
C THR E 1 34.52 28.89 39.41
N ASP E 2 35.61 29.36 40.02
CA ASP E 2 36.52 28.45 40.72
C ASP E 2 35.81 27.73 41.86
N THR E 3 35.07 28.48 42.68
CA THR E 3 34.37 27.87 43.81
C THR E 3 33.29 26.92 43.33
N GLU E 4 32.56 27.29 42.27
CA GLU E 4 31.48 26.44 41.80
C GLU E 4 32.00 25.13 41.25
N GLU E 5 33.11 25.16 40.52
CA GLU E 5 33.65 23.92 39.98
C GLU E 5 34.32 23.10 41.08
N ARG E 6 34.91 23.75 42.08
CA ARG E 6 35.39 23.00 43.24
C ARG E 6 34.25 22.29 43.96
N LEU E 7 33.11 22.98 44.11
CA LEU E 7 31.94 22.37 44.73
C LEU E 7 31.41 21.21 43.90
N VAL E 8 31.33 21.37 42.59
CA VAL E 8 30.79 20.30 41.74
C VAL E 8 31.71 19.09 41.78
N GLU E 9 33.02 19.32 41.80
CA GLU E 9 33.96 18.20 41.93
C GLU E 9 33.81 17.53 43.30
N HIS E 10 33.61 18.32 44.35
CA HIS E 10 33.45 17.76 45.68
C HIS E 10 32.19 16.90 45.79
N LEU E 11 31.07 17.37 45.23
CA LEU E 11 29.80 16.67 45.41
C LEU E 11 29.78 15.34 44.68
N LEU E 12 30.23 15.32 43.43
CA LEU E 12 30.12 14.16 42.58
C LEU E 12 31.35 13.27 42.60
N ASP E 13 32.30 13.54 43.49
CA ASP E 13 33.51 12.75 43.61
C ASP E 13 33.15 11.27 43.76
N PRO E 14 33.47 10.43 42.79
CA PRO E 14 33.08 9.01 42.91
C PRO E 14 33.73 8.32 44.09
N SER E 15 34.79 8.89 44.65
CA SER E 15 35.40 8.28 45.83
C SER E 15 34.42 8.23 46.99
N ARG E 16 33.54 9.22 47.11
CA ARG E 16 32.62 9.29 48.25
C ARG E 16 31.17 9.46 47.84
N TYR E 17 30.83 9.34 46.57
CA TYR E 17 29.43 9.39 46.15
C TYR E 17 29.19 8.33 45.08
N ASN E 18 28.28 7.40 45.36
CA ASN E 18 27.91 6.34 44.44
C ASN E 18 26.45 6.57 44.04
N LYS E 19 26.21 6.69 42.74
CA LYS E 19 24.88 6.96 42.23
C LYS E 19 24.02 5.71 42.13
N LEU E 20 24.56 4.53 42.42
CA LEU E 20 23.80 3.29 42.41
C LEU E 20 23.21 2.97 43.78
N ILE E 21 23.32 3.86 44.75
CA ILE E 21 22.93 3.59 46.13
C ILE E 21 21.85 4.59 46.54
N ARG E 22 20.80 4.08 47.15
CA ARG E 22 19.72 4.91 47.65
C ARG E 22 20.23 5.81 48.78
N PRO E 23 19.75 7.07 48.86
CA PRO E 23 20.13 7.94 49.99
C PRO E 23 19.30 7.70 51.24
N ALA E 24 19.47 6.53 51.85
CA ALA E 24 18.71 6.13 53.02
C ALA E 24 19.56 6.23 54.27
N THR E 25 19.01 6.86 55.31
CA THR E 25 19.63 6.93 56.63
C THR E 25 18.82 6.09 57.60
N ASN E 26 19.21 6.15 58.88
CA ASN E 26 18.43 5.55 59.97
C ASN E 26 18.07 4.10 59.66
N GLY E 27 19.06 3.33 59.22
CA GLY E 27 18.84 1.92 58.97
C GLY E 27 17.91 1.67 57.80
N SER E 28 16.68 1.25 58.10
CA SER E 28 15.71 0.82 57.10
C SER E 28 14.65 1.88 56.83
N GLU E 29 15.04 3.16 56.80
CA GLU E 29 14.12 4.21 56.41
C GLU E 29 13.99 4.25 54.89
N LEU E 30 12.87 4.81 54.42
CA LEU E 30 12.57 4.89 53.00
C LEU E 30 12.70 6.32 52.50
N VAL E 31 13.02 6.45 51.21
CA VAL E 31 13.21 7.75 50.57
C VAL E 31 11.89 8.21 49.99
N THR E 32 11.42 9.39 50.40
CA THR E 32 10.16 9.94 49.94
C THR E 32 10.38 10.75 48.67
N VAL E 33 9.60 10.45 47.64
CA VAL E 33 9.66 11.14 46.36
C VAL E 33 8.32 11.81 46.13
N GLN E 34 8.35 13.12 45.87
CA GLN E 34 7.16 13.88 45.52
C GLN E 34 7.05 13.97 44.00
N LEU E 35 5.85 13.73 43.48
CA LEU E 35 5.60 13.73 42.05
C LEU E 35 4.53 14.75 41.71
N MET E 36 4.66 15.38 40.56
CA MET E 36 3.64 16.32 40.08
C MET E 36 3.77 16.40 38.57
N VAL E 37 2.66 16.17 37.87
CA VAL E 37 2.63 16.19 36.42
C VAL E 37 2.06 17.52 35.96
N SER E 38 2.72 18.14 34.99
CA SER E 38 2.26 19.38 34.38
C SER E 38 1.98 19.10 32.91
N LEU E 39 0.74 19.24 32.49
CA LEU E 39 0.37 18.96 31.10
C LEU E 39 0.69 20.17 30.24
N ALA E 40 1.64 20.01 29.33
CA ALA E 40 1.98 21.07 28.39
C ALA E 40 1.11 21.03 27.14
N GLN E 41 0.76 19.85 26.65
CA GLN E 41 -0.11 19.77 25.49
C GLN E 41 -0.61 18.35 25.31
N LEU E 42 -1.89 18.23 24.94
CA LEU E 42 -2.46 16.97 24.49
C LEU E 42 -2.25 16.92 22.98
N ILE E 43 -1.23 16.18 22.56
CA ILE E 43 -0.81 16.22 21.16
C ILE E 43 -1.84 15.52 20.28
N SER E 44 -2.27 14.33 20.68
CA SER E 44 -3.24 13.60 19.86
C SER E 44 -3.81 12.44 20.64
N VAL E 45 -5.03 12.08 20.28
CA VAL E 45 -5.66 10.83 20.71
C VAL E 45 -5.97 10.04 19.46
N HIS E 46 -5.28 8.92 19.28
CA HIS E 46 -5.49 8.05 18.13
C HIS E 46 -6.46 6.95 18.53
N GLU E 47 -7.74 7.15 18.23
CA GLU E 47 -8.77 6.20 18.64
C GLU E 47 -8.59 4.86 17.93
N ARG E 48 -8.10 4.87 16.70
CA ARG E 48 -8.00 3.64 15.93
C ARG E 48 -7.08 2.64 16.61
N GLU E 49 -5.92 3.10 17.08
CA GLU E 49 -4.99 2.24 17.81
C GLU E 49 -4.92 2.56 19.30
N GLN E 50 -5.81 3.42 19.80
CA GLN E 50 -6.00 3.60 21.25
C GLN E 50 -4.70 4.02 21.95
N ILE E 51 -4.14 5.14 21.50
CA ILE E 51 -2.93 5.70 22.09
C ILE E 51 -3.16 7.19 22.32
N MET E 52 -2.78 7.68 23.50
CA MET E 52 -2.81 9.10 23.80
C MET E 52 -1.38 9.62 23.85
N THR E 53 -1.11 10.68 23.11
CA THR E 53 0.19 11.34 23.11
C THR E 53 0.09 12.65 23.87
N THR E 54 1.01 12.86 24.80
CA THR E 54 1.06 14.07 25.59
C THR E 54 2.49 14.57 25.67
N ASN E 55 2.62 15.89 25.77
CA ASN E 55 3.88 16.56 26.11
C ASN E 55 3.73 17.03 27.56
N VAL E 56 4.43 16.39 28.48
CA VAL E 56 4.28 16.66 29.90
C VAL E 56 5.64 16.99 30.51
N TRP E 57 5.59 17.68 31.64
CA TRP E 57 6.75 17.93 32.49
C TRP E 57 6.54 17.18 33.81
N LEU E 58 7.49 16.34 34.18
CA LEU E 58 7.35 15.46 35.33
C LEU E 58 8.22 15.97 36.47
N THR E 59 7.62 16.75 37.38
CA THR E 59 8.35 17.22 38.54
C THR E 59 8.62 16.06 39.51
N GLN E 60 9.85 15.98 39.99
CA GLN E 60 10.25 14.97 40.96
C GLN E 60 11.12 15.65 42.00
N GLU E 61 10.85 15.34 43.27
CA GLU E 61 11.54 16.00 44.38
C GLU E 61 11.81 14.99 45.48
N TRP E 62 13.03 15.02 45.99
CA TRP E 62 13.43 14.12 47.07
C TRP E 62 14.61 14.76 47.80
N GLU E 63 15.10 14.06 48.80
CA GLU E 63 16.25 14.49 49.58
C GLU E 63 17.40 13.52 49.35
N ASP E 64 18.59 14.07 49.14
CA ASP E 64 19.82 13.29 49.06
C ASP E 64 20.80 13.90 50.05
N TYR E 65 20.89 13.33 51.25
CA TYR E 65 21.72 13.92 52.29
C TYR E 65 23.20 13.92 51.94
N ARG E 66 23.61 13.14 50.94
CA ARG E 66 25.01 13.11 50.52
C ARG E 66 25.39 14.29 49.66
N LEU E 67 24.42 15.10 49.22
CA LEU E 67 24.67 16.26 48.37
C LEU E 67 24.44 17.55 49.16
N THR E 68 24.89 17.54 50.41
CA THR E 68 24.82 18.69 51.30
C THR E 68 26.16 19.42 51.29
N TRP E 69 26.11 20.72 51.60
CA TRP E 69 27.31 21.52 51.76
C TRP E 69 26.97 22.74 52.59
N LYS E 70 27.99 23.36 53.16
CA LYS E 70 27.80 24.55 53.98
C LYS E 70 28.01 25.79 53.13
N PRO E 71 26.99 26.63 52.94
CA PRO E 71 27.15 27.77 52.02
C PRO E 71 28.30 28.68 52.37
N GLU E 72 28.57 28.88 53.67
CA GLU E 72 29.62 29.81 54.07
C GLU E 72 30.99 29.35 53.59
N GLU E 73 31.18 28.04 53.39
CA GLU E 73 32.46 27.52 52.96
C GLU E 73 32.64 27.53 51.44
N PHE E 74 31.60 27.89 50.69
CA PHE E 74 31.66 27.90 49.23
C PHE E 74 31.16 29.23 48.69
N ASP E 75 31.65 30.32 49.26
CA ASP E 75 31.31 31.68 48.83
C ASP E 75 29.81 31.92 48.87
N ASN E 76 29.12 31.30 49.83
CA ASN E 76 27.71 31.56 50.06
C ASN E 76 26.86 31.17 48.84
N MET E 77 27.04 29.93 48.38
CA MET E 77 26.22 29.39 47.29
C MET E 77 25.10 28.56 47.88
N LYS E 78 23.88 28.81 47.42
CA LYS E 78 22.70 28.17 48.00
C LYS E 78 22.21 27.00 47.18
N LYS E 79 22.43 27.00 45.86
CA LYS E 79 22.04 25.87 45.04
C LYS E 79 22.94 25.80 43.81
N VAL E 80 22.92 24.64 43.17
CA VAL E 80 23.82 24.33 42.06
C VAL E 80 23.10 23.38 41.11
N ARG E 81 23.54 23.39 39.85
CA ARG E 81 22.99 22.52 38.81
C ARG E 81 23.92 21.33 38.64
N LEU E 82 23.37 20.13 38.82
CA LEU E 82 24.14 18.91 38.63
C LEU E 82 23.50 18.07 37.52
N PRO E 83 24.31 17.40 36.70
CA PRO E 83 23.74 16.55 35.65
C PRO E 83 22.96 15.39 36.24
N SER E 84 21.74 15.18 35.74
CA SER E 84 20.87 14.17 36.32
C SER E 84 21.40 12.76 36.09
N LYS E 85 22.27 12.56 35.09
CA LYS E 85 22.81 11.23 34.84
C LYS E 85 23.87 10.83 35.85
N HIS E 86 24.43 11.77 36.60
CA HIS E 86 25.53 11.51 37.52
C HIS E 86 25.07 11.44 38.98
N ILE E 87 23.78 11.52 39.25
CA ILE E 87 23.26 11.41 40.60
C ILE E 87 22.27 10.25 40.64
N TRP E 88 22.04 9.76 41.85
CA TRP E 88 21.02 8.75 42.06
C TRP E 88 19.66 9.32 41.70
N LEU E 89 18.84 8.57 40.97
CA LEU E 89 17.48 9.00 40.63
C LEU E 89 16.49 7.94 41.04
N PRO E 90 15.26 8.33 41.40
CA PRO E 90 14.18 7.35 41.48
C PRO E 90 13.69 7.02 40.08
N ASP E 91 13.75 5.75 39.71
CA ASP E 91 13.46 5.39 38.34
C ASP E 91 11.97 5.46 38.07
N VAL E 92 11.33 6.61 38.18
CA VAL E 92 9.86 6.80 38.05
C VAL E 92 9.53 6.86 36.55
N VAL E 93 8.74 5.92 36.02
CA VAL E 93 8.44 5.83 34.59
C VAL E 93 6.93 5.67 34.41
N LEU E 94 6.49 5.80 33.15
CA LEU E 94 5.09 5.56 32.73
C LEU E 94 4.92 4.03 32.61
N TYR E 95 4.34 3.37 33.61
CA TYR E 95 4.16 1.89 33.67
C TYR E 95 3.20 1.36 32.60
N ASN E 96 2.13 2.10 32.26
CA ASN E 96 1.13 1.67 31.24
C ASN E 96 1.33 2.37 29.89
N ASN E 97 2.57 2.54 29.44
CA ASN E 97 2.90 3.19 28.19
C ASN E 97 2.69 2.25 27.02
N ALA E 98 2.59 2.85 25.84
CA ALA E 98 2.66 2.17 24.56
C ALA E 98 3.95 2.59 23.88
N ASP E 99 4.46 1.73 23.01
CA ASP E 99 5.70 1.90 22.23
C ASP E 99 6.95 1.55 23.02
N GLY E 100 6.85 1.13 24.27
CA GLY E 100 8.02 0.74 25.04
C GLY E 100 9.02 1.86 25.31
N MET E 101 8.54 3.08 25.51
CA MET E 101 9.37 4.21 25.90
C MET E 101 8.99 4.53 27.34
N TYR E 102 9.71 3.93 28.29
CA TYR E 102 9.42 4.16 29.70
C TYR E 102 10.00 5.48 30.17
N GLU E 103 11.27 5.73 29.85
CA GLU E 103 12.03 6.80 30.49
C GLU E 103 11.60 8.17 29.97
N VAL E 104 12.17 9.19 30.58
CA VAL E 104 11.93 10.58 30.21
C VAL E 104 12.74 10.90 28.96
N SER E 105 12.42 12.01 28.31
CA SER E 105 12.94 12.28 26.98
C SER E 105 14.27 13.02 26.96
N PHE E 106 14.46 13.99 27.85
CA PHE E 106 15.61 14.89 27.75
C PHE E 106 16.71 14.61 28.76
N TYR E 107 16.39 14.33 30.03
CA TYR E 107 17.40 14.21 31.09
C TYR E 107 18.12 15.53 31.32
N SER E 108 17.37 16.51 31.79
CA SER E 108 17.89 17.83 32.10
C SER E 108 18.73 17.80 33.37
N ASN E 109 19.28 18.97 33.72
CA ASN E 109 19.99 19.12 34.99
C ASN E 109 19.01 19.08 36.15
N ALA E 110 19.52 18.67 37.30
CA ALA E 110 18.77 18.67 38.55
C ALA E 110 19.27 19.81 39.42
N VAL E 111 18.34 20.57 40.00
CA VAL E 111 18.70 21.72 40.82
C VAL E 111 18.80 21.25 42.28
N VAL E 112 20.00 21.36 42.85
CA VAL E 112 20.31 20.83 44.16
C VAL E 112 20.51 21.99 45.12
N SER E 113 19.86 21.91 46.28
CA SER E 113 19.99 22.92 47.32
C SER E 113 21.05 22.52 48.32
N TYR E 114 21.55 23.51 49.06
CA TYR E 114 22.63 23.27 49.99
C TYR E 114 22.25 22.29 51.09
N ASP E 115 20.96 22.11 51.36
CA ASP E 115 20.50 21.22 52.41
C ASP E 115 20.17 19.82 51.91
N GLY E 116 20.39 19.54 50.63
CA GLY E 116 20.17 18.22 50.08
C GLY E 116 18.88 18.03 49.33
N SER E 117 18.09 19.07 49.14
CA SER E 117 16.85 18.97 48.39
C SER E 117 17.15 18.90 46.90
N ILE E 118 16.51 17.98 46.20
CA ILE E 118 16.72 17.76 44.78
C ILE E 118 15.43 18.14 44.06
N PHE E 119 15.55 19.02 43.06
CA PHE E 119 14.44 19.40 42.21
C PHE E 119 14.81 19.06 40.78
N TRP E 120 14.01 18.20 40.16
CA TRP E 120 14.24 17.74 38.80
C TRP E 120 12.95 17.84 38.00
N LEU E 121 13.03 18.47 36.83
CA LEU E 121 11.84 18.77 36.03
C LEU E 121 12.11 18.49 34.55
N PRO E 122 12.22 17.21 34.18
CA PRO E 122 12.52 16.88 32.80
C PRO E 122 11.25 16.87 31.94
N PRO E 123 11.36 17.22 30.66
CA PRO E 123 10.22 17.06 29.75
C PRO E 123 10.15 15.65 29.18
N ALA E 124 8.96 15.30 28.69
CA ALA E 124 8.76 14.00 28.06
C ALA E 124 7.66 14.09 27.03
N ILE E 125 7.81 13.30 25.98
CA ILE E 125 6.72 12.99 25.06
C ILE E 125 6.31 11.56 25.38
N TYR E 126 5.10 11.38 25.88
CA TYR E 126 4.61 10.09 26.35
C TYR E 126 3.52 9.56 25.44
N LYS E 127 3.48 8.23 25.31
CA LYS E 127 2.41 7.54 24.58
C LYS E 127 1.84 6.48 25.52
N SER E 128 0.59 6.66 25.94
CA SER E 128 -0.06 5.75 26.86
C SER E 128 -1.25 5.08 26.19
N ALA E 129 -1.47 3.82 26.52
CA ALA E 129 -2.66 3.11 26.09
C ALA E 129 -3.85 3.53 26.94
N CYS E 130 -4.99 3.79 26.32
CA CYS E 130 -6.21 4.02 27.06
C CYS E 130 -7.38 3.41 26.32
N LYS E 131 -8.37 2.98 27.11
CA LYS E 131 -9.57 2.36 26.56
C LYS E 131 -10.50 3.41 25.98
N ILE E 132 -10.84 3.25 24.71
CA ILE E 132 -11.68 4.20 24.00
C ILE E 132 -13.11 3.67 24.02
N GLU E 133 -14.03 4.49 24.51
CA GLU E 133 -15.45 4.16 24.53
C GLU E 133 -16.11 4.77 23.30
N VAL E 134 -16.66 3.93 22.44
CA VAL E 134 -17.15 4.35 21.13
C VAL E 134 -18.65 4.48 21.09
N LYS E 135 -19.35 4.22 22.20
CA LYS E 135 -20.80 4.17 22.17
C LYS E 135 -21.42 5.46 21.68
N HIS E 136 -20.93 6.61 22.16
CA HIS E 136 -21.53 7.90 21.86
C HIS E 136 -20.73 8.71 20.84
N PHE E 137 -19.77 8.08 20.17
CA PHE E 137 -19.03 8.80 19.15
C PHE E 137 -20.00 9.38 18.11
N PRO E 138 -19.82 10.64 17.68
CA PRO E 138 -18.74 11.60 17.97
C PRO E 138 -18.98 12.51 19.17
N PHE E 139 -19.97 12.22 20.00
CA PHE E 139 -20.25 13.02 21.20
C PHE E 139 -19.69 12.37 22.45
N ASP E 140 -18.51 11.77 22.33
CA ASP E 140 -17.97 10.90 23.36
C ASP E 140 -17.07 11.65 24.34
N GLN E 141 -16.96 11.09 25.53
CA GLN E 141 -16.04 11.54 26.56
C GLN E 141 -15.11 10.37 26.89
N GLN E 142 -13.82 10.65 26.94
CA GLN E 142 -12.80 9.62 27.12
C GLN E 142 -12.10 9.78 28.48
N ASN E 143 -11.70 8.64 29.05
CA ASN E 143 -11.09 8.56 30.37
C ASN E 143 -9.78 7.81 30.21
N CYS E 144 -8.71 8.54 29.88
CA CYS E 144 -7.41 7.96 29.60
C CYS E 144 -6.48 8.22 30.78
N THR E 145 -5.82 7.17 31.25
CA THR E 145 -5.04 7.22 32.47
C THR E 145 -3.54 7.16 32.17
N MET E 146 -2.76 7.75 33.06
CA MET E 146 -1.30 7.68 33.02
C MET E 146 -0.81 7.18 34.38
N LYS E 147 -0.13 6.05 34.39
CA LYS E 147 0.27 5.38 35.61
C LYS E 147 1.78 5.46 35.79
N PHE E 148 2.22 5.96 36.93
CA PHE E 148 3.62 6.22 37.19
C PHE E 148 4.12 5.35 38.34
N ARG E 149 5.17 4.58 38.06
CA ARG E 149 5.79 3.67 39.01
C ARG E 149 7.30 3.75 38.83
N SER E 150 7.99 3.31 39.89
CA SER E 150 9.46 3.11 39.92
C SER E 150 9.64 1.64 39.56
N TRP E 151 10.39 1.30 38.50
CA TRP E 151 10.55 -0.12 38.08
C TRP E 151 11.72 -0.80 38.80
N THR E 152 12.49 -0.07 39.62
CA THR E 152 13.60 -0.62 40.44
C THR E 152 13.24 -0.76 41.93
N TYR E 153 12.65 0.27 42.54
CA TYR E 153 12.39 0.32 44.01
C TYR E 153 10.93 0.05 44.37
N ASP E 154 10.66 -0.77 45.39
CA ASP E 154 9.31 -1.06 45.83
C ASP E 154 8.97 -0.20 47.04
N ARG E 155 7.76 -0.41 47.57
CA ARG E 155 7.23 0.48 48.59
C ARG E 155 8.04 0.43 49.88
N THR E 156 8.86 -0.61 50.06
CA THR E 156 9.73 -0.68 51.22
C THR E 156 10.98 0.18 51.08
N GLU E 157 11.28 0.67 49.88
CA GLU E 157 12.46 1.48 49.61
C GLU E 157 12.16 2.94 49.34
N ILE E 158 11.21 3.24 48.47
CA ILE E 158 10.78 4.61 48.22
C ILE E 158 9.27 4.67 48.37
N ASP E 159 8.79 5.81 48.84
CA ASP E 159 7.36 6.11 48.87
C ASP E 159 7.08 7.23 47.88
N LEU E 160 6.16 6.99 46.95
CA LEU E 160 5.72 8.01 46.02
C LEU E 160 4.61 8.82 46.67
N VAL E 161 4.73 10.14 46.57
CA VAL E 161 3.78 11.06 47.18
C VAL E 161 3.36 12.08 46.14
N LEU E 162 2.09 12.47 46.19
CA LEU E 162 1.53 13.45 45.27
C LEU E 162 1.75 14.85 45.84
N LYS E 163 2.38 15.72 45.05
CA LYS E 163 2.54 17.11 45.47
C LYS E 163 1.20 17.83 45.48
N SER E 164 0.34 17.54 44.50
CA SER E 164 -0.96 18.17 44.37
C SER E 164 -1.96 17.11 43.95
N GLU E 165 -3.23 17.37 44.23
CA GLU E 165 -4.27 16.40 43.92
C GLU E 165 -4.70 16.43 42.46
N VAL E 166 -4.29 17.43 41.69
CA VAL E 166 -4.60 17.51 40.26
C VAL E 166 -3.33 17.85 39.49
N ALA E 167 -3.35 17.51 38.20
CA ALA E 167 -2.27 17.90 37.30
C ALA E 167 -2.38 19.37 36.95
N SER E 168 -1.23 20.02 36.80
CA SER E 168 -1.19 21.45 36.53
C SER E 168 -1.47 21.75 35.07
N LEU E 169 -2.05 22.93 34.82
CA LEU E 169 -2.31 23.43 33.48
C LEU E 169 -1.80 24.85 33.31
N ASP E 170 -0.77 25.23 34.07
CA ASP E 170 -0.28 26.61 34.04
C ASP E 170 0.34 26.98 32.72
N ASP E 171 0.76 26.00 31.92
CA ASP E 171 1.47 26.23 30.67
C ASP E 171 0.90 25.33 29.57
N PHE E 172 -0.42 25.29 29.47
CA PHE E 172 -1.12 24.35 28.60
C PHE E 172 -1.59 25.05 27.33
N THR E 173 -1.31 24.45 26.18
CA THR E 173 -1.79 24.95 24.90
C THR E 173 -3.06 24.20 24.51
N PRO E 174 -4.21 24.86 24.34
CA PRO E 174 -5.45 24.13 24.08
C PRO E 174 -5.40 23.33 22.79
N SER E 175 -6.19 22.26 22.76
CA SER E 175 -6.07 21.24 21.72
C SER E 175 -6.71 21.71 20.41
N GLY E 176 -8.00 22.05 20.46
CA GLY E 176 -8.77 22.32 19.27
C GLY E 176 -9.66 21.17 18.83
N GLU E 177 -9.30 19.95 19.19
CA GLU E 177 -10.14 18.78 18.97
C GLU E 177 -10.73 18.21 20.26
N TRP E 178 -10.03 18.30 21.38
CA TRP E 178 -10.47 17.75 22.64
C TRP E 178 -10.56 18.87 23.68
N ASP E 179 -11.51 18.73 24.59
CA ASP E 179 -11.69 19.67 25.68
C ASP E 179 -11.28 18.99 26.99
N ILE E 180 -10.43 19.65 27.76
CA ILE E 180 -10.03 19.13 29.05
C ILE E 180 -11.16 19.33 30.04
N VAL E 181 -11.41 18.32 30.87
CA VAL E 181 -12.47 18.38 31.87
C VAL E 181 -11.87 18.32 33.26
N ALA E 182 -11.16 17.24 33.57
CA ALA E 182 -10.56 17.06 34.88
C ALA E 182 -9.30 16.23 34.75
N LEU E 183 -8.33 16.50 35.62
CA LEU E 183 -7.05 15.76 35.64
C LEU E 183 -6.65 15.45 37.06
N PRO E 184 -7.41 14.64 37.78
CA PRO E 184 -7.05 14.32 39.16
C PRO E 184 -5.97 13.26 39.27
N GLY E 185 -5.21 13.36 40.35
CA GLY E 185 -4.20 12.37 40.68
C GLY E 185 -4.58 11.62 41.93
N ARG E 186 -4.14 10.38 42.03
CA ARG E 186 -4.41 9.55 43.19
C ARG E 186 -3.23 8.62 43.43
N ARG E 187 -2.94 8.38 44.70
CA ARG E 187 -1.88 7.47 45.11
C ARG E 187 -2.52 6.15 45.51
N ASN E 188 -2.10 5.07 44.86
CA ASN E 188 -2.74 3.77 45.04
C ASN E 188 -1.77 2.78 45.67
N GLU E 189 -2.30 1.95 46.56
CA GLU E 189 -1.57 0.86 47.19
C GLU E 189 -2.38 -0.41 47.04
N ASN E 190 -1.74 -1.54 47.34
CA ASN E 190 -2.38 -2.84 47.24
C ASN E 190 -2.37 -3.52 48.60
N PRO E 191 -3.50 -3.59 49.32
CA PRO E 191 -3.45 -4.09 50.70
C PRO E 191 -2.96 -5.53 50.82
N ASP E 192 -3.09 -6.32 49.75
CA ASP E 192 -2.64 -7.71 49.79
C ASP E 192 -1.20 -7.90 49.33
N ASP E 193 -0.55 -6.85 48.80
CA ASP E 193 0.81 -6.95 48.28
C ASP E 193 1.83 -6.34 49.24
N SER E 194 1.62 -5.08 49.61
CA SER E 194 2.44 -4.28 50.54
C SER E 194 3.75 -3.79 49.91
N THR E 195 4.09 -4.23 48.70
CA THR E 195 5.25 -3.72 47.99
C THR E 195 4.86 -2.87 46.78
N TYR E 196 3.58 -2.62 46.60
CA TYR E 196 3.05 -1.94 45.42
C TYR E 196 2.71 -0.51 45.78
N VAL E 197 3.17 0.44 44.96
CA VAL E 197 2.77 1.84 45.08
C VAL E 197 2.87 2.46 43.71
N ASP E 198 1.89 3.30 43.37
CA ASP E 198 1.93 4.03 42.11
C ASP E 198 1.12 5.29 42.25
N ILE E 199 1.25 6.16 41.26
CA ILE E 199 0.42 7.34 41.12
C ILE E 199 -0.23 7.30 39.74
N THR E 200 -1.54 7.46 39.71
CA THR E 200 -2.30 7.45 38.47
C THR E 200 -2.95 8.80 38.26
N TYR E 201 -3.01 9.24 37.01
CA TYR E 201 -3.71 10.44 36.63
C TYR E 201 -4.83 10.07 35.66
N ASP E 202 -6.03 10.53 35.94
CA ASP E 202 -7.17 10.35 35.06
C ASP E 202 -7.30 11.57 34.17
N PHE E 203 -7.19 11.39 32.86
CA PHE E 203 -7.38 12.47 31.91
C PHE E 203 -8.79 12.34 31.36
N ILE E 204 -9.72 13.10 31.94
CA ILE E 204 -11.08 13.14 31.46
C ILE E 204 -11.15 14.23 30.38
N ILE E 205 -11.38 13.82 29.14
CA ILE E 205 -11.38 14.73 28.01
C ILE E 205 -12.68 14.56 27.24
N ARG E 206 -13.11 15.62 26.59
CA ARG E 206 -14.41 15.68 25.92
C ARG E 206 -14.21 16.15 24.49
N ARG E 207 -14.69 15.36 23.53
CA ARG E 207 -14.51 15.72 22.14
C ARG E 207 -15.35 16.92 21.76
N LYS E 208 -14.77 17.82 20.97
CA LYS E 208 -15.52 18.91 20.35
C LYS E 208 -16.15 18.36 19.08
N PRO E 209 -17.47 18.27 18.99
CA PRO E 209 -18.09 17.41 17.96
C PRO E 209 -18.49 18.10 16.66
N LEU E 210 -18.14 19.36 16.45
CA LEU E 210 -18.58 20.06 15.24
C LEU E 210 -18.02 19.38 13.98
N PHE E 211 -16.74 19.03 14.00
CA PHE E 211 -16.12 18.48 12.80
C PHE E 211 -16.84 17.22 12.34
N TYR E 212 -17.01 16.25 13.23
CA TYR E 212 -17.64 15.01 12.83
C TYR E 212 -19.14 15.18 12.63
N THR E 213 -19.79 16.04 13.40
CA THR E 213 -21.16 16.40 13.08
C THR E 213 -21.27 16.76 11.60
N ILE E 214 -20.58 17.82 11.20
CA ILE E 214 -20.67 18.34 9.83
C ILE E 214 -20.31 17.26 8.83
N ASN E 215 -19.22 16.52 9.06
CA ASN E 215 -18.67 15.69 8.00
C ASN E 215 -19.20 14.25 8.00
N LEU E 216 -19.91 13.82 9.04
CA LEU E 216 -20.53 12.50 9.04
C LEU E 216 -22.02 12.51 9.32
N ILE E 217 -22.45 13.20 10.39
CA ILE E 217 -23.82 13.01 10.87
C ILE E 217 -24.81 13.60 9.88
N ILE E 218 -24.58 14.82 9.43
CA ILE E 218 -25.52 15.47 8.52
C ILE E 218 -25.63 14.70 7.21
N PRO E 219 -24.53 14.30 6.56
CA PRO E 219 -24.67 13.45 5.36
C PRO E 219 -25.40 12.14 5.62
N CYS E 220 -25.17 11.50 6.77
CA CYS E 220 -25.87 10.27 7.07
C CYS E 220 -27.38 10.52 7.20
N VAL E 221 -27.76 11.62 7.84
CA VAL E 221 -29.17 11.98 7.95
C VAL E 221 -29.75 12.28 6.57
N LEU E 222 -28.99 12.97 5.71
CA LEU E 222 -29.49 13.30 4.39
C LEU E 222 -29.75 12.03 3.57
N ILE E 223 -28.82 11.08 3.64
CA ILE E 223 -29.01 9.82 2.92
C ILE E 223 -30.16 9.02 3.51
N THR E 224 -30.34 9.07 4.83
CA THR E 224 -31.43 8.33 5.46
C THR E 224 -32.78 8.93 5.10
N SER E 225 -32.85 10.23 4.89
CA SER E 225 -34.11 10.86 4.52
C SER E 225 -34.58 10.42 3.13
N LEU E 226 -33.70 9.84 2.31
CA LEU E 226 -34.08 9.37 0.99
C LEU E 226 -34.61 7.94 1.00
N ALA E 227 -34.54 7.24 2.13
CA ALA E 227 -34.95 5.84 2.16
C ALA E 227 -36.45 5.67 2.02
N ILE E 228 -37.24 6.74 2.15
CA ILE E 228 -38.69 6.64 2.05
C ILE E 228 -39.22 7.05 0.69
N LEU E 229 -38.40 7.66 -0.17
CA LEU E 229 -38.90 8.24 -1.41
C LEU E 229 -39.26 7.18 -2.44
N VAL E 230 -38.70 5.98 -2.34
CA VAL E 230 -38.97 4.94 -3.33
C VAL E 230 -40.45 4.57 -3.34
N PHE E 231 -41.14 4.73 -2.21
CA PHE E 231 -42.54 4.37 -2.12
C PHE E 231 -43.46 5.44 -2.69
N TYR E 232 -42.98 6.65 -2.90
CA TYR E 232 -43.72 7.69 -3.57
C TYR E 232 -43.36 7.81 -5.05
N LEU E 233 -42.46 7.00 -5.53
CA LEU E 233 -41.99 7.05 -6.90
C LEU E 233 -42.88 6.18 -7.79
N PRO E 234 -43.46 6.73 -8.85
CA PRO E 234 -44.35 5.91 -9.69
C PRO E 234 -43.60 4.76 -10.36
N SER E 235 -44.30 3.64 -10.54
CA SER E 235 -43.69 2.48 -11.15
C SER E 235 -43.48 2.65 -12.66
N ASP E 236 -44.16 3.61 -13.28
CA ASP E 236 -43.99 3.84 -14.70
C ASP E 236 -42.66 4.52 -15.02
N CYS E 237 -42.16 5.37 -14.11
CA CYS E 237 -40.91 6.07 -14.39
C CYS E 237 -39.76 5.09 -14.60
N GLY E 238 -39.84 3.90 -14.02
CA GLY E 238 -38.80 2.90 -14.19
C GLY E 238 -37.49 3.27 -13.54
N GLU E 239 -37.55 3.82 -12.32
CA GLU E 239 -36.38 4.31 -11.59
C GLU E 239 -36.38 3.91 -10.13
N LYS E 240 -37.30 3.06 -9.66
CA LYS E 240 -37.33 2.69 -8.26
C LYS E 240 -36.06 1.96 -7.85
N MET E 241 -35.63 1.00 -8.68
CA MET E 241 -34.46 0.20 -8.35
C MET E 241 -33.22 1.07 -8.22
N THR E 242 -33.04 2.01 -9.13
CA THR E 242 -31.88 2.91 -9.05
C THR E 242 -31.86 3.62 -7.72
N LEU E 243 -32.99 4.20 -7.32
CA LEU E 243 -33.04 4.97 -6.09
C LEU E 243 -32.71 4.10 -4.87
N CYS E 244 -33.41 2.98 -4.71
CA CYS E 244 -33.22 2.18 -3.51
C CYS E 244 -31.82 1.56 -3.46
N ILE E 245 -31.30 1.10 -4.61
CA ILE E 245 -29.97 0.52 -4.61
C ILE E 245 -28.91 1.56 -4.28
N SER E 246 -29.03 2.77 -4.84
CA SER E 246 -28.05 3.81 -4.52
C SER E 246 -28.11 4.18 -3.05
N VAL E 247 -29.30 4.24 -2.46
CA VAL E 247 -29.40 4.52 -1.03
C VAL E 247 -28.68 3.44 -0.23
N LEU E 248 -28.89 2.17 -0.58
CA LEU E 248 -28.23 1.08 0.13
C LEU E 248 -26.71 1.18 0.00
N LEU E 249 -26.21 1.48 -1.22
CA LEU E 249 -24.77 1.60 -1.47
C LEU E 249 -24.16 2.71 -0.61
N ALA E 250 -24.81 3.86 -0.58
CA ALA E 250 -24.32 4.98 0.21
C ALA E 250 -24.27 4.62 1.70
N LEU E 251 -25.34 4.00 2.20
CA LEU E 251 -25.35 3.63 3.62
C LEU E 251 -24.22 2.67 3.94
N THR E 252 -24.00 1.67 3.08
CA THR E 252 -22.94 0.70 3.32
C THR E 252 -21.56 1.39 3.32
N VAL E 253 -21.33 2.30 2.39
CA VAL E 253 -20.05 2.99 2.34
C VAL E 253 -19.83 3.77 3.62
N PHE E 254 -20.87 4.48 4.10
CA PHE E 254 -20.70 5.25 5.32
C PHE E 254 -20.42 4.35 6.52
N LEU E 255 -21.09 3.20 6.58
CA LEU E 255 -20.79 2.25 7.65
C LEU E 255 -19.34 1.82 7.62
N LEU E 256 -18.81 1.53 6.43
CA LEU E 256 -17.42 1.09 6.33
C LEU E 256 -16.45 2.18 6.77
N LEU E 257 -16.68 3.42 6.33
CA LEU E 257 -15.80 4.50 6.77
C LEU E 257 -15.83 4.70 8.28
N ILE E 258 -17.03 4.67 8.88
CA ILE E 258 -17.09 4.82 10.34
C ILE E 258 -16.32 3.68 11.01
N SER E 259 -16.42 2.46 10.47
CA SER E 259 -15.66 1.35 11.04
C SER E 259 -14.17 1.59 10.91
N LYS E 260 -13.75 2.31 9.88
CA LYS E 260 -12.33 2.68 9.78
C LYS E 260 -11.94 3.71 10.82
N ILE E 261 -12.88 4.57 11.22
CA ILE E 261 -12.55 5.64 12.17
C ILE E 261 -12.35 5.07 13.59
N VAL E 262 -13.26 4.22 14.05
CA VAL E 262 -13.28 3.77 15.44
C VAL E 262 -12.31 2.61 15.66
N PRO E 263 -11.94 2.30 16.90
CA PRO E 263 -11.12 1.12 17.15
C PRO E 263 -11.87 -0.15 16.81
N PRO E 264 -11.17 -1.20 16.37
CA PRO E 264 -11.84 -2.46 16.01
C PRO E 264 -12.10 -3.35 17.23
N THR E 265 -12.77 -2.79 18.22
CA THR E 265 -13.11 -3.49 19.44
C THR E 265 -14.56 -3.93 19.42
N SER E 266 -14.85 -5.00 20.17
CA SER E 266 -16.18 -5.61 20.17
C SER E 266 -16.93 -5.41 21.48
N LEU E 267 -16.45 -4.51 22.33
CA LEU E 267 -17.09 -4.32 23.63
C LEU E 267 -18.40 -3.57 23.49
N ASP E 268 -18.52 -2.72 22.47
CA ASP E 268 -19.76 -1.98 22.23
C ASP E 268 -19.75 -1.53 20.77
N VAL E 269 -20.92 -1.10 20.32
CA VAL E 269 -21.13 -0.62 18.96
C VAL E 269 -21.50 0.86 19.03
N PRO E 270 -20.91 1.73 18.22
CA PRO E 270 -21.34 3.14 18.23
C PRO E 270 -22.80 3.26 17.87
N LEU E 271 -23.47 4.25 18.47
CA LEU E 271 -24.89 4.46 18.19
C LEU E 271 -25.11 4.82 16.73
N VAL E 272 -24.18 5.59 16.14
CA VAL E 272 -24.29 5.94 14.73
C VAL E 272 -24.20 4.69 13.86
N GLY E 273 -23.31 3.76 14.23
CA GLY E 273 -23.22 2.50 13.50
C GLY E 273 -24.49 1.67 13.60
N LYS E 274 -25.07 1.59 14.79
CA LYS E 274 -26.33 0.86 14.96
C LYS E 274 -27.44 1.50 14.14
N TYR E 275 -27.50 2.82 14.13
CA TYR E 275 -28.48 3.54 13.33
C TYR E 275 -28.30 3.24 11.84
N LEU E 276 -27.05 3.29 11.36
CA LEU E 276 -26.80 2.99 9.96
C LEU E 276 -27.20 1.56 9.62
N MET E 277 -26.91 0.62 10.51
CA MET E 277 -27.25 -0.78 10.24
C MET E 277 -28.77 -0.97 10.19
N PHE E 278 -29.49 -0.32 11.10
CA PHE E 278 -30.95 -0.39 11.09
C PHE E 278 -31.52 0.17 9.79
N THR E 279 -31.00 1.32 9.36
CA THR E 279 -31.45 1.90 8.10
C THR E 279 -31.13 0.99 6.92
N MET E 280 -29.97 0.33 6.96
CA MET E 280 -29.62 -0.59 5.89
C MET E 280 -30.61 -1.75 5.81
N VAL E 281 -31.00 -2.29 6.96
CA VAL E 281 -31.99 -3.36 6.96
C VAL E 281 -33.32 -2.88 6.39
N LEU E 282 -33.75 -1.67 6.78
CA LEU E 282 -34.99 -1.14 6.20
C LEU E 282 -34.88 -0.97 4.69
N VAL E 283 -33.73 -0.51 4.20
CA VAL E 283 -33.60 -0.27 2.77
C VAL E 283 -33.60 -1.59 2.00
N THR E 284 -33.02 -2.64 2.58
CA THR E 284 -33.11 -3.96 1.95
C THR E 284 -34.56 -4.45 1.91
N PHE E 285 -35.28 -4.24 3.00
CA PHE E 285 -36.71 -4.55 3.01
C PHE E 285 -37.45 -3.80 1.91
N SER E 286 -37.08 -2.54 1.70
CA SER E 286 -37.77 -1.72 0.70
C SER E 286 -37.39 -2.14 -0.71
N ILE E 287 -36.17 -2.63 -0.92
CA ILE E 287 -35.82 -3.18 -2.22
C ILE E 287 -36.68 -4.40 -2.53
N VAL E 288 -36.85 -5.28 -1.56
CA VAL E 288 -37.72 -6.44 -1.76
C VAL E 288 -39.13 -5.98 -2.09
N THR E 289 -39.65 -5.04 -1.30
CA THR E 289 -41.02 -4.56 -1.50
C THR E 289 -41.19 -3.90 -2.86
N SER E 290 -40.20 -3.11 -3.30
CA SER E 290 -40.27 -2.46 -4.59
C SER E 290 -40.26 -3.48 -5.73
N VAL E 291 -39.50 -4.57 -5.56
CA VAL E 291 -39.54 -5.63 -6.56
C VAL E 291 -40.95 -6.20 -6.66
N CYS E 292 -41.58 -6.48 -5.51
CA CYS E 292 -42.93 -7.02 -5.53
C CYS E 292 -43.93 -6.04 -6.12
N VAL E 293 -43.80 -4.75 -5.81
CA VAL E 293 -44.69 -3.74 -6.37
C VAL E 293 -44.53 -3.64 -7.88
N LEU E 294 -43.28 -3.65 -8.37
CA LEU E 294 -43.08 -3.59 -9.81
C LEU E 294 -43.70 -4.81 -10.49
N ASN E 295 -43.57 -5.98 -9.85
CA ASN E 295 -44.19 -7.17 -10.42
C ASN E 295 -45.71 -7.03 -10.48
N VAL E 296 -46.32 -6.51 -9.41
CA VAL E 296 -47.78 -6.37 -9.39
C VAL E 296 -48.24 -5.34 -10.42
N HIS E 297 -47.45 -4.28 -10.61
CA HIS E 297 -47.85 -3.20 -11.50
C HIS E 297 -47.98 -3.68 -12.94
N HIS E 298 -47.11 -4.60 -13.36
CA HIS E 298 -47.05 -5.05 -14.76
C HIS E 298 -47.81 -6.37 -14.94
N ARG E 299 -49.09 -6.35 -14.58
CA ARG E 299 -49.94 -7.53 -14.71
C ARG E 299 -51.09 -7.22 -15.65
N SER E 300 -51.50 -8.23 -16.42
CA SER E 300 -52.46 -8.06 -17.50
C SER E 300 -53.39 -9.26 -17.52
N PRO E 301 -54.55 -9.13 -18.18
CA PRO E 301 -55.48 -10.27 -18.25
C PRO E 301 -54.91 -11.48 -18.97
N THR E 302 -53.90 -11.28 -19.81
CA THR E 302 -53.32 -12.37 -20.58
C THR E 302 -52.27 -13.16 -19.80
N THR E 303 -51.92 -12.75 -18.59
CA THR E 303 -50.91 -13.47 -17.81
C THR E 303 -51.40 -13.78 -16.42
N HIS E 304 -52.29 -12.95 -15.87
CA HIS E 304 -52.79 -13.13 -14.51
C HIS E 304 -54.29 -12.95 -14.46
N THR E 305 -54.89 -13.47 -13.40
CA THR E 305 -56.29 -13.23 -13.08
C THR E 305 -56.37 -12.54 -11.73
N MET E 306 -57.16 -11.48 -11.63
CA MET E 306 -57.33 -10.77 -10.38
C MET E 306 -58.40 -11.47 -9.57
N ALA E 307 -58.01 -12.06 -8.44
CA ALA E 307 -58.94 -12.78 -7.61
C ALA E 307 -59.98 -11.82 -7.03
N PRO E 308 -61.21 -12.30 -6.76
CA PRO E 308 -62.23 -11.40 -6.21
C PRO E 308 -61.83 -10.75 -4.89
N TRP E 309 -61.13 -11.48 -4.02
CA TRP E 309 -60.73 -10.90 -2.74
C TRP E 309 -59.78 -9.74 -2.95
N VAL E 310 -58.91 -9.84 -3.95
CA VAL E 310 -58.01 -8.74 -4.26
C VAL E 310 -58.81 -7.50 -4.66
N LYS E 311 -59.78 -7.68 -5.55
CA LYS E 311 -60.64 -6.55 -5.91
C LYS E 311 -61.26 -5.94 -4.67
N VAL E 312 -61.91 -6.77 -3.87
CA VAL E 312 -62.66 -6.27 -2.71
C VAL E 312 -61.76 -5.50 -1.77
N VAL E 313 -60.60 -6.07 -1.42
CA VAL E 313 -59.72 -5.43 -0.46
C VAL E 313 -59.09 -4.20 -1.07
N PHE E 314 -58.27 -4.40 -2.10
CA PHE E 314 -57.36 -3.37 -2.58
C PHE E 314 -58.04 -2.28 -3.39
N LEU E 315 -59.30 -2.45 -3.83
CA LEU E 315 -59.96 -1.41 -4.59
C LEU E 315 -61.04 -0.68 -3.81
N GLU E 316 -61.50 -1.24 -2.68
CA GLU E 316 -62.51 -0.60 -1.85
C GLU E 316 -62.02 -0.29 -0.44
N LYS E 317 -61.52 -1.30 0.28
CA LYS E 317 -61.32 -1.12 1.72
C LYS E 317 -60.05 -0.34 2.01
N LEU E 318 -58.90 -0.88 1.62
CA LEU E 318 -57.63 -0.23 1.93
C LEU E 318 -57.58 1.19 1.40
N PRO E 319 -58.02 1.50 0.18
CA PRO E 319 -58.02 2.90 -0.26
C PRO E 319 -58.79 3.82 0.67
N ALA E 320 -59.90 3.35 1.24
CA ALA E 320 -60.66 4.19 2.18
C ALA E 320 -59.84 4.50 3.43
N LEU E 321 -59.17 3.49 3.99
CA LEU E 321 -58.36 3.71 5.18
C LEU E 321 -57.23 4.70 4.90
N LEU E 322 -56.61 4.60 3.73
CA LEU E 322 -55.47 5.44 3.39
C LEU E 322 -55.89 6.78 2.79
N PHE E 323 -57.18 7.03 2.62
CA PHE E 323 -57.67 8.27 2.02
C PHE E 323 -57.17 8.41 0.59
N MET E 324 -57.47 7.41 -0.23
CA MET E 324 -57.13 7.40 -1.64
C MET E 324 -58.30 7.75 -2.54
N GLN E 325 -59.47 7.15 -2.30
CA GLN E 325 -60.71 7.54 -2.98
C GLN E 325 -60.58 7.37 -4.50
N GLN E 326 -60.53 6.11 -4.91
CA GLN E 326 -60.42 5.79 -6.32
C GLN E 326 -61.52 6.50 -7.12
N PRO E 327 -61.17 7.23 -8.19
CA PRO E 327 -62.24 7.87 -8.97
C PRO E 327 -63.24 6.88 -9.55
N ARG E 328 -62.77 5.75 -10.06
CA ARG E 328 -63.64 4.69 -10.56
C ARG E 328 -64.68 5.24 -11.54
N HIS E 329 -64.24 6.13 -12.42
CA HIS E 329 -65.15 6.74 -13.37
C HIS E 329 -65.69 5.69 -14.35
N HIS E 330 -64.84 4.78 -14.80
CA HIS E 330 -65.28 3.60 -15.54
C HIS E 330 -64.94 2.34 -14.76
N GLY E 396 -75.15 -5.40 -52.31
CA GLY E 396 -75.48 -6.77 -51.96
C GLY E 396 -74.52 -7.35 -50.94
N CYS E 397 -73.67 -8.28 -51.39
CA CYS E 397 -72.68 -8.86 -50.49
C CYS E 397 -71.79 -7.80 -49.90
N GLY E 398 -71.60 -6.68 -50.61
CA GLY E 398 -70.80 -5.60 -50.08
C GLY E 398 -71.36 -5.06 -48.78
N LEU E 399 -72.67 -4.89 -48.70
CA LEU E 399 -73.28 -4.38 -47.48
C LEU E 399 -73.10 -5.35 -46.32
N ARG E 400 -73.31 -6.64 -46.56
CA ARG E 400 -73.14 -7.61 -45.49
C ARG E 400 -71.70 -7.64 -45.01
N GLU E 401 -70.75 -7.60 -45.93
CA GLU E 401 -69.34 -7.57 -45.54
C GLU E 401 -69.03 -6.31 -44.75
N ALA E 402 -69.58 -5.16 -45.17
CA ALA E 402 -69.33 -3.92 -44.45
C ALA E 402 -69.88 -3.99 -43.03
N VAL E 403 -71.11 -4.51 -42.88
CA VAL E 403 -71.69 -4.62 -41.54
C VAL E 403 -70.87 -5.57 -40.68
N ASP E 404 -70.44 -6.70 -41.26
CA ASP E 404 -69.64 -7.65 -40.52
C ASP E 404 -68.33 -7.02 -40.06
N GLY E 405 -67.68 -6.25 -40.95
CA GLY E 405 -66.44 -5.60 -40.59
C GLY E 405 -66.63 -4.55 -39.50
N VAL E 406 -67.72 -3.78 -39.57
CA VAL E 406 -67.99 -2.79 -38.55
C VAL E 406 -68.22 -3.47 -37.20
N ARG E 407 -68.98 -4.56 -37.18
CA ARG E 407 -69.20 -5.28 -35.93
C ARG E 407 -67.90 -5.84 -35.39
N PHE E 408 -67.04 -6.35 -36.27
CA PHE E 408 -65.75 -6.85 -35.81
C PHE E 408 -64.91 -5.74 -35.20
N ILE E 409 -64.91 -4.57 -35.83
CA ILE E 409 -64.16 -3.43 -35.30
C ILE E 409 -64.69 -3.05 -33.92
N ALA E 410 -66.02 -2.98 -33.77
CA ALA E 410 -66.59 -2.63 -32.49
C ALA E 410 -66.21 -3.65 -31.42
N ASP E 411 -66.28 -4.94 -31.75
CA ASP E 411 -65.90 -5.97 -30.78
C ASP E 411 -64.42 -5.85 -30.41
N HIS E 412 -63.56 -5.59 -31.39
CA HIS E 412 -62.14 -5.48 -31.12
C HIS E 412 -61.85 -4.32 -30.17
N MET E 413 -62.49 -3.17 -30.40
CA MET E 413 -62.29 -2.04 -29.49
C MET E 413 -62.85 -2.33 -28.11
N ARG E 414 -63.98 -3.01 -28.03
CA ARG E 414 -64.53 -3.36 -26.72
C ARG E 414 -63.56 -4.25 -25.95
N SER E 415 -63.00 -5.26 -26.61
CA SER E 415 -62.04 -6.13 -25.95
C SER E 415 -60.79 -5.37 -25.52
N GLU E 416 -60.30 -4.47 -26.38
CA GLU E 416 -59.13 -3.69 -26.03
C GLU E 416 -59.40 -2.82 -24.80
N ASP E 417 -60.55 -2.20 -24.76
CA ASP E 417 -60.92 -1.38 -23.61
C ASP E 417 -60.99 -2.21 -22.33
N ASP E 418 -61.56 -3.41 -22.42
CA ASP E 418 -61.64 -4.28 -21.24
C ASP E 418 -60.24 -4.65 -20.74
N ASP E 419 -59.35 -5.01 -21.67
CA ASP E 419 -57.98 -5.35 -21.27
C ASP E 419 -57.29 -4.16 -20.61
N GLN E 420 -57.42 -2.98 -21.21
CA GLN E 420 -56.76 -1.79 -20.68
C GLN E 420 -57.29 -1.44 -19.30
N SER E 421 -58.60 -1.65 -19.09
CA SER E 421 -59.19 -1.40 -17.79
C SER E 421 -58.63 -2.34 -16.73
N VAL E 422 -58.48 -3.62 -17.06
CA VAL E 422 -57.91 -4.55 -16.09
C VAL E 422 -56.47 -4.15 -15.75
N SER E 423 -55.70 -3.77 -16.76
CA SER E 423 -54.34 -3.30 -16.50
C SER E 423 -54.35 -2.11 -15.54
N GLU E 424 -55.27 -1.18 -15.74
CA GLU E 424 -55.32 -0.02 -14.84
C GLU E 424 -55.71 -0.43 -13.43
N ASP E 425 -56.56 -1.45 -13.29
CA ASP E 425 -56.85 -1.96 -11.94
C ASP E 425 -55.60 -2.49 -11.27
N TRP E 426 -54.77 -3.23 -12.01
CA TRP E 426 -53.53 -3.74 -11.44
C TRP E 426 -52.60 -2.60 -11.03
N LYS E 427 -52.51 -1.57 -11.87
CA LYS E 427 -51.68 -0.42 -11.53
C LYS E 427 -52.17 0.24 -10.25
N TYR E 428 -53.49 0.35 -10.09
CA TYR E 428 -54.04 0.90 -8.86
C TYR E 428 -53.69 0.05 -7.65
N VAL E 429 -53.74 -1.27 -7.80
CA VAL E 429 -53.38 -2.14 -6.68
C VAL E 429 -51.93 -1.90 -6.26
N ALA E 430 -51.02 -1.81 -7.24
CA ALA E 430 -49.63 -1.52 -6.92
C ALA E 430 -49.49 -0.18 -6.20
N MET E 431 -50.24 0.82 -6.67
CA MET E 431 -50.19 2.14 -6.04
C MET E 431 -50.66 2.07 -4.58
N VAL E 432 -51.72 1.31 -4.31
CA VAL E 432 -52.21 1.18 -2.95
C VAL E 432 -51.16 0.53 -2.06
N ILE E 433 -50.51 -0.52 -2.55
CA ILE E 433 -49.52 -1.21 -1.74
C ILE E 433 -48.36 -0.27 -1.41
N ASP E 434 -47.86 0.45 -2.40
CA ASP E 434 -46.73 1.33 -2.12
C ASP E 434 -47.13 2.46 -1.19
N ARG E 435 -48.39 2.91 -1.24
CA ARG E 435 -48.83 3.95 -0.31
C ARG E 435 -48.86 3.42 1.12
N LEU E 436 -49.38 2.21 1.31
CA LEU E 436 -49.33 1.59 2.64
C LEU E 436 -47.91 1.58 3.18
N PHE E 437 -46.97 1.07 2.38
CA PHE E 437 -45.61 0.97 2.88
C PHE E 437 -44.96 2.34 3.06
N LEU E 438 -45.38 3.34 2.29
CA LEU E 438 -44.91 4.70 2.55
C LEU E 438 -45.34 5.15 3.94
N TRP E 439 -46.58 4.88 4.31
CA TRP E 439 -47.02 5.22 5.66
C TRP E 439 -46.17 4.52 6.71
N ILE E 440 -45.99 3.20 6.56
CA ILE E 440 -45.24 2.44 7.56
C ILE E 440 -43.81 2.96 7.69
N PHE E 441 -43.16 3.21 6.55
CA PHE E 441 -41.77 3.65 6.58
C PHE E 441 -41.63 5.06 7.13
N VAL E 442 -42.56 5.96 6.82
CA VAL E 442 -42.47 7.29 7.41
C VAL E 442 -42.64 7.21 8.92
N PHE E 443 -43.52 6.32 9.38
CA PHE E 443 -43.63 6.12 10.83
C PHE E 443 -42.32 5.65 11.42
N VAL E 444 -41.71 4.62 10.82
CA VAL E 444 -40.49 4.04 11.39
C VAL E 444 -39.36 5.06 11.37
N CYS E 445 -39.21 5.80 10.27
CA CYS E 445 -38.11 6.77 10.17
C CYS E 445 -38.35 8.01 11.01
N VAL E 446 -39.61 8.34 11.32
CA VAL E 446 -39.85 9.36 12.34
C VAL E 446 -39.41 8.85 13.71
N PHE E 447 -39.75 7.60 14.02
CA PHE E 447 -39.27 7.00 15.27
C PHE E 447 -37.75 6.88 15.28
N GLY E 448 -37.11 6.89 14.12
CA GLY E 448 -35.68 6.75 14.07
C GLY E 448 -34.94 7.86 14.79
N THR E 449 -35.58 9.02 14.94
CA THR E 449 -34.96 10.11 15.70
C THR E 449 -34.73 9.70 17.15
N ASP F 20 12.77 8.55 -35.04
CA ASP F 20 14.09 9.18 -34.76
C ASP F 20 14.17 10.57 -35.37
N VAL F 21 14.76 11.51 -34.64
CA VAL F 21 14.95 12.84 -35.18
C VAL F 21 15.88 12.78 -36.38
N LEU F 22 15.49 13.45 -37.45
CA LEU F 22 16.26 13.47 -38.69
C LEU F 22 16.99 14.78 -38.83
N MET F 23 18.30 14.73 -39.04
CA MET F 23 19.14 15.90 -39.18
C MET F 23 19.57 16.02 -40.64
N THR F 24 19.43 17.22 -41.19
CA THR F 24 19.74 17.49 -42.59
C THR F 24 20.83 18.55 -42.66
N GLN F 25 21.84 18.29 -43.49
CA GLN F 25 22.95 19.21 -43.69
C GLN F 25 22.98 19.68 -45.14
N THR F 26 23.22 20.97 -45.32
CA THR F 26 23.42 21.54 -46.65
C THR F 26 24.51 22.60 -46.57
N PRO F 27 25.30 22.76 -47.65
CA PRO F 27 25.28 21.98 -48.89
C PRO F 27 26.03 20.67 -48.74
N LEU F 28 25.73 19.69 -49.60
CA LEU F 28 26.47 18.43 -49.56
C LEU F 28 27.93 18.62 -49.93
N SER F 29 28.28 19.75 -50.53
CA SER F 29 29.67 20.09 -50.81
C SER F 29 29.81 21.61 -50.78
N LEU F 30 30.98 22.08 -50.37
CA LEU F 30 31.23 23.51 -50.21
C LEU F 30 32.66 23.81 -50.62
N PRO F 31 32.93 23.89 -51.92
CA PRO F 31 34.27 24.30 -52.38
C PRO F 31 34.49 25.79 -52.14
N VAL F 32 35.53 26.11 -51.38
CA VAL F 32 35.85 27.50 -51.07
C VAL F 32 37.36 27.64 -50.98
N SER F 33 37.89 28.69 -51.60
CA SER F 33 39.33 28.90 -51.61
C SER F 33 39.83 29.28 -50.22
N LEU F 34 41.13 29.13 -50.02
CA LEU F 34 41.74 29.44 -48.73
C LEU F 34 41.49 30.89 -48.36
N GLY F 35 41.27 31.13 -47.06
CA GLY F 35 40.99 32.47 -46.58
C GLY F 35 39.55 32.91 -46.72
N ASP F 36 38.66 32.04 -47.19
CA ASP F 36 37.26 32.37 -47.40
C ASP F 36 36.43 31.82 -46.26
N GLN F 37 35.42 32.59 -45.86
CA GLN F 37 34.49 32.14 -44.83
C GLN F 37 33.64 30.98 -45.34
N ALA F 38 33.51 29.94 -44.54
CA ALA F 38 32.72 28.77 -44.89
C ALA F 38 31.63 28.59 -43.85
N SER F 39 30.40 28.43 -44.31
CA SER F 39 29.23 28.26 -43.44
C SER F 39 28.52 26.97 -43.82
N ILE F 40 28.27 26.13 -42.83
CA ILE F 40 27.54 24.88 -43.00
C ILE F 40 26.22 24.99 -42.24
N SER F 41 25.12 24.72 -42.93
CA SER F 41 23.81 24.78 -42.33
C SER F 41 23.37 23.41 -41.83
N CYS F 42 22.57 23.41 -40.78
CA CYS F 42 22.06 22.17 -40.19
C CYS F 42 20.62 22.39 -39.76
N ARG F 43 19.74 21.48 -40.16
CA ARG F 43 18.33 21.55 -39.83
C ARG F 43 17.87 20.23 -39.25
N SER F 44 16.89 20.30 -38.35
CA SER F 44 16.38 19.15 -37.64
C SER F 44 14.89 18.98 -37.92
N SER F 45 14.46 17.71 -37.94
CA SER F 45 13.04 17.43 -38.13
C SER F 45 12.20 18.05 -37.02
N GLN F 46 12.69 18.02 -35.79
CA GLN F 46 12.00 18.58 -34.64
C GLN F 46 12.95 19.51 -33.90
N SER F 47 12.37 20.33 -33.03
CA SER F 47 13.20 21.15 -32.15
C SER F 47 14.00 20.26 -31.21
N ILE F 48 15.25 20.64 -30.96
CA ILE F 48 16.15 19.83 -30.15
C ILE F 48 16.61 20.63 -28.94
N VAL F 49 15.75 21.52 -28.46
CA VAL F 49 16.04 22.26 -27.22
C VAL F 49 15.66 21.39 -26.04
N HIS F 50 16.49 21.42 -24.99
CA HIS F 50 16.28 20.58 -23.82
C HIS F 50 15.68 21.39 -22.67
N SER F 51 15.10 20.65 -21.72
CA SER F 51 14.36 21.28 -20.63
C SER F 51 15.26 22.12 -19.74
N ASN F 52 16.51 21.69 -19.53
CA ASN F 52 17.39 22.41 -18.60
C ASN F 52 17.71 23.82 -19.08
N GLY F 53 17.43 24.15 -20.34
CA GLY F 53 17.77 25.43 -20.91
C GLY F 53 18.87 25.38 -21.93
N ASN F 54 19.52 24.22 -22.11
CA ASN F 54 20.55 24.03 -23.11
C ASN F 54 20.02 23.23 -24.28
N THR F 55 20.71 23.35 -25.41
CA THR F 55 20.47 22.53 -26.59
C THR F 55 21.76 21.81 -26.93
N TYR F 56 21.67 20.50 -27.14
CA TYR F 56 22.85 19.64 -27.25
C TYR F 56 23.08 19.28 -28.71
N LEU F 57 23.89 20.11 -29.39
CA LEU F 57 24.29 19.88 -30.76
C LEU F 57 25.81 19.89 -30.83
N GLU F 58 26.38 18.87 -31.47
CA GLU F 58 27.82 18.70 -31.56
C GLU F 58 28.25 18.64 -33.02
N TRP F 59 29.43 19.21 -33.29
CA TRP F 59 30.01 19.21 -34.62
C TRP F 59 31.30 18.40 -34.61
N TYR F 60 31.45 17.52 -35.59
CA TYR F 60 32.62 16.66 -35.70
C TYR F 60 33.27 16.85 -37.06
N LEU F 61 34.57 16.53 -37.12
CA LEU F 61 35.35 16.60 -38.34
C LEU F 61 36.12 15.30 -38.50
N GLN F 62 35.90 14.60 -39.60
CA GLN F 62 36.58 13.34 -39.89
C GLN F 62 37.45 13.55 -41.11
N LYS F 63 38.76 13.62 -40.90
CA LYS F 63 39.69 13.66 -42.01
C LYS F 63 39.82 12.27 -42.62
N PRO F 64 40.20 12.17 -43.89
CA PRO F 64 40.28 10.84 -44.52
C PRO F 64 41.26 9.94 -43.78
N GLY F 65 40.87 8.68 -43.65
CA GLY F 65 41.73 7.70 -43.01
C GLY F 65 41.92 7.88 -41.53
N GLN F 66 41.07 8.66 -40.87
CA GLN F 66 41.18 8.91 -39.44
C GLN F 66 39.79 8.87 -38.82
N SER F 67 39.76 8.63 -37.51
CA SER F 67 38.50 8.63 -36.78
C SER F 67 38.00 10.06 -36.60
N PRO F 68 36.71 10.23 -36.35
CA PRO F 68 36.16 11.60 -36.23
C PRO F 68 36.76 12.33 -35.04
N LYS F 69 36.82 13.65 -35.15
CA LYS F 69 37.35 14.52 -34.11
C LYS F 69 36.29 15.51 -33.69
N LEU F 70 36.11 15.67 -32.38
CA LEU F 70 35.13 16.61 -31.87
C LEU F 70 35.61 18.04 -32.10
N LEU F 71 34.68 18.91 -32.48
CA LEU F 71 34.98 20.31 -32.73
C LEU F 71 34.20 21.25 -31.82
N ILE F 72 32.88 21.08 -31.74
CA ILE F 72 32.02 21.97 -30.97
C ILE F 72 30.94 21.14 -30.27
N TYR F 73 30.53 21.61 -29.11
CA TYR F 73 29.44 21.00 -28.36
C TYR F 73 28.70 22.10 -27.64
N LYS F 74 27.37 21.98 -27.55
CA LYS F 74 26.56 23.05 -26.97
C LYS F 74 26.91 24.38 -27.66
N VAL F 75 26.49 24.46 -28.92
CA VAL F 75 27.15 25.23 -29.97
C VAL F 75 27.76 26.51 -29.46
N SER F 76 27.04 27.24 -28.58
CA SER F 76 27.60 28.44 -28.00
C SER F 76 29.01 28.22 -27.48
N ASN F 77 29.33 27.00 -27.02
CA ASN F 77 30.62 26.66 -26.48
C ASN F 77 31.54 26.13 -27.57
N ARG F 78 32.70 25.63 -27.17
CA ARG F 78 33.69 25.12 -28.11
C ARG F 78 34.66 24.23 -27.37
N PHE F 79 35.09 23.15 -28.02
CA PHE F 79 35.99 22.20 -27.38
C PHE F 79 37.38 22.81 -27.21
N SER F 80 38.16 22.19 -26.33
CA SER F 80 39.52 22.64 -26.05
C SER F 80 40.49 22.02 -27.04
N GLY F 81 41.45 22.83 -27.50
CA GLY F 81 42.47 22.40 -28.42
C GLY F 81 42.20 22.75 -29.87
N VAL F 82 40.95 23.07 -30.21
CA VAL F 82 40.61 23.46 -31.58
C VAL F 82 40.92 24.94 -31.75
N PRO F 83 41.19 25.42 -32.97
CA PRO F 83 41.46 26.84 -33.16
C PRO F 83 40.18 27.66 -33.01
N ASP F 84 40.38 28.97 -32.90
CA ASP F 84 39.26 29.89 -32.64
C ASP F 84 38.46 30.22 -33.89
N ARG F 85 38.92 29.84 -35.08
CA ARG F 85 38.20 30.19 -36.30
C ARG F 85 36.84 29.49 -36.38
N PHE F 86 36.59 28.47 -35.57
CA PHE F 86 35.31 27.78 -35.56
C PHE F 86 34.34 28.47 -34.61
N SER F 87 33.06 28.35 -34.92
CA SER F 87 32.01 28.91 -34.08
C SER F 87 30.66 28.39 -34.56
N GLY F 88 29.70 28.30 -33.63
CA GLY F 88 28.38 27.81 -33.95
C GLY F 88 27.31 28.75 -33.44
N SER F 89 26.08 28.48 -33.84
CA SER F 89 24.93 29.26 -33.44
C SER F 89 23.69 28.60 -34.02
N GLY F 90 22.53 29.01 -33.52
CA GLY F 90 21.27 28.51 -34.04
C GLY F 90 20.19 28.53 -32.98
N SER F 91 18.97 28.27 -33.44
CA SER F 91 17.79 28.19 -32.60
C SER F 91 17.29 26.74 -32.56
N GLY F 92 16.13 26.56 -31.94
CA GLY F 92 15.57 25.23 -31.71
C GLY F 92 15.70 24.24 -32.86
N THR F 93 15.64 24.72 -34.10
CA THR F 93 15.65 23.83 -35.25
C THR F 93 16.72 24.15 -36.29
N ASP F 94 17.19 25.39 -36.36
CA ASP F 94 18.16 25.81 -37.37
C ASP F 94 19.48 26.14 -36.70
N PHE F 95 20.56 25.50 -37.17
CA PHE F 95 21.90 25.72 -36.65
C PHE F 95 22.88 25.86 -37.80
N THR F 96 23.97 26.59 -37.56
CA THR F 96 24.98 26.83 -38.56
C THR F 96 26.35 26.82 -37.92
N LEU F 97 27.30 26.18 -38.60
CA LEU F 97 28.71 26.22 -38.22
C LEU F 97 29.44 27.19 -39.15
N LYS F 98 30.41 27.91 -38.59
CA LYS F 98 31.14 28.92 -39.33
C LYS F 98 32.63 28.70 -39.19
N ILE F 99 33.34 28.73 -40.32
CA ILE F 99 34.79 28.70 -40.35
C ILE F 99 35.25 30.00 -41.00
N SER F 100 36.06 30.77 -40.28
CA SER F 100 36.41 32.12 -40.74
C SER F 100 37.50 32.08 -41.81
N ARG F 101 38.63 31.44 -41.50
CA ARG F 101 39.83 31.48 -42.35
C ARG F 101 40.29 30.04 -42.57
N VAL F 102 39.93 29.48 -43.72
CA VAL F 102 40.13 28.06 -43.96
C VAL F 102 41.59 27.78 -44.33
N GLU F 103 41.98 26.52 -44.16
CA GLU F 103 43.30 26.04 -44.56
C GLU F 103 43.16 24.63 -45.12
N ALA F 104 44.30 24.02 -45.43
CA ALA F 104 44.30 22.63 -45.86
C ALA F 104 44.04 21.66 -44.72
N GLU F 105 44.29 22.08 -43.48
CA GLU F 105 44.03 21.24 -42.32
C GLU F 105 42.57 21.21 -41.91
N ASP F 106 41.72 22.00 -42.57
CA ASP F 106 40.29 21.99 -42.32
C ASP F 106 39.53 21.15 -43.34
N LEU F 107 40.23 20.39 -44.17
CA LEU F 107 39.59 19.57 -45.18
C LEU F 107 39.06 18.27 -44.57
N GLY F 108 37.84 17.92 -44.93
CA GLY F 108 37.24 16.70 -44.43
C GLY F 108 35.73 16.76 -44.55
N VAL F 109 35.07 15.92 -43.75
CA VAL F 109 33.62 15.84 -43.72
C VAL F 109 33.15 16.29 -42.35
N TYR F 110 32.19 17.22 -42.33
CA TYR F 110 31.65 17.77 -41.09
C TYR F 110 30.27 17.18 -40.85
N TYR F 111 30.03 16.72 -39.62
CA TYR F 111 28.79 16.06 -39.26
C TYR F 111 28.10 16.80 -38.12
N CYS F 112 26.78 16.81 -38.16
CA CYS F 112 25.96 17.26 -37.03
C CYS F 112 25.69 16.08 -36.11
N PHE F 113 25.49 16.39 -34.83
CA PHE F 113 25.11 15.37 -33.86
C PHE F 113 24.24 16.02 -32.81
N GLN F 114 22.99 15.56 -32.70
CA GLN F 114 22.05 16.07 -31.71
C GLN F 114 22.04 15.11 -30.52
N GLY F 115 22.34 15.62 -29.34
CA GLY F 115 22.36 14.81 -28.14
C GLY F 115 21.14 15.02 -27.27
N SER F 116 20.08 15.60 -27.84
CA SER F 116 18.93 16.03 -27.05
C SER F 116 17.88 14.93 -26.89
N HIS F 117 17.44 14.34 -27.99
CA HIS F 117 16.32 13.39 -27.98
C HIS F 117 16.84 12.00 -28.32
N VAL F 118 16.50 11.04 -27.46
CA VAL F 118 16.87 9.64 -27.72
C VAL F 118 15.99 9.10 -28.85
N PRO F 119 16.54 8.36 -29.82
CA PRO F 119 17.96 8.05 -30.01
C PRO F 119 18.72 9.21 -30.63
N TRP F 120 19.99 9.36 -30.29
CA TRP F 120 20.81 10.41 -30.86
C TRP F 120 21.26 10.02 -32.27
N THR F 121 21.26 11.00 -33.18
CA THR F 121 21.48 10.74 -34.58
C THR F 121 22.52 11.71 -35.13
N PHE F 122 23.19 11.26 -36.19
CA PHE F 122 24.22 12.04 -36.86
C PHE F 122 23.62 12.82 -38.02
N GLY F 123 24.32 13.87 -38.43
CA GLY F 123 23.94 14.59 -39.63
C GLY F 123 24.32 13.81 -40.88
N GLY F 124 23.89 14.33 -42.02
CA GLY F 124 24.17 13.67 -43.28
C GLY F 124 25.59 13.81 -43.77
N GLY F 125 26.36 14.72 -43.20
CA GLY F 125 27.72 14.97 -43.65
C GLY F 125 27.77 15.99 -44.77
N THR F 126 28.92 16.65 -44.87
CA THR F 126 29.12 17.68 -45.90
C THR F 126 30.60 17.76 -46.21
N LYS F 127 30.99 17.23 -47.37
CA LYS F 127 32.39 17.29 -47.78
C LYS F 127 32.79 18.74 -48.05
N LEU F 128 34.03 19.07 -47.70
CA LEU F 128 34.57 20.40 -47.90
C LEU F 128 35.75 20.31 -48.84
N GLU F 129 35.76 21.20 -49.85
CA GLU F 129 36.83 21.27 -50.84
C GLU F 129 37.35 22.70 -50.92
N ILE F 130 38.43 22.85 -51.67
CA ILE F 130 39.03 24.16 -51.93
C ILE F 130 38.94 24.43 -53.43
N LYS F 131 38.42 25.60 -53.77
CA LYS F 131 38.17 25.96 -55.16
C LYS F 131 39.34 26.78 -55.69
N ARG F 132 39.81 26.42 -56.88
CA ARG F 132 40.90 27.12 -57.54
C ARG F 132 40.73 26.99 -59.05
N ALA F 133 41.69 27.51 -59.79
CA ALA F 133 41.62 27.53 -61.25
C ALA F 133 41.50 26.12 -61.81
N ASP F 134 40.36 25.81 -62.42
CA ASP F 134 40.13 24.48 -62.97
C ASP F 134 41.16 24.17 -64.06
N ALA F 135 41.58 22.91 -64.12
CA ALA F 135 42.58 22.44 -65.07
C ALA F 135 41.99 21.34 -65.94
N ALA F 136 42.34 21.37 -67.22
CA ALA F 136 41.82 20.38 -68.15
C ALA F 136 42.44 19.02 -67.89
N PRO F 137 41.75 17.93 -68.26
CA PRO F 137 42.29 16.59 -68.00
C PRO F 137 43.49 16.28 -68.89
N THR F 138 44.29 15.31 -68.42
CA THR F 138 45.38 14.74 -69.19
C THR F 138 44.99 13.29 -69.50
N VAL F 139 44.32 13.09 -70.63
CA VAL F 139 43.73 11.79 -70.93
C VAL F 139 44.81 10.82 -71.40
N SER F 140 44.45 9.53 -71.37
CA SER F 140 45.34 8.48 -71.82
C SER F 140 44.56 7.17 -71.88
N ILE F 141 44.85 6.35 -72.89
CA ILE F 141 44.23 5.05 -73.07
C ILE F 141 45.33 4.01 -73.18
N PHE F 142 45.26 2.98 -72.34
CA PHE F 142 46.29 1.94 -72.29
C PHE F 142 45.69 0.61 -72.71
N PRO F 143 45.99 0.09 -73.90
CA PRO F 143 45.45 -1.21 -74.30
C PRO F 143 46.05 -2.33 -73.46
N PRO F 144 45.50 -3.54 -73.55
CA PRO F 144 46.02 -4.65 -72.75
C PRO F 144 47.43 -5.03 -73.16
N SER F 145 48.12 -5.69 -72.24
CA SER F 145 49.47 -6.18 -72.45
C SER F 145 49.44 -7.64 -72.91
N SER F 146 50.61 -8.13 -73.32
CA SER F 146 50.71 -9.52 -73.75
C SER F 146 50.39 -10.48 -72.62
N GLU F 147 50.62 -10.07 -71.37
CA GLU F 147 50.28 -10.92 -70.24
C GLU F 147 48.78 -11.16 -70.18
N GLN F 148 47.99 -10.14 -70.53
CA GLN F 148 46.54 -10.33 -70.60
C GLN F 148 46.19 -11.37 -71.65
N LEU F 149 46.85 -11.33 -72.81
CA LEU F 149 46.60 -12.33 -73.84
C LEU F 149 46.95 -13.72 -73.34
N THR F 150 48.10 -13.86 -72.68
CA THR F 150 48.51 -15.17 -72.18
C THR F 150 47.53 -15.70 -71.13
N SER F 151 47.09 -14.84 -70.21
CA SER F 151 46.17 -15.28 -69.17
C SER F 151 44.83 -15.69 -69.76
N GLY F 152 44.34 -14.94 -70.75
CA GLY F 152 43.06 -15.21 -71.36
C GLY F 152 42.06 -14.09 -71.14
N GLY F 153 42.57 -12.86 -71.00
CA GLY F 153 41.73 -11.71 -70.81
C GLY F 153 42.26 -10.52 -71.59
N ALA F 154 41.52 -9.42 -71.52
CA ALA F 154 41.91 -8.18 -72.19
C ALA F 154 41.48 -7.02 -71.30
N SER F 155 42.45 -6.38 -70.66
CA SER F 155 42.20 -5.27 -69.72
C SER F 155 42.44 -3.97 -70.47
N VAL F 156 41.36 -3.39 -71.00
CA VAL F 156 41.43 -2.09 -71.67
C VAL F 156 41.37 -1.01 -70.59
N VAL F 157 42.45 -0.28 -70.42
CA VAL F 157 42.62 0.67 -69.33
C VAL F 157 42.56 2.08 -69.89
N CYS F 158 41.68 2.91 -69.32
CA CYS F 158 41.53 4.30 -69.70
C CYS F 158 41.74 5.17 -68.46
N PHE F 159 42.55 6.21 -68.60
CA PHE F 159 42.92 7.08 -67.49
C PHE F 159 42.44 8.51 -67.76
N LEU F 160 42.09 9.20 -66.68
CA LEU F 160 41.70 10.60 -66.75
C LEU F 160 42.21 11.28 -65.49
N ASN F 161 43.31 12.01 -65.60
CA ASN F 161 44.01 12.56 -64.46
C ASN F 161 44.02 14.08 -64.52
N ASN F 162 44.10 14.70 -63.34
CA ASN F 162 44.24 16.15 -63.21
C ASN F 162 43.10 16.88 -63.94
N PHE F 163 41.88 16.63 -63.47
CA PHE F 163 40.70 17.30 -63.99
C PHE F 163 39.94 17.94 -62.83
N TYR F 164 39.46 19.16 -63.06
CA TYR F 164 38.71 19.93 -62.08
C TYR F 164 37.64 20.72 -62.82
N PRO F 165 36.40 20.77 -62.30
CA PRO F 165 35.89 20.15 -61.07
C PRO F 165 35.47 18.69 -61.28
N LYS F 166 34.61 18.19 -60.38
CA LYS F 166 34.20 16.78 -60.41
C LYS F 166 33.40 16.42 -61.65
N ASP F 167 32.97 17.40 -62.45
CA ASP F 167 32.12 17.12 -63.60
C ASP F 167 32.94 16.38 -64.65
N ILE F 168 32.84 15.05 -64.64
CA ILE F 168 33.58 14.20 -65.55
C ILE F 168 32.71 13.00 -65.90
N ASN F 169 32.77 12.57 -67.16
CA ASN F 169 32.01 11.41 -67.62
C ASN F 169 32.81 10.70 -68.70
N VAL F 170 32.56 9.40 -68.85
CA VAL F 170 33.24 8.57 -69.82
C VAL F 170 32.20 7.74 -70.57
N LYS F 171 32.38 7.64 -71.88
CA LYS F 171 31.53 6.81 -72.74
C LYS F 171 32.41 5.79 -73.44
N TRP F 172 32.05 4.51 -73.32
CA TRP F 172 32.81 3.41 -73.91
C TRP F 172 32.11 3.03 -75.22
N LYS F 173 32.61 3.57 -76.33
CA LYS F 173 32.08 3.29 -77.65
C LYS F 173 33.08 2.44 -78.42
N ILE F 174 32.64 1.27 -78.87
CA ILE F 174 33.46 0.33 -79.61
C ILE F 174 32.81 0.08 -80.96
N ASP F 175 33.56 0.31 -82.04
CA ASP F 175 33.07 0.11 -83.39
C ASP F 175 31.78 0.88 -83.64
N GLY F 176 31.66 2.05 -83.03
CA GLY F 176 30.47 2.87 -83.16
C GLY F 176 29.33 2.46 -82.26
N SER F 177 29.49 1.42 -81.45
CA SER F 177 28.43 0.91 -80.58
C SER F 177 28.72 1.36 -79.15
N GLU F 178 27.74 2.01 -78.53
CA GLU F 178 27.87 2.44 -77.14
C GLU F 178 27.54 1.26 -76.23
N ARG F 179 28.53 0.79 -75.49
CA ARG F 179 28.36 -0.33 -74.57
C ARG F 179 28.51 0.15 -73.14
N GLN F 180 27.54 -0.20 -72.31
CA GLN F 180 27.44 0.33 -70.94
C GLN F 180 27.77 -0.68 -69.87
N ASN F 181 27.29 -1.91 -70.00
CA ASN F 181 27.49 -2.91 -68.95
C ASN F 181 28.96 -3.26 -68.80
N GLY F 182 29.35 -3.62 -67.58
CA GLY F 182 30.71 -4.04 -67.31
C GLY F 182 31.72 -2.91 -67.32
N VAL F 183 31.29 -1.68 -67.07
CA VAL F 183 32.18 -0.52 -67.06
C VAL F 183 32.51 -0.18 -65.61
N LEU F 184 33.80 -0.12 -65.30
CA LEU F 184 34.25 0.24 -63.96
C LEU F 184 34.48 1.73 -63.86
N ASN F 185 34.23 2.28 -62.67
CA ASN F 185 34.42 3.69 -62.40
C ASN F 185 35.04 3.85 -61.02
N SER F 186 36.22 4.46 -60.97
CA SER F 186 36.91 4.70 -59.70
C SER F 186 37.67 6.00 -59.80
N TRP F 187 37.48 6.89 -58.83
CA TRP F 187 38.17 8.16 -58.76
C TRP F 187 38.83 8.32 -57.40
N THR F 188 39.60 9.40 -57.26
CA THR F 188 40.34 9.69 -56.05
C THR F 188 39.83 10.98 -55.41
N ASP F 189 40.12 11.13 -54.12
CA ASP F 189 39.78 12.34 -53.40
C ASP F 189 40.65 13.50 -53.87
N GLN F 190 40.24 14.71 -53.52
CA GLN F 190 40.97 15.90 -53.93
C GLN F 190 42.43 15.80 -53.50
N ASP F 191 43.33 16.10 -54.41
CA ASP F 191 44.75 16.03 -54.12
C ASP F 191 45.17 17.24 -53.28
N SER F 192 46.43 17.22 -52.84
CA SER F 192 46.98 18.29 -52.00
C SER F 192 47.87 19.24 -52.79
N LYS F 193 48.89 18.71 -53.47
CA LYS F 193 49.83 19.59 -54.16
C LYS F 193 49.14 20.38 -55.27
N ASP F 194 48.28 19.73 -56.05
CA ASP F 194 47.60 20.39 -57.17
C ASP F 194 46.12 20.63 -56.93
N SER F 195 45.54 20.03 -55.89
CA SER F 195 44.12 20.24 -55.57
C SER F 195 43.24 19.84 -56.74
N THR F 196 43.47 18.63 -57.26
CA THR F 196 42.71 18.13 -58.40
C THR F 196 42.36 16.68 -58.17
N TYR F 197 41.28 16.23 -58.79
CA TYR F 197 40.83 14.85 -58.70
C TYR F 197 41.49 14.01 -59.79
N SER F 198 41.19 12.70 -59.75
CA SER F 198 41.67 11.78 -60.77
C SER F 198 40.65 10.64 -60.86
N MET F 199 40.46 10.14 -62.08
CA MET F 199 39.49 9.10 -62.33
C MET F 199 40.05 8.12 -63.36
N SER F 200 39.61 6.87 -63.27
CA SER F 200 40.09 5.83 -64.16
C SER F 200 38.98 4.80 -64.35
N SER F 201 38.58 4.58 -65.60
CA SER F 201 37.58 3.58 -65.95
C SER F 201 38.25 2.52 -66.80
N THR F 202 38.45 1.33 -66.23
CA THR F 202 39.06 0.22 -66.92
C THR F 202 37.97 -0.72 -67.44
N LEU F 203 38.21 -1.29 -68.63
CA LEU F 203 37.22 -2.11 -69.32
C LEU F 203 37.82 -3.50 -69.54
N THR F 204 37.32 -4.48 -68.78
CA THR F 204 37.79 -5.85 -68.95
C THR F 204 37.10 -6.50 -70.13
N LEU F 205 37.88 -7.16 -70.98
CA LEU F 205 37.36 -7.84 -72.15
C LEU F 205 37.98 -9.23 -72.24
N THR F 206 37.22 -10.16 -72.79
CA THR F 206 37.66 -11.53 -73.01
C THR F 206 38.27 -11.66 -74.40
N LYS F 207 39.09 -12.69 -74.57
CA LYS F 207 39.82 -12.85 -75.82
C LYS F 207 38.88 -12.97 -77.01
N ASP F 208 37.89 -13.86 -76.90
CA ASP F 208 36.92 -14.01 -77.99
C ASP F 208 36.16 -12.72 -78.24
N GLU F 209 35.98 -11.90 -77.20
CA GLU F 209 35.32 -10.61 -77.34
C GLU F 209 36.29 -9.47 -77.65
N TYR F 210 37.54 -9.58 -77.21
CA TYR F 210 38.49 -8.48 -77.37
C TYR F 210 38.95 -8.36 -78.82
N GLU F 211 39.26 -9.47 -79.47
CA GLU F 211 39.85 -9.42 -80.80
C GLU F 211 38.82 -9.18 -81.89
N ARG F 212 37.55 -9.48 -81.65
CA ARG F 212 36.56 -9.35 -82.71
C ARG F 212 36.35 -7.90 -83.11
N HIS F 213 36.58 -6.96 -82.19
CA HIS F 213 36.52 -5.56 -82.53
C HIS F 213 37.80 -5.14 -83.26
N ASN F 214 37.67 -4.09 -84.07
CA ASN F 214 38.82 -3.50 -84.75
C ASN F 214 39.18 -2.12 -84.25
N SER F 215 38.25 -1.43 -83.57
CA SER F 215 38.48 -0.08 -83.07
C SER F 215 38.10 -0.01 -81.59
N TYR F 216 38.81 0.85 -80.86
CA TYR F 216 38.55 1.06 -79.45
C TYR F 216 38.67 2.54 -79.15
N THR F 217 37.77 3.05 -78.32
CA THR F 217 37.75 4.47 -77.99
C THR F 217 37.23 4.66 -76.57
N CYS F 218 37.75 5.71 -75.91
CA CYS F 218 37.36 6.07 -74.54
C CYS F 218 37.12 7.58 -74.52
N GLU F 219 35.90 7.99 -74.82
CA GLU F 219 35.57 9.41 -74.82
C GLU F 219 35.63 9.98 -73.41
N ALA F 220 36.11 11.21 -73.30
CA ALA F 220 36.21 11.90 -72.02
C ALA F 220 35.69 13.32 -72.20
N THR F 221 34.60 13.65 -71.49
CA THR F 221 33.96 14.95 -71.59
C THR F 221 34.22 15.74 -70.31
N HIS F 222 34.60 17.01 -70.47
CA HIS F 222 34.92 17.86 -69.33
C HIS F 222 34.51 19.29 -69.66
N LYS F 223 34.27 20.08 -68.61
CA LYS F 223 33.86 21.47 -68.81
C LYS F 223 34.95 22.26 -69.51
N THR F 224 36.21 22.05 -69.14
CA THR F 224 37.30 22.77 -69.77
C THR F 224 37.30 22.57 -71.28
N SER F 225 36.97 21.36 -71.74
CA SER F 225 36.90 21.03 -73.16
C SER F 225 35.53 20.41 -73.41
N THR F 226 34.58 21.23 -73.88
CA THR F 226 33.21 20.76 -74.05
C THR F 226 33.16 19.54 -74.97
N SER F 227 33.88 19.59 -76.08
CA SER F 227 33.94 18.45 -76.98
C SER F 227 34.67 17.31 -76.28
N PRO F 228 34.07 16.12 -76.17
CA PRO F 228 34.76 15.02 -75.49
C PRO F 228 36.12 14.74 -76.12
N ILE F 229 37.14 14.68 -75.28
CA ILE F 229 38.48 14.36 -75.76
C ILE F 229 38.53 12.90 -76.16
N VAL F 230 39.08 12.63 -77.34
CA VAL F 230 39.06 11.29 -77.94
C VAL F 230 40.45 10.69 -77.84
N LYS F 231 40.52 9.46 -77.37
CA LYS F 231 41.76 8.67 -77.36
C LYS F 231 41.38 7.27 -77.80
N SER F 232 41.60 6.96 -79.08
CA SER F 232 41.15 5.71 -79.68
C SER F 232 42.32 5.02 -80.36
N PHE F 233 42.20 3.71 -80.51
CA PHE F 233 43.19 2.91 -81.22
C PHE F 233 42.47 1.74 -81.88
N ASN F 234 43.09 1.21 -82.93
CA ASN F 234 42.52 0.14 -83.72
C ASN F 234 43.26 -1.15 -83.46
N ARG F 235 42.51 -2.21 -83.14
CA ARG F 235 43.13 -3.51 -82.88
C ARG F 235 43.79 -4.06 -84.14
N ASN F 236 43.11 -3.95 -85.28
CA ASN F 236 43.65 -4.54 -86.51
C ASN F 236 44.97 -3.88 -86.92
N GLU F 237 45.28 -2.70 -86.38
CA GLU F 237 46.56 -2.05 -86.66
C GLU F 237 46.69 -1.68 -88.13
N VAL G 21 43.38 8.65 -21.78
CA VAL G 21 42.46 7.54 -21.95
C VAL G 21 42.63 6.92 -23.33
N GLN G 22 42.37 5.62 -23.45
CA GLN G 22 42.55 4.90 -24.69
C GLN G 22 41.39 3.94 -24.89
N LEU G 23 40.86 3.91 -26.11
CA LEU G 23 39.84 2.95 -26.50
C LEU G 23 40.44 2.02 -27.55
N GLN G 24 40.44 0.73 -27.26
CA GLN G 24 41.08 -0.27 -28.10
C GLN G 24 40.02 -1.17 -28.71
N GLN G 25 40.02 -1.26 -30.03
CA GLN G 25 39.10 -2.12 -30.76
C GLN G 25 39.81 -3.36 -31.27
N SER G 26 39.01 -4.37 -31.61
CA SER G 26 39.55 -5.60 -32.17
C SER G 26 40.06 -5.35 -33.60
N GLY G 27 40.81 -6.32 -34.11
CA GLY G 27 41.35 -6.21 -35.45
C GLY G 27 40.31 -6.49 -36.52
N ALA G 28 40.72 -6.28 -37.76
CA ALA G 28 39.82 -6.49 -38.89
C ALA G 28 39.33 -7.93 -38.92
N GLU G 29 38.25 -8.16 -39.68
CA GLU G 29 37.65 -9.48 -39.79
C GLU G 29 37.07 -9.66 -41.18
N VAL G 30 37.16 -10.89 -41.67
CA VAL G 30 36.60 -11.29 -42.96
C VAL G 30 35.83 -12.58 -42.77
N MET G 31 34.56 -12.58 -43.14
CA MET G 31 33.73 -13.77 -42.99
C MET G 31 32.64 -13.77 -44.06
N LYS G 32 32.07 -14.96 -44.26
CA LYS G 32 31.10 -15.18 -45.33
C LYS G 32 29.73 -14.64 -44.92
N PRO G 33 28.86 -14.37 -45.89
CA PRO G 33 27.50 -13.92 -45.56
C PRO G 33 26.76 -14.97 -44.74
N GLY G 34 25.87 -14.48 -43.88
CA GLY G 34 25.09 -15.34 -43.01
C GLY G 34 25.72 -15.67 -41.69
N ALA G 35 26.97 -15.26 -41.47
CA ALA G 35 27.65 -15.53 -40.21
C ALA G 35 27.32 -14.45 -39.19
N SER G 36 27.97 -14.53 -38.03
CA SER G 36 27.79 -13.55 -36.95
C SER G 36 29.15 -13.03 -36.53
N VAL G 37 29.20 -11.76 -36.16
CA VAL G 37 30.43 -11.08 -35.78
C VAL G 37 30.30 -10.66 -34.31
N LYS G 38 31.44 -10.61 -33.63
CA LYS G 38 31.52 -10.08 -32.26
C LYS G 38 32.81 -9.27 -32.17
N ILE G 39 32.70 -7.97 -32.44
CA ILE G 39 33.81 -7.06 -32.26
C ILE G 39 33.72 -6.45 -30.88
N SER G 40 34.87 -6.03 -30.34
CA SER G 40 34.95 -5.55 -28.97
C SER G 40 35.68 -4.22 -28.92
N CYS G 41 35.31 -3.40 -27.94
CA CYS G 41 35.96 -2.14 -27.64
C CYS G 41 36.40 -2.17 -26.19
N LYS G 42 37.70 -1.97 -25.95
CA LYS G 42 38.27 -2.01 -24.62
C LYS G 42 38.80 -0.63 -24.26
N GLY G 43 38.35 -0.09 -23.13
CA GLY G 43 38.72 1.24 -22.69
C GLY G 43 39.54 1.20 -21.42
N THR G 44 40.51 2.10 -21.32
CA THR G 44 41.38 2.17 -20.16
C THR G 44 41.74 3.63 -19.90
N GLY G 45 42.06 3.93 -18.65
CA GLY G 45 42.41 5.27 -18.26
C GLY G 45 41.26 6.11 -17.71
N TYR G 46 40.09 5.52 -17.52
CA TYR G 46 38.94 6.24 -16.97
C TYR G 46 37.98 5.23 -16.37
N THR G 47 36.92 5.74 -15.74
CA THR G 47 35.92 4.88 -15.14
C THR G 47 35.08 4.26 -16.25
N PHE G 48 35.43 3.04 -16.62
CA PHE G 48 34.78 2.40 -17.76
C PHE G 48 33.28 2.20 -17.52
N SER G 49 32.91 1.79 -16.30
CA SER G 49 31.53 1.42 -16.03
C SER G 49 30.57 2.61 -16.06
N SER G 50 31.08 3.85 -16.05
CA SER G 50 30.24 5.02 -15.91
C SER G 50 30.18 5.87 -17.17
N TYR G 51 30.37 5.27 -18.34
CA TYR G 51 30.32 6.00 -19.60
C TYR G 51 29.55 5.19 -20.62
N TRP G 52 28.72 5.86 -21.41
CA TRP G 52 28.04 5.18 -22.49
C TRP G 52 29.00 4.94 -23.64
N ILE G 53 29.03 3.72 -24.15
CA ILE G 53 29.86 3.36 -25.30
C ILE G 53 28.99 3.43 -26.54
N GLU G 54 29.34 4.32 -27.46
CA GLU G 54 28.54 4.56 -28.65
C GLU G 54 29.18 3.83 -29.83
N TRP G 55 28.39 3.01 -30.51
CA TRP G 55 28.85 2.27 -31.67
C TRP G 55 28.38 2.98 -32.93
N VAL G 56 29.32 3.30 -33.81
CA VAL G 56 29.04 4.07 -35.02
C VAL G 56 29.50 3.27 -36.23
N LYS G 57 28.65 3.19 -37.24
CA LYS G 57 28.94 2.49 -38.48
C LYS G 57 29.20 3.50 -39.59
N GLN G 58 30.19 3.21 -40.42
CA GLN G 58 30.53 4.07 -41.56
C GLN G 58 30.72 3.21 -42.80
N ARG G 59 29.70 3.14 -43.63
CA ARG G 59 29.81 2.43 -44.88
C ARG G 59 30.90 3.08 -45.73
N PRO G 60 31.72 2.30 -46.44
CA PRO G 60 32.84 2.92 -47.17
C PRO G 60 32.41 3.99 -48.14
N GLY G 61 31.20 3.90 -48.69
CA GLY G 61 30.70 4.94 -49.56
C GLY G 61 30.70 6.28 -48.87
N HIS G 62 29.88 6.45 -47.84
CA HIS G 62 29.76 7.73 -47.16
C HIS G 62 28.79 7.57 -45.99
N GLY G 63 28.76 8.58 -45.14
CA GLY G 63 27.77 8.66 -44.08
C GLY G 63 28.16 7.96 -42.80
N LEU G 64 27.93 8.62 -41.67
CA LEU G 64 28.12 8.03 -40.35
C LEU G 64 26.75 7.69 -39.78
N GLU G 65 26.58 6.43 -39.38
CA GLU G 65 25.33 5.93 -38.82
C GLU G 65 25.59 5.37 -37.44
N ARG G 66 24.75 5.75 -36.48
CA ARG G 66 24.92 5.32 -35.09
C ARG G 66 24.08 4.07 -34.85
N ILE G 67 24.74 2.96 -34.55
CA ILE G 67 24.02 1.71 -34.30
C ILE G 67 23.28 1.78 -32.97
N GLY G 68 23.94 2.27 -31.93
CA GLY G 68 23.34 2.28 -30.61
C GLY G 68 24.39 2.63 -29.57
N GLU G 69 24.02 2.44 -28.31
CA GLU G 69 24.96 2.63 -27.23
C GLU G 69 24.63 1.68 -26.09
N ILE G 70 25.64 1.43 -25.25
CA ILE G 70 25.49 0.61 -24.06
C ILE G 70 26.21 1.28 -22.90
N LEU G 71 25.66 1.11 -21.71
CA LEU G 71 26.27 1.62 -20.49
C LEU G 71 26.84 0.45 -19.70
N PRO G 72 28.16 0.24 -19.70
CA PRO G 72 28.68 -0.99 -19.08
C PRO G 72 28.29 -1.16 -17.62
N GLY G 73 28.15 -0.06 -16.88
CA GLY G 73 27.82 -0.19 -15.47
C GLY G 73 26.52 -0.95 -15.24
N SER G 74 25.52 -0.71 -16.08
CA SER G 74 24.26 -1.42 -16.04
C SER G 74 24.06 -2.14 -17.37
N GLY G 75 22.86 -2.68 -17.56
CA GLY G 75 22.52 -3.34 -18.81
C GLY G 75 21.84 -2.46 -19.83
N SER G 76 21.74 -1.17 -19.58
CA SER G 76 20.98 -0.29 -20.47
C SER G 76 21.56 -0.33 -21.88
N THR G 77 20.67 -0.37 -22.88
CA THR G 77 21.07 -0.41 -24.27
C THR G 77 19.99 0.26 -25.11
N ASN G 78 20.43 0.98 -26.14
CA ASN G 78 19.52 1.60 -27.10
C ASN G 78 20.01 1.31 -28.50
N TYR G 79 19.08 1.06 -29.41
CA TYR G 79 19.38 0.79 -30.80
C TYR G 79 18.60 1.73 -31.69
N ASN G 80 19.22 2.13 -32.80
CA ASN G 80 18.51 2.94 -33.78
C ASN G 80 17.47 2.09 -34.50
N GLU G 81 16.54 2.78 -35.17
CA GLU G 81 15.46 2.09 -35.85
C GLU G 81 16.00 1.13 -36.90
N LYS G 82 16.99 1.56 -37.67
CA LYS G 82 17.51 0.77 -38.77
C LYS G 82 18.28 -0.47 -38.31
N PHE G 83 18.61 -0.58 -37.04
CA PHE G 83 19.49 -1.64 -36.56
C PHE G 83 18.88 -2.53 -35.49
N ARG G 84 17.63 -2.30 -35.10
CA ARG G 84 17.02 -3.17 -34.10
C ARG G 84 17.00 -4.61 -34.61
N GLY G 85 17.43 -5.53 -33.76
CA GLY G 85 17.54 -6.94 -34.13
C GLY G 85 18.83 -7.26 -34.87
N LYS G 86 19.27 -6.36 -35.74
CA LYS G 86 20.50 -6.59 -36.48
C LYS G 86 21.70 -6.68 -35.55
N ALA G 87 21.78 -5.79 -34.57
CA ALA G 87 22.92 -5.70 -33.68
C ALA G 87 22.51 -5.95 -32.24
N THR G 88 23.47 -6.35 -31.42
CA THR G 88 23.25 -6.61 -30.00
C THR G 88 24.52 -6.29 -29.23
N PHE G 89 24.39 -5.49 -28.19
CA PHE G 89 25.53 -5.07 -27.39
C PHE G 89 25.63 -5.87 -26.11
N THR G 90 26.87 -6.04 -25.63
CA THR G 90 27.12 -6.68 -24.36
C THR G 90 28.38 -6.07 -23.77
N ALA G 91 28.49 -6.14 -22.44
CA ALA G 91 29.62 -5.57 -21.74
C ALA G 91 30.03 -6.47 -20.59
N ASP G 92 31.32 -6.42 -20.27
CA ASP G 92 31.88 -7.15 -19.13
C ASP G 92 32.37 -6.12 -18.11
N LYS G 93 31.86 -6.23 -16.88
CA LYS G 93 32.29 -5.30 -15.83
C LYS G 93 33.72 -5.57 -15.40
N SER G 94 34.05 -6.83 -15.17
CA SER G 94 35.37 -7.17 -14.66
C SER G 94 36.46 -6.71 -15.62
N SER G 95 36.35 -7.08 -16.88
CA SER G 95 37.28 -6.64 -17.91
C SER G 95 36.71 -5.41 -18.61
N LYS G 96 37.51 -4.36 -18.70
CA LYS G 96 37.01 -3.09 -19.22
C LYS G 96 36.81 -3.18 -20.73
N THR G 97 35.80 -3.94 -21.16
CA THR G 97 35.56 -4.13 -22.58
C THR G 97 34.06 -4.34 -22.81
N ALA G 98 33.61 -3.94 -24.00
CA ALA G 98 32.23 -4.11 -24.42
C ALA G 98 32.20 -4.72 -25.81
N TYR G 99 31.15 -5.51 -26.08
CA TYR G 99 31.04 -6.29 -27.30
C TYR G 99 29.80 -5.88 -28.07
N MET G 100 29.91 -5.91 -29.40
CA MET G 100 28.76 -5.75 -30.29
C MET G 100 28.61 -7.01 -31.11
N GLN G 101 27.42 -7.61 -31.07
CA GLN G 101 27.13 -8.84 -31.80
C GLN G 101 26.27 -8.50 -33.01
N LEU G 102 26.69 -8.97 -34.19
CA LEU G 102 25.98 -8.73 -35.44
C LEU G 102 25.26 -10.00 -35.86
N SER G 103 23.99 -9.86 -36.20
CA SER G 103 23.15 -11.00 -36.58
C SER G 103 23.50 -11.41 -38.00
N SER G 104 22.63 -12.22 -38.61
CA SER G 104 22.88 -12.76 -39.95
C SER G 104 23.46 -11.69 -40.85
N LEU G 105 24.66 -11.97 -41.37
CA LEU G 105 25.47 -10.96 -42.02
C LEU G 105 25.18 -10.94 -43.52
N THR G 106 25.44 -9.78 -44.14
CA THR G 106 25.19 -9.59 -45.55
C THR G 106 26.27 -8.68 -46.13
N SER G 107 26.28 -8.57 -47.45
CA SER G 107 27.29 -7.74 -48.11
C SER G 107 27.12 -6.27 -47.75
N GLU G 108 25.89 -5.85 -47.41
CA GLU G 108 25.65 -4.46 -47.06
C GLU G 108 26.33 -4.08 -45.76
N ASP G 109 26.56 -5.03 -44.86
CA ASP G 109 27.18 -4.75 -43.58
C ASP G 109 28.68 -4.50 -43.69
N SER G 110 29.27 -4.71 -44.87
CA SER G 110 30.70 -4.45 -45.05
C SER G 110 30.97 -2.97 -44.80
N ALA G 111 31.67 -2.67 -43.71
CA ALA G 111 31.96 -1.29 -43.34
C ALA G 111 32.94 -1.31 -42.18
N VAL G 112 33.31 -0.11 -41.73
CA VAL G 112 34.23 0.07 -40.60
C VAL G 112 33.43 0.56 -39.40
N TYR G 113 33.59 -0.11 -38.27
CA TYR G 113 32.82 0.18 -37.07
C TYR G 113 33.68 0.89 -36.05
N TYR G 114 33.09 1.90 -35.40
CA TYR G 114 33.78 2.72 -34.42
C TYR G 114 33.14 2.54 -33.05
N CYS G 115 33.94 2.74 -32.01
CA CYS G 115 33.46 2.79 -30.63
C CYS G 115 33.91 4.10 -30.03
N ALA G 116 33.01 4.80 -29.36
CA ALA G 116 33.30 6.11 -28.79
C ALA G 116 32.72 6.20 -27.39
N ARG G 117 33.29 7.10 -26.61
CA ARG G 117 32.90 7.32 -25.22
C ARG G 117 32.01 8.55 -25.13
N TYR G 118 30.88 8.41 -24.45
CA TYR G 118 29.86 9.46 -24.44
C TYR G 118 29.19 9.52 -23.08
N LEU G 119 28.96 10.74 -22.60
CA LEU G 119 28.16 10.96 -21.39
C LEU G 119 27.03 11.91 -21.73
N PRO G 120 25.78 11.47 -21.77
CA PRO G 120 24.70 12.33 -22.27
C PRO G 120 24.57 13.60 -21.46
N TYR G 121 24.24 14.69 -22.16
CA TYR G 121 23.98 16.00 -21.58
C TYR G 121 25.21 16.65 -20.99
N TYR G 122 26.39 16.06 -21.19
CA TYR G 122 27.64 16.66 -20.75
C TYR G 122 28.67 16.40 -21.86
N TYR G 123 29.92 16.75 -21.58
CA TYR G 123 31.00 16.57 -22.55
C TYR G 123 30.85 15.27 -23.32
N ALA G 124 31.08 15.35 -24.64
CA ALA G 124 30.62 14.33 -25.57
C ALA G 124 31.75 13.86 -26.49
N MET G 125 31.77 12.54 -26.72
CA MET G 125 32.56 11.92 -27.78
C MET G 125 33.93 12.60 -27.98
N ASP G 126 34.68 12.64 -26.90
CA ASP G 126 36.02 13.21 -26.93
C ASP G 126 37.11 12.17 -27.20
N TYR G 127 36.74 10.89 -27.29
CA TYR G 127 37.71 9.85 -27.56
C TYR G 127 37.03 8.74 -28.36
N TRP G 128 37.73 8.24 -29.38
CA TRP G 128 37.21 7.23 -30.27
C TRP G 128 38.18 6.06 -30.35
N GLY G 129 37.66 4.93 -30.81
CA GLY G 129 38.51 3.80 -31.12
C GLY G 129 39.23 3.98 -32.43
N GLN G 130 40.18 3.09 -32.70
CA GLN G 130 40.94 3.18 -33.95
C GLN G 130 40.07 2.82 -35.15
N GLY G 131 39.10 1.92 -34.96
CA GLY G 131 38.24 1.50 -36.04
C GLY G 131 38.48 0.06 -36.45
N THR G 132 37.42 -0.71 -36.58
CA THR G 132 37.49 -2.11 -36.97
C THR G 132 36.82 -2.28 -38.33
N SER G 133 37.55 -2.85 -39.29
CA SER G 133 37.04 -3.05 -40.63
C SER G 133 36.45 -4.44 -40.75
N VAL G 134 35.17 -4.52 -41.10
CA VAL G 134 34.48 -5.78 -41.31
C VAL G 134 34.05 -5.82 -42.77
N THR G 135 34.51 -6.84 -43.49
CA THR G 135 34.17 -7.03 -44.89
C THR G 135 33.48 -8.37 -45.07
N VAL G 136 32.44 -8.38 -45.90
CA VAL G 136 31.60 -9.54 -46.11
C VAL G 136 31.62 -9.90 -47.58
N SER G 137 31.92 -11.16 -47.88
CA SER G 137 31.94 -11.65 -49.25
C SER G 137 32.15 -13.16 -49.21
N SER G 138 31.90 -13.79 -50.35
CA SER G 138 32.09 -15.23 -50.48
C SER G 138 33.46 -15.60 -51.01
N ALA G 139 34.30 -14.62 -51.34
CA ALA G 139 35.61 -14.90 -51.91
C ALA G 139 36.53 -15.51 -50.86
N LYS G 140 37.58 -16.17 -51.36
CA LYS G 140 38.62 -16.75 -50.53
C LYS G 140 39.87 -15.88 -50.60
N THR G 141 40.85 -16.20 -49.75
CA THR G 141 42.08 -15.42 -49.69
C THR G 141 42.93 -15.68 -50.93
N THR G 142 42.44 -15.27 -52.10
CA THR G 142 43.16 -15.49 -53.33
C THR G 142 44.39 -14.58 -53.39
N PRO G 143 45.45 -15.00 -54.07
CA PRO G 143 46.63 -14.16 -54.20
C PRO G 143 46.46 -13.14 -55.30
N PRO G 144 47.26 -12.07 -55.31
CA PRO G 144 47.12 -11.06 -56.35
C PRO G 144 47.47 -11.61 -57.73
N SER G 145 46.82 -11.04 -58.74
CA SER G 145 47.10 -11.34 -60.14
C SER G 145 47.46 -10.01 -60.80
N VAL G 146 48.74 -9.65 -60.72
CA VAL G 146 49.20 -8.37 -61.23
C VAL G 146 49.47 -8.48 -62.72
N TYR G 147 49.13 -7.43 -63.47
CA TYR G 147 49.40 -7.36 -64.88
C TYR G 147 50.02 -6.01 -65.22
N PRO G 148 50.89 -5.94 -66.22
CA PRO G 148 51.46 -4.66 -66.62
C PRO G 148 50.64 -4.00 -67.71
N LEU G 149 51.00 -2.76 -68.02
CA LEU G 149 50.39 -1.99 -69.10
C LEU G 149 51.49 -1.38 -69.96
N ALA G 150 51.19 -1.25 -71.25
CA ALA G 150 52.10 -0.65 -72.20
C ALA G 150 51.35 0.34 -73.09
N PRO G 151 52.05 1.35 -73.63
CA PRO G 151 51.38 2.28 -74.54
C PRO G 151 50.88 1.56 -75.79
N GLY G 152 49.80 2.07 -76.36
CA GLY G 152 49.23 1.46 -77.53
C GLY G 152 50.21 1.43 -78.70
N SER G 153 50.08 0.40 -79.52
CA SER G 153 51.00 0.24 -80.65
C SER G 153 50.92 1.43 -81.60
N ALA G 154 49.71 1.89 -81.89
CA ALA G 154 49.48 3.06 -82.74
C ALA G 154 49.00 4.19 -81.85
N ALA G 155 49.94 4.98 -81.34
CA ALA G 155 49.62 6.09 -80.46
C ALA G 155 50.70 7.16 -80.58
N GLN G 156 50.35 8.37 -80.18
CA GLN G 156 51.27 9.50 -80.21
C GLN G 156 52.08 9.51 -78.93
N THR G 157 53.39 9.32 -79.05
CA THR G 157 54.29 9.29 -77.90
C THR G 157 54.77 10.71 -77.64
N ASN G 158 54.18 11.36 -76.63
CA ASN G 158 54.57 12.71 -76.26
C ASN G 158 55.86 12.69 -75.46
N SER G 159 56.43 13.88 -75.25
CA SER G 159 57.62 13.99 -74.43
C SER G 159 57.39 13.48 -73.01
N MET G 160 56.14 13.46 -72.56
CA MET G 160 55.77 12.90 -71.27
C MET G 160 54.73 11.81 -71.49
N VAL G 161 54.92 10.66 -70.86
CA VAL G 161 54.03 9.52 -71.01
C VAL G 161 53.66 9.00 -69.62
N THR G 162 52.51 8.35 -69.56
CA THR G 162 52.00 7.78 -68.32
C THR G 162 52.35 6.29 -68.24
N LEU G 163 52.16 5.74 -67.05
CA LEU G 163 52.44 4.32 -66.81
C LEU G 163 51.52 3.83 -65.70
N GLY G 164 51.07 2.59 -65.83
CA GLY G 164 50.14 2.04 -64.86
C GLY G 164 50.25 0.52 -64.80
N CYS G 165 49.59 -0.04 -63.79
CA CYS G 165 49.57 -1.47 -63.57
C CYS G 165 48.20 -1.88 -63.04
N LEU G 166 47.87 -3.15 -63.22
CA LEU G 166 46.59 -3.69 -62.79
C LEU G 166 46.81 -4.92 -61.92
N VAL G 167 45.95 -5.08 -60.91
CA VAL G 167 45.96 -6.25 -60.03
C VAL G 167 44.53 -6.76 -59.94
N LYS G 168 44.36 -8.06 -60.10
CA LYS G 168 43.04 -8.68 -60.09
C LYS G 168 43.05 -9.92 -59.20
N GLY G 169 41.85 -10.29 -58.74
CA GLY G 169 41.71 -11.51 -57.95
C GLY G 169 42.54 -11.51 -56.69
N TYR G 170 42.60 -10.38 -55.99
CA TYR G 170 43.32 -10.28 -54.73
C TYR G 170 42.30 -10.05 -53.61
N PHE G 171 42.44 -10.83 -52.53
CA PHE G 171 41.48 -10.80 -51.45
C PHE G 171 42.15 -11.39 -50.22
N PRO G 172 41.98 -10.81 -49.03
CA PRO G 172 41.27 -9.57 -48.74
C PRO G 172 42.15 -8.34 -48.89
N GLU G 173 41.59 -7.16 -48.64
CA GLU G 173 42.36 -5.93 -48.68
C GLU G 173 43.30 -5.87 -47.48
N PRO G 174 44.35 -5.02 -47.55
CA PRO G 174 44.75 -4.15 -48.66
C PRO G 174 45.95 -4.69 -49.42
N VAL G 175 46.20 -4.14 -50.61
CA VAL G 175 47.39 -4.45 -51.39
C VAL G 175 48.14 -3.15 -51.63
N THR G 176 49.41 -3.11 -51.24
CA THR G 176 50.22 -1.91 -51.35
C THR G 176 50.90 -1.88 -52.71
N VAL G 177 50.61 -0.85 -53.50
CA VAL G 177 51.20 -0.68 -54.82
C VAL G 177 52.21 0.46 -54.72
N THR G 178 53.49 0.13 -54.90
CA THR G 178 54.56 1.11 -54.82
C THR G 178 55.55 0.85 -55.95
N TRP G 179 56.34 1.87 -56.25
CA TRP G 179 57.32 1.78 -57.31
C TRP G 179 58.66 1.29 -56.75
N ASN G 180 59.72 1.38 -57.54
CA ASN G 180 61.00 0.82 -57.14
C ASN G 180 61.66 1.69 -56.06
N SER G 181 61.45 1.32 -54.80
CA SER G 181 62.00 2.05 -53.67
C SER G 181 61.65 3.54 -53.76
N GLY G 182 60.37 3.80 -53.96
CA GLY G 182 59.92 5.19 -54.11
C GLY G 182 60.53 5.88 -55.31
N SER G 183 60.60 5.19 -56.45
CA SER G 183 61.21 5.79 -57.63
C SER G 183 60.45 7.04 -58.06
N LEU G 184 59.12 6.97 -58.07
CA LEU G 184 58.26 8.11 -58.42
C LEU G 184 57.35 8.38 -57.23
N SER G 185 57.86 9.20 -56.29
CA SER G 185 57.05 9.58 -55.15
C SER G 185 55.96 10.57 -55.54
N SER G 186 56.24 11.44 -56.51
CA SER G 186 55.29 12.44 -56.98
C SER G 186 54.75 12.02 -58.35
N GLY G 187 53.56 12.53 -58.67
CA GLY G 187 52.91 12.24 -59.92
C GLY G 187 52.14 10.93 -59.94
N VAL G 188 52.09 10.19 -58.84
CA VAL G 188 51.37 8.93 -58.79
C VAL G 188 49.90 9.20 -58.52
N HIS G 189 49.04 8.46 -59.19
CA HIS G 189 47.59 8.56 -59.01
C HIS G 189 47.07 7.15 -58.71
N THR G 190 47.12 6.76 -57.44
CA THR G 190 46.55 5.49 -57.02
C THR G 190 45.04 5.62 -56.90
N PHE G 191 44.33 4.60 -57.36
CA PHE G 191 42.88 4.64 -57.41
C PHE G 191 42.27 3.60 -56.48
N PRO G 192 41.11 3.89 -55.89
CA PRO G 192 40.51 2.93 -54.96
C PRO G 192 40.10 1.65 -55.65
N ALA G 193 40.15 0.56 -54.90
CA ALA G 193 39.76 -0.74 -55.43
C ALA G 193 38.24 -0.82 -55.60
N VAL G 194 37.82 -1.73 -56.47
CA VAL G 194 36.40 -1.97 -56.74
C VAL G 194 36.20 -3.46 -56.94
N LEU G 195 34.93 -3.87 -56.96
CA LEU G 195 34.55 -5.25 -57.19
C LEU G 195 34.01 -5.39 -58.61
N GLN G 196 34.52 -6.38 -59.34
CA GLN G 196 34.02 -6.66 -60.68
C GLN G 196 32.84 -7.63 -60.62
N SER G 197 33.07 -8.83 -60.09
CA SER G 197 31.99 -9.76 -59.80
C SER G 197 31.97 -10.14 -58.32
N ASP G 198 33.05 -10.73 -57.82
CA ASP G 198 33.19 -10.99 -56.39
C ASP G 198 34.56 -10.64 -55.85
N LEU G 199 35.57 -10.44 -56.70
CA LEU G 199 36.92 -10.13 -56.26
C LEU G 199 37.21 -8.65 -56.42
N TYR G 200 38.30 -8.21 -55.79
CA TYR G 200 38.73 -6.82 -55.87
C TYR G 200 39.68 -6.61 -57.04
N THR G 201 39.67 -5.40 -57.57
CA THR G 201 40.56 -4.98 -58.64
C THR G 201 41.15 -3.63 -58.28
N LEU G 202 42.34 -3.35 -58.80
CA LEU G 202 43.06 -2.15 -58.48
C LEU G 202 43.69 -1.57 -59.74
N SER G 203 43.98 -0.27 -59.69
CA SER G 203 44.61 0.42 -60.81
C SER G 203 45.51 1.52 -60.27
N SER G 204 46.47 1.93 -61.09
CA SER G 204 47.41 2.97 -60.69
C SER G 204 47.91 3.69 -61.93
N SER G 205 48.45 4.89 -61.72
CA SER G 205 49.01 5.69 -62.80
C SER G 205 50.18 6.50 -62.27
N VAL G 206 51.08 6.87 -63.17
CA VAL G 206 52.23 7.68 -62.83
C VAL G 206 52.70 8.38 -64.09
N THR G 207 53.44 9.48 -63.92
CA THR G 207 54.00 10.25 -65.02
C THR G 207 55.52 10.24 -64.90
N VAL G 208 56.20 9.91 -66.00
CA VAL G 208 57.66 9.86 -66.02
C VAL G 208 58.16 10.46 -67.32
N PRO G 209 59.40 10.95 -67.32
CA PRO G 209 59.98 11.47 -68.57
C PRO G 209 60.06 10.35 -69.62
N SER G 210 59.64 10.69 -70.84
CA SER G 210 59.70 9.70 -71.92
C SER G 210 61.15 9.35 -72.24
N SER G 211 62.02 10.35 -72.30
CA SER G 211 63.43 10.09 -72.61
C SER G 211 64.09 9.27 -71.52
N THR G 212 63.81 9.58 -70.25
CA THR G 212 64.51 8.92 -69.15
C THR G 212 63.98 7.52 -68.89
N TRP G 213 62.70 7.25 -69.23
CA TRP G 213 62.12 5.96 -68.88
C TRP G 213 62.88 4.78 -69.49
N PRO G 214 63.21 4.78 -70.79
CA PRO G 214 64.05 3.69 -71.31
C PRO G 214 65.42 3.64 -70.65
N SER G 215 65.99 4.79 -70.27
CA SER G 215 67.34 4.82 -69.75
C SER G 215 67.47 4.00 -68.47
N GLU G 216 66.59 4.25 -67.50
CA GLU G 216 66.60 3.56 -66.22
C GLU G 216 65.44 2.57 -66.16
N THR G 217 65.32 1.90 -65.03
CA THR G 217 64.29 0.88 -64.81
C THR G 217 63.37 1.32 -63.68
N VAL G 218 62.07 1.34 -63.97
CA VAL G 218 61.04 1.65 -62.98
C VAL G 218 59.95 0.59 -63.07
N THR G 219 59.53 0.07 -61.93
CA THR G 219 58.53 -0.98 -61.87
C THR G 219 57.60 -0.74 -60.70
N CYS G 220 56.35 -1.19 -60.84
CA CYS G 220 55.34 -1.04 -59.80
C CYS G 220 55.40 -2.25 -58.89
N ASN G 221 56.00 -2.09 -57.71
CA ASN G 221 56.01 -3.16 -56.72
C ASN G 221 54.61 -3.34 -56.15
N VAL G 222 54.14 -4.59 -56.12
CA VAL G 222 52.82 -4.93 -55.61
C VAL G 222 53.01 -5.86 -54.41
N ALA G 223 52.39 -5.49 -53.29
CA ALA G 223 52.51 -6.24 -52.06
C ALA G 223 51.12 -6.58 -51.53
N HIS G 224 50.97 -7.81 -51.04
CA HIS G 224 49.72 -8.28 -50.44
C HIS G 224 50.06 -8.91 -49.09
N PRO G 225 50.34 -8.09 -48.08
CA PRO G 225 50.72 -8.65 -46.78
C PRO G 225 49.71 -9.64 -46.22
N ALA G 226 48.41 -9.41 -46.47
CA ALA G 226 47.40 -10.36 -46.01
C ALA G 226 47.55 -11.73 -46.67
N SER G 227 48.28 -11.80 -47.79
CA SER G 227 48.56 -13.07 -48.46
C SER G 227 50.05 -13.33 -48.59
N SER G 228 50.90 -12.49 -47.98
CA SER G 228 52.35 -12.66 -48.02
C SER G 228 52.85 -12.72 -49.47
N THR G 229 52.62 -11.62 -50.19
CA THR G 229 53.00 -11.50 -51.59
C THR G 229 53.86 -10.26 -51.77
N LYS G 230 54.93 -10.41 -52.57
CA LYS G 230 55.80 -9.27 -52.89
C LYS G 230 56.37 -9.56 -54.28
N VAL G 231 55.78 -8.95 -55.30
CA VAL G 231 56.12 -9.23 -56.69
C VAL G 231 56.57 -7.92 -57.36
N ASP G 232 57.11 -8.07 -58.57
CA ASP G 232 57.62 -6.94 -59.33
C ASP G 232 57.69 -7.35 -60.79
N LYS G 233 56.93 -6.67 -61.64
CA LYS G 233 56.87 -6.97 -63.07
C LYS G 233 57.27 -5.72 -63.85
N LYS G 234 58.48 -5.72 -64.39
CA LYS G 234 59.00 -4.56 -65.10
C LYS G 234 58.15 -4.28 -66.33
N ILE G 235 58.02 -2.99 -66.64
CA ILE G 235 57.31 -2.52 -67.82
C ILE G 235 58.35 -1.97 -68.79
N VAL G 236 58.41 -2.56 -69.98
CA VAL G 236 59.42 -2.19 -70.98
C VAL G 236 58.71 -1.49 -72.14
N PRO G 237 59.34 -0.50 -72.78
CA PRO G 237 58.69 0.14 -73.92
C PRO G 237 58.40 -0.87 -75.03
N ARG G 238 57.28 -0.66 -75.71
CA ARG G 238 56.86 -1.55 -76.79
C ARG G 238 57.90 -1.58 -77.91
N ASP H 20 0.89 -35.03 -17.00
CA ASP H 20 2.33 -35.39 -16.88
C ASP H 20 2.98 -35.42 -18.26
N VAL H 21 4.12 -34.73 -18.39
CA VAL H 21 4.85 -34.75 -19.65
C VAL H 21 5.27 -36.17 -19.96
N LEU H 22 4.87 -36.66 -21.12
CA LEU H 22 5.17 -38.03 -21.53
C LEU H 22 6.41 -38.03 -22.42
N MET H 23 7.32 -38.97 -22.17
CA MET H 23 8.58 -39.06 -22.87
C MET H 23 8.66 -40.41 -23.56
N THR H 24 8.95 -40.39 -24.86
CA THR H 24 8.95 -41.59 -25.69
C THR H 24 10.36 -41.83 -26.21
N GLN H 25 10.82 -43.07 -26.11
CA GLN H 25 12.14 -43.47 -26.57
C GLN H 25 12.03 -44.41 -27.76
N THR H 26 12.85 -44.15 -28.78
CA THR H 26 12.95 -45.02 -29.94
C THR H 26 14.43 -45.17 -30.28
N PRO H 27 14.87 -46.35 -30.72
CA PRO H 27 14.09 -47.58 -30.87
C PRO H 27 13.92 -48.31 -29.54
N LEU H 28 12.93 -49.21 -29.47
CA LEU H 28 12.76 -49.99 -28.24
C LEU H 28 13.97 -50.87 -27.98
N SER H 29 14.65 -51.32 -29.02
CA SER H 29 15.90 -52.03 -28.91
C SER H 29 16.85 -51.51 -29.97
N LEU H 30 18.16 -51.64 -29.70
CA LEU H 30 19.19 -51.11 -30.59
C LEU H 30 20.39 -52.05 -30.59
N PRO H 31 20.30 -53.15 -31.34
CA PRO H 31 21.46 -54.05 -31.46
C PRO H 31 22.56 -53.41 -32.30
N VAL H 32 23.75 -53.30 -31.73
CA VAL H 32 24.89 -52.71 -32.41
C VAL H 32 26.16 -53.41 -31.92
N SER H 33 26.94 -53.91 -32.88
CA SER H 33 28.15 -54.65 -32.54
C SER H 33 29.16 -53.72 -31.86
N LEU H 34 30.22 -54.33 -31.34
CA LEU H 34 31.26 -53.57 -30.64
C LEU H 34 31.90 -52.56 -31.58
N GLY H 35 32.18 -51.37 -31.05
CA GLY H 35 32.82 -50.33 -31.81
C GLY H 35 31.91 -49.56 -32.73
N ASP H 36 30.62 -49.85 -32.73
CA ASP H 36 29.66 -49.21 -33.62
C ASP H 36 29.08 -47.96 -32.97
N GLN H 37 28.56 -47.07 -33.81
CA GLN H 37 27.91 -45.85 -33.33
C GLN H 37 26.48 -46.17 -32.91
N ALA H 38 26.12 -45.75 -31.70
CA ALA H 38 24.78 -45.98 -31.16
C ALA H 38 24.08 -44.65 -30.96
N SER H 39 22.83 -44.58 -31.39
CA SER H 39 22.02 -43.38 -31.29
C SER H 39 20.68 -43.74 -30.66
N ILE H 40 20.35 -43.10 -29.55
CA ILE H 40 19.07 -43.27 -28.87
C ILE H 40 18.39 -41.92 -28.84
N SER H 41 17.12 -41.89 -29.24
CA SER H 41 16.35 -40.66 -29.33
C SER H 41 15.21 -40.70 -28.32
N CYS H 42 15.06 -39.62 -27.56
CA CYS H 42 13.96 -39.45 -26.62
C CYS H 42 13.18 -38.21 -27.01
N ARG H 43 11.86 -38.34 -27.07
CA ARG H 43 10.98 -37.27 -27.52
C ARG H 43 9.93 -36.98 -26.46
N SER H 44 9.59 -35.71 -26.29
CA SER H 44 8.72 -35.25 -25.22
C SER H 44 7.36 -34.83 -25.78
N SER H 45 6.32 -35.09 -25.00
CA SER H 45 4.97 -34.66 -25.38
C SER H 45 4.83 -33.15 -25.35
N GLN H 46 5.72 -32.45 -24.66
CA GLN H 46 5.71 -30.99 -24.59
C GLN H 46 7.13 -30.48 -24.54
N SER H 47 7.28 -29.17 -24.69
CA SER H 47 8.59 -28.55 -24.55
C SER H 47 9.06 -28.63 -23.10
N ILE H 48 10.34 -28.96 -22.92
CA ILE H 48 10.90 -29.09 -21.58
C ILE H 48 12.07 -28.12 -21.43
N VAL H 49 12.01 -27.00 -22.13
CA VAL H 49 13.01 -25.95 -21.96
C VAL H 49 12.66 -25.13 -20.73
N HIS H 50 13.68 -24.66 -20.01
CA HIS H 50 13.48 -23.88 -18.80
C HIS H 50 13.93 -22.45 -18.98
N SER H 51 13.37 -21.57 -18.13
CA SER H 51 13.59 -20.14 -18.28
C SER H 51 15.05 -19.77 -18.11
N ASN H 52 15.73 -20.37 -17.15
CA ASN H 52 17.10 -19.97 -16.83
C ASN H 52 18.03 -20.13 -18.02
N GLY H 53 17.69 -20.98 -18.98
CA GLY H 53 18.51 -21.24 -20.15
C GLY H 53 18.89 -22.70 -20.32
N ASN H 54 18.95 -23.43 -19.22
CA ASN H 54 19.26 -24.85 -19.28
C ASN H 54 17.99 -25.66 -19.54
N THR H 55 18.17 -26.83 -20.15
CA THR H 55 17.12 -27.83 -20.29
C THR H 55 17.49 -29.02 -19.41
N TYR H 56 16.55 -29.46 -18.58
CA TYR H 56 16.83 -30.46 -17.56
C TYR H 56 16.41 -31.83 -18.07
N LEU H 57 17.34 -32.44 -18.81
CA LEU H 57 17.19 -33.80 -19.30
C LEU H 57 18.36 -34.63 -18.81
N GLU H 58 18.08 -35.88 -18.42
CA GLU H 58 19.10 -36.76 -17.86
C GLU H 58 18.98 -38.14 -18.48
N TRP H 59 20.12 -38.83 -18.55
CA TRP H 59 20.19 -40.17 -19.11
C TRP H 59 20.77 -41.11 -18.06
N TYR H 60 20.07 -42.21 -17.80
CA TYR H 60 20.45 -43.16 -16.76
C TYR H 60 20.63 -44.55 -17.36
N LEU H 61 21.71 -45.21 -16.96
CA LEU H 61 22.01 -46.57 -17.40
C LEU H 61 21.87 -47.52 -16.21
N GLN H 62 21.13 -48.60 -16.42
CA GLN H 62 20.91 -49.62 -15.39
C GLN H 62 21.34 -50.97 -15.94
N LYS H 63 22.52 -51.44 -15.55
CA LYS H 63 22.93 -52.78 -15.89
C LYS H 63 22.08 -53.79 -15.12
N PRO H 64 21.95 -55.01 -15.64
CA PRO H 64 21.06 -55.98 -14.98
C PRO H 64 21.49 -56.24 -13.55
N GLY H 65 20.51 -56.35 -12.66
CA GLY H 65 20.77 -56.65 -11.27
C GLY H 65 21.44 -55.53 -10.49
N GLN H 66 21.36 -54.30 -10.96
CA GLN H 66 21.97 -53.16 -10.30
C GLN H 66 21.02 -51.98 -10.32
N SER H 67 21.23 -51.04 -9.40
CA SER H 67 20.45 -49.83 -9.39
C SER H 67 20.93 -48.90 -10.53
N PRO H 68 20.07 -48.02 -11.01
CA PRO H 68 20.47 -47.14 -12.11
C PRO H 68 21.64 -46.26 -11.72
N LYS H 69 22.29 -45.70 -12.75
CA LYS H 69 23.40 -44.79 -12.56
C LYS H 69 23.19 -43.54 -13.41
N LEU H 70 23.75 -42.43 -12.94
CA LEU H 70 23.67 -41.17 -13.68
C LEU H 70 24.80 -41.11 -14.68
N LEU H 71 24.45 -40.77 -15.93
CA LEU H 71 25.43 -40.61 -17.00
C LEU H 71 25.51 -39.17 -17.49
N ILE H 72 24.38 -38.60 -17.91
CA ILE H 72 24.34 -37.27 -18.49
C ILE H 72 23.23 -36.48 -17.82
N TYR H 73 23.55 -35.24 -17.43
CA TYR H 73 22.59 -34.29 -16.93
C TYR H 73 22.85 -32.95 -17.61
N LYS H 74 21.81 -32.21 -17.92
CA LYS H 74 21.98 -30.95 -18.64
C LYS H 74 22.81 -31.21 -19.91
N VAL H 75 22.15 -31.90 -20.85
CA VAL H 75 22.80 -32.76 -21.84
C VAL H 75 24.13 -32.21 -22.31
N SER H 76 24.22 -30.90 -22.54
CA SER H 76 25.49 -30.29 -22.91
C SER H 76 26.60 -30.66 -21.93
N ASN H 77 26.25 -31.05 -20.71
CA ASN H 77 27.21 -31.43 -19.69
C ASN H 77 27.28 -32.94 -19.56
N ARG H 78 28.05 -33.41 -18.58
CA ARG H 78 28.25 -34.83 -18.37
C ARG H 78 28.73 -35.06 -16.95
N PHE H 79 28.31 -36.19 -16.37
CA PHE H 79 28.64 -36.51 -15.00
C PHE H 79 30.14 -36.80 -14.86
N SER H 80 30.60 -36.88 -13.62
CA SER H 80 31.99 -37.18 -13.32
C SER H 80 32.15 -38.69 -13.12
N GLY H 81 33.22 -39.24 -13.70
CA GLY H 81 33.49 -40.65 -13.60
C GLY H 81 32.91 -41.50 -14.71
N VAL H 82 32.47 -40.90 -15.80
CA VAL H 82 31.89 -41.64 -16.92
C VAL H 82 32.83 -41.49 -18.12
N PRO H 83 32.94 -42.50 -18.98
CA PRO H 83 33.81 -42.37 -20.16
C PRO H 83 33.35 -41.25 -21.08
N ASP H 84 34.32 -40.62 -21.74
CA ASP H 84 34.05 -39.47 -22.59
C ASP H 84 33.22 -39.83 -23.83
N ARG H 85 33.16 -41.11 -24.19
CA ARG H 85 32.45 -41.49 -25.41
C ARG H 85 31.01 -41.02 -25.40
N PHE H 86 30.38 -40.98 -24.23
CA PHE H 86 28.98 -40.57 -24.15
C PHE H 86 28.83 -39.10 -24.47
N SER H 87 27.70 -38.76 -25.10
CA SER H 87 27.40 -37.38 -25.44
C SER H 87 25.91 -37.24 -25.66
N GLY H 88 25.43 -36.00 -25.63
CA GLY H 88 24.03 -35.72 -25.82
C GLY H 88 23.83 -34.41 -26.55
N SER H 89 22.58 -34.19 -26.97
CA SER H 89 22.20 -32.99 -27.69
C SER H 89 20.69 -33.04 -27.92
N GLY H 90 20.14 -31.93 -28.35
CA GLY H 90 18.71 -31.84 -28.61
C GLY H 90 18.22 -30.41 -28.47
N SER H 91 16.91 -30.28 -28.65
CA SER H 91 16.26 -28.98 -28.56
C SER H 91 14.98 -29.15 -27.73
N GLY H 92 14.18 -28.09 -27.70
CA GLY H 92 13.03 -28.00 -26.80
C GLY H 92 12.18 -29.25 -26.67
N THR H 93 12.07 -30.04 -27.74
CA THR H 93 11.21 -31.22 -27.73
C THR H 93 11.86 -32.48 -28.27
N ASP H 94 13.05 -32.41 -28.86
CA ASP H 94 13.74 -33.57 -29.38
C ASP H 94 15.13 -33.65 -28.76
N PHE H 95 15.49 -34.84 -28.27
CA PHE H 95 16.79 -35.06 -27.65
C PHE H 95 17.31 -36.43 -28.07
N THR H 96 18.63 -36.56 -28.11
CA THR H 96 19.26 -37.81 -28.50
C THR H 96 20.55 -37.99 -27.72
N LEU H 97 20.90 -39.25 -27.48
CA LEU H 97 22.15 -39.62 -26.84
C LEU H 97 23.00 -40.42 -27.82
N LYS H 98 24.30 -40.20 -27.79
CA LYS H 98 25.23 -40.83 -28.72
C LYS H 98 26.36 -41.50 -27.94
N ILE H 99 26.71 -42.72 -28.36
CA ILE H 99 27.87 -43.43 -27.81
C ILE H 99 28.87 -43.62 -28.94
N SER H 100 30.08 -43.11 -28.74
CA SER H 100 31.09 -43.16 -29.80
C SER H 100 31.52 -44.60 -30.07
N ARG H 101 32.05 -45.27 -29.05
CA ARG H 101 32.54 -46.64 -29.18
C ARG H 101 31.86 -47.50 -28.13
N VAL H 102 31.18 -48.55 -28.56
CA VAL H 102 30.47 -49.43 -27.65
C VAL H 102 31.42 -50.50 -27.13
N GLU H 103 31.20 -50.94 -25.89
CA GLU H 103 32.00 -51.97 -25.27
C GLU H 103 31.08 -52.90 -24.48
N ALA H 104 31.67 -53.99 -23.97
CA ALA H 104 30.88 -54.98 -23.23
C ALA H 104 30.26 -54.38 -21.98
N GLU H 105 31.02 -53.58 -21.24
CA GLU H 105 30.51 -52.99 -20.01
C GLU H 105 29.37 -52.01 -20.27
N ASP H 106 29.18 -51.58 -21.51
CA ASP H 106 28.15 -50.61 -21.84
C ASP H 106 26.77 -51.23 -22.04
N LEU H 107 26.66 -52.56 -21.96
CA LEU H 107 25.36 -53.21 -22.14
C LEU H 107 24.44 -52.88 -20.98
N GLY H 108 23.18 -52.63 -21.29
CA GLY H 108 22.20 -52.29 -20.27
C GLY H 108 20.99 -51.63 -20.90
N VAL H 109 20.24 -50.92 -20.05
CA VAL H 109 19.03 -50.21 -20.45
C VAL H 109 19.23 -48.73 -20.16
N TYR H 110 18.81 -47.89 -21.09
CA TYR H 110 19.00 -46.45 -20.99
C TYR H 110 17.65 -45.76 -20.89
N TYR H 111 17.52 -44.84 -19.95
CA TYR H 111 16.28 -44.11 -19.70
C TYR H 111 16.55 -42.61 -19.80
N CYS H 112 15.58 -41.88 -20.33
CA CYS H 112 15.65 -40.42 -20.41
C CYS H 112 14.72 -39.83 -19.36
N PHE H 113 15.23 -38.87 -18.59
CA PHE H 113 14.52 -38.31 -17.45
C PHE H 113 14.47 -36.80 -17.59
N GLN H 114 13.29 -36.22 -17.49
CA GLN H 114 13.10 -34.77 -17.59
C GLN H 114 12.87 -34.19 -16.21
N GLY H 115 13.61 -33.13 -15.88
CA GLY H 115 13.48 -32.49 -14.59
C GLY H 115 13.03 -31.05 -14.72
N SER H 116 12.08 -30.78 -15.61
CA SER H 116 11.65 -29.44 -15.92
C SER H 116 10.20 -29.13 -15.54
N HIS H 117 9.31 -30.11 -15.64
CA HIS H 117 7.89 -29.90 -15.35
C HIS H 117 7.43 -30.90 -14.31
N VAL H 118 6.85 -30.39 -13.22
CA VAL H 118 6.36 -31.25 -12.15
C VAL H 118 5.04 -31.87 -12.59
N PRO H 119 4.82 -33.19 -12.37
CA PRO H 119 5.78 -34.16 -11.84
C PRO H 119 6.79 -34.60 -12.89
N TRP H 120 7.93 -35.11 -12.45
CA TRP H 120 8.99 -35.54 -13.35
C TRP H 120 8.82 -37.02 -13.67
N THR H 121 9.06 -37.36 -14.93
CA THR H 121 8.76 -38.69 -15.45
C THR H 121 9.97 -39.28 -16.15
N PHE H 122 10.06 -40.60 -16.12
CA PHE H 122 11.11 -41.33 -16.80
C PHE H 122 10.73 -41.63 -18.24
N GLY H 123 11.71 -42.03 -19.03
CA GLY H 123 11.48 -42.48 -20.39
C GLY H 123 10.99 -43.92 -20.43
N GLY H 124 10.70 -44.36 -21.65
CA GLY H 124 10.22 -45.72 -21.84
C GLY H 124 11.29 -46.78 -21.65
N GLY H 125 12.55 -46.42 -21.83
CA GLY H 125 13.63 -47.38 -21.70
C GLY H 125 14.03 -47.98 -23.03
N THR H 126 15.32 -47.94 -23.35
CA THR H 126 15.84 -48.43 -24.63
C THR H 126 16.94 -49.44 -24.34
N LYS H 127 16.60 -50.72 -24.39
CA LYS H 127 17.58 -51.77 -24.16
C LYS H 127 18.63 -51.76 -25.27
N LEU H 128 19.86 -52.09 -24.90
CA LEU H 128 20.99 -52.09 -25.81
C LEU H 128 21.57 -53.50 -25.90
N GLU H 129 21.73 -53.99 -27.13
CA GLU H 129 22.31 -55.30 -27.39
C GLU H 129 23.50 -55.14 -28.33
N ILE H 130 24.36 -56.15 -28.35
CA ILE H 130 25.48 -56.22 -29.27
C ILE H 130 25.19 -57.31 -30.28
N LYS H 131 25.20 -56.94 -31.57
CA LYS H 131 24.88 -57.86 -32.64
C LYS H 131 26.11 -58.65 -33.06
N ARG H 132 25.87 -59.87 -33.54
CA ARG H 132 26.93 -60.74 -34.01
C ARG H 132 26.33 -61.81 -34.90
N ALA H 133 27.17 -62.68 -35.43
CA ALA H 133 26.72 -63.74 -36.32
C ALA H 133 25.66 -64.59 -35.64
N ASP H 134 24.45 -64.58 -36.19
CA ASP H 134 23.37 -65.37 -35.63
C ASP H 134 23.69 -66.86 -35.72
N ALA H 135 23.33 -67.60 -34.68
CA ALA H 135 23.57 -69.03 -34.59
C ALA H 135 22.25 -69.78 -34.52
N ALA H 136 22.26 -71.00 -35.06
CA ALA H 136 21.06 -71.82 -35.09
C ALA H 136 20.75 -72.38 -33.70
N PRO H 137 19.47 -72.54 -33.37
CA PRO H 137 19.12 -73.08 -32.05
C PRO H 137 19.49 -74.54 -31.92
N THR H 138 19.77 -74.96 -30.69
CA THR H 138 20.04 -76.34 -30.34
C THR H 138 18.87 -76.83 -29.50
N VAL H 139 17.82 -77.31 -30.18
CA VAL H 139 16.59 -77.68 -29.51
C VAL H 139 16.75 -79.02 -28.81
N SER H 140 16.00 -79.21 -27.73
CA SER H 140 16.02 -80.45 -26.98
C SER H 140 14.70 -80.59 -26.23
N ILE H 141 14.24 -81.83 -26.07
CA ILE H 141 12.98 -82.13 -25.39
C ILE H 141 13.28 -83.17 -24.30
N PHE H 142 12.82 -82.90 -23.08
CA PHE H 142 13.05 -83.77 -21.94
C PHE H 142 11.72 -84.26 -21.38
N PRO H 143 11.41 -85.56 -21.45
CA PRO H 143 10.17 -86.05 -20.84
C PRO H 143 10.26 -86.03 -19.32
N PRO H 144 9.20 -86.45 -18.62
CA PRO H 144 9.24 -86.45 -17.15
C PRO H 144 10.21 -87.48 -16.59
N SER H 145 10.27 -87.58 -15.26
CA SER H 145 11.13 -88.51 -14.56
C SER H 145 10.30 -89.41 -13.66
N SER H 146 10.98 -90.40 -13.07
CA SER H 146 10.27 -91.36 -12.22
C SER H 146 9.62 -90.68 -11.02
N GLU H 147 10.32 -89.72 -10.42
CA GLU H 147 9.73 -88.98 -9.30
C GLU H 147 8.46 -88.26 -9.72
N GLN H 148 8.40 -87.77 -10.96
CA GLN H 148 7.17 -87.18 -11.46
C GLN H 148 6.05 -88.20 -11.50
N LEU H 149 6.34 -89.42 -11.98
CA LEU H 149 5.32 -90.46 -12.01
C LEU H 149 4.83 -90.79 -10.61
N THR H 150 5.76 -90.93 -9.65
CA THR H 150 5.36 -91.23 -8.28
C THR H 150 4.51 -90.12 -7.69
N SER H 151 4.91 -88.86 -7.91
CA SER H 151 4.16 -87.73 -7.37
C SER H 151 2.77 -87.66 -7.99
N GLY H 152 2.66 -87.92 -9.29
CA GLY H 152 1.39 -87.84 -9.99
C GLY H 152 1.30 -86.64 -10.91
N GLY H 153 2.41 -86.30 -11.56
CA GLY H 153 2.45 -85.18 -12.48
C GLY H 153 3.11 -85.58 -13.79
N ALA H 154 3.14 -84.60 -14.70
CA ALA H 154 3.76 -84.81 -16.01
C ALA H 154 4.40 -83.49 -16.43
N SER H 155 5.71 -83.38 -16.24
CA SER H 155 6.46 -82.17 -16.54
C SER H 155 7.12 -82.35 -17.91
N VAL H 156 6.54 -81.70 -18.93
CA VAL H 156 7.09 -81.71 -20.27
C VAL H 156 7.76 -80.37 -20.51
N VAL H 157 9.06 -80.40 -20.81
CA VAL H 157 9.86 -79.19 -20.98
C VAL H 157 10.57 -79.26 -22.33
N CYS H 158 10.48 -78.19 -23.10
CA CYS H 158 11.16 -78.06 -24.38
C CYS H 158 12.25 -77.00 -24.26
N PHE H 159 13.47 -77.35 -24.65
CA PHE H 159 14.63 -76.50 -24.48
C PHE H 159 15.12 -76.00 -25.83
N LEU H 160 15.57 -74.74 -25.85
CA LEU H 160 16.19 -74.13 -27.03
C LEU H 160 17.34 -73.29 -26.53
N ASN H 161 18.57 -73.67 -26.89
CA ASN H 161 19.77 -73.08 -26.32
C ASN H 161 20.67 -72.53 -27.42
N ASN H 162 21.32 -71.41 -27.12
CA ASN H 162 22.34 -70.83 -27.97
C ASN H 162 21.77 -70.52 -29.37
N PHE H 163 20.81 -69.60 -29.37
CA PHE H 163 20.18 -69.15 -30.61
C PHE H 163 20.22 -67.63 -30.66
N TYR H 164 19.97 -67.11 -31.86
CA TYR H 164 20.02 -65.67 -32.11
C TYR H 164 19.45 -65.40 -33.49
N PRO H 165 18.69 -64.32 -33.70
CA PRO H 165 18.23 -63.29 -32.75
C PRO H 165 16.93 -63.69 -32.05
N LYS H 166 16.20 -62.71 -31.52
CA LYS H 166 14.93 -62.95 -30.84
C LYS H 166 13.85 -63.48 -31.78
N ASP H 167 14.13 -63.64 -33.07
CA ASP H 167 13.14 -64.18 -33.99
C ASP H 167 12.95 -65.66 -33.70
N ILE H 168 12.33 -65.97 -32.57
CA ILE H 168 12.18 -67.34 -32.09
C ILE H 168 10.73 -67.54 -31.67
N ASN H 169 10.15 -68.65 -32.11
CA ASN H 169 8.80 -69.02 -31.71
C ASN H 169 8.73 -70.54 -31.58
N VAL H 170 8.03 -71.01 -30.55
CA VAL H 170 7.89 -72.42 -30.27
C VAL H 170 6.40 -72.76 -30.24
N LYS H 171 6.05 -73.90 -30.82
CA LYS H 171 4.66 -74.33 -30.94
C LYS H 171 4.52 -75.71 -30.32
N TRP H 172 3.52 -75.86 -29.44
CA TRP H 172 3.27 -77.13 -28.76
C TRP H 172 2.26 -77.94 -29.59
N LYS H 173 2.79 -78.62 -30.61
CA LYS H 173 2.01 -79.50 -31.45
C LYS H 173 2.17 -80.92 -30.94
N ILE H 174 1.08 -81.53 -30.50
CA ILE H 174 1.09 -82.87 -29.93
C ILE H 174 0.13 -83.75 -30.72
N ASP H 175 0.63 -84.87 -31.21
CA ASP H 175 -0.17 -85.88 -31.92
C ASP H 175 -1.20 -85.23 -32.84
N GLY H 176 -0.75 -84.26 -33.62
CA GLY H 176 -1.60 -83.57 -34.56
C GLY H 176 -2.49 -82.50 -33.98
N SER H 177 -2.36 -82.22 -32.68
CA SER H 177 -3.16 -81.20 -32.01
C SER H 177 -2.22 -80.18 -31.37
N GLU H 178 -2.49 -78.89 -31.60
CA GLU H 178 -1.70 -77.82 -31.03
C GLU H 178 -2.34 -77.38 -29.72
N ARG H 179 -1.57 -77.45 -28.64
CA ARG H 179 -2.04 -77.09 -27.31
C ARG H 179 -1.42 -75.77 -26.90
N GLN H 180 -2.26 -74.83 -26.48
CA GLN H 180 -1.82 -73.50 -26.06
C GLN H 180 -2.01 -73.23 -24.57
N ASN H 181 -3.06 -73.79 -23.97
CA ASN H 181 -3.27 -73.62 -22.55
C ASN H 181 -2.17 -74.32 -21.76
N GLY H 182 -1.77 -73.70 -20.65
CA GLY H 182 -0.71 -74.27 -19.83
C GLY H 182 0.66 -74.20 -20.45
N VAL H 183 0.87 -73.30 -21.41
CA VAL H 183 2.15 -73.14 -22.09
C VAL H 183 2.90 -72.00 -21.43
N LEU H 184 4.13 -72.27 -21.00
CA LEU H 184 4.96 -71.28 -20.32
C LEU H 184 5.96 -70.68 -21.29
N ASN H 185 6.27 -69.39 -21.06
CA ASN H 185 7.28 -68.68 -21.82
C ASN H 185 8.29 -68.11 -20.85
N SER H 186 9.57 -68.43 -21.06
CA SER H 186 10.63 -67.91 -20.21
C SER H 186 11.95 -68.02 -20.96
N TRP H 187 12.53 -66.89 -21.31
CA TRP H 187 13.81 -66.83 -22.03
C TRP H 187 14.88 -66.26 -21.11
N THR H 188 16.11 -66.26 -21.61
CA THR H 188 17.27 -65.80 -20.86
C THR H 188 17.89 -64.60 -21.56
N ASP H 189 18.41 -63.67 -20.78
CA ASP H 189 19.05 -62.50 -21.34
C ASP H 189 20.30 -62.89 -22.13
N GLN H 190 20.72 -62.00 -23.02
CA GLN H 190 21.91 -62.26 -23.82
C GLN H 190 23.09 -62.51 -22.91
N ASP H 191 23.82 -63.58 -23.19
CA ASP H 191 24.92 -64.01 -22.32
C ASP H 191 26.15 -63.15 -22.61
N SER H 192 27.28 -63.53 -22.03
CA SER H 192 28.55 -62.84 -22.22
C SER H 192 29.55 -63.67 -23.01
N LYS H 193 29.80 -64.91 -22.59
CA LYS H 193 30.74 -65.77 -23.30
C LYS H 193 30.25 -66.06 -24.71
N ASP H 194 28.95 -66.32 -24.87
CA ASP H 194 28.37 -66.63 -26.17
C ASP H 194 27.50 -65.53 -26.74
N SER H 195 26.95 -64.66 -25.89
CA SER H 195 26.07 -63.59 -26.34
C SER H 195 24.91 -64.13 -27.17
N THR H 196 24.33 -65.23 -26.71
CA THR H 196 23.17 -65.86 -27.33
C THR H 196 21.98 -65.80 -26.38
N TYR H 197 20.87 -66.39 -26.81
CA TYR H 197 19.64 -66.44 -26.03
C TYR H 197 19.22 -67.89 -25.84
N SER H 198 18.24 -68.08 -24.95
CA SER H 198 17.70 -69.39 -24.67
C SER H 198 16.26 -69.24 -24.22
N MET H 199 15.52 -70.34 -24.25
CA MET H 199 14.12 -70.32 -23.85
C MET H 199 13.70 -71.72 -23.43
N SER H 200 12.84 -71.80 -22.42
CA SER H 200 12.38 -73.07 -21.86
C SER H 200 10.87 -72.98 -21.64
N SER H 201 10.10 -73.36 -22.64
CA SER H 201 8.66 -73.44 -22.51
C SER H 201 8.25 -74.82 -22.03
N THR H 202 7.19 -74.86 -21.22
CA THR H 202 6.73 -76.10 -20.60
C THR H 202 5.23 -76.23 -20.79
N LEU H 203 4.74 -77.47 -20.69
CA LEU H 203 3.32 -77.77 -20.77
C LEU H 203 3.01 -78.80 -19.68
N THR H 204 2.42 -78.34 -18.59
CA THR H 204 2.13 -79.21 -17.46
C THR H 204 0.93 -80.10 -17.77
N LEU H 205 1.12 -81.40 -17.62
CA LEU H 205 0.07 -82.39 -17.86
C LEU H 205 -0.19 -83.17 -16.58
N THR H 206 -1.32 -83.86 -16.55
CA THR H 206 -1.72 -84.69 -15.44
C THR H 206 -1.68 -86.15 -15.84
N LYS H 207 -1.61 -87.03 -14.83
CA LYS H 207 -1.55 -88.46 -15.10
C LYS H 207 -2.80 -88.93 -15.84
N ASP H 208 -3.96 -88.39 -15.47
CA ASP H 208 -5.20 -88.77 -16.13
C ASP H 208 -5.17 -88.44 -17.62
N GLU H 209 -4.43 -87.40 -18.00
CA GLU H 209 -4.35 -86.98 -19.39
C GLU H 209 -3.00 -87.25 -20.04
N TYR H 210 -1.94 -87.43 -19.24
CA TYR H 210 -0.61 -87.63 -19.80
C TYR H 210 -0.53 -88.91 -20.62
N GLU H 211 -1.25 -89.96 -20.21
CA GLU H 211 -1.18 -91.25 -20.89
C GLU H 211 -2.16 -91.39 -22.04
N ARG H 212 -3.23 -90.59 -22.06
CA ARG H 212 -4.23 -90.75 -23.10
C ARG H 212 -3.69 -90.39 -24.49
N HIS H 213 -2.74 -89.47 -24.55
CA HIS H 213 -2.15 -89.08 -25.82
C HIS H 213 -0.91 -89.94 -26.10
N ASN H 214 -0.55 -89.99 -27.38
CA ASN H 214 0.52 -90.87 -27.86
C ASN H 214 1.76 -90.11 -28.30
N SER H 215 1.62 -89.17 -29.23
CA SER H 215 2.76 -88.49 -29.83
C SER H 215 2.89 -87.08 -29.26
N TYR H 216 4.08 -86.76 -28.74
CA TYR H 216 4.40 -85.44 -28.22
C TYR H 216 5.48 -84.83 -29.09
N THR H 217 5.21 -83.64 -29.63
CA THR H 217 6.15 -82.95 -30.51
C THR H 217 6.28 -81.50 -30.06
N CYS H 218 7.45 -80.92 -30.34
CA CYS H 218 7.74 -79.52 -30.00
C CYS H 218 8.20 -78.82 -31.27
N GLU H 219 7.27 -78.12 -31.93
CA GLU H 219 7.57 -77.44 -33.18
C GLU H 219 8.14 -76.06 -32.88
N ALA H 220 9.37 -75.82 -33.31
CA ALA H 220 10.05 -74.55 -33.12
C ALA H 220 10.51 -74.00 -34.46
N THR H 221 10.36 -72.70 -34.64
CA THR H 221 10.73 -72.03 -35.88
C THR H 221 11.76 -70.94 -35.59
N HIS H 222 12.67 -70.73 -36.53
CA HIS H 222 13.72 -69.74 -36.40
C HIS H 222 14.11 -69.23 -37.77
N LYS H 223 14.66 -68.02 -37.80
CA LYS H 223 15.06 -67.42 -39.08
C LYS H 223 16.14 -68.23 -39.76
N THR H 224 17.12 -68.71 -39.00
CA THR H 224 18.23 -69.45 -39.57
C THR H 224 17.74 -70.62 -40.42
N SER H 225 16.75 -71.35 -39.93
CA SER H 225 16.13 -72.45 -40.65
C SER H 225 14.64 -72.13 -40.76
N THR H 226 14.21 -71.68 -41.96
CA THR H 226 12.83 -71.24 -42.14
C THR H 226 11.86 -72.36 -41.79
N SER H 227 12.13 -73.57 -42.26
CA SER H 227 11.28 -74.70 -41.92
C SER H 227 11.42 -75.00 -40.42
N PRO H 228 10.32 -75.07 -39.66
CA PRO H 228 10.44 -75.33 -38.23
C PRO H 228 11.17 -76.63 -37.96
N ILE H 229 12.00 -76.62 -36.92
CA ILE H 229 12.75 -77.80 -36.51
C ILE H 229 11.85 -78.68 -35.66
N VAL H 230 11.92 -79.99 -35.89
CA VAL H 230 11.00 -80.95 -35.29
C VAL H 230 11.75 -81.81 -34.29
N LYS H 231 11.17 -81.99 -33.11
CA LYS H 231 11.71 -82.89 -32.11
C LYS H 231 10.51 -83.48 -31.35
N SER H 232 10.32 -84.79 -31.47
CA SER H 232 9.12 -85.44 -30.95
C SER H 232 9.47 -86.82 -30.40
N PHE H 233 8.57 -87.32 -29.57
CA PHE H 233 8.66 -88.68 -29.06
C PHE H 233 7.24 -89.17 -28.78
N ASN H 234 7.09 -90.50 -28.74
CA ASN H 234 5.80 -91.13 -28.55
C ASN H 234 5.74 -91.82 -27.20
N ARG H 235 4.56 -91.72 -26.56
CA ARG H 235 4.39 -92.31 -25.24
C ARG H 235 4.39 -93.84 -25.31
N ASN H 236 3.76 -94.40 -26.34
CA ASN H 236 3.62 -95.85 -26.43
C ASN H 236 4.97 -96.56 -26.48
N GLU H 237 6.01 -95.88 -26.95
CA GLU H 237 7.35 -96.46 -26.98
C GLU H 237 7.37 -97.70 -27.86
N VAL I 21 28.39 -40.49 0.86
CA VAL I 21 26.98 -40.58 1.20
C VAL I 21 26.49 -42.00 0.93
N GLN I 22 25.32 -42.32 1.45
CA GLN I 22 24.78 -43.67 1.29
C GLN I 22 23.31 -43.71 1.65
N LEU I 23 22.49 -44.31 0.78
CA LEU I 23 21.08 -44.49 1.01
C LEU I 23 20.82 -45.97 1.28
N GLN I 24 20.23 -46.26 2.44
CA GLN I 24 19.99 -47.64 2.87
C GLN I 24 18.49 -47.88 2.94
N GLN I 25 18.03 -48.94 2.30
CA GLN I 25 16.62 -49.29 2.26
C GLN I 25 16.36 -50.50 3.13
N SER I 26 15.07 -50.72 3.42
CA SER I 26 14.66 -51.86 4.23
C SER I 26 14.72 -53.13 3.39
N GLY I 27 14.55 -54.27 4.07
CA GLY I 27 14.64 -55.56 3.43
C GLY I 27 13.41 -55.91 2.62
N ALA I 28 13.47 -57.07 1.98
CA ALA I 28 12.37 -57.53 1.15
C ALA I 28 11.13 -57.80 1.99
N GLU I 29 9.97 -57.74 1.33
CA GLU I 29 8.69 -57.91 2.00
C GLU I 29 7.81 -58.85 1.20
N VAL I 30 6.89 -59.52 1.90
CA VAL I 30 5.90 -60.39 1.29
C VAL I 30 4.61 -60.19 2.08
N MET I 31 3.61 -59.57 1.44
CA MET I 31 2.36 -59.26 2.09
C MET I 31 1.19 -59.80 1.27
N LYS I 32 0.12 -60.17 1.97
CA LYS I 32 -1.07 -60.67 1.30
C LYS I 32 -1.81 -59.51 0.63
N PRO I 33 -2.58 -59.79 -0.42
CA PRO I 33 -3.33 -58.73 -1.09
C PRO I 33 -4.28 -58.04 -0.13
N GLY I 34 -4.44 -56.73 -0.32
CA GLY I 34 -5.32 -55.93 0.51
C GLY I 34 -4.66 -55.34 1.74
N ALA I 35 -3.43 -55.72 2.04
CA ALA I 35 -2.71 -55.18 3.17
C ALA I 35 -1.94 -53.92 2.77
N SER I 36 -1.23 -53.33 3.72
CA SER I 36 -0.42 -52.15 3.49
C SER I 36 0.98 -52.40 4.01
N VAL I 37 1.98 -51.95 3.25
CA VAL I 37 3.38 -52.14 3.58
C VAL I 37 4.05 -50.77 3.63
N LYS I 38 4.96 -50.60 4.60
CA LYS I 38 5.73 -49.37 4.75
C LYS I 38 7.20 -49.70 4.64
N ILE I 39 7.84 -49.21 3.59
CA ILE I 39 9.27 -49.40 3.36
C ILE I 39 9.98 -48.08 3.58
N SER I 40 11.19 -48.15 4.12
CA SER I 40 11.91 -46.97 4.59
C SER I 40 13.22 -46.81 3.82
N CYS I 41 13.59 -45.56 3.57
CA CYS I 41 14.88 -45.21 2.98
C CYS I 41 15.62 -44.32 3.96
N LYS I 42 16.81 -44.74 4.35
CA LYS I 42 17.63 -44.01 5.32
C LYS I 42 18.89 -43.52 4.65
N GLY I 43 19.17 -42.23 4.79
CA GLY I 43 20.33 -41.60 4.17
C GLY I 43 21.31 -41.11 5.21
N THR I 44 22.59 -41.11 4.85
CA THR I 44 23.63 -40.65 5.76
C THR I 44 24.76 -40.04 4.94
N GLY I 45 25.58 -39.24 5.61
CA GLY I 45 26.71 -38.60 4.98
C GLY I 45 26.41 -37.29 4.29
N TYR I 46 25.21 -36.73 4.45
CA TYR I 46 24.86 -35.47 3.83
C TYR I 46 23.70 -34.85 4.60
N THR I 47 23.39 -33.60 4.27
CA THR I 47 22.29 -32.90 4.90
C THR I 47 20.97 -33.53 4.44
N PHE I 48 20.41 -34.39 5.28
CA PHE I 48 19.24 -35.17 4.86
C PHE I 48 18.06 -34.26 4.56
N SER I 49 17.85 -33.23 5.37
CA SER I 49 16.64 -32.43 5.27
C SER I 49 16.59 -31.58 4.01
N SER I 50 17.73 -31.33 3.37
CA SER I 50 17.80 -30.39 2.25
C SER I 50 17.73 -31.05 0.88
N TYR I 51 17.51 -32.36 0.82
CA TYR I 51 17.47 -33.08 -0.44
C TYR I 51 16.13 -33.80 -0.57
N TRP I 52 15.52 -33.69 -1.75
CA TRP I 52 14.32 -34.46 -2.04
C TRP I 52 14.67 -35.95 -2.14
N ILE I 53 13.73 -36.79 -1.74
CA ILE I 53 13.85 -38.23 -1.86
C ILE I 53 12.87 -38.69 -2.92
N GLU I 54 13.39 -39.25 -4.00
CA GLU I 54 12.58 -39.71 -5.12
C GLU I 54 12.32 -41.21 -4.97
N TRP I 55 11.07 -41.61 -5.19
CA TRP I 55 10.66 -43.00 -5.11
C TRP I 55 10.34 -43.50 -6.50
N VAL I 56 10.98 -44.62 -6.89
CA VAL I 56 10.87 -45.15 -8.23
C VAL I 56 10.44 -46.60 -8.15
N LYS I 57 9.45 -46.97 -8.97
CA LYS I 57 8.94 -48.33 -9.04
C LYS I 57 9.42 -48.97 -10.33
N GLN I 58 9.97 -50.17 -10.23
CA GLN I 58 10.45 -50.93 -11.38
C GLN I 58 9.73 -52.27 -11.38
N ARG I 59 8.62 -52.34 -12.13
CA ARG I 59 7.93 -53.60 -12.27
C ARG I 59 8.85 -54.62 -12.93
N PRO I 60 8.80 -55.89 -12.53
CA PRO I 60 9.77 -56.86 -13.07
C PRO I 60 9.75 -56.93 -14.59
N GLY I 61 8.60 -56.71 -15.21
CA GLY I 61 8.52 -56.71 -16.65
C GLY I 61 9.50 -55.74 -17.29
N HIS I 62 9.27 -54.44 -17.09
CA HIS I 62 10.13 -53.43 -17.69
C HIS I 62 9.65 -52.06 -17.26
N GLY I 63 10.53 -51.07 -17.41
CA GLY I 63 10.15 -49.68 -17.21
C GLY I 63 10.45 -49.18 -15.82
N LEU I 64 10.76 -47.89 -15.74
CA LEU I 64 10.95 -47.19 -14.47
C LEU I 64 9.83 -46.16 -14.32
N GLU I 65 9.12 -46.23 -13.21
CA GLU I 65 8.02 -45.31 -12.92
C GLU I 65 8.32 -44.54 -11.65
N ARG I 66 8.10 -43.24 -11.68
CA ARG I 66 8.35 -42.38 -10.52
C ARG I 66 7.06 -42.27 -9.71
N ILE I 67 7.08 -42.80 -8.50
CA ILE I 67 5.90 -42.72 -7.64
C ILE I 67 5.70 -41.29 -7.17
N GLY I 68 6.77 -40.64 -6.73
CA GLY I 68 6.66 -39.29 -6.21
C GLY I 68 7.93 -38.89 -5.49
N GLU I 69 7.84 -37.82 -4.71
CA GLU I 69 8.99 -37.30 -3.99
C GLU I 69 8.54 -36.63 -2.71
N ILE I 70 9.48 -36.50 -1.77
CA ILE I 70 9.23 -35.82 -0.51
C ILE I 70 10.48 -35.06 -0.13
N LEU I 71 10.30 -33.88 0.45
CA LEU I 71 11.40 -33.09 0.98
C LEU I 71 11.38 -33.19 2.49
N PRO I 72 12.28 -33.96 3.11
CA PRO I 72 12.19 -34.16 4.56
C PRO I 72 12.24 -32.86 5.36
N GLY I 73 12.99 -31.86 4.90
CA GLY I 73 13.07 -30.59 5.59
C GLY I 73 11.71 -30.05 5.95
N SER I 74 10.91 -29.73 4.93
CA SER I 74 9.50 -29.43 5.12
C SER I 74 8.69 -30.70 4.98
N GLY I 75 7.38 -30.59 4.85
CA GLY I 75 6.54 -31.72 4.56
C GLY I 75 6.14 -31.86 3.11
N SER I 76 6.71 -31.05 2.22
CA SER I 76 6.24 -31.00 0.84
C SER I 76 6.40 -32.36 0.18
N THR I 77 5.35 -32.77 -0.55
CA THR I 77 5.34 -34.05 -1.24
C THR I 77 4.69 -33.88 -2.60
N ASN I 78 5.08 -34.74 -3.54
CA ASN I 78 4.49 -34.79 -4.87
C ASN I 78 4.20 -36.23 -5.22
N TYR I 79 3.19 -36.43 -6.07
CA TYR I 79 2.80 -37.74 -6.53
C TYR I 79 2.52 -37.69 -8.02
N ASN I 80 2.77 -38.81 -8.70
CA ASN I 80 2.38 -38.95 -10.09
C ASN I 80 0.90 -39.33 -10.17
N GLU I 81 0.26 -38.93 -11.28
CA GLU I 81 -1.17 -39.19 -11.44
C GLU I 81 -1.48 -40.66 -11.21
N LYS I 82 -0.63 -41.55 -11.70
CA LYS I 82 -0.91 -42.97 -11.61
C LYS I 82 -0.89 -43.47 -10.17
N PHE I 83 -0.27 -42.74 -9.25
CA PHE I 83 -0.11 -43.19 -7.88
C PHE I 83 -0.78 -42.31 -6.85
N ARG I 84 -1.46 -41.24 -7.26
CA ARG I 84 -2.14 -40.38 -6.30
C ARG I 84 -3.13 -41.19 -5.49
N GLY I 85 -3.09 -41.02 -4.17
CA GLY I 85 -3.93 -41.79 -3.27
C GLY I 85 -3.48 -43.20 -3.03
N LYS I 86 -2.67 -43.78 -3.92
CA LYS I 86 -2.18 -45.14 -3.73
C LYS I 86 -1.04 -45.20 -2.71
N ALA I 87 -0.19 -44.18 -2.67
CA ALA I 87 0.96 -44.16 -1.79
C ALA I 87 0.99 -42.87 -0.99
N THR I 88 1.63 -42.93 0.18
CA THR I 88 1.75 -41.78 1.07
C THR I 88 3.18 -41.69 1.57
N PHE I 89 3.75 -40.49 1.53
CA PHE I 89 5.12 -40.25 1.94
C PHE I 89 5.14 -39.59 3.31
N THR I 90 6.00 -40.08 4.19
CA THR I 90 6.27 -39.45 5.47
C THR I 90 7.77 -39.52 5.74
N ALA I 91 8.27 -38.54 6.49
CA ALA I 91 9.69 -38.44 6.78
C ALA I 91 9.89 -38.15 8.26
N ASP I 92 10.96 -38.72 8.80
CA ASP I 92 11.38 -38.47 10.17
C ASP I 92 12.72 -37.73 10.14
N LYS I 93 12.80 -36.61 10.83
CA LYS I 93 14.01 -35.80 10.82
C LYS I 93 15.01 -36.23 11.88
N SER I 94 14.53 -36.65 13.05
CA SER I 94 15.44 -37.07 14.11
C SER I 94 16.35 -38.19 13.62
N SER I 95 15.76 -39.23 13.03
CA SER I 95 16.51 -40.28 12.36
C SER I 95 16.37 -40.05 10.86
N LYS I 96 17.50 -40.08 10.15
CA LYS I 96 17.51 -39.69 8.75
C LYS I 96 16.82 -40.74 7.91
N THR I 97 15.49 -40.84 8.03
CA THR I 97 14.72 -41.87 7.37
C THR I 97 13.48 -41.28 6.73
N ALA I 98 13.16 -41.74 5.53
CA ALA I 98 11.93 -41.40 4.83
C ALA I 98 11.15 -42.67 4.56
N TYR I 99 9.83 -42.60 4.73
CA TYR I 99 8.95 -43.75 4.61
C TYR I 99 7.99 -43.56 3.46
N MET I 100 7.65 -44.67 2.81
CA MET I 100 6.56 -44.73 1.84
C MET I 100 5.62 -45.84 2.27
N GLN I 101 4.34 -45.50 2.43
CA GLN I 101 3.31 -46.46 2.81
C GLN I 101 2.44 -46.71 1.59
N LEU I 102 2.37 -47.98 1.17
CA LEU I 102 1.55 -48.36 0.03
C LEU I 102 0.17 -48.80 0.52
N SER I 103 -0.85 -48.34 -0.17
CA SER I 103 -2.23 -48.62 0.22
C SER I 103 -2.57 -50.06 -0.17
N SER I 104 -3.86 -50.39 -0.14
CA SER I 104 -4.32 -51.74 -0.43
C SER I 104 -3.57 -52.33 -1.61
N LEU I 105 -2.91 -53.46 -1.37
CA LEU I 105 -2.00 -54.03 -2.34
C LEU I 105 -2.71 -55.00 -3.27
N THR I 106 -2.13 -55.19 -4.45
CA THR I 106 -2.62 -56.14 -5.44
C THR I 106 -1.43 -56.87 -6.02
N SER I 107 -1.71 -57.86 -6.87
CA SER I 107 -0.63 -58.58 -7.52
C SER I 107 0.19 -57.68 -8.44
N GLU I 108 -0.39 -56.57 -8.90
CA GLU I 108 0.33 -55.67 -9.79
C GLU I 108 1.38 -54.84 -9.08
N ASP I 109 1.32 -54.76 -7.75
CA ASP I 109 2.28 -53.97 -7.00
C ASP I 109 3.60 -54.68 -6.77
N SER I 110 3.68 -55.98 -7.05
CA SER I 110 4.93 -56.70 -6.88
C SER I 110 6.00 -56.12 -7.81
N ALA I 111 7.02 -55.50 -7.23
CA ALA I 111 8.07 -54.85 -8.01
C ALA I 111 9.23 -54.53 -7.07
N VAL I 112 10.23 -53.83 -7.59
CA VAL I 112 11.38 -53.37 -6.83
C VAL I 112 11.29 -51.86 -6.72
N TYR I 113 11.36 -51.35 -5.49
CA TYR I 113 11.20 -49.93 -5.21
C TYR I 113 12.55 -49.33 -4.85
N TYR I 114 12.90 -48.23 -5.50
CA TYR I 114 14.17 -47.55 -5.28
C TYR I 114 13.92 -46.18 -4.67
N CYS I 115 14.81 -45.78 -3.76
CA CYS I 115 14.84 -44.43 -3.21
C CYS I 115 16.13 -43.76 -3.68
N ALA I 116 16.04 -42.48 -4.04
CA ALA I 116 17.19 -41.78 -4.57
C ALA I 116 17.16 -40.33 -4.14
N ARG I 117 18.34 -39.73 -4.06
CA ARG I 117 18.49 -38.32 -3.75
C ARG I 117 18.11 -37.48 -4.96
N TYR I 118 17.84 -36.19 -4.72
CA TYR I 118 17.55 -35.29 -5.83
C TYR I 118 17.50 -33.86 -5.31
N LEU I 119 18.10 -32.96 -6.06
CA LEU I 119 17.96 -31.52 -5.83
C LEU I 119 17.54 -30.89 -7.15
N PRO I 120 16.27 -30.49 -7.31
CA PRO I 120 15.80 -30.05 -8.63
C PRO I 120 16.60 -28.85 -9.14
N TYR I 121 16.81 -28.84 -10.46
CA TYR I 121 17.48 -27.77 -11.19
C TYR I 121 18.97 -27.70 -10.89
N TYR I 122 19.50 -28.57 -10.04
CA TYR I 122 20.93 -28.66 -9.81
C TYR I 122 21.33 -30.14 -9.84
N TYR I 123 22.58 -30.44 -9.50
CA TYR I 123 23.04 -31.82 -9.49
C TYR I 123 21.95 -32.77 -9.03
N ALA I 124 21.71 -33.80 -9.84
CA ALA I 124 20.45 -34.55 -9.85
C ALA I 124 20.69 -36.04 -9.72
N MET I 125 20.17 -36.62 -8.63
CA MET I 125 19.97 -38.06 -8.49
C MET I 125 21.21 -38.85 -8.88
N ASP I 126 22.28 -38.63 -8.13
CA ASP I 126 23.53 -39.33 -8.34
C ASP I 126 23.75 -40.46 -7.34
N TYR I 127 22.83 -40.67 -6.41
CA TYR I 127 22.94 -41.76 -5.44
C TYR I 127 21.58 -42.43 -5.29
N TRP I 128 21.60 -43.76 -5.29
CA TRP I 128 20.38 -44.56 -5.26
C TRP I 128 20.44 -45.54 -4.10
N GLY I 129 19.27 -45.99 -3.68
CA GLY I 129 19.20 -47.04 -2.70
C GLY I 129 19.51 -48.39 -3.31
N GLN I 130 19.58 -49.40 -2.44
CA GLN I 130 19.88 -50.75 -2.90
C GLN I 130 18.69 -51.37 -3.63
N GLY I 131 17.48 -51.04 -3.24
CA GLY I 131 16.28 -51.62 -3.81
C GLY I 131 15.59 -52.49 -2.78
N THR I 132 14.26 -52.44 -2.77
CA THR I 132 13.44 -53.17 -1.81
C THR I 132 12.35 -53.90 -2.58
N SER I 133 12.61 -55.17 -2.90
CA SER I 133 11.63 -55.97 -3.61
C SER I 133 10.42 -56.23 -2.73
N VAL I 134 9.23 -56.08 -3.31
CA VAL I 134 7.97 -56.33 -2.63
C VAL I 134 7.19 -57.37 -3.42
N THR I 135 6.68 -58.37 -2.72
CA THR I 135 5.91 -59.44 -3.34
C THR I 135 4.52 -59.49 -2.72
N VAL I 136 3.49 -59.50 -3.56
CA VAL I 136 2.11 -59.58 -3.13
C VAL I 136 1.55 -60.90 -3.63
N SER I 137 1.10 -61.75 -2.71
CA SER I 137 0.56 -63.05 -3.06
C SER I 137 -0.04 -63.70 -1.82
N SER I 138 -1.07 -64.51 -2.04
CA SER I 138 -1.72 -65.21 -0.95
C SER I 138 -1.00 -66.49 -0.56
N ALA I 139 -0.05 -66.95 -1.37
CA ALA I 139 0.65 -68.19 -1.08
C ALA I 139 1.52 -68.03 0.17
N LYS I 140 1.94 -69.18 0.71
CA LYS I 140 2.81 -69.23 1.87
C LYS I 140 4.11 -69.92 1.50
N THR I 141 5.07 -69.88 2.42
CA THR I 141 6.39 -70.45 2.16
C THR I 141 6.26 -71.92 1.78
N THR I 142 6.97 -72.32 0.73
CA THR I 142 6.96 -73.68 0.25
C THR I 142 8.39 -74.09 -0.11
N PRO I 143 8.81 -75.30 0.24
CA PRO I 143 10.15 -75.74 -0.13
C PRO I 143 10.21 -76.16 -1.59
N PRO I 144 11.41 -76.23 -2.18
CA PRO I 144 11.51 -76.63 -3.58
C PRO I 144 11.11 -78.07 -3.78
N SER I 145 10.63 -78.37 -5.00
CA SER I 145 10.28 -79.72 -5.41
C SER I 145 11.03 -79.99 -6.72
N VAL I 146 12.26 -80.45 -6.60
CA VAL I 146 13.13 -80.66 -7.75
C VAL I 146 12.82 -82.03 -8.37
N TYR I 147 12.57 -82.03 -9.68
CA TYR I 147 12.22 -83.24 -10.42
C TYR I 147 13.19 -83.37 -11.58
N PRO I 148 14.35 -83.99 -11.36
CA PRO I 148 15.35 -84.06 -12.44
C PRO I 148 14.80 -84.80 -13.66
N LEU I 149 15.20 -84.33 -14.84
CA LEU I 149 14.75 -84.89 -16.10
C LEU I 149 15.95 -85.35 -16.92
N ALA I 150 15.72 -86.33 -17.78
CA ALA I 150 16.74 -86.97 -18.59
C ALA I 150 16.27 -87.03 -20.03
N PRO I 151 17.18 -87.24 -20.98
CA PRO I 151 16.79 -87.29 -22.39
C PRO I 151 15.76 -88.38 -22.64
N GLY I 152 14.82 -88.10 -23.54
CA GLY I 152 13.77 -89.06 -23.83
C GLY I 152 14.34 -90.34 -24.43
N SER I 153 13.65 -91.45 -24.14
CA SER I 153 14.08 -92.74 -24.67
C SER I 153 14.02 -92.76 -26.19
N ALA I 154 12.96 -92.21 -26.77
CA ALA I 154 12.79 -92.18 -28.22
C ALA I 154 13.46 -90.91 -28.76
N ALA I 155 14.78 -90.99 -28.93
CA ALA I 155 15.56 -89.87 -29.46
C ALA I 155 16.93 -90.37 -29.85
N GLN I 156 17.40 -89.94 -31.01
CA GLN I 156 18.72 -90.36 -31.48
C GLN I 156 19.80 -89.78 -30.58
N THR I 157 20.83 -90.60 -30.31
CA THR I 157 21.93 -90.21 -29.45
C THR I 157 23.10 -89.77 -30.32
N ASN I 158 23.55 -88.54 -30.12
CA ASN I 158 24.65 -87.95 -30.86
C ASN I 158 25.78 -87.60 -29.89
N SER I 159 26.81 -86.94 -30.41
CA SER I 159 27.95 -86.58 -29.58
C SER I 159 27.56 -85.57 -28.50
N MET I 160 26.62 -84.69 -28.80
CA MET I 160 26.23 -83.63 -27.88
C MET I 160 24.77 -83.82 -27.47
N VAL I 161 24.49 -83.64 -26.19
CA VAL I 161 23.13 -83.77 -25.66
C VAL I 161 22.99 -82.86 -24.46
N THR I 162 21.80 -82.27 -24.30
CA THR I 162 21.53 -81.39 -23.18
C THR I 162 21.18 -82.21 -21.94
N LEU I 163 21.05 -81.50 -20.81
CA LEU I 163 20.62 -82.08 -19.55
C LEU I 163 19.26 -81.49 -19.16
N GLY I 164 18.72 -81.99 -18.05
CA GLY I 164 17.43 -81.51 -17.58
C GLY I 164 17.33 -81.45 -16.07
N CYS I 165 17.01 -80.27 -15.55
CA CYS I 165 16.80 -80.09 -14.12
C CYS I 165 15.67 -79.09 -13.92
N LEU I 166 14.66 -79.48 -13.14
CA LEU I 166 13.46 -78.69 -12.91
C LEU I 166 13.23 -78.47 -11.43
N VAL I 167 12.75 -77.28 -11.08
CA VAL I 167 12.30 -76.96 -9.73
C VAL I 167 10.95 -76.26 -9.85
N LYS I 168 9.99 -76.67 -9.03
CA LYS I 168 8.66 -76.08 -9.09
C LYS I 168 7.99 -76.23 -7.73
N GLY I 169 6.89 -75.50 -7.56
CA GLY I 169 6.13 -75.54 -6.34
C GLY I 169 6.89 -74.99 -5.14
N TYR I 170 7.55 -73.85 -5.34
CA TYR I 170 8.30 -73.21 -4.27
C TYR I 170 7.89 -71.74 -4.17
N PHE I 171 8.11 -71.18 -2.99
CA PHE I 171 7.77 -69.79 -2.73
C PHE I 171 8.36 -69.38 -1.38
N PRO I 172 8.94 -68.17 -1.27
CA PRO I 172 9.20 -67.16 -2.29
C PRO I 172 10.60 -67.26 -2.87
N GLU I 173 11.01 -66.28 -3.67
CA GLU I 173 12.35 -66.25 -4.22
C GLU I 173 13.36 -65.92 -3.13
N PRO I 174 14.65 -66.19 -3.38
CA PRO I 174 15.22 -66.82 -4.57
C PRO I 174 15.61 -68.29 -4.34
N VAL I 175 15.89 -69.00 -5.43
CA VAL I 175 16.36 -70.37 -5.38
C VAL I 175 17.62 -70.47 -6.23
N THR I 176 18.69 -71.03 -5.67
CA THR I 176 19.97 -71.17 -6.35
C THR I 176 20.16 -72.62 -6.78
N VAL I 177 20.50 -72.81 -8.05
CA VAL I 177 20.75 -74.13 -8.61
C VAL I 177 22.17 -74.19 -9.11
N THR I 178 22.93 -75.18 -8.65
CA THR I 178 24.32 -75.34 -9.04
C THR I 178 24.65 -76.82 -9.07
N TRP I 179 25.81 -77.14 -9.63
CA TRP I 179 26.26 -78.51 -9.76
C TRP I 179 27.12 -78.89 -8.55
N ASN I 180 27.64 -80.11 -8.55
CA ASN I 180 28.36 -80.63 -7.40
C ASN I 180 29.67 -79.86 -7.26
N SER I 181 29.68 -78.90 -6.33
CA SER I 181 30.84 -78.03 -6.11
C SER I 181 31.28 -77.39 -7.42
N GLY I 182 30.32 -76.97 -8.22
CA GLY I 182 30.63 -76.38 -9.51
C GLY I 182 31.39 -77.31 -10.43
N SER I 183 30.93 -78.56 -10.54
CA SER I 183 31.64 -79.52 -11.38
C SER I 183 31.67 -79.06 -12.83
N LEU I 184 30.54 -78.55 -13.33
CA LEU I 184 30.43 -78.06 -14.71
C LEU I 184 29.65 -76.76 -14.66
N SER I 185 30.36 -75.64 -14.56
CA SER I 185 29.71 -74.35 -14.41
C SER I 185 29.33 -73.76 -15.76
N SER I 186 30.29 -73.65 -16.68
CA SER I 186 30.03 -73.04 -17.97
C SER I 186 29.16 -73.94 -18.84
N GLY I 187 28.50 -73.33 -19.82
CA GLY I 187 27.64 -74.04 -20.73
C GLY I 187 26.22 -74.27 -20.24
N VAL I 188 25.83 -73.63 -19.14
CA VAL I 188 24.49 -73.80 -18.58
C VAL I 188 23.66 -72.58 -18.95
N HIS I 189 22.34 -72.81 -19.09
CA HIS I 189 21.37 -71.75 -19.39
C HIS I 189 20.24 -71.87 -18.37
N THR I 190 20.41 -71.22 -17.23
CA THR I 190 19.36 -71.15 -16.23
C THR I 190 18.33 -70.12 -16.64
N PHE I 191 17.06 -70.45 -16.44
CA PHE I 191 15.98 -69.59 -16.89
C PHE I 191 15.28 -68.92 -15.70
N PRO I 192 14.70 -67.75 -15.90
CA PRO I 192 14.01 -67.08 -14.79
C PRO I 192 12.77 -67.84 -14.35
N ALA I 193 12.42 -67.68 -13.08
CA ALA I 193 11.25 -68.34 -12.53
C ALA I 193 9.98 -67.75 -13.11
N VAL I 194 8.91 -68.54 -13.08
CA VAL I 194 7.62 -68.14 -13.63
C VAL I 194 6.52 -68.75 -12.78
N LEU I 195 5.37 -68.07 -12.74
CA LEU I 195 4.23 -68.53 -11.96
C LEU I 195 3.28 -69.32 -12.84
N GLN I 196 2.89 -70.51 -12.38
CA GLN I 196 1.85 -71.26 -13.08
C GLN I 196 0.49 -70.73 -12.66
N SER I 197 0.15 -70.86 -11.38
CA SER I 197 -1.04 -70.24 -10.82
C SER I 197 -0.77 -69.55 -9.50
N ASP I 198 0.00 -70.17 -8.61
CA ASP I 198 0.32 -69.59 -7.30
C ASP I 198 1.77 -69.72 -6.89
N LEU I 199 2.57 -70.54 -7.56
CA LEU I 199 3.92 -70.84 -7.13
C LEU I 199 4.88 -70.72 -8.32
N TYR I 200 6.14 -70.46 -8.01
CA TYR I 200 7.17 -70.28 -9.01
C TYR I 200 7.83 -71.61 -9.36
N THR I 201 8.70 -71.57 -10.36
CA THR I 201 9.45 -72.74 -10.79
C THR I 201 10.80 -72.27 -11.34
N LEU I 202 11.49 -73.17 -12.03
CA LEU I 202 12.80 -72.85 -12.60
C LEU I 202 13.22 -74.00 -13.51
N SER I 203 14.02 -73.67 -14.51
CA SER I 203 14.53 -74.66 -15.46
C SER I 203 16.00 -74.37 -15.73
N SER I 204 16.74 -75.42 -16.09
CA SER I 204 18.15 -75.28 -16.39
C SER I 204 18.61 -76.50 -17.17
N SER I 205 19.16 -76.28 -18.36
CA SER I 205 19.68 -77.34 -19.21
C SER I 205 21.13 -77.03 -19.54
N VAL I 206 21.98 -78.06 -19.47
CA VAL I 206 23.41 -77.92 -19.74
C VAL I 206 23.83 -79.05 -20.66
N THR I 207 24.77 -78.76 -21.55
CA THR I 207 25.24 -79.72 -22.55
C THR I 207 26.52 -80.37 -22.06
N VAL I 208 26.57 -81.70 -22.13
CA VAL I 208 27.77 -82.46 -21.79
C VAL I 208 28.01 -83.48 -22.89
N PRO I 209 29.26 -83.86 -23.15
CA PRO I 209 29.51 -84.84 -24.22
C PRO I 209 28.81 -86.16 -23.94
N SER I 210 28.32 -86.80 -25.00
CA SER I 210 27.64 -88.08 -24.83
C SER I 210 28.57 -89.15 -24.28
N SER I 211 29.87 -89.01 -24.52
CA SER I 211 30.84 -89.93 -23.93
C SER I 211 31.07 -89.66 -22.45
N THR I 212 30.61 -88.52 -21.94
CA THR I 212 30.79 -88.16 -20.54
C THR I 212 29.52 -88.27 -19.72
N TRP I 213 28.35 -88.12 -20.34
CA TRP I 213 27.10 -88.18 -19.59
C TRP I 213 26.90 -89.51 -18.89
N PRO I 214 27.06 -90.67 -19.55
CA PRO I 214 26.87 -91.94 -18.84
C PRO I 214 28.05 -92.31 -17.96
N SER I 215 29.25 -91.88 -18.36
CA SER I 215 30.45 -92.19 -17.60
C SER I 215 30.56 -91.30 -16.37
N GLU I 216 30.67 -89.99 -16.59
CA GLU I 216 30.77 -89.05 -15.48
C GLU I 216 29.40 -88.82 -14.87
N THR I 217 29.39 -88.42 -13.60
CA THR I 217 28.17 -88.18 -12.85
C THR I 217 27.89 -86.68 -12.81
N VAL I 218 26.68 -86.31 -13.24
CA VAL I 218 26.25 -84.92 -13.28
C VAL I 218 24.97 -84.79 -12.47
N THR I 219 24.93 -83.82 -11.57
CA THR I 219 23.77 -83.58 -10.72
C THR I 219 23.61 -82.08 -10.51
N CYS I 220 22.36 -81.67 -10.32
CA CYS I 220 22.01 -80.26 -10.10
C CYS I 220 21.55 -80.08 -8.66
N ASN I 221 22.03 -79.02 -8.02
CA ASN I 221 21.68 -78.71 -6.65
C ASN I 221 20.50 -77.75 -6.60
N VAL I 222 19.91 -77.63 -5.42
CA VAL I 222 18.85 -76.66 -5.15
C VAL I 222 19.06 -76.09 -3.75
N ALA I 223 18.88 -74.78 -3.62
CA ALA I 223 19.03 -74.10 -2.34
C ALA I 223 17.90 -73.11 -2.17
N HIS I 224 17.25 -73.15 -1.01
CA HIS I 224 16.13 -72.26 -0.69
C HIS I 224 16.41 -71.63 0.67
N PRO I 225 17.23 -70.58 0.71
CA PRO I 225 17.54 -69.96 2.00
C PRO I 225 16.30 -69.49 2.75
N ALA I 226 15.28 -69.01 2.04
CA ALA I 226 14.06 -68.59 2.70
C ALA I 226 13.40 -69.76 3.43
N SER I 227 13.36 -70.93 2.78
CA SER I 227 12.80 -72.13 3.37
C SER I 227 13.84 -72.98 4.08
N SER I 228 15.11 -72.57 4.06
CA SER I 228 16.19 -73.32 4.70
C SER I 228 16.19 -74.77 4.22
N THR I 229 16.15 -74.93 2.90
CA THR I 229 16.07 -76.24 2.27
C THR I 229 17.21 -76.40 1.26
N LYS I 230 17.73 -77.62 1.19
CA LYS I 230 18.77 -77.96 0.22
C LYS I 230 18.53 -79.40 -0.24
N VAL I 231 18.54 -79.61 -1.55
CA VAL I 231 18.22 -80.90 -2.13
C VAL I 231 19.31 -81.28 -3.14
N ASP I 232 19.47 -82.58 -3.35
CA ASP I 232 20.47 -83.10 -4.29
C ASP I 232 19.92 -84.37 -4.90
N LYS I 233 19.33 -84.27 -6.09
CA LYS I 233 18.78 -85.41 -6.81
C LYS I 233 19.56 -85.59 -8.11
N LYS I 234 20.27 -86.71 -8.21
CA LYS I 234 21.03 -87.02 -9.41
C LYS I 234 20.09 -87.48 -10.52
N ILE I 235 20.54 -87.30 -11.76
CA ILE I 235 19.82 -87.75 -12.94
C ILE I 235 20.58 -88.92 -13.55
N VAL I 236 19.85 -89.96 -13.92
CA VAL I 236 20.46 -91.19 -14.44
C VAL I 236 19.85 -91.51 -15.80
N PRO I 237 20.55 -92.24 -16.67
CA PRO I 237 19.98 -92.56 -17.98
C PRO I 237 18.69 -93.36 -17.86
N ARG I 238 17.80 -93.15 -18.81
CA ARG I 238 16.52 -93.87 -18.85
C ARG I 238 16.76 -95.34 -19.13
N ASP J 20 -31.91 22.33 29.49
CA ASP J 20 -31.13 21.99 30.71
C ASP J 20 -31.95 21.13 31.66
N VAL J 21 -31.28 20.17 32.31
CA VAL J 21 -31.97 19.31 33.27
C VAL J 21 -32.55 20.16 34.39
N LEU J 22 -33.79 19.88 34.75
CA LEU J 22 -34.50 20.60 35.81
C LEU J 22 -34.62 19.72 37.03
N MET J 23 -34.23 20.27 38.19
CA MET J 23 -34.33 19.57 39.46
C MET J 23 -35.48 20.18 40.25
N THR J 24 -36.43 19.34 40.66
CA THR J 24 -37.61 19.78 41.40
C THR J 24 -37.51 19.29 42.83
N GLN J 25 -37.76 20.19 43.78
CA GLN J 25 -37.68 19.89 45.20
C GLN J 25 -39.06 19.98 45.83
N THR J 26 -39.36 19.05 46.73
CA THR J 26 -40.61 19.04 47.47
C THR J 26 -40.34 18.54 48.87
N PRO J 27 -40.96 19.14 49.90
CA PRO J 27 -41.88 20.28 49.85
C PRO J 27 -41.15 21.61 49.79
N LEU J 28 -41.85 22.67 49.37
CA LEU J 28 -41.24 24.00 49.38
C LEU J 28 -40.89 24.45 50.78
N SER J 29 -41.68 24.03 51.78
CA SER J 29 -41.37 24.28 53.18
C SER J 29 -41.61 23.00 53.95
N LEU J 30 -40.91 22.84 55.07
CA LEU J 30 -40.97 21.62 55.87
C LEU J 30 -40.86 21.96 57.34
N PRO J 31 -41.97 22.27 58.00
CA PRO J 31 -41.94 22.50 59.45
C PRO J 31 -41.76 21.18 60.20
N VAL J 32 -40.69 21.11 61.00
CA VAL J 32 -40.43 19.93 61.83
C VAL J 32 -39.69 20.37 63.07
N SER J 33 -40.22 20.02 64.24
CA SER J 33 -39.63 20.45 65.50
C SER J 33 -38.32 19.72 65.75
N LEU J 34 -37.62 20.14 66.80
CA LEU J 34 -36.34 19.54 67.15
C LEU J 34 -36.53 18.06 67.48
N GLY J 35 -35.55 17.25 67.08
CA GLY J 35 -35.59 15.83 67.35
C GLY J 35 -36.44 15.01 66.42
N ASP J 36 -37.06 15.63 65.42
CA ASP J 36 -37.95 14.95 64.49
C ASP J 36 -37.24 14.76 63.16
N GLN J 37 -37.34 13.56 62.59
CA GLN J 37 -36.71 13.28 61.31
C GLN J 37 -37.35 14.13 60.22
N ALA J 38 -36.51 14.54 59.26
CA ALA J 38 -36.94 15.34 58.11
C ALA J 38 -36.57 14.61 56.83
N SER J 39 -37.45 14.69 55.84
CA SER J 39 -37.25 14.03 54.55
C SER J 39 -37.56 15.04 53.44
N ILE J 40 -36.58 15.33 52.60
CA ILE J 40 -36.72 16.23 51.47
C ILE J 40 -36.50 15.43 50.20
N SER J 41 -37.49 15.46 49.31
CA SER J 41 -37.44 14.70 48.07
C SER J 41 -36.92 15.59 46.93
N CYS J 42 -36.19 14.99 46.00
CA CYS J 42 -35.58 15.71 44.89
C CYS J 42 -35.72 14.87 43.64
N ARG J 43 -36.25 15.47 42.57
CA ARG J 43 -36.53 14.76 41.34
C ARG J 43 -35.98 15.54 40.16
N SER J 44 -35.67 14.82 39.09
CA SER J 44 -35.05 15.40 37.90
C SER J 44 -35.88 15.09 36.67
N SER J 45 -35.89 16.06 35.74
CA SER J 45 -36.62 15.87 34.48
C SER J 45 -36.06 14.68 33.70
N GLN J 46 -34.74 14.58 33.63
CA GLN J 46 -34.06 13.51 32.93
C GLN J 46 -33.17 12.74 33.89
N SER J 47 -32.92 11.47 33.58
CA SER J 47 -32.07 10.65 34.42
C SER J 47 -30.68 11.26 34.52
N ILE J 48 -30.11 11.22 35.73
CA ILE J 48 -28.80 11.84 35.98
C ILE J 48 -27.81 10.78 36.44
N VAL J 49 -27.97 9.56 35.94
CA VAL J 49 -27.01 8.49 36.22
C VAL J 49 -25.88 8.58 35.21
N HIS J 50 -24.66 8.30 35.68
CA HIS J 50 -23.47 8.41 34.85
C HIS J 50 -22.92 7.04 34.49
N SER J 51 -22.20 7.00 33.37
CA SER J 51 -21.72 5.73 32.83
C SER J 51 -20.74 5.05 33.78
N ASN J 52 -19.86 5.82 34.42
CA ASN J 52 -18.82 5.22 35.24
C ASN J 52 -19.40 4.35 36.35
N GLY J 53 -20.61 4.65 36.79
CA GLY J 53 -21.25 3.90 37.86
C GLY J 53 -21.60 4.77 39.05
N ASN J 54 -21.54 6.09 38.86
CA ASN J 54 -21.83 7.04 39.92
C ASN J 54 -22.93 7.99 39.46
N THR J 55 -23.70 8.47 40.43
CA THR J 55 -24.69 9.52 40.22
C THR J 55 -24.22 10.76 40.97
N TYR J 56 -24.10 11.88 40.26
CA TYR J 56 -23.52 13.09 40.81
C TYR J 56 -24.64 14.05 41.22
N LEU J 57 -25.17 13.81 42.41
CA LEU J 57 -26.14 14.70 43.03
C LEU J 57 -25.58 15.17 44.37
N GLU J 58 -25.66 16.47 44.62
CA GLU J 58 -25.06 17.08 45.79
C GLU J 58 -26.10 17.90 46.55
N TRP J 59 -25.89 18.01 47.85
CA TRP J 59 -26.78 18.76 48.75
C TRP J 59 -26.00 19.87 49.42
N TYR J 60 -26.59 21.06 49.45
CA TYR J 60 -25.95 22.24 50.00
C TYR J 60 -26.87 22.93 50.99
N LEU J 61 -26.28 23.43 52.06
CA LEU J 61 -26.99 24.21 53.08
C LEU J 61 -26.46 25.63 53.07
N GLN J 62 -27.35 26.59 52.90
CA GLN J 62 -26.99 28.01 52.98
C GLN J 62 -27.76 28.61 54.16
N LYS J 63 -27.07 28.72 55.29
CA LYS J 63 -27.67 29.37 56.44
C LYS J 63 -27.86 30.86 56.15
N PRO J 64 -28.85 31.49 56.77
CA PRO J 64 -29.11 32.91 56.48
C PRO J 64 -27.88 33.77 56.74
N GLY J 65 -27.46 34.49 55.71
CA GLY J 65 -26.34 35.41 55.84
C GLY J 65 -24.97 34.81 55.66
N GLN J 66 -24.89 33.59 55.14
CA GLN J 66 -23.59 32.95 54.90
C GLN J 66 -23.62 32.25 53.55
N SER J 67 -22.43 31.98 53.03
CA SER J 67 -22.30 31.28 51.77
C SER J 67 -22.70 29.82 51.92
N PRO J 68 -23.09 29.16 50.83
CA PRO J 68 -23.55 27.77 50.94
C PRO J 68 -22.44 26.85 51.44
N LYS J 69 -22.85 25.79 52.11
CA LYS J 69 -21.94 24.75 52.59
C LYS J 69 -22.30 23.43 51.96
N LEU J 70 -21.28 22.58 51.76
CA LEU J 70 -21.47 21.27 51.16
C LEU J 70 -21.80 20.25 52.25
N LEU J 71 -22.84 19.45 52.01
CA LEU J 71 -23.25 18.40 52.92
C LEU J 71 -23.08 17.02 52.33
N ILE J 72 -23.65 16.78 51.15
CA ILE J 72 -23.67 15.45 50.53
C ILE J 72 -23.21 15.58 49.09
N TYR J 73 -22.33 14.67 48.67
CA TYR J 73 -21.97 14.52 47.27
C TYR J 73 -21.89 13.03 46.98
N LYS J 74 -22.35 12.62 45.80
CA LYS J 74 -22.41 11.19 45.47
C LYS J 74 -23.17 10.45 46.58
N VAL J 75 -24.47 10.70 46.60
CA VAL J 75 -25.31 10.59 47.80
C VAL J 75 -24.89 9.43 48.69
N SER J 76 -24.56 8.28 48.08
CA SER J 76 -24.07 7.16 48.87
C SER J 76 -22.94 7.56 49.80
N ASN J 77 -22.18 8.60 49.46
CA ASN J 77 -21.09 9.08 50.28
C ASN J 77 -21.51 10.34 51.04
N ARG J 78 -20.59 10.85 51.86
CA ARG J 78 -20.85 12.02 52.69
C ARG J 78 -19.56 12.82 52.84
N PHE J 79 -19.71 14.15 52.85
CA PHE J 79 -18.57 15.03 52.99
C PHE J 79 -17.98 14.94 54.40
N SER J 80 -16.70 15.24 54.51
CA SER J 80 -16.04 15.25 55.81
C SER J 80 -16.41 16.50 56.59
N GLY J 81 -16.43 16.37 57.91
CA GLY J 81 -16.71 17.48 58.79
C GLY J 81 -18.17 17.74 59.06
N VAL J 82 -19.08 16.96 58.48
CA VAL J 82 -20.51 17.15 58.67
C VAL J 82 -21.02 16.06 59.62
N PRO J 83 -22.10 16.30 60.37
CA PRO J 83 -22.61 15.27 61.26
C PRO J 83 -23.10 14.04 60.49
N ASP J 84 -23.24 12.94 61.23
CA ASP J 84 -23.65 11.67 60.64
C ASP J 84 -25.15 11.55 60.48
N ARG J 85 -25.94 12.47 61.05
CA ARG J 85 -27.38 12.37 60.93
C ARG J 85 -27.86 12.53 59.49
N PHE J 86 -27.09 13.20 58.64
CA PHE J 86 -27.46 13.38 57.25
C PHE J 86 -27.24 12.08 56.48
N SER J 87 -28.18 11.80 55.57
CA SER J 87 -28.07 10.62 54.72
C SER J 87 -28.96 10.82 53.50
N GLY J 88 -28.49 10.30 52.37
CA GLY J 88 -29.22 10.44 51.12
C GLY J 88 -29.27 9.13 50.35
N SER J 89 -30.25 9.06 49.46
CA SER J 89 -30.43 7.88 48.62
C SER J 89 -31.33 8.27 47.45
N GLY J 90 -31.36 7.40 46.46
CA GLY J 90 -32.17 7.66 45.28
C GLY J 90 -31.79 6.72 44.15
N SER J 91 -32.37 7.02 42.98
CA SER J 91 -32.14 6.24 41.78
C SER J 91 -32.06 7.20 40.60
N GLY J 92 -32.13 6.65 39.39
CA GLY J 92 -31.96 7.42 38.18
C GLY J 92 -32.71 8.74 38.13
N THR J 93 -33.88 8.81 38.78
CA THR J 93 -34.71 10.02 38.71
C THR J 93 -35.21 10.50 40.06
N ASP J 94 -35.24 9.66 41.10
CA ASP J 94 -35.78 10.04 42.40
C ASP J 94 -34.66 10.04 43.42
N PHE J 95 -34.59 11.11 44.21
CA PHE J 95 -33.61 11.25 45.27
C PHE J 95 -34.26 11.85 46.50
N THR J 96 -33.66 11.60 47.66
CA THR J 96 -34.18 12.11 48.91
C THR J 96 -33.04 12.31 49.90
N LEU J 97 -33.19 13.31 50.76
CA LEU J 97 -32.24 13.61 51.83
C LEU J 97 -32.93 13.43 53.17
N LYS J 98 -32.27 12.73 54.09
CA LYS J 98 -32.83 12.41 55.39
C LYS J 98 -31.96 13.01 56.48
N ILE J 99 -32.61 13.68 57.44
CA ILE J 99 -31.94 14.22 58.61
C ILE J 99 -32.51 13.49 59.82
N SER J 100 -31.65 12.82 60.58
CA SER J 100 -32.11 11.99 61.69
C SER J 100 -32.66 12.86 62.81
N ARG J 101 -31.82 13.75 63.36
CA ARG J 101 -32.18 14.58 64.49
C ARG J 101 -31.91 16.04 64.12
N VAL J 102 -32.98 16.78 63.82
CA VAL J 102 -32.84 18.19 63.47
C VAL J 102 -32.51 18.99 64.72
N GLU J 103 -31.54 19.89 64.62
CA GLU J 103 -31.05 20.66 65.74
C GLU J 103 -31.01 22.13 65.35
N ALA J 104 -30.93 22.99 66.36
CA ALA J 104 -31.00 24.44 66.13
C ALA J 104 -29.98 24.92 65.11
N GLU J 105 -28.84 24.23 64.98
CA GLU J 105 -27.80 24.61 64.04
C GLU J 105 -27.96 23.93 62.68
N ASP J 106 -29.20 23.58 62.30
CA ASP J 106 -29.47 22.97 61.02
C ASP J 106 -30.52 23.72 60.21
N LEU J 107 -31.13 24.76 60.77
CA LEU J 107 -32.14 25.52 60.04
C LEU J 107 -31.50 26.27 58.88
N GLY J 108 -32.21 26.30 57.76
CA GLY J 108 -31.69 26.95 56.56
C GLY J 108 -32.44 26.45 55.34
N VAL J 109 -31.76 26.54 54.20
CA VAL J 109 -32.31 26.12 52.92
C VAL J 109 -31.40 25.04 52.33
N TYR J 110 -32.02 23.96 51.87
CA TYR J 110 -31.29 22.86 51.26
C TYR J 110 -31.53 22.87 49.75
N TYR J 111 -30.44 22.72 48.99
CA TYR J 111 -30.48 22.83 47.54
C TYR J 111 -29.99 21.55 46.90
N CYS J 112 -30.57 21.22 45.75
CA CYS J 112 -30.11 20.11 44.93
C CYS J 112 -29.12 20.63 43.90
N PHE J 113 -28.25 19.73 43.43
CA PHE J 113 -27.27 20.07 42.41
C PHE J 113 -26.86 18.81 41.69
N GLN J 114 -27.05 18.77 40.37
CA GLN J 114 -26.69 17.63 39.55
C GLN J 114 -25.44 17.97 38.75
N GLY J 115 -24.43 17.10 38.85
CA GLY J 115 -23.19 17.30 38.13
C GLY J 115 -22.95 16.22 37.10
N SER J 116 -24.01 15.81 36.40
CA SER J 116 -23.94 14.71 35.44
C SER J 116 -24.11 15.16 33.99
N HIS J 117 -25.04 16.06 33.70
CA HIS J 117 -25.30 16.51 32.35
C HIS J 117 -25.01 18.00 32.24
N VAL J 118 -24.16 18.36 31.30
CA VAL J 118 -23.84 19.78 31.09
C VAL J 118 -25.02 20.44 30.40
N PRO J 119 -25.46 21.64 30.83
CA PRO J 119 -24.94 22.41 31.95
C PRO J 119 -25.44 21.89 33.29
N TRP J 120 -24.69 22.16 34.36
CA TRP J 120 -25.06 21.71 35.70
C TRP J 120 -25.95 22.77 36.35
N THR J 121 -27.07 22.33 36.91
CA THR J 121 -28.09 23.22 37.43
C THR J 121 -28.35 22.93 38.90
N PHE J 122 -28.83 23.96 39.60
CA PHE J 122 -29.12 23.86 41.02
C PHE J 122 -30.57 23.46 41.25
N GLY J 123 -30.89 23.12 42.50
CA GLY J 123 -32.24 22.80 42.87
C GLY J 123 -33.07 24.04 43.13
N GLY J 124 -34.37 23.82 43.31
CA GLY J 124 -35.29 24.92 43.55
C GLY J 124 -35.22 25.48 44.97
N GLY J 125 -34.70 24.70 45.91
CA GLY J 125 -34.62 25.12 47.29
C GLY J 125 -35.75 24.55 48.12
N THR J 126 -35.45 24.30 49.40
CA THR J 126 -36.43 23.74 50.33
C THR J 126 -36.11 24.29 51.72
N LYS J 127 -36.82 25.35 52.12
CA LYS J 127 -36.59 25.95 53.43
C LYS J 127 -36.98 24.98 54.54
N LEU J 128 -36.19 24.99 55.62
CA LEU J 128 -36.44 24.15 56.78
C LEU J 128 -36.84 25.03 57.96
N GLU J 129 -37.89 24.63 58.66
CA GLU J 129 -38.43 25.40 59.77
C GLU J 129 -38.84 24.44 60.87
N ILE J 130 -38.85 24.94 62.11
CA ILE J 130 -39.13 24.13 63.29
C ILE J 130 -40.50 24.53 63.83
N LYS J 131 -41.40 23.54 63.94
CA LYS J 131 -42.78 23.78 64.29
C LYS J 131 -42.99 23.63 65.80
N ARG J 132 -44.10 24.18 66.27
CA ARG J 132 -44.47 24.12 67.69
C ARG J 132 -45.92 24.57 67.81
N ALA J 133 -46.39 24.70 69.05
CA ALA J 133 -47.75 25.16 69.29
C ALA J 133 -47.97 26.54 68.68
N ASP J 134 -49.11 26.72 68.03
CA ASP J 134 -49.42 27.98 67.38
C ASP J 134 -49.48 29.09 68.40
N ALA J 135 -48.83 30.22 68.09
CA ALA J 135 -48.78 31.38 68.97
C ALA J 135 -49.70 32.47 68.44
N ALA J 136 -50.55 32.98 69.31
CA ALA J 136 -51.50 34.00 68.89
C ALA J 136 -50.76 35.27 68.47
N PRO J 137 -51.23 35.96 67.43
CA PRO J 137 -50.56 37.18 67.00
C PRO J 137 -50.68 38.30 68.03
N THR J 138 -49.66 39.15 68.08
CA THR J 138 -49.67 40.36 68.89
C THR J 138 -49.75 41.53 67.90
N VAL J 139 -50.98 41.87 67.51
CA VAL J 139 -51.21 42.88 66.49
C VAL J 139 -51.10 44.27 67.11
N SER J 140 -50.70 45.23 66.29
CA SER J 140 -50.58 46.61 66.73
C SER J 140 -50.62 47.52 65.51
N ILE J 141 -51.17 48.72 65.70
CA ILE J 141 -51.27 49.73 64.65
C ILE J 141 -50.73 51.05 65.21
N PHE J 142 -49.89 51.71 64.40
CA PHE J 142 -49.26 52.96 64.81
C PHE J 142 -49.55 54.02 63.76
N PRO J 143 -50.22 55.12 64.09
CA PRO J 143 -50.45 56.19 63.11
C PRO J 143 -49.18 56.98 62.87
N PRO J 144 -49.19 57.90 61.89
CA PRO J 144 -48.01 58.75 61.67
C PRO J 144 -47.74 59.69 62.82
N SER J 145 -46.72 60.54 62.69
CA SER J 145 -46.33 61.49 63.72
C SER J 145 -46.13 62.87 63.11
N SER J 146 -45.64 63.80 63.93
CA SER J 146 -45.63 65.21 63.55
C SER J 146 -44.62 65.50 62.45
N GLU J 147 -43.40 64.98 62.57
CA GLU J 147 -42.38 65.29 61.58
C GLU J 147 -42.80 64.80 60.20
N GLN J 148 -43.62 63.74 60.14
CA GLN J 148 -44.19 63.32 58.87
C GLN J 148 -45.12 64.39 58.32
N LEU J 149 -45.92 65.01 59.17
CA LEU J 149 -46.77 66.12 58.74
C LEU J 149 -45.91 67.27 58.21
N THR J 150 -44.82 67.59 58.91
CA THR J 150 -43.94 68.65 58.46
C THR J 150 -43.34 68.32 57.09
N SER J 151 -42.92 67.07 56.90
CA SER J 151 -42.37 66.67 55.61
C SER J 151 -43.43 66.77 54.51
N GLY J 152 -44.66 66.36 54.82
CA GLY J 152 -45.74 66.40 53.85
C GLY J 152 -46.15 65.03 53.36
N GLY J 153 -46.13 64.05 54.25
CA GLY J 153 -46.53 62.70 53.91
C GLY J 153 -47.37 62.05 55.00
N ALA J 154 -47.42 60.72 55.00
CA ALA J 154 -48.18 60.00 56.02
C ALA J 154 -47.59 58.59 56.11
N SER J 155 -47.03 58.26 57.28
CA SER J 155 -46.42 56.96 57.52
C SER J 155 -47.33 56.18 58.47
N VAL J 156 -48.13 55.27 57.91
CA VAL J 156 -49.00 54.39 58.67
C VAL J 156 -48.36 53.00 58.69
N VAL J 157 -48.01 52.53 59.87
CA VAL J 157 -47.31 51.25 60.03
C VAL J 157 -48.18 50.32 60.86
N CYS J 158 -48.41 49.12 60.35
CA CYS J 158 -49.18 48.09 61.03
C CYS J 158 -48.23 46.98 61.45
N PHE J 159 -48.18 46.71 62.75
CA PHE J 159 -47.24 45.75 63.31
C PHE J 159 -47.98 44.48 63.72
N LEU J 160 -47.45 43.34 63.30
CA LEU J 160 -47.97 42.02 63.68
C LEU J 160 -46.77 41.19 64.13
N ASN J 161 -46.60 41.06 65.44
CA ASN J 161 -45.45 40.38 66.01
C ASN J 161 -45.88 39.10 66.72
N ASN J 162 -44.99 38.12 66.71
CA ASN J 162 -45.19 36.84 67.39
C ASN J 162 -46.46 36.14 66.90
N PHE J 163 -46.45 35.78 65.61
CA PHE J 163 -47.50 34.96 65.03
C PHE J 163 -46.86 33.80 64.28
N TYR J 164 -47.62 32.71 64.15
CA TYR J 164 -47.15 31.51 63.49
C TYR J 164 -48.35 30.62 63.17
N PRO J 165 -48.40 29.97 61.99
CA PRO J 165 -47.44 29.96 60.87
C PRO J 165 -47.66 31.11 59.89
N LYS J 166 -47.16 30.96 58.65
CA LYS J 166 -47.28 31.99 57.63
C LYS J 166 -48.71 32.24 57.18
N ASP J 167 -49.71 31.56 57.78
CA ASP J 167 -51.10 31.78 57.42
C ASP J 167 -51.52 33.15 57.96
N ILE J 168 -51.03 34.19 57.29
CA ILE J 168 -51.28 35.57 57.68
C ILE J 168 -51.63 36.36 56.42
N ASN J 169 -52.69 37.17 56.51
CA ASN J 169 -53.11 38.03 55.42
C ASN J 169 -53.43 39.41 55.99
N VAL J 170 -53.08 40.44 55.22
CA VAL J 170 -53.29 41.83 55.62
C VAL J 170 -54.24 42.48 54.63
N LYS J 171 -55.30 43.09 55.14
CA LYS J 171 -56.30 43.76 54.32
C LYS J 171 -56.49 45.17 54.87
N TRP J 172 -56.38 46.16 53.98
CA TRP J 172 -56.49 47.57 54.34
C TRP J 172 -57.83 48.11 53.85
N LYS J 173 -58.74 48.37 54.80
CA LYS J 173 -60.03 48.98 54.51
C LYS J 173 -60.06 50.37 55.13
N ILE J 174 -60.23 51.39 54.28
CA ILE J 174 -60.26 52.77 54.72
C ILE J 174 -61.70 53.27 54.61
N ASP J 175 -62.24 53.79 55.72
CA ASP J 175 -63.57 54.37 55.80
C ASP J 175 -64.58 53.60 54.93
N GLY J 176 -64.57 52.28 55.07
CA GLY J 176 -65.48 51.41 54.37
C GLY J 176 -65.07 51.05 52.96
N SER J 177 -63.93 51.56 52.48
CA SER J 177 -63.43 51.26 51.15
C SER J 177 -62.11 50.50 51.27
N GLU J 178 -62.00 49.38 50.55
CA GLU J 178 -60.81 48.56 50.59
C GLU J 178 -59.74 49.20 49.71
N ARG J 179 -58.66 49.66 50.33
CA ARG J 179 -57.55 50.29 49.63
C ARG J 179 -56.43 49.28 49.47
N GLN J 180 -55.99 49.09 48.23
CA GLN J 180 -54.92 48.14 47.92
C GLN J 180 -53.74 48.76 47.21
N ASN J 181 -53.95 49.78 46.38
CA ASN J 181 -52.83 50.41 45.68
C ASN J 181 -51.88 51.07 46.67
N GLY J 182 -50.59 50.95 46.40
CA GLY J 182 -49.59 51.52 47.28
C GLY J 182 -49.47 50.86 48.64
N VAL J 183 -50.03 49.67 48.81
CA VAL J 183 -49.98 48.97 50.08
C VAL J 183 -48.63 48.25 50.18
N LEU J 184 -47.87 48.58 51.22
CA LEU J 184 -46.57 47.95 51.43
C LEU J 184 -46.71 46.62 52.14
N ASN J 185 -45.93 45.64 51.69
CA ASN J 185 -45.87 44.32 52.33
C ASN J 185 -44.42 44.03 52.69
N SER J 186 -44.19 43.64 53.94
CA SER J 186 -42.84 43.34 54.40
C SER J 186 -42.94 42.46 55.63
N TRP J 187 -42.33 41.27 55.57
CA TRP J 187 -42.34 40.33 56.67
C TRP J 187 -40.91 39.92 57.01
N THR J 188 -40.69 39.60 58.28
CA THR J 188 -39.37 39.26 58.79
C THR J 188 -39.22 37.75 58.87
N ASP J 189 -37.99 37.28 58.62
CA ASP J 189 -37.71 35.86 58.67
C ASP J 189 -37.91 35.31 60.08
N GLN J 190 -37.83 33.99 60.19
CA GLN J 190 -38.03 33.34 61.47
C GLN J 190 -36.98 33.79 62.47
N ASP J 191 -37.41 34.01 63.71
CA ASP J 191 -36.51 34.40 64.79
C ASP J 191 -35.91 33.15 65.44
N SER J 192 -35.11 33.36 66.49
CA SER J 192 -34.43 32.28 67.18
C SER J 192 -34.95 32.06 68.59
N LYS J 193 -35.08 33.12 69.38
CA LYS J 193 -35.49 32.95 70.78
C LYS J 193 -36.89 32.35 70.88
N ASP J 194 -37.81 32.81 70.03
CA ASP J 194 -39.20 32.37 70.09
C ASP J 194 -39.59 31.42 68.97
N SER J 195 -38.83 31.39 67.87
CA SER J 195 -39.18 30.56 66.71
C SER J 195 -40.58 30.89 66.22
N THR J 196 -40.90 32.18 66.17
CA THR J 196 -42.21 32.66 65.76
C THR J 196 -42.04 33.80 64.76
N TYR J 197 -42.93 33.85 63.77
CA TYR J 197 -42.82 34.81 62.68
C TYR J 197 -43.26 36.20 63.12
N SER J 198 -42.87 37.19 62.32
CA SER J 198 -43.27 38.58 62.51
C SER J 198 -43.29 39.28 61.17
N MET J 199 -44.12 40.30 61.04
CA MET J 199 -44.22 41.04 59.79
C MET J 199 -44.79 42.43 60.06
N SER J 200 -44.74 43.27 59.03
CA SER J 200 -45.22 44.65 59.14
C SER J 200 -45.65 45.12 57.76
N SER J 201 -46.91 45.52 57.62
CA SER J 201 -47.44 46.07 56.38
C SER J 201 -47.80 47.53 56.60
N THR J 202 -47.46 48.38 55.64
CA THR J 202 -47.63 49.82 55.75
C THR J 202 -48.28 50.37 54.49
N LEU J 203 -48.82 51.57 54.61
CA LEU J 203 -49.48 52.24 53.50
C LEU J 203 -49.23 53.74 53.61
N THR J 204 -48.50 54.30 52.64
CA THR J 204 -48.13 55.70 52.68
C THR J 204 -49.18 56.55 51.99
N LEU J 205 -49.56 57.65 52.63
CA LEU J 205 -50.56 58.57 52.11
C LEU J 205 -49.97 59.98 52.03
N THR J 206 -50.62 60.82 51.23
CA THR J 206 -50.24 62.21 51.06
C THR J 206 -51.17 63.09 51.88
N LYS J 207 -50.69 64.29 52.24
CA LYS J 207 -51.45 65.16 53.12
C LYS J 207 -52.83 65.46 52.55
N ASP J 208 -52.91 65.76 51.26
CA ASP J 208 -54.20 66.03 50.64
C ASP J 208 -55.12 64.82 50.75
N GLU J 209 -54.60 63.63 50.50
CA GLU J 209 -55.37 62.40 50.63
C GLU J 209 -55.35 61.84 52.04
N TYR J 210 -54.46 62.33 52.91
CA TYR J 210 -54.40 61.83 54.29
C TYR J 210 -55.46 62.49 55.15
N GLU J 211 -55.58 63.82 55.05
CA GLU J 211 -56.61 64.54 55.81
C GLU J 211 -57.99 64.38 55.18
N ARG J 212 -58.06 64.02 53.90
CA ARG J 212 -59.35 63.88 53.24
C ARG J 212 -60.17 62.75 53.85
N HIS J 213 -59.55 61.59 54.07
CA HIS J 213 -60.26 60.44 54.60
C HIS J 213 -60.40 60.55 56.12
N ASN J 214 -61.26 59.70 56.67
CA ASN J 214 -61.64 59.77 58.08
C ASN J 214 -61.20 58.55 58.88
N SER J 215 -61.60 57.35 58.46
CA SER J 215 -61.39 56.13 59.24
C SER J 215 -60.36 55.24 58.56
N TYR J 216 -59.31 54.89 59.31
CA TYR J 216 -58.24 54.02 58.84
C TYR J 216 -58.26 52.73 59.65
N THR J 217 -58.14 51.59 58.97
CA THR J 217 -58.20 50.30 59.63
C THR J 217 -57.14 49.37 59.02
N CYS J 218 -56.65 48.45 59.85
CA CYS J 218 -55.69 47.41 59.44
C CYS J 218 -56.11 46.12 60.13
N GLU J 219 -56.95 45.33 59.47
CA GLU J 219 -57.40 44.06 60.01
C GLU J 219 -56.33 43.00 59.85
N ALA J 220 -56.29 42.07 60.81
CA ALA J 220 -55.32 40.98 60.79
C ALA J 220 -56.07 39.66 60.93
N THR J 221 -55.86 38.76 59.98
CA THR J 221 -56.47 37.44 59.98
C THR J 221 -55.39 36.39 60.21
N HIS J 222 -55.61 35.55 61.22
CA HIS J 222 -54.64 34.51 61.57
C HIS J 222 -55.39 33.23 61.92
N LYS J 223 -54.68 32.10 61.82
CA LYS J 223 -55.29 30.81 62.09
C LYS J 223 -55.78 30.72 63.53
N THR J 224 -54.98 31.21 64.48
CA THR J 224 -55.37 31.12 65.89
C THR J 224 -56.67 31.84 66.16
N SER J 225 -56.95 32.92 65.44
CA SER J 225 -58.19 33.68 65.60
C SER J 225 -58.77 33.92 64.21
N THR J 226 -59.81 33.14 63.87
CA THR J 226 -60.42 33.28 62.56
C THR J 226 -61.01 34.67 62.37
N SER J 227 -61.66 35.20 63.40
CA SER J 227 -62.21 36.53 63.32
C SER J 227 -61.09 37.54 63.15
N PRO J 228 -61.12 38.41 62.14
CA PRO J 228 -60.03 39.37 61.96
C PRO J 228 -59.87 40.25 63.20
N ILE J 229 -58.61 40.51 63.56
CA ILE J 229 -58.32 41.38 64.70
C ILE J 229 -58.45 42.83 64.26
N VAL J 230 -59.26 43.59 64.97
CA VAL J 230 -59.57 44.97 64.61
C VAL J 230 -58.60 45.89 65.32
N LYS J 231 -57.86 46.68 64.54
CA LYS J 231 -56.95 47.70 65.08
C LYS J 231 -57.06 48.90 64.14
N SER J 232 -57.96 49.82 64.48
CA SER J 232 -58.26 50.97 63.64
C SER J 232 -58.28 52.23 64.49
N PHE J 233 -58.22 53.38 63.81
CA PHE J 233 -58.33 54.67 64.47
C PHE J 233 -59.00 55.64 63.50
N ASN J 234 -59.60 56.68 64.07
CA ASN J 234 -60.31 57.69 63.30
C ASN J 234 -59.56 59.01 63.38
N ARG J 235 -59.40 59.67 62.24
CA ARG J 235 -58.60 60.89 62.18
C ARG J 235 -59.19 62.01 63.03
N ASN J 236 -60.52 62.16 63.03
CA ASN J 236 -61.15 63.26 63.74
C ASN J 236 -60.80 63.21 65.23
N GLU J 237 -60.64 62.01 65.78
CA GLU J 237 -60.29 61.84 67.18
C GLU J 237 -61.38 62.38 68.09
N VAL K 21 -7.29 26.52 51.41
CA VAL K 21 -7.48 27.35 50.23
C VAL K 21 -8.39 28.52 50.58
N GLN K 22 -8.57 29.43 49.62
CA GLN K 22 -9.37 30.62 49.85
C GLN K 22 -9.73 31.30 48.54
N LEU K 23 -11.00 31.66 48.37
CA LEU K 23 -11.47 32.40 47.21
C LEU K 23 -11.90 33.78 47.67
N GLN K 24 -11.30 34.81 47.08
CA GLN K 24 -11.55 36.20 47.46
C GLN K 24 -12.22 36.93 46.30
N GLN K 25 -13.35 37.56 46.58
CA GLN K 25 -14.11 38.28 45.57
C GLN K 25 -13.95 39.79 45.77
N SER K 26 -14.34 40.54 44.74
CA SER K 26 -14.26 41.98 44.80
C SER K 26 -15.38 42.54 45.68
N GLY K 27 -15.35 43.85 45.89
CA GLY K 27 -16.31 44.50 46.76
C GLY K 27 -17.65 44.75 46.09
N ALA K 28 -18.60 45.21 46.88
CA ALA K 28 -19.94 45.48 46.38
C ALA K 28 -19.90 46.61 45.36
N GLU K 29 -20.78 46.52 44.36
CA GLU K 29 -20.84 47.48 43.28
C GLU K 29 -22.27 47.96 43.08
N VAL K 30 -22.39 49.22 42.67
CA VAL K 30 -23.68 49.82 42.33
C VAL K 30 -23.53 50.49 40.97
N MET K 31 -24.35 50.09 40.00
CA MET K 31 -24.24 50.59 38.64
C MET K 31 -25.61 51.05 38.15
N LYS K 32 -25.58 51.98 37.19
CA LYS K 32 -26.80 52.47 36.59
C LYS K 32 -27.37 51.45 35.60
N PRO K 33 -28.67 51.46 35.36
CA PRO K 33 -29.24 50.53 34.38
C PRO K 33 -28.61 50.73 33.01
N GLY K 34 -28.44 49.63 32.28
CA GLY K 34 -27.86 49.67 30.96
C GLY K 34 -26.34 49.70 30.92
N ALA K 35 -25.68 49.72 32.08
CA ALA K 35 -24.23 49.76 32.13
C ALA K 35 -23.68 48.33 32.19
N SER K 36 -22.37 48.20 32.38
CA SER K 36 -21.71 46.92 32.47
C SER K 36 -20.78 46.91 33.68
N VAL K 37 -20.67 45.74 34.31
CA VAL K 37 -19.85 45.58 35.51
C VAL K 37 -18.96 44.36 35.32
N LYS K 38 -17.84 44.35 36.04
CA LYS K 38 -16.86 43.27 35.97
C LYS K 38 -16.52 42.84 37.38
N ILE K 39 -16.80 41.58 37.70
CA ILE K 39 -16.52 41.01 39.01
C ILE K 39 -15.30 40.12 38.90
N SER K 40 -14.58 39.97 40.00
CA SER K 40 -13.35 39.19 40.04
C SER K 40 -13.39 38.21 41.19
N CYS K 41 -12.77 37.05 40.97
CA CYS K 41 -12.65 36.00 41.98
C CYS K 41 -11.20 35.52 41.97
N LYS K 42 -10.50 35.75 43.07
CA LYS K 42 -9.09 35.40 43.19
C LYS K 42 -8.92 34.20 44.10
N GLY K 43 -8.23 33.18 43.61
CA GLY K 43 -8.03 31.93 44.35
C GLY K 43 -6.57 31.77 44.73
N THR K 44 -6.33 31.20 45.91
CA THR K 44 -4.99 30.99 46.41
C THR K 44 -4.96 29.71 47.23
N GLY K 45 -3.77 29.15 47.38
CA GLY K 45 -3.60 27.94 48.15
C GLY K 45 -3.84 26.66 47.38
N TYR K 46 -4.00 26.73 46.07
CA TYR K 46 -4.20 25.53 45.26
C TYR K 46 -3.84 25.88 43.82
N THR K 47 -3.68 24.83 43.01
CA THR K 47 -3.36 25.04 41.59
C THR K 47 -4.56 25.69 40.93
N PHE K 48 -4.44 26.98 40.64
CA PHE K 48 -5.58 27.73 40.14
C PHE K 48 -6.04 27.23 38.79
N SER K 49 -5.10 26.91 37.91
CA SER K 49 -5.44 26.63 36.51
C SER K 49 -6.18 25.31 36.33
N SER K 50 -6.10 24.39 37.30
CA SER K 50 -6.62 23.05 37.12
C SER K 50 -8.03 22.87 37.65
N TYR K 51 -8.66 23.91 38.16
CA TYR K 51 -10.00 23.82 38.74
C TYR K 51 -10.95 24.74 37.99
N TRP K 52 -12.17 24.26 37.75
CA TRP K 52 -13.19 25.11 37.19
C TRP K 52 -13.67 26.12 38.23
N ILE K 53 -14.16 27.26 37.76
CA ILE K 53 -14.70 28.30 38.61
C ILE K 53 -16.17 28.45 38.27
N GLU K 54 -17.05 28.12 39.21
CA GLU K 54 -18.49 28.25 39.01
C GLU K 54 -18.94 29.63 39.44
N TRP K 55 -19.86 30.21 38.68
CA TRP K 55 -20.45 31.50 38.99
C TRP K 55 -21.94 31.29 39.27
N VAL K 56 -22.38 31.70 40.44
CA VAL K 56 -23.74 31.45 40.92
C VAL K 56 -24.39 32.77 41.25
N LYS K 57 -25.63 32.95 40.78
CA LYS K 57 -26.42 34.14 41.03
C LYS K 57 -27.53 33.80 42.02
N GLN K 58 -27.71 34.66 43.02
CA GLN K 58 -28.75 34.48 44.03
C GLN K 58 -29.50 35.79 44.19
N ARG K 59 -30.67 35.89 43.57
CA ARG K 59 -31.47 37.09 43.70
C ARG K 59 -31.93 37.25 45.16
N PRO K 60 -32.20 38.48 45.61
CA PRO K 60 -32.56 38.66 47.02
C PRO K 60 -33.77 37.83 47.43
N GLY K 61 -34.70 37.57 46.52
CA GLY K 61 -35.86 36.79 46.86
C GLY K 61 -35.52 35.39 47.31
N HIS K 62 -35.03 34.55 46.40
CA HIS K 62 -34.68 33.18 46.74
C HIS K 62 -34.15 32.49 45.49
N GLY K 63 -33.43 31.39 45.71
CA GLY K 63 -33.00 30.53 44.62
C GLY K 63 -31.58 30.74 44.16
N LEU K 64 -30.80 29.66 44.12
CA LEU K 64 -29.46 29.70 43.55
C LEU K 64 -29.53 29.34 42.07
N GLU K 65 -29.00 30.20 41.22
CA GLU K 65 -28.98 29.97 39.79
C GLU K 65 -27.53 29.99 39.31
N ARG K 66 -27.13 28.95 38.59
CA ARG K 66 -25.76 28.86 38.07
C ARG K 66 -25.68 29.60 36.75
N ILE K 67 -24.67 30.47 36.63
CA ILE K 67 -24.47 31.24 35.40
C ILE K 67 -23.63 30.46 34.40
N GLY K 68 -22.54 29.88 34.86
CA GLY K 68 -21.63 29.17 33.96
C GLY K 68 -20.35 28.83 34.69
N GLU K 69 -19.33 28.52 33.90
CA GLU K 69 -18.04 28.16 34.48
C GLU K 69 -16.94 28.43 33.47
N ILE K 70 -15.72 28.55 33.97
CA ILE K 70 -14.54 28.72 33.14
C ILE K 70 -13.39 27.92 33.75
N LEU K 71 -12.62 27.25 32.90
CA LEU K 71 -11.41 26.58 33.33
C LEU K 71 -10.24 27.50 33.06
N PRO K 72 -9.60 28.09 34.07
CA PRO K 72 -8.52 29.05 33.78
C PRO K 72 -7.38 28.45 32.99
N GLY K 73 -7.06 27.18 33.18
CA GLY K 73 -5.92 26.60 32.48
C GLY K 73 -6.07 26.68 30.97
N SER K 74 -7.22 26.27 30.47
CA SER K 74 -7.61 26.50 29.08
C SER K 74 -8.51 27.73 29.04
N GLY K 75 -9.15 27.95 27.90
CA GLY K 75 -10.15 28.98 27.77
C GLY K 75 -11.58 28.48 27.80
N SER K 76 -11.78 27.19 28.06
CA SER K 76 -13.11 26.60 27.92
C SER K 76 -14.09 27.25 28.89
N THR K 77 -15.32 27.46 28.42
CA THR K 77 -16.36 28.08 29.23
C THR K 77 -17.71 27.45 28.88
N ASN K 78 -18.63 27.49 29.84
CA ASN K 78 -20.00 27.06 29.63
C ASN K 78 -20.93 28.11 30.19
N TYR K 79 -22.12 28.20 29.59
CA TYR K 79 -23.14 29.14 30.05
C TYR K 79 -24.48 28.42 30.11
N ASN K 80 -25.30 28.82 31.07
CA ASN K 80 -26.67 28.34 31.12
C ASN K 80 -27.54 29.09 30.12
N GLU K 81 -28.69 28.49 29.80
CA GLU K 81 -29.55 29.08 28.77
C GLU K 81 -29.97 30.49 29.13
N LYS K 82 -30.32 30.72 30.40
CA LYS K 82 -30.83 32.02 30.81
C LYS K 82 -29.79 33.13 30.71
N PHE K 83 -28.51 32.79 30.60
CA PHE K 83 -27.45 33.77 30.68
C PHE K 83 -26.57 33.84 29.45
N ARG K 84 -26.81 33.01 28.43
CA ARG K 84 -26.00 33.07 27.22
C ARG K 84 -26.06 34.46 26.62
N GLY K 85 -24.90 35.03 26.32
CA GLY K 85 -24.83 36.37 25.78
C GLY K 85 -24.87 37.44 26.85
N LYS K 86 -25.52 37.15 27.98
CA LYS K 86 -25.62 38.13 29.05
C LYS K 86 -24.31 38.27 29.80
N ALA K 87 -23.60 37.16 30.04
CA ALA K 87 -22.40 37.14 30.84
C ALA K 87 -21.25 36.54 30.05
N THR K 88 -20.04 37.03 30.32
CA THR K 88 -18.82 36.55 29.67
C THR K 88 -17.76 36.32 30.72
N PHE K 89 -17.01 35.23 30.57
CA PHE K 89 -15.98 34.84 31.51
C PHE K 89 -14.60 35.00 30.89
N THR K 90 -13.66 35.47 31.71
CA THR K 90 -12.26 35.54 31.32
C THR K 90 -11.41 35.19 32.53
N ALA K 91 -10.20 34.70 32.27
CA ALA K 91 -9.29 34.28 33.33
C ALA K 91 -7.90 34.83 33.08
N ASP K 92 -7.23 35.21 34.15
CA ASP K 92 -5.85 35.67 34.12
C ASP K 92 -4.99 34.66 34.86
N LYS K 93 -4.09 33.99 34.13
CA LYS K 93 -3.26 32.97 34.75
C LYS K 93 -2.15 33.59 35.59
N SER K 94 -1.57 34.70 35.13
CA SER K 94 -0.50 35.35 35.88
C SER K 94 -0.96 35.69 37.29
N SER K 95 -1.95 36.57 37.40
CA SER K 95 -2.61 36.84 38.67
C SER K 95 -3.80 35.90 38.79
N LYS K 96 -3.79 35.06 39.82
CA LYS K 96 -4.72 33.93 39.89
C LYS K 96 -6.12 34.46 40.14
N THR K 97 -6.72 35.03 39.09
CA THR K 97 -8.03 35.67 39.18
C THR K 97 -8.88 35.28 37.99
N ALA K 98 -10.18 35.18 38.22
CA ALA K 98 -11.16 34.91 37.18
C ALA K 98 -12.22 36.01 37.20
N TYR K 99 -12.64 36.45 36.02
CA TYR K 99 -13.52 37.60 35.89
C TYR K 99 -14.83 37.20 35.23
N MET K 100 -15.92 37.84 35.67
CA MET K 100 -17.23 37.72 35.04
C MET K 100 -17.71 39.12 34.68
N GLN K 101 -18.08 39.31 33.42
CA GLN K 101 -18.55 40.60 32.94
C GLN K 101 -20.00 40.48 32.53
N LEU K 102 -20.83 41.38 33.06
CA LEU K 102 -22.27 41.37 32.80
C LEU K 102 -22.60 42.42 31.75
N SER K 103 -23.45 42.04 30.80
CA SER K 103 -23.83 42.91 29.70
C SER K 103 -24.86 43.93 30.21
N SER K 104 -25.52 44.61 29.29
CA SER K 104 -26.47 45.68 29.63
C SER K 104 -27.32 45.27 30.81
N LEU K 105 -27.22 46.05 31.88
CA LEU K 105 -27.81 45.68 33.17
C LEU K 105 -29.26 46.09 33.25
N THR K 106 -30.02 45.34 34.05
CA THR K 106 -31.42 45.63 34.31
C THR K 106 -31.66 45.56 35.81
N SER K 107 -32.90 45.81 36.22
CA SER K 107 -33.24 45.74 37.64
C SER K 107 -33.10 44.32 38.15
N GLU K 108 -33.50 43.32 37.36
CA GLU K 108 -33.44 41.93 37.80
C GLU K 108 -32.01 41.47 38.04
N ASP K 109 -31.02 42.10 37.40
CA ASP K 109 -29.64 41.71 37.58
C ASP K 109 -29.13 42.00 38.99
N SER K 110 -29.86 42.76 39.79
CA SER K 110 -29.45 43.04 41.15
C SER K 110 -29.55 41.75 41.97
N ALA K 111 -28.43 41.29 42.51
CA ALA K 111 -28.39 40.05 43.25
C ALA K 111 -27.02 39.94 43.92
N VAL K 112 -26.79 38.80 44.56
CA VAL K 112 -25.51 38.46 45.17
C VAL K 112 -24.89 37.35 44.33
N TYR K 113 -23.65 37.57 43.89
CA TYR K 113 -22.96 36.65 42.99
C TYR K 113 -21.85 35.93 43.74
N TYR K 114 -21.80 34.61 43.59
CA TYR K 114 -20.82 33.77 44.25
C TYR K 114 -19.89 33.15 43.22
N CYS K 115 -18.62 33.04 43.58
CA CYS K 115 -17.64 32.27 42.82
C CYS K 115 -17.22 31.07 43.65
N ALA K 116 -17.14 29.91 43.01
CA ALA K 116 -16.85 28.67 43.72
C ALA K 116 -15.93 27.79 42.88
N ARG K 117 -15.12 27.00 43.59
CA ARG K 117 -14.25 26.01 42.97
C ARG K 117 -15.07 24.78 42.58
N TYR K 118 -14.53 23.97 41.67
CA TYR K 118 -15.23 22.78 41.23
C TYR K 118 -14.33 21.94 40.35
N LEU K 119 -14.44 20.62 40.48
CA LEU K 119 -13.78 19.68 39.60
C LEU K 119 -14.78 18.60 39.20
N PRO K 120 -15.28 18.61 37.97
CA PRO K 120 -16.41 17.73 37.63
C PRO K 120 -16.05 16.26 37.84
N TYR K 121 -17.05 15.50 38.29
CA TYR K 121 -16.99 14.05 38.47
C TYR K 121 -16.11 13.64 39.64
N TYR K 122 -15.46 14.57 40.31
CA TYR K 122 -14.70 14.27 41.51
C TYR K 122 -15.14 15.23 42.60
N TYR K 123 -14.41 15.29 43.72
CA TYR K 123 -14.75 16.20 44.81
C TYR K 123 -15.26 17.52 44.28
N ALA K 124 -16.42 17.94 44.80
CA ALA K 124 -17.30 18.90 44.14
C ALA K 124 -17.54 20.12 45.01
N MET K 125 -16.98 21.25 44.58
CA MET K 125 -17.38 22.58 45.02
C MET K 125 -17.56 22.65 46.54
N ASP K 126 -16.44 22.45 47.23
CA ASP K 126 -16.41 22.50 48.69
C ASP K 126 -15.88 23.82 49.22
N TYR K 127 -15.49 24.75 48.36
CA TYR K 127 -14.99 26.05 48.78
C TYR K 127 -15.69 27.14 47.97
N TRP K 128 -16.25 28.11 48.68
CA TRP K 128 -17.03 29.17 48.08
C TRP K 128 -16.40 30.52 48.36
N GLY K 129 -16.74 31.50 47.53
CA GLY K 129 -16.30 32.86 47.78
C GLY K 129 -17.18 33.55 48.80
N GLN K 130 -16.73 34.73 49.23
CA GLN K 130 -17.48 35.49 50.21
C GLN K 130 -18.81 35.97 49.64
N GLY K 131 -18.83 36.34 48.38
CA GLY K 131 -20.03 36.83 47.72
C GLY K 131 -19.91 38.32 47.46
N THR K 132 -20.35 38.73 46.28
CA THR K 132 -20.34 40.13 45.87
C THR K 132 -21.77 40.58 45.62
N SER K 133 -22.14 41.72 46.20
CA SER K 133 -23.48 42.28 46.05
C SER K 133 -23.47 43.31 44.93
N VAL K 134 -24.41 43.17 44.01
CA VAL K 134 -24.56 44.10 42.88
C VAL K 134 -26.00 44.58 42.85
N THR K 135 -26.17 45.89 42.76
CA THR K 135 -27.50 46.51 42.69
C THR K 135 -27.55 47.44 41.50
N VAL K 136 -28.59 47.32 40.70
CA VAL K 136 -28.77 48.12 39.50
C VAL K 136 -29.90 49.11 39.77
N SER K 137 -29.56 50.40 39.82
CA SER K 137 -30.55 51.44 40.04
C SER K 137 -29.96 52.77 39.62
N SER K 138 -30.86 53.71 39.31
CA SER K 138 -30.47 55.05 38.89
C SER K 138 -30.43 56.04 40.05
N ALA K 139 -30.82 55.62 41.25
CA ALA K 139 -30.86 56.52 42.38
C ALA K 139 -29.45 56.97 42.75
N LYS K 140 -29.37 57.90 43.69
CA LYS K 140 -28.11 58.46 44.17
C LYS K 140 -27.94 58.14 45.65
N THR K 141 -26.82 58.61 46.21
CA THR K 141 -26.46 58.32 47.60
C THR K 141 -27.29 59.18 48.54
N THR K 142 -28.59 58.88 48.57
CA THR K 142 -29.49 59.58 49.48
C THR K 142 -29.15 59.22 50.92
N PRO K 143 -29.20 60.18 51.84
CA PRO K 143 -28.93 59.87 53.24
C PRO K 143 -30.18 59.43 53.97
N PRO K 144 -30.06 58.83 55.14
CA PRO K 144 -31.25 58.40 55.88
C PRO K 144 -32.17 59.56 56.20
N SER K 145 -33.47 59.30 56.16
CA SER K 145 -34.49 60.25 56.54
C SER K 145 -35.33 59.59 57.64
N VAL K 146 -34.85 59.70 58.88
CA VAL K 146 -35.50 59.05 60.01
C VAL K 146 -36.72 59.87 60.42
N TYR K 147 -37.88 59.22 60.44
CA TYR K 147 -39.13 59.87 60.84
C TYR K 147 -39.65 59.15 62.08
N PRO K 148 -39.41 59.67 63.28
CA PRO K 148 -39.85 58.94 64.49
C PRO K 148 -41.36 58.72 64.49
N LEU K 149 -41.77 57.55 64.98
CA LEU K 149 -43.17 57.19 65.12
C LEU K 149 -43.57 57.28 66.58
N ALA K 150 -44.78 57.74 66.82
CA ALA K 150 -45.31 57.90 68.17
C ALA K 150 -46.68 57.26 68.26
N PRO K 151 -47.09 56.81 69.46
CA PRO K 151 -48.42 56.19 69.59
C PRO K 151 -49.51 57.17 69.22
N GLY K 152 -50.57 56.63 68.62
CA GLY K 152 -51.72 57.46 68.27
C GLY K 152 -52.40 58.00 69.52
N SER K 153 -52.97 59.20 69.38
CA SER K 153 -53.66 59.82 70.50
C SER K 153 -54.83 58.95 70.96
N ALA K 154 -55.61 58.41 70.01
CA ALA K 154 -56.73 57.52 70.33
C ALA K 154 -56.21 56.09 70.30
N ALA K 155 -55.72 55.62 71.44
CA ALA K 155 -55.20 54.26 71.54
C ALA K 155 -55.11 53.87 73.00
N GLN K 156 -55.67 52.72 73.35
CA GLN K 156 -55.63 52.23 74.72
C GLN K 156 -54.19 51.91 75.12
N THR K 157 -53.86 52.18 76.38
CA THR K 157 -52.53 51.90 76.92
C THR K 157 -52.56 50.58 77.68
N ASN K 158 -51.62 49.70 77.37
CA ASN K 158 -51.52 48.40 77.99
C ASN K 158 -50.28 48.33 78.87
N SER K 159 -50.17 47.23 79.62
CA SER K 159 -49.01 47.01 80.47
C SER K 159 -47.73 46.96 79.64
N MET K 160 -47.77 46.25 78.51
CA MET K 160 -46.64 46.16 77.60
C MET K 160 -47.00 46.91 76.33
N VAL K 161 -46.19 47.89 75.95
CA VAL K 161 -46.43 48.73 74.80
C VAL K 161 -45.19 48.70 73.91
N THR K 162 -45.38 48.46 72.63
CA THR K 162 -44.29 48.42 71.67
C THR K 162 -44.03 49.82 71.10
N LEU K 163 -42.80 50.04 70.69
CA LEU K 163 -42.35 51.32 70.15
C LEU K 163 -42.13 51.18 68.64
N GLY K 164 -41.66 52.26 68.02
CA GLY K 164 -41.42 52.25 66.59
C GLY K 164 -40.61 53.43 66.09
N CYS K 165 -39.62 53.15 65.25
CA CYS K 165 -38.79 54.18 64.63
C CYS K 165 -38.70 53.86 63.13
N LEU K 166 -39.20 54.77 62.31
CA LEU K 166 -39.24 54.58 60.87
C LEU K 166 -38.06 55.28 60.22
N VAL K 167 -37.36 54.56 59.35
CA VAL K 167 -36.26 55.10 58.56
C VAL K 167 -36.58 54.83 57.10
N LYS K 168 -36.72 55.88 56.31
CA LYS K 168 -37.09 55.76 54.90
C LYS K 168 -36.28 56.76 54.09
N GLY K 169 -36.45 56.71 52.78
CA GLY K 169 -35.77 57.62 51.89
C GLY K 169 -34.26 57.60 52.06
N TYR K 170 -33.64 56.47 51.75
CA TYR K 170 -32.20 56.34 51.88
C TYR K 170 -31.69 55.36 50.82
N PHE K 171 -30.41 55.48 50.52
CA PHE K 171 -29.77 54.61 49.54
C PHE K 171 -28.26 54.86 49.55
N PRO K 172 -27.43 53.81 49.37
CA PRO K 172 -27.75 52.39 49.24
C PRO K 172 -27.67 51.66 50.58
N GLU K 173 -27.73 50.34 50.54
CA GLU K 173 -27.62 49.55 51.75
C GLU K 173 -26.20 49.61 52.31
N PRO K 174 -26.02 49.32 53.60
CA PRO K 174 -27.03 49.01 54.61
C PRO K 174 -27.22 50.16 55.61
N VAL K 175 -28.27 50.09 56.42
CA VAL K 175 -28.48 51.01 57.52
C VAL K 175 -28.69 50.18 58.78
N THR K 176 -27.83 50.38 59.77
CA THR K 176 -27.84 49.59 60.99
C THR K 176 -28.63 50.35 62.05
N VAL K 177 -29.94 50.10 62.08
CA VAL K 177 -30.80 50.68 63.11
C VAL K 177 -30.59 49.91 64.40
N THR K 178 -30.32 50.64 65.48
CA THR K 178 -30.10 50.03 66.79
C THR K 178 -30.56 51.02 67.85
N TRP K 179 -30.19 50.77 69.10
CA TRP K 179 -30.52 51.62 70.22
C TRP K 179 -29.26 52.31 70.73
N ASN K 180 -29.42 53.06 71.82
CA ASN K 180 -28.32 53.86 72.36
C ASN K 180 -27.30 52.91 72.97
N SER K 181 -26.22 52.65 72.24
CA SER K 181 -25.16 51.75 72.70
C SER K 181 -25.73 50.41 73.12
N GLY K 182 -26.62 49.87 72.30
CA GLY K 182 -27.23 48.59 72.60
C GLY K 182 -28.06 48.63 73.86
N SER K 183 -28.88 49.67 74.01
CA SER K 183 -29.69 49.81 75.22
C SER K 183 -30.62 48.63 75.42
N LEU K 184 -31.27 48.17 74.34
CA LEU K 184 -32.20 47.04 74.39
C LEU K 184 -31.80 46.07 73.28
N SER K 185 -30.87 45.16 73.58
CA SER K 185 -30.46 44.17 72.59
C SER K 185 -31.60 43.23 72.24
N SER K 186 -32.35 42.79 73.24
CA SER K 186 -33.43 41.84 73.03
C SER K 186 -34.73 42.56 72.71
N GLY K 187 -35.68 41.81 72.15
CA GLY K 187 -36.98 42.35 71.84
C GLY K 187 -37.03 43.27 70.64
N VAL K 188 -35.99 43.28 69.81
CA VAL K 188 -35.90 44.18 68.66
C VAL K 188 -36.18 43.38 67.40
N HIS K 189 -37.06 43.90 66.55
CA HIS K 189 -37.44 43.26 65.29
C HIS K 189 -37.12 44.22 64.15
N THR K 190 -35.89 44.13 63.64
CA THR K 190 -35.45 44.96 62.52
C THR K 190 -35.94 44.32 61.23
N PHE K 191 -37.03 44.84 60.68
CA PHE K 191 -37.61 44.26 59.48
C PHE K 191 -36.71 44.57 58.27
N PRO K 192 -36.71 43.69 57.27
CA PRO K 192 -35.87 43.93 56.09
C PRO K 192 -36.32 45.16 55.32
N ALA K 193 -35.35 45.83 54.69
CA ALA K 193 -35.65 46.98 53.85
C ALA K 193 -36.40 46.54 52.60
N VAL K 194 -37.14 47.47 52.02
CA VAL K 194 -37.95 47.19 50.84
C VAL K 194 -38.06 48.45 50.00
N LEU K 195 -38.14 48.27 48.68
CA LEU K 195 -38.32 49.39 47.78
C LEU K 195 -39.77 49.86 47.79
N GLN K 196 -39.96 51.17 47.90
CA GLN K 196 -41.28 51.78 47.76
C GLN K 196 -41.45 52.36 46.36
N SER K 197 -40.58 53.30 45.98
CA SER K 197 -40.48 53.76 44.59
C SER K 197 -39.07 53.61 44.04
N ASP K 198 -38.09 54.26 44.67
CA ASP K 198 -36.70 54.10 44.26
C ASP K 198 -35.74 54.02 45.44
N LEU K 199 -36.23 54.03 46.68
CA LEU K 199 -35.37 54.06 47.85
C LEU K 199 -35.84 53.01 48.86
N TYR K 200 -35.00 52.79 49.86
CA TYR K 200 -35.19 51.74 50.85
C TYR K 200 -35.77 52.31 52.14
N THR K 201 -36.55 51.49 52.83
CA THR K 201 -37.20 51.89 54.07
C THR K 201 -37.19 50.72 55.05
N LEU K 202 -36.92 51.04 56.32
CA LEU K 202 -36.87 50.05 57.38
C LEU K 202 -37.96 50.33 58.42
N SER K 203 -38.02 49.46 59.42
CA SER K 203 -38.92 49.64 60.55
C SER K 203 -38.34 48.88 61.72
N SER K 204 -38.82 49.21 62.91
CA SER K 204 -38.36 48.56 64.14
C SER K 204 -39.47 48.59 65.17
N SER K 205 -39.36 47.72 66.16
CA SER K 205 -40.33 47.64 67.24
C SER K 205 -39.68 46.94 68.42
N VAL K 206 -39.54 47.66 69.53
CA VAL K 206 -38.96 47.11 70.75
C VAL K 206 -40.01 47.19 71.85
N THR K 207 -40.22 46.07 72.53
CA THR K 207 -41.18 46.02 73.63
C THR K 207 -40.51 46.51 74.91
N VAL K 208 -41.16 47.45 75.59
CA VAL K 208 -40.62 48.03 76.82
C VAL K 208 -41.74 48.18 77.83
N PRO K 209 -41.50 47.89 79.12
CA PRO K 209 -42.55 48.14 80.12
C PRO K 209 -42.91 49.61 80.18
N SER K 210 -44.21 49.88 80.38
CA SER K 210 -44.68 51.25 80.51
C SER K 210 -44.14 51.92 81.77
N SER K 211 -43.71 51.14 82.76
CA SER K 211 -43.17 51.72 83.98
C SER K 211 -41.79 52.31 83.77
N THR K 212 -40.94 51.62 83.01
CA THR K 212 -39.56 52.06 82.82
C THR K 212 -39.39 52.97 81.61
N TRP K 213 -40.28 52.90 80.63
CA TRP K 213 -40.16 53.74 79.45
C TRP K 213 -40.07 55.22 79.80
N PRO K 214 -40.94 55.77 80.64
CA PRO K 214 -40.79 57.19 81.00
C PRO K 214 -39.44 57.50 81.64
N SER K 215 -38.90 56.58 82.43
CA SER K 215 -37.63 56.81 83.09
C SER K 215 -36.46 56.51 82.16
N GLU K 216 -36.39 55.27 81.67
CA GLU K 216 -35.28 54.87 80.81
C GLU K 216 -35.31 55.65 79.51
N THR K 217 -34.14 56.01 79.02
CA THR K 217 -33.98 56.76 77.78
C THR K 217 -33.36 55.86 76.73
N VAL K 218 -34.03 55.72 75.58
CA VAL K 218 -33.54 54.92 74.48
C VAL K 218 -33.94 55.60 73.17
N THR K 219 -33.02 55.61 72.22
CA THR K 219 -33.23 56.26 70.93
C THR K 219 -32.75 55.36 69.82
N CYS K 220 -33.47 55.40 68.69
CA CYS K 220 -33.10 54.60 67.52
C CYS K 220 -31.91 55.25 66.83
N ASN K 221 -30.76 54.57 66.85
CA ASN K 221 -29.55 55.08 66.24
C ASN K 221 -29.41 54.49 64.84
N VAL K 222 -29.32 55.37 63.84
CA VAL K 222 -29.25 54.98 62.43
C VAL K 222 -27.87 55.37 61.93
N ALA K 223 -27.16 54.39 61.37
CA ALA K 223 -25.84 54.59 60.78
C ALA K 223 -25.89 54.23 59.32
N HIS K 224 -25.34 55.11 58.47
CA HIS K 224 -25.32 54.92 57.02
C HIS K 224 -23.88 55.13 56.56
N PRO K 225 -23.04 54.10 56.69
CA PRO K 225 -21.61 54.29 56.37
C PRO K 225 -21.38 54.78 54.95
N ALA K 226 -22.19 54.33 53.98
CA ALA K 226 -21.98 54.76 52.60
C ALA K 226 -22.11 56.27 52.47
N SER K 227 -23.12 56.84 53.11
CA SER K 227 -23.32 58.29 53.12
C SER K 227 -22.61 58.97 54.29
N SER K 228 -21.90 58.22 55.12
CA SER K 228 -21.19 58.78 56.27
C SER K 228 -22.15 59.57 57.16
N THR K 229 -23.34 59.02 57.35
CA THR K 229 -24.39 59.65 58.14
C THR K 229 -24.67 58.82 59.39
N LYS K 230 -24.78 59.50 60.53
CA LYS K 230 -25.09 58.85 61.81
C LYS K 230 -26.01 59.78 62.57
N VAL K 231 -27.32 59.55 62.48
CA VAL K 231 -28.33 60.40 63.09
C VAL K 231 -29.22 59.54 63.98
N ASP K 232 -29.47 60.00 65.20
CA ASP K 232 -30.35 59.32 66.14
C ASP K 232 -31.38 60.32 66.64
N LYS K 233 -32.67 59.97 66.48
CA LYS K 233 -33.77 60.82 66.92
C LYS K 233 -34.70 60.00 67.79
N LYS K 234 -34.96 60.48 69.00
CA LYS K 234 -35.80 59.76 69.94
C LYS K 234 -37.28 59.94 69.58
N ILE K 235 -38.12 59.23 70.32
CA ILE K 235 -39.57 59.28 70.15
C ILE K 235 -40.18 59.78 71.45
N VAL K 236 -41.03 60.80 71.33
CA VAL K 236 -41.66 61.43 72.49
C VAL K 236 -43.05 60.83 72.69
N PRO K 237 -43.53 60.69 73.93
CA PRO K 237 -44.91 60.21 74.12
C PRO K 237 -45.94 61.20 73.59
N ARG K 238 -47.21 60.85 73.68
CA ARG K 238 -48.29 61.73 73.24
C ARG K 238 -48.94 62.42 74.43
C1 NAG L . 19.03 -18.59 -10.05
C2 NAG L . 19.32 -19.62 -11.13
C3 NAG L . 20.82 -19.87 -11.24
C4 NAG L . 21.57 -18.55 -11.41
C5 NAG L . 21.16 -17.57 -10.33
C6 NAG L . 21.76 -16.19 -10.51
C7 NAG L . 17.44 -21.17 -11.37
C8 NAG L . 16.87 -22.51 -10.98
N2 NAG L . 18.64 -20.88 -10.86
O3 NAG L . 21.09 -20.72 -12.35
O4 NAG L . 22.97 -18.78 -11.31
O5 NAG L . 19.74 -17.40 -10.33
O6 NAG L . 21.36 -15.62 -11.76
O7 NAG L . 16.84 -20.41 -12.11
H2 NAG L . 19.01 -19.28 -11.99
H3 NAG L . 21.13 -20.30 -10.43
H4 NAG L . 21.36 -18.17 -12.29
H5 NAG L . 21.44 -17.92 -9.46
H61 NAG L . 22.73 -16.26 -10.49
H62 NAG L . 21.47 -15.61 -9.78
H81 NAG L . 15.99 -22.61 -11.36
H82 NAG L . 16.82 -22.57 -10.01
H83 NAG L . 17.45 -23.22 -11.32
HN2 NAG L . 19.04 -21.49 -10.31
HO3 NAG L . 21.95 -20.92 -12.37
HO6 NAG L . 20.51 -15.38 -11.70
C1 NAG L . 23.59 -18.82 -12.61
C2 NAG L . 25.08 -18.64 -12.40
C3 NAG L . 25.82 -18.75 -13.74
C4 NAG L . 25.44 -20.04 -14.45
C5 NAG L . 23.92 -20.15 -14.58
C6 NAG L . 23.47 -21.46 -15.16
C7 NAG L . 25.72 -17.27 -10.48
C8 NAG L . 25.99 -15.88 -9.98
N2 NAG L . 25.37 -17.37 -11.77
O3 NAG L . 27.22 -18.72 -13.51
O4 NAG L . 26.02 -20.05 -15.75
O5 NAG L . 23.33 -20.06 -13.27
O6 NAG L . 24.15 -22.56 -14.56
O7 NAG L . 25.81 -18.25 -9.75
H2 NAG L . 25.40 -19.36 -11.83
H3 NAG L . 25.57 -17.99 -14.30
H4 NAG L . 25.78 -20.80 -13.93
H5 NAG L . 23.60 -19.41 -15.12
H61 NAG L . 23.66 -21.45 -16.12
H62 NAG L . 22.51 -21.56 -15.03
H81 NAG L . 26.23 -15.91 -9.04
H82 NAG L . 25.18 -15.34 -10.10
H83 NAG L . 26.71 -15.48 -10.49
HN2 NAG L . 25.33 -16.62 -12.26
HO3 NAG L . 27.64 -18.51 -14.26
HO6 NAG L . 23.64 -22.90 -13.92
C1 BMA L . 26.71 -21.29 -15.95
C2 BMA L . 27.01 -21.43 -17.46
C3 BMA L . 27.88 -22.65 -17.71
C4 BMA L . 29.10 -22.64 -16.80
C5 BMA L . 28.63 -22.56 -15.34
C6 BMA L . 29.79 -22.55 -14.35
O2 BMA L . 27.74 -20.30 -17.91
O3 BMA L . 28.28 -22.71 -19.08
O4 BMA L . 29.84 -23.84 -16.99
O5 BMA L . 27.91 -21.34 -15.18
O6 BMA L . 30.90 -21.92 -14.97
H2 BMA L . 26.06 -21.51 -18.00
H3 BMA L . 27.31 -23.55 -17.51
H4 BMA L . 29.70 -21.75 -17.03
H5 BMA L . 27.99 -23.42 -15.11
H61 BMA L . 30.01 -23.59 -14.07
H62 BMA L . 29.46 -22.01 -13.46
HO2 BMA L . 28.11 -20.55 -18.77
HO4 BMA L . 30.72 -23.65 -16.62
C1 MAN L . 28.32 -24.09 -19.54
C2 MAN L . 28.80 -24.07 -21.00
C3 MAN L . 27.75 -23.37 -21.86
C4 MAN L . 26.37 -24.02 -21.67
C5 MAN L . 26.01 -24.05 -20.18
C6 MAN L . 24.72 -24.82 -19.92
O2 MAN L . 28.89 -25.39 -21.52
O3 MAN L . 28.12 -23.37 -23.22
O4 MAN L . 25.40 -23.30 -22.39
O5 MAN L . 27.05 -24.70 -19.44
O6 MAN L . 25.00 -26.21 -20.08
H2 MAN L . 29.76 -23.54 -21.06
H3 MAN L . 27.68 -22.32 -21.55
H4 MAN L . 26.44 -25.07 -22.03
H5 MAN L . 25.87 -23.02 -19.84
H61 MAN L . 23.95 -24.48 -20.62
H62 MAN L . 24.40 -24.58 -18.90
HO3 MAN L . 27.33 -23.69 -23.70
HO4 MAN L . 24.72 -23.94 -22.63
HO6 MAN L . 24.73 -26.66 -19.26
C1 NAG M . 20.81 19.19 -13.33
C2 NAG M . 21.22 19.87 -14.63
C3 NAG M . 22.46 20.72 -14.42
C4 NAG M . 22.26 21.68 -13.25
C5 NAG M . 21.79 20.91 -12.02
C6 NAG M . 21.45 21.82 -10.86
C7 NAG M . 20.48 18.41 -16.47
C8 NAG M . 20.91 17.40 -17.49
N2 NAG M . 21.45 18.88 -15.68
O3 NAG M . 22.72 21.46 -15.61
O4 NAG M . 23.50 22.31 -12.95
O5 NAG M . 20.61 20.17 -12.32
O6 NAG M . 20.41 22.72 -11.20
O7 NAG M . 19.32 18.78 -16.37
H2 NAG M . 20.49 20.46 -14.92
H3 NAG M . 23.22 20.14 -14.23
H4 NAG M . 21.60 22.36 -13.49
H5 NAG M . 22.50 20.29 -11.74
H61 NAG M . 22.25 22.34 -10.61
H62 NAG M . 21.17 21.27 -10.10
H81 NAG M . 20.14 17.11 -18.01
H82 NAG M . 21.31 16.63 -17.04
H83 NAG M . 21.56 17.80 -18.09
HN2 NAG M . 22.30 18.58 -15.80
HO3 NAG M . 23.54 21.82 -15.56
HO6 NAG M . 19.62 22.32 -11.08
C1 NAG M . 23.57 23.60 -13.56
C2 NAG M . 24.75 24.34 -12.94
C3 NAG M . 24.93 25.70 -13.59
C4 NAG M . 25.02 25.56 -15.10
C5 NAG M . 23.83 24.77 -15.63
C6 NAG M . 23.93 24.48 -17.11
C7 NAG M . 25.24 23.73 -10.62
C8 NAG M . 24.95 24.01 -9.18
N2 NAG M . 24.59 24.48 -11.50
O3 NAG M . 26.11 26.32 -13.09
O4 NAG M . 25.04 26.85 -15.71
O5 NAG M . 23.76 23.50 -14.97
O6 NAG M . 25.15 23.85 -17.43
O7 NAG M . 26.04 22.86 -10.96
H2 NAG M . 25.57 23.82 -13.12
H3 NAG M . 24.16 26.26 -13.38
H4 NAG M . 25.84 25.09 -15.33
H5 NAG M . 23.01 25.27 -15.45
H61 NAG M . 23.86 25.33 -17.60
H62 NAG M . 23.19 23.91 -17.38
H81 NAG M . 25.46 23.40 -8.61
H82 NAG M . 23.99 23.87 -9.01
H83 NAG M . 25.18 24.93 -8.96
HN2 NAG M . 24.00 25.11 -11.20
HO3 NAG M . 25.95 27.18 -12.93
HO6 NAG M . 25.22 23.09 -16.99
C1 BMA M . 26.20 26.96 -16.54
C2 BMA M . 26.04 28.24 -17.38
C3 BMA M . 27.30 28.50 -18.19
C4 BMA M . 28.55 28.44 -17.31
C5 BMA M . 28.58 27.11 -16.53
C6 BMA M . 29.77 26.98 -15.60
O2 BMA M . 25.86 29.37 -16.54
O3 BMA M . 27.22 29.78 -18.83
O4 BMA M . 29.71 28.54 -18.11
O5 BMA M . 27.39 27.02 -15.76
O6 BMA M . 30.13 28.28 -15.15
H2 BMA M . 25.18 28.12 -18.05
H3 BMA M . 27.40 27.75 -18.97
H4 BMA M . 28.50 29.26 -16.57
H5 BMA M . 28.62 26.27 -17.25
H61 BMA M . 30.60 26.50 -16.15
H62 BMA M . 29.47 26.33 -14.77
HO2 BMA M . 26.27 30.12 -16.99
HO4 BMA M . 30.42 28.79 -17.51
C1 MAN M . 27.81 29.73 -20.14
C2 MAN M . 27.69 31.16 -20.73
C3 MAN M . 26.22 31.49 -20.94
C4 MAN M . 25.55 30.43 -21.81
C5 MAN M . 25.74 29.04 -21.18
C6 MAN M . 25.21 27.92 -22.05
O2 MAN M . 28.28 31.24 -22.02
O3 MAN M . 26.05 32.78 -21.50
O4 MAN M . 24.16 30.70 -21.93
O5 MAN M . 27.15 28.80 -20.98
O6 MAN M . 26.08 27.80 -23.18
H2 MAN M . 28.15 31.87 -20.03
H3 MAN M . 25.72 31.50 -19.96
H4 MAN M . 26.04 30.43 -22.80
H5 MAN M . 25.21 29.00 -20.22
H61 MAN M . 24.19 28.17 -22.35
H62 MAN M . 25.19 27.01 -21.45
HO3 MAN M . 25.42 32.66 -22.23
HO4 MAN M . 23.89 30.26 -22.74
HO6 MAN M . 26.69 27.08 -23.00
C1 NAG N . -12.01 7.02 35.04
C2 NAG N . -13.15 7.15 36.04
C3 NAG N . -12.68 6.76 37.44
C4 NAG N . -12.00 5.39 37.42
C5 NAG N . -10.93 5.34 36.35
C6 NAG N . -10.34 3.97 36.18
C7 NAG N . -14.70 8.90 35.27
C8 NAG N . -15.12 10.33 35.41
N2 NAG N . -13.69 8.50 36.05
O3 NAG N . -13.80 6.73 38.32
O4 NAG N . -11.37 5.17 38.68
O5 NAG N . -11.50 5.70 35.08
O6 NAG N . -11.35 2.99 35.88
O7 NAG N . -15.27 8.12 34.50
H2 NAG N . -13.86 6.54 35.78
H3 NAG N . -12.04 7.43 37.75
H4 NAG N . -12.68 4.70 37.27
H5 NAG N . -10.23 5.97 36.56
H61 NAG N . -9.88 3.71 37.01
H62 NAG N . -9.70 3.98 35.45
H81 NAG N . -15.87 10.50 34.81
H82 NAG N . -14.37 10.90 35.17
H83 NAG N . -15.38 10.50 36.33
HN2 NAG N . -13.31 9.12 36.60
HO3 NAG N . -13.52 6.60 39.15
HO6 NAG N . -11.43 2.91 35.01
C1 NAG N . -12.15 4.31 39.52
C2 NAG N . -11.24 3.86 40.67
C3 NAG N . -12.02 3.00 41.65
C4 NAG N . -13.29 3.72 42.11
C5 NAG N . -14.10 4.14 40.90
C6 NAG N . -15.32 4.95 41.26
C7 NAG N . -8.84 3.63 40.26
C8 NAG N . -7.76 2.77 39.70
N2 NAG N . -10.08 3.15 40.18
O3 NAG N . -11.20 2.72 42.78
O4 NAG N . -14.07 2.86 42.92
O5 NAG N . -13.29 4.96 40.03
O6 NAG N . -15.01 5.97 42.20
O7 NAG N . -8.60 4.72 40.77
H2 NAG N . -10.95 4.67 41.14
H3 NAG N . -12.27 2.16 41.22
H4 NAG N . -13.04 4.51 42.62
H5 NAG N . -14.38 3.35 40.40
H61 NAG N . -16.00 4.36 41.63
H62 NAG N . -15.67 5.37 40.45
H81 NAG N . -6.89 3.19 39.82
H82 NAG N . -7.91 2.62 38.74
H83 NAG N . -7.76 1.91 40.17
HN2 NAG N . -10.21 2.33 39.79
HO3 NAG N . -11.32 1.88 43.03
HO6 NAG N . -14.43 6.54 41.84
C1 BMA N . -14.32 3.52 44.18
C2 BMA N . -15.45 2.74 44.88
C3 BMA N . -15.68 3.29 46.28
C4 BMA N . -14.37 3.39 47.06
C5 BMA N . -13.37 4.22 46.26
C6 BMA N . -12.02 4.37 46.95
O2 BMA N . -15.09 1.38 45.05
O3 BMA N . -16.62 2.50 47.00
O4 BMA N . -14.59 3.99 48.31
O5 BMA N . -13.16 3.58 44.99
O6 BMA N . -11.81 3.22 47.76
H2 BMA N . -16.37 2.83 44.29
H3 BMA N . -16.10 4.31 46.20
H4 BMA N . -13.96 2.38 47.17
H5 BMA N . -13.77 5.24 46.09
H61 BMA N . -12.03 5.30 47.54
H62 BMA N . -11.25 4.46 46.17
HO2 BMA N . -15.60 1.06 45.81
HO4 BMA N . -13.84 3.72 48.87
C1 MAN N . -17.50 3.34 47.78
C2 MAN N . -18.44 2.40 48.55
C3 MAN N . -19.32 1.65 47.55
C4 MAN N . -20.07 2.64 46.67
C5 MAN N . -19.09 3.59 45.98
C6 MAN N . -19.77 4.70 45.20
O2 MAN N . -19.35 3.14 49.37
O3 MAN N . -20.23 0.78 48.21
O4 MAN N . -20.82 1.93 45.69
O5 MAN N . -18.24 4.22 46.97
O6 MAN N . -20.42 5.56 46.14
H2 MAN N . -17.85 1.69 49.14
H3 MAN N . -18.69 1.03 46.91
H4 MAN N . -20.74 3.24 47.31
H5 MAN N . -18.47 3.02 45.27
H61 MAN N . -20.49 4.25 44.50
H62 MAN N . -19.01 5.23 44.62
HO3 MAN N . -21.11 1.03 47.88
HO4 MAN N . -21.52 2.55 45.42
HO6 MAN N . -19.89 6.36 46.21
C1 NAG O . 33.11 -31.36 41.53
C2 NAG O . 34.15 -31.63 42.61
C3 NAG O . 34.87 -32.95 42.32
C4 NAG O . 33.87 -34.07 42.13
C5 NAG O . 32.83 -33.69 41.07
C6 NAG O . 31.74 -34.73 40.92
C7 NAG O . 35.03 -29.60 43.66
C8 NAG O . 36.09 -28.55 43.61
N2 NAG O . 35.10 -30.54 42.71
O3 NAG O . 35.75 -33.25 43.39
O4 NAG O . 34.54 -35.26 41.72
O5 NAG O . 32.20 -32.46 41.43
O6 NAG O . 30.89 -34.74 42.06
O7 NAG O . 34.15 -29.60 44.51
H2 NAG O . 33.68 -31.74 43.46
H3 NAG O . 35.39 -32.85 41.50
H4 NAG O . 33.42 -34.24 42.98
H5 NAG O . 33.29 -33.58 40.21
H61 NAG O . 32.14 -35.61 40.80
H62 NAG O . 31.21 -34.50 40.13
H81 NAG O . 35.96 -27.91 44.34
H82 NAG O . 36.04 -28.08 42.76
H83 NAG O . 36.97 -28.96 43.71
HN2 NAG O . 35.78 -30.50 42.10
HO3 NAG O . 35.90 -34.13 43.42
HO4 NAG O . 34.13 -35.97 42.06
HO6 NAG O . 31.17 -34.14 42.65
C1 NAG P . 17.04 -7.05 59.85
C2 NAG P . 16.37 -7.35 61.18
C3 NAG P . 15.09 -8.15 60.97
C4 NAG P . 14.18 -7.42 59.99
C5 NAG P . 14.94 -7.12 58.70
C6 NAG P . 14.13 -6.29 57.72
C7 NAG P . 18.12 -7.44 62.90
C8 NAG P . 18.99 -8.33 63.75
N2 NAG P . 17.28 -8.05 62.07
O3 NAG P . 14.43 -8.31 62.21
O4 NAG P . 13.05 -8.23 59.67
O5 NAG P . 16.12 -6.36 59.00
O6 NAG P . 14.58 -6.49 56.38
O7 NAG P . 18.19 -6.21 62.96
H2 NAG P . 16.13 -6.50 61.60
H3 NAG P . 15.33 -9.02 60.61
H4 NAG P . 13.88 -6.59 60.39
H5 NAG P . 15.20 -7.96 58.27
H61 NAG P . 14.22 -5.34 57.95
H62 NAG P . 13.20 -6.55 57.78
H81 NAG P . 19.57 -7.78 64.30
H82 NAG P . 19.52 -8.90 63.17
H83 NAG P . 18.43 -8.88 64.32
HN2 NAG P . 17.27 -8.97 62.07
HO3 NAG P . 13.99 -9.09 62.21
HO6 NAG P . 14.24 -5.85 55.87
C1 NAG Q . -1.81 -25.02 20.50
C2 NAG Q . -2.48 -26.31 20.98
C3 NAG Q . -1.49 -27.15 21.78
C4 NAG Q . -0.21 -27.37 20.99
C5 NAG Q . 0.35 -26.04 20.48
C6 NAG Q . 1.54 -26.21 19.57
C7 NAG Q . -4.89 -25.96 21.24
C8 NAG Q . -6.00 -25.67 22.19
N2 NAG Q . -3.66 -26.03 21.76
O3 NAG Q . -2.08 -28.39 22.12
O4 NAG Q . 0.78 -27.99 21.81
O5 NAG Q . -0.65 -25.34 19.74
O6 NAG Q . 1.13 -26.40 18.22
O7 NAG Q . -5.09 -26.14 20.04
H2 NAG Q . -2.73 -26.83 20.19
H3 NAG Q . -1.26 -26.67 22.61
H4 NAG Q . -0.40 -27.95 20.23
H5 NAG Q . 0.61 -25.50 21.25
H61 NAG Q . 2.06 -26.98 19.86
H62 NAG Q . 2.09 -25.40 19.62
H81 NAG Q . -6.86 -25.71 21.72
H82 NAG Q . -5.88 -24.77 22.55
H83 NAG Q . -5.99 -26.32 22.91
HN2 NAG Q . -3.57 -25.89 22.65
HO3 NAG Q . -1.90 -28.60 22.95
HO6 NAG Q . 0.40 -26.91 18.20
N1 ACH R . 20.84 -23.53 19.12
C2 ACH R . 21.68 -22.76 18.11
C3 ACH R . 22.81 -21.93 18.67
O4 ACH R . 23.80 -22.75 19.36
C5 ACH R . 24.99 -22.18 19.58
O7 ACH R . 25.26 -21.07 19.24
C6 ACH R . 25.90 -23.11 20.31
C8 ACH R . 19.81 -24.32 18.38
C9 ACH R . 21.70 -24.49 19.88
C10 ACH R . 20.15 -22.63 20.09
H21 ACH R . 21.05 -22.19 17.64
H22 ACH R . 22.03 -23.43 17.49
H31 ACH R . 23.25 -21.43 17.95
H32 ACH R . 22.45 -21.30 19.31
H61 ACH R . 26.33 -22.64 21.05
H62 ACH R . 26.61 -23.42 19.70
H63 ACH R . 25.41 -23.87 20.67
H81 ACH R . 19.39 -23.72 17.72
H82 ACH R . 19.13 -24.63 19.02
H83 ACH R . 20.22 -25.08 17.95
H91 ACH R . 22.13 -24.01 20.62
H92 ACH R . 22.38 -24.86 19.28
H93 ACH R . 21.14 -25.22 20.21
H101 ACH R . 19.36 -22.25 19.65
H102 ACH R . 20.75 -21.91 20.35
H103 ACH R . 19.89 -23.16 20.88
CA CA S . -5.08 -7.27 13.12
C1 NAG T . 31.41 39.86 41.69
C2 NAG T . 32.56 40.30 42.59
C3 NAG T . 32.01 41.05 43.80
C4 NAG T . 31.14 42.21 43.36
C5 NAG T . 30.04 41.71 42.42
C6 NAG T . 29.21 42.84 41.83
C7 NAG T . 34.56 38.89 42.54
C8 NAG T . 35.24 37.67 43.08
N2 NAG T . 33.35 39.15 43.02
O3 NAG T . 33.10 41.53 44.59
O4 NAG T . 30.53 42.83 44.48
O5 NAG T . 30.63 41.02 41.30
O6 NAG T . 28.15 42.33 41.04
O7 NAG T . 35.10 39.61 41.70
H2 NAG T . 33.13 40.91 42.10
H3 NAG T . 31.48 40.44 44.34
H4 NAG T . 31.68 42.87 42.89
H5 NAG T . 29.46 41.10 42.90
H61 NAG T . 29.79 43.40 41.28
H62 NAG T . 28.85 43.37 42.55
H81 NAG T . 36.07 37.52 42.58
H82 NAG T . 34.64 36.90 42.97
H83 NAG T . 35.44 37.80 44.02
HN2 NAG T . 32.99 38.59 43.64
HO3 NAG T . 32.91 42.35 44.88
HO4 NAG T . 30.48 43.71 44.35
HO6 NAG T . 27.83 42.98 40.52
C1 NAG U . 49.14 35.43 12.89
C2 NAG U . 49.79 36.01 11.65
C3 NAG U . 48.94 37.15 11.09
C4 NAG U . 47.50 36.69 10.87
C5 NAG U . 46.96 36.09 12.16
C6 NAG U . 45.56 35.51 12.00
C7 NAG U . 51.43 37.33 12.89
C8 NAG U . 52.87 37.69 13.04
N2 NAG U . 51.14 36.46 11.92
O3 NAG U . 49.49 37.59 9.86
O4 NAG U . 46.70 37.81 10.50
O5 NAG U . 47.80 35.02 12.60
O6 NAG U . 45.60 34.28 11.28
O7 NAG U . 50.56 37.81 13.62
H2 NAG U . 49.83 35.30 10.97
H3 NAG U . 48.95 37.89 11.72
H4 NAG U . 47.48 36.01 10.19
H5 NAG U . 46.93 36.78 12.85
H61 NAG U . 45.01 36.15 11.51
H62 NAG U . 45.18 35.36 12.88
H81 NAG U . 52.98 38.32 13.80
H82 NAG U . 53.19 38.11 12.23
H83 NAG U . 53.39 36.88 13.21
HN2 NAG U . 51.82 36.13 11.41
HO3 NAG U . 48.85 37.64 9.24
HO6 NAG U . 46.45 34.05 11.13
C1 NAG V . 1.99 34.35 14.36
C2 NAG V . 1.58 35.82 14.37
C3 NAG V . 2.34 36.56 15.48
C4 NAG V . 2.14 35.86 16.81
C5 NAG V . 2.50 34.38 16.70
C6 NAG V . 2.17 33.60 17.95
C7 NAG V . 0.86 36.59 12.16
C8 NAG V . 1.27 37.26 10.89
N2 NAG V . 1.81 36.45 13.09
O3 NAG V . 1.87 37.90 15.55
O4 NAG V . 2.99 36.44 17.80
O5 NAG V . 1.74 33.77 15.63
O6 NAG V . 0.79 33.62 18.23
O7 NAG V . -0.28 36.17 12.34
H2 NAG V . 0.63 35.88 14.58
H3 NAG V . 3.29 36.56 15.25
H4 NAG V . 1.21 35.95 17.09
H5 NAG V . 3.45 34.29 16.50
H61 NAG V . 2.66 33.99 18.71
H62 NAG V . 2.46 32.68 17.83
H81 NAG V . 0.48 37.41 10.33
H82 NAG V . 1.91 36.70 10.41
H83 NAG V . 1.68 38.12 11.10
HN2 NAG V . 2.64 36.78 12.91
HO3 NAG V . 2.56 38.45 15.66
HO6 NAG V . 0.34 33.97 17.53
N1 ACH W . 11.05 25.52 32.70
C2 ACH W . 10.85 24.13 33.25
C3 ACH W . 12.09 23.40 33.71
O4 ACH W . 12.72 24.09 34.81
C5 ACH W . 13.73 23.46 35.42
O7 ACH W . 14.11 22.38 35.10
C6 ACH W . 14.29 24.29 36.52
C8 ACH W . 9.70 26.14 32.48
C9 ACH W . 11.81 26.38 33.65
C10 ACH W . 11.77 25.50 31.38
H21 ACH W . 10.42 23.62 32.53
H22 ACH W . 10.23 24.22 34.00
H31 ACH W . 11.89 22.47 33.96
H32 ACH W . 12.73 23.37 32.97
H61 ACH W . 15.27 24.18 36.54
H62 ACH W . 13.93 23.98 37.39
H63 ACH W . 14.08 25.23 36.38
H81 ACH W . 9.12 25.48 32.05
H82 ACH W . 9.81 26.93 31.90
H83 ACH W . 9.34 26.41 33.35
H91 ACH W . 12.77 26.18 33.56
H92 ACH W . 11.51 26.18 34.56
H93 ACH W . 11.64 27.32 33.44
H101 ACH W . 11.15 25.24 30.68
H102 ACH W . 12.50 24.84 31.44
H103 ACH W . 12.14 26.39 31.23
CA CA X . 1.43 18.12 3.89
NA NA Y . -20.94 3.14 -8.63
C1 OCT Z . -65.05 2.79 -39.37
C2 OCT Z . -63.68 3.38 -39.13
C3 OCT Z . -62.98 2.77 -37.92
C4 OCT Z . -61.57 3.28 -37.70
C5 OCT Z . -60.90 2.73 -36.45
C6 OCT Z . -59.48 3.21 -36.26
C7 OCT Z . -58.83 2.74 -34.97
C8 OCT Z . -57.39 3.19 -34.83
H11 OCT Z . -65.48 3.22 -40.14
H12 OCT Z . -65.62 2.92 -38.58
H13 OCT Z . -64.99 1.83 -39.54
H21 OCT Z . -63.77 4.35 -38.99
H22 OCT Z . -63.13 3.25 -39.93
H31 OCT Z . -62.95 1.80 -38.03
H32 OCT Z . -63.51 2.94 -37.12
H41 OCT Z . -61.59 4.26 -37.64
H42 OCT Z . -61.02 3.06 -38.48
H51 OCT Z . -60.91 1.76 -36.49
H52 OCT Z . -61.43 2.99 -35.67
H61 OCT Z . -59.45 4.18 -36.28
H62 OCT Z . -58.93 2.90 -37.02
H71 OCT Z . -58.86 1.75 -34.92
H72 OCT Z . -59.34 3.08 -34.20
H81 OCT Z . -57.01 2.86 -33.98
H82 OCT Z . -57.32 4.16 -34.85
H83 OCT Z . -56.84 2.82 -35.56
#